data_9J24
#
_entry.id   9J24
#
_cell.length_a   172.727
_cell.length_b   115.065
_cell.length_c   182.134
_cell.angle_alpha   90.00
_cell.angle_beta   100.56
_cell.angle_gamma   90.00
#
_symmetry.space_group_name_H-M   'C 1 2 1'
#
loop_
_entity.id
_entity.type
_entity.pdbx_description
1 polymer 'Sucrose phosphorylase'
2 non-polymer GLYCEROL
3 non-polymer alpha-D-glucopyranose
4 non-polymer DI(HYDROXYETHYL)ETHER
5 water water
#
_entity_poly.entity_id   1
_entity_poly.type   'polypeptide(L)'
_entity_poly.pdbx_seq_one_letter_code
;MLLKNAVQLICYPDRIGNNLTDLHTAVEKHLSDAIGGLHILPFFPSNADGGFSPLTHKEVDPAFGTWDDIEAFTGKYDLC
VDLTVNHISDESPEFRDFIANGFDSEYADLFVHVDRFGDISPDDMAKIHIRKEKEPFREVTLADGTKTRVWCTFTEQQID
LNYDGDLAYRLMESYIGFLTSKGVNLLRLDAFGYTTKRIGTSCFLVEPEVYRILDWINEVAFKHGAECLPEVHDHTSYQY
AISRRNMHPYGFALPPLLLYSLLDANSVYLKNWLRMCPRNMVTVLDTHDGICIPDVEGVLPDDKIKVLIDNIDARSADPI
MRRSAANIHSVGAIYQLTCTFYDALMQNDDAYIAARAIQFFTPGIPQVYYVGLLAGCNDQELMEKTGELRDINRNYYTLN
EMDEAMEKPVVQRLLTLMKFRTNYPAFDGHFELNYSNDSSVAMAWRHGEHYCHLFVDLNFNTSKIQYVDVKSGETRDLEF
;
_entity_poly.pdbx_strand_id   B,D,C,A,E,F
#
# COMPACT_ATOMS: atom_id res chain seq x y z
N LEU A 2 6.40 -20.57 -46.55
CA LEU A 2 5.36 -20.82 -45.57
C LEU A 2 5.77 -22.02 -44.70
N LEU A 3 5.67 -21.84 -43.40
CA LEU A 3 6.13 -22.84 -42.45
C LEU A 3 5.02 -23.84 -42.17
N LYS A 4 5.43 -25.00 -41.68
CA LYS A 4 4.47 -25.99 -41.22
C LYS A 4 3.79 -25.53 -39.92
N ASN A 5 2.48 -25.73 -39.85
CA ASN A 5 1.73 -25.43 -38.64
C ASN A 5 1.88 -26.60 -37.67
N ALA A 6 3.08 -26.76 -37.13
CA ALA A 6 3.40 -27.90 -36.29
C ALA A 6 4.36 -27.47 -35.17
N VAL A 7 4.53 -28.35 -34.17
CA VAL A 7 5.44 -28.06 -33.06
C VAL A 7 6.88 -28.01 -33.54
N GLN A 8 7.66 -27.08 -33.02
CA GLN A 8 9.09 -27.03 -33.29
C GLN A 8 9.88 -27.32 -32.02
N LEU A 9 11.05 -27.93 -32.17
CA LEU A 9 11.95 -28.17 -31.05
C LEU A 9 13.01 -27.08 -31.07
N ILE A 10 13.24 -26.47 -29.91
CA ILE A 10 14.36 -25.58 -29.68
C ILE A 10 15.43 -26.41 -28.99
N CYS A 11 16.64 -26.43 -29.55
CA CYS A 11 17.70 -27.26 -29.02
C CYS A 11 19.04 -26.64 -29.35
N TYR A 12 20.04 -26.98 -28.54
CA TYR A 12 21.42 -26.65 -28.83
C TYR A 12 22.00 -27.65 -29.82
N PRO A 13 23.18 -27.35 -30.39
CA PRO A 13 23.82 -28.36 -31.24
C PRO A 13 24.39 -29.54 -30.47
N ASP A 14 24.69 -29.39 -29.16
CA ASP A 14 25.47 -30.40 -28.49
C ASP A 14 25.02 -30.74 -27.07
N ARG A 15 23.78 -30.46 -26.69
CA ARG A 15 23.34 -30.79 -25.33
C ARG A 15 22.39 -31.99 -25.31
N ILE A 16 22.23 -32.67 -26.43
CA ILE A 16 21.53 -33.94 -26.49
C ILE A 16 22.51 -34.89 -27.16
N GLY A 17 23.17 -35.73 -26.38
CA GLY A 17 24.31 -36.37 -27.00
C GLY A 17 25.42 -35.33 -27.16
N ASN A 18 26.31 -35.57 -28.13
CA ASN A 18 27.54 -34.79 -28.21
C ASN A 18 27.63 -33.81 -29.36
N ASN A 19 26.70 -33.85 -30.33
CA ASN A 19 26.92 -33.12 -31.58
C ASN A 19 25.66 -33.16 -32.43
N LEU A 20 25.74 -32.54 -33.61
CA LEU A 20 24.58 -32.47 -34.50
C LEU A 20 24.18 -33.85 -35.00
N THR A 21 25.14 -34.78 -35.10
CA THR A 21 24.78 -36.14 -35.48
C THR A 21 23.94 -36.81 -34.38
N ASP A 22 24.38 -36.69 -33.13
CA ASP A 22 23.59 -37.22 -32.02
C ASP A 22 22.24 -36.52 -31.90
N LEU A 23 22.14 -35.23 -32.24
CA LEU A 23 20.82 -34.59 -32.25
C LEU A 23 19.93 -35.26 -33.27
N HIS A 24 20.44 -35.49 -34.47
CA HIS A 24 19.58 -36.05 -35.51
C HIS A 24 19.10 -37.45 -35.13
N THR A 25 19.96 -38.25 -34.49
CA THR A 25 19.56 -39.58 -34.04
C THR A 25 18.41 -39.50 -33.04
N ALA A 26 18.56 -38.65 -32.02
CA ALA A 26 17.54 -38.55 -30.99
C ALA A 26 16.22 -38.05 -31.59
N VAL A 27 16.29 -37.15 -32.57
CA VAL A 27 15.08 -36.65 -33.21
C VAL A 27 14.37 -37.74 -33.98
N GLU A 28 15.12 -38.52 -34.78
CA GLU A 28 14.48 -39.60 -35.54
C GLU A 28 13.98 -40.72 -34.65
N LYS A 29 14.66 -40.98 -33.54
CA LYS A 29 14.21 -42.04 -32.65
C LYS A 29 12.95 -41.66 -31.89
N HIS A 30 12.82 -40.38 -31.48
CA HIS A 30 11.75 -40.01 -30.55
C HIS A 30 10.72 -39.05 -31.10
N LEU A 31 11.06 -38.15 -32.02
CA LEU A 31 10.24 -36.98 -32.29
C LEU A 31 9.71 -36.90 -33.73
N SER A 32 9.93 -37.92 -34.56
CA SER A 32 9.65 -37.78 -35.99
C SER A 32 8.16 -37.59 -36.31
N ASP A 33 7.26 -37.95 -35.40
CA ASP A 33 5.84 -37.68 -35.62
C ASP A 33 5.34 -36.51 -34.78
N ALA A 34 6.23 -35.88 -34.02
CA ALA A 34 5.84 -34.90 -33.02
C ALA A 34 6.22 -33.47 -33.35
N ILE A 35 7.20 -33.26 -34.22
CA ILE A 35 7.63 -31.92 -34.58
C ILE A 35 7.69 -31.83 -36.10
N GLY A 36 7.63 -30.60 -36.59
CA GLY A 36 7.79 -30.38 -38.00
C GLY A 36 8.91 -29.40 -38.28
N GLY A 37 9.62 -28.98 -37.23
CA GLY A 37 10.69 -28.02 -37.41
C GLY A 37 11.58 -27.95 -36.19
N LEU A 38 12.73 -27.31 -36.36
CA LEU A 38 13.72 -27.20 -35.29
C LEU A 38 14.34 -25.83 -35.35
N HIS A 39 14.45 -25.20 -34.20
CA HIS A 39 15.32 -24.06 -33.99
C HIS A 39 16.59 -24.60 -33.36
N ILE A 40 17.64 -24.69 -34.16
CA ILE A 40 18.95 -25.09 -33.66
C ILE A 40 19.68 -23.82 -33.24
N LEU A 41 19.96 -23.72 -31.96
CA LEU A 41 20.61 -22.55 -31.40
C LEU A 41 22.01 -22.39 -32.01
N PRO A 42 22.63 -21.21 -31.87
CA PRO A 42 23.83 -20.89 -32.66
C PRO A 42 24.87 -22.00 -32.70
N PHE A 43 25.27 -22.39 -33.92
CA PHE A 43 26.19 -23.53 -34.13
C PHE A 43 27.40 -23.11 -34.94
N PHE A 44 27.56 -21.82 -35.14
CA PHE A 44 28.69 -21.25 -35.85
C PHE A 44 29.89 -21.22 -34.90
N PRO A 45 31.09 -20.99 -35.42
CA PRO A 45 32.21 -20.64 -34.53
C PRO A 45 31.86 -19.37 -33.76
N SER A 46 32.01 -19.43 -32.43
CA SER A 46 31.65 -18.35 -31.53
C SER A 46 32.59 -18.37 -30.34
N ASN A 47 32.87 -17.19 -29.79
CA ASN A 47 33.81 -17.06 -28.68
C ASN A 47 33.19 -16.38 -27.46
N ALA A 48 31.87 -16.30 -27.37
CA ALA A 48 31.22 -15.76 -26.18
C ALA A 48 29.75 -16.12 -26.20
N ASP A 49 29.13 -16.06 -25.00
CA ASP A 49 27.67 -15.99 -24.84
C ASP A 49 26.97 -17.17 -25.49
N GLY A 50 27.50 -18.38 -25.28
CA GLY A 50 26.81 -19.59 -25.67
C GLY A 50 26.42 -19.67 -27.13
N GLY A 51 27.29 -19.23 -28.05
CA GLY A 51 27.05 -19.24 -29.47
C GLY A 51 26.70 -17.91 -30.10
N PHE A 52 26.35 -16.91 -29.30
CA PHE A 52 25.86 -15.65 -29.85
C PHE A 52 26.97 -14.64 -30.11
N SER A 53 28.21 -15.08 -30.28
CA SER A 53 29.29 -14.20 -30.70
C SER A 53 29.98 -14.84 -31.92
N PRO A 54 29.26 -14.95 -33.05
CA PRO A 54 29.75 -15.78 -34.14
C PRO A 54 30.84 -15.09 -34.96
N LEU A 55 31.92 -15.86 -35.25
CA LEU A 55 32.96 -15.38 -36.14
C LEU A 55 32.45 -15.21 -37.56
N THR A 56 31.47 -16.02 -37.94
CA THR A 56 30.79 -16.01 -39.24
C THR A 56 29.56 -16.90 -39.11
N HIS A 57 28.54 -16.59 -39.91
CA HIS A 57 27.35 -17.41 -40.05
C HIS A 57 27.47 -18.45 -41.17
N LYS A 58 28.64 -18.52 -41.81
CA LYS A 58 28.85 -19.35 -42.99
C LYS A 58 29.60 -20.63 -42.68
N GLU A 59 29.82 -20.95 -41.41
CA GLU A 59 30.56 -22.14 -41.03
C GLU A 59 29.87 -22.79 -39.85
N VAL A 60 29.98 -24.10 -39.77
CA VAL A 60 29.57 -24.84 -38.59
C VAL A 60 30.80 -25.03 -37.72
N ASP A 61 30.68 -24.79 -36.43
CA ASP A 61 31.80 -25.11 -35.55
C ASP A 61 32.10 -26.60 -35.66
N PRO A 62 33.32 -26.98 -36.07
CA PRO A 62 33.62 -28.41 -36.27
C PRO A 62 33.37 -29.27 -35.04
N ALA A 63 33.45 -28.70 -33.83
CA ALA A 63 33.03 -29.41 -32.63
C ALA A 63 31.57 -29.89 -32.72
N PHE A 64 30.75 -29.27 -33.55
CA PHE A 64 29.34 -29.69 -33.64
C PHE A 64 29.07 -30.60 -34.83
N GLY A 65 29.85 -30.49 -35.89
CA GLY A 65 29.63 -31.21 -37.13
C GLY A 65 29.91 -30.36 -38.36
N THR A 66 29.20 -30.61 -39.46
CA THR A 66 29.40 -29.92 -40.73
C THR A 66 28.07 -29.37 -41.22
N TRP A 67 28.10 -28.66 -42.37
CA TRP A 67 26.84 -28.23 -42.97
C TRP A 67 25.99 -29.40 -43.40
N ASP A 68 26.60 -30.50 -43.86
CA ASP A 68 25.79 -31.68 -44.19
C ASP A 68 25.01 -32.16 -42.98
N ASP A 69 25.57 -32.02 -41.79
CA ASP A 69 24.84 -32.40 -40.59
C ASP A 69 23.63 -31.49 -40.37
N ILE A 70 23.70 -30.23 -40.80
CA ILE A 70 22.55 -29.34 -40.73
C ILE A 70 21.55 -29.66 -41.82
N GLU A 71 22.02 -29.96 -43.03
CA GLU A 71 21.09 -30.28 -44.10
C GLU A 71 20.39 -31.61 -43.90
N ALA A 72 20.86 -32.45 -42.99
CA ALA A 72 20.15 -33.68 -42.67
C ALA A 72 18.76 -33.43 -42.08
N PHE A 73 18.50 -32.24 -41.57
CA PHE A 73 17.20 -31.94 -40.99
C PHE A 73 16.25 -31.35 -42.02
N THR A 74 16.79 -30.60 -42.97
CA THR A 74 15.95 -29.96 -43.97
C THR A 74 15.43 -31.05 -44.89
N GLY A 75 14.33 -30.76 -45.56
CA GLY A 75 13.73 -31.80 -46.36
C GLY A 75 12.73 -32.63 -45.60
N LYS A 76 12.92 -32.82 -44.30
CA LYS A 76 11.81 -33.31 -43.49
C LYS A 76 11.29 -32.26 -42.50
N TYR A 77 12.13 -31.33 -42.06
CA TYR A 77 11.75 -30.36 -41.03
C TYR A 77 12.03 -28.95 -41.50
N ASP A 78 11.19 -28.01 -41.05
CA ASP A 78 11.54 -26.59 -41.14
C ASP A 78 12.73 -26.31 -40.23
N LEU A 79 13.55 -25.33 -40.62
CA LEU A 79 14.79 -25.05 -39.91
C LEU A 79 14.85 -23.56 -39.56
N CYS A 80 14.83 -23.28 -38.25
CA CYS A 80 14.93 -21.93 -37.72
C CYS A 80 16.34 -21.75 -37.17
N VAL A 81 17.05 -20.74 -37.65
CA VAL A 81 18.43 -20.51 -37.26
C VAL A 81 18.59 -19.03 -36.95
N ASP A 82 19.51 -18.73 -36.03
CA ASP A 82 19.79 -17.36 -35.59
C ASP A 82 20.60 -16.54 -36.60
N LEU A 83 20.24 -15.26 -36.70
CA LEU A 83 21.01 -14.24 -37.41
C LEU A 83 21.33 -13.17 -36.39
N THR A 84 22.58 -13.08 -35.96
CA THR A 84 22.91 -12.14 -34.88
C THR A 84 23.14 -10.76 -35.51
N VAL A 85 22.03 -10.07 -35.80
CA VAL A 85 22.07 -8.84 -36.56
C VAL A 85 22.79 -7.70 -35.85
N ASN A 86 22.90 -7.76 -34.53
CA ASN A 86 23.44 -6.64 -33.77
C ASN A 86 24.96 -6.59 -33.80
N HIS A 87 25.61 -7.75 -33.86
CA HIS A 87 27.02 -7.86 -33.56
C HIS A 87 27.63 -9.10 -34.19
N ILE A 88 28.95 -9.06 -34.36
CA ILE A 88 29.73 -10.24 -34.72
C ILE A 88 30.94 -10.28 -33.79
N SER A 89 31.67 -11.41 -33.87
CA SER A 89 32.77 -11.66 -32.96
C SER A 89 33.93 -10.72 -33.19
N ASP A 90 34.66 -10.39 -32.12
CA ASP A 90 35.90 -9.65 -32.30
C ASP A 90 36.98 -10.50 -32.94
N GLU A 91 36.78 -11.80 -33.03
CA GLU A 91 37.66 -12.71 -33.76
C GLU A 91 37.20 -12.92 -35.19
N SER A 92 36.18 -12.21 -35.63
CA SER A 92 35.72 -12.32 -37.01
C SER A 92 36.81 -11.86 -37.97
N PRO A 93 36.79 -12.35 -39.22
CA PRO A 93 37.78 -11.84 -40.19
C PRO A 93 37.65 -10.34 -40.41
N GLU A 94 36.43 -9.83 -40.36
CA GLU A 94 36.18 -8.40 -40.58
C GLU A 94 36.75 -7.56 -39.43
N PHE A 95 36.52 -7.99 -38.18
CA PHE A 95 37.04 -7.19 -37.09
C PHE A 95 38.54 -7.40 -36.90
N ARG A 96 39.04 -8.61 -37.13
CA ARG A 96 40.48 -8.79 -37.07
C ARG A 96 41.18 -7.94 -38.13
N ASP A 97 40.53 -7.73 -39.27
CA ASP A 97 41.08 -6.83 -40.27
C ASP A 97 41.11 -5.39 -39.75
N PHE A 98 40.09 -5.00 -38.97
CA PHE A 98 40.09 -3.65 -38.43
C PHE A 98 41.20 -3.48 -37.40
N ILE A 99 41.47 -4.49 -36.58
CA ILE A 99 42.61 -4.40 -35.68
C ILE A 99 43.91 -4.33 -36.47
N ALA A 100 43.97 -5.07 -37.58
CA ALA A 100 45.22 -5.19 -38.32
C ALA A 100 45.52 -3.96 -39.16
N ASN A 101 44.49 -3.33 -39.73
CA ASN A 101 44.68 -2.24 -40.68
C ASN A 101 44.08 -0.92 -40.23
N GLY A 102 43.49 -0.86 -39.03
CA GLY A 102 42.96 0.40 -38.54
C GLY A 102 41.86 0.93 -39.43
N PHE A 103 41.82 2.25 -39.58
CA PHE A 103 40.77 2.82 -40.42
C PHE A 103 41.05 2.71 -41.91
N ASP A 104 42.19 2.13 -42.29
CA ASP A 104 42.45 1.76 -43.67
C ASP A 104 41.78 0.45 -44.04
N SER A 105 41.23 -0.28 -43.07
CA SER A 105 40.53 -1.53 -43.36
C SER A 105 39.31 -1.25 -44.21
N GLU A 106 39.07 -2.13 -45.20
CA GLU A 106 37.84 -1.98 -45.95
C GLU A 106 36.62 -2.34 -45.11
N TYR A 107 36.80 -2.84 -43.88
CA TYR A 107 35.69 -3.17 -43.00
C TYR A 107 35.55 -2.18 -41.86
N ALA A 108 36.25 -1.04 -41.92
CA ALA A 108 36.19 -0.10 -40.79
C ALA A 108 34.77 0.40 -40.57
N ASP A 109 34.09 0.74 -41.65
CA ASP A 109 32.73 1.26 -41.57
C ASP A 109 31.72 0.20 -41.16
N LEU A 110 32.14 -1.05 -40.98
CA LEU A 110 31.24 -2.08 -40.48
C LEU A 110 30.96 -1.93 -38.99
N PHE A 111 31.77 -1.13 -38.28
CA PHE A 111 31.65 -1.02 -36.84
C PHE A 111 31.34 0.43 -36.44
N VAL A 112 30.86 0.58 -35.21
CA VAL A 112 30.41 1.87 -34.69
C VAL A 112 31.55 2.45 -33.85
N HIS A 113 32.07 3.60 -34.26
CA HIS A 113 33.25 4.20 -33.64
C HIS A 113 32.82 5.28 -32.67
N VAL A 114 33.08 5.05 -31.37
CA VAL A 114 32.43 5.83 -30.33
C VAL A 114 32.77 7.30 -30.45
N ASP A 115 33.98 7.62 -30.88
CA ASP A 115 34.40 9.02 -30.91
C ASP A 115 33.74 9.82 -32.03
N ARG A 116 33.10 9.17 -33.00
CA ARG A 116 32.38 9.96 -33.99
C ARG A 116 31.10 10.57 -33.43
N PHE A 117 30.80 10.37 -32.14
CA PHE A 117 29.64 11.00 -31.53
C PHE A 117 30.01 12.25 -30.76
N GLY A 118 31.30 12.53 -30.59
CA GLY A 118 31.70 13.66 -29.80
C GLY A 118 31.41 13.40 -28.33
N ASP A 119 31.29 14.50 -27.58
CA ASP A 119 30.95 14.39 -26.17
C ASP A 119 29.47 14.02 -26.03
N ILE A 120 29.21 12.95 -25.27
CA ILE A 120 27.86 12.51 -24.97
C ILE A 120 27.52 13.01 -23.58
N SER A 121 26.44 13.78 -23.46
CA SER A 121 26.08 14.38 -22.18
C SER A 121 25.71 13.31 -21.15
N PRO A 122 25.77 13.65 -19.86
CA PRO A 122 25.24 12.72 -18.84
C PRO A 122 23.82 12.30 -19.12
N ASP A 123 22.97 13.23 -19.52
CA ASP A 123 21.59 12.89 -19.85
C ASP A 123 21.53 11.84 -20.93
N ASP A 124 22.32 12.01 -22.00
CA ASP A 124 22.25 11.10 -23.12
C ASP A 124 22.88 9.75 -22.80
N MET A 125 23.87 9.71 -21.91
CA MET A 125 24.34 8.40 -21.46
C MET A 125 23.26 7.67 -20.66
N ALA A 126 22.53 8.39 -19.81
CA ALA A 126 21.54 7.73 -18.96
C ALA A 126 20.39 7.14 -19.77
N LYS A 127 20.04 7.75 -20.91
CA LYS A 127 18.93 7.23 -21.72
C LYS A 127 19.23 5.87 -22.32
N ILE A 128 20.50 5.52 -22.54
CA ILE A 128 20.80 4.39 -23.38
C ILE A 128 20.29 3.12 -22.71
N HIS A 129 19.56 2.31 -23.46
CA HIS A 129 18.98 1.09 -22.95
C HIS A 129 20.04 0.00 -23.07
N ILE A 130 20.74 -0.24 -21.97
CA ILE A 130 21.83 -1.20 -21.83
C ILE A 130 21.63 -1.88 -20.49
N ARG A 131 21.74 -3.20 -20.48
CA ARG A 131 21.46 -3.89 -19.23
C ARG A 131 22.70 -4.02 -18.36
N LYS A 132 23.87 -4.16 -18.97
CA LYS A 132 25.09 -4.21 -18.20
C LYS A 132 25.37 -2.84 -17.56
N GLU A 133 26.12 -2.85 -16.47
CA GLU A 133 26.38 -1.64 -15.70
C GLU A 133 27.71 -1.00 -16.05
N LYS A 134 28.14 -1.16 -17.30
CA LYS A 134 29.30 -0.53 -17.90
C LYS A 134 28.83 0.33 -19.06
N GLU A 135 29.57 1.38 -19.36
CA GLU A 135 29.30 2.09 -20.60
C GLU A 135 29.44 1.11 -21.76
N PRO A 136 28.61 1.20 -22.79
CA PRO A 136 28.64 0.22 -23.88
C PRO A 136 29.75 0.50 -24.90
N PHE A 137 30.95 0.73 -24.39
CA PHE A 137 32.08 1.18 -25.20
C PHE A 137 33.24 0.25 -24.89
N ARG A 138 33.92 -0.26 -25.91
CA ARG A 138 35.12 -1.07 -25.71
C ARG A 138 36.34 -0.40 -26.35
N GLU A 139 37.39 -0.19 -25.56
CA GLU A 139 38.63 0.35 -26.08
C GLU A 139 39.48 -0.81 -26.57
N VAL A 140 39.89 -0.77 -27.85
CA VAL A 140 40.73 -1.81 -28.44
C VAL A 140 42.01 -1.19 -28.96
N THR A 141 43.05 -2.01 -29.02
CA THR A 141 44.36 -1.60 -29.52
C THR A 141 44.53 -2.09 -30.95
N LEU A 142 44.75 -1.16 -31.88
CA LEU A 142 45.04 -1.55 -33.25
C LEU A 142 46.43 -2.15 -33.33
N ALA A 143 46.73 -2.75 -34.48
CA ALA A 143 48.01 -3.42 -34.66
C ALA A 143 49.19 -2.46 -34.51
N ASP A 144 49.01 -1.20 -34.92
CA ASP A 144 50.07 -0.20 -34.84
C ASP A 144 50.19 0.45 -33.48
N GLY A 145 49.53 -0.06 -32.45
CA GLY A 145 49.60 0.53 -31.12
C GLY A 145 48.58 1.61 -30.83
N THR A 146 47.84 2.09 -31.84
CA THR A 146 46.75 3.04 -31.63
C THR A 146 45.62 2.43 -30.81
N LYS A 147 44.98 3.24 -29.96
CA LYS A 147 43.80 2.81 -29.22
C LYS A 147 42.58 3.57 -29.73
N THR A 148 41.46 2.86 -29.93
CA THR A 148 40.21 3.44 -30.45
C THR A 148 39.02 2.69 -29.85
N ARG A 149 37.87 3.36 -29.79
CA ARG A 149 36.71 2.79 -29.11
C ARG A 149 35.59 2.42 -30.07
N VAL A 150 35.02 1.22 -29.86
CA VAL A 150 33.92 0.69 -30.68
C VAL A 150 32.73 0.42 -29.76
N TRP A 151 31.53 0.53 -30.33
CA TRP A 151 30.34 0.29 -29.53
C TRP A 151 30.23 -1.21 -29.23
N CYS A 152 29.83 -1.53 -27.99
CA CYS A 152 29.84 -2.90 -27.49
C CYS A 152 28.74 -3.03 -26.45
N THR A 153 27.60 -3.58 -26.88
CA THR A 153 26.41 -3.70 -26.02
C THR A 153 26.55 -4.81 -25.00
N PHE A 154 26.93 -6.00 -25.47
CA PHE A 154 27.01 -7.22 -24.69
C PHE A 154 28.45 -7.47 -24.22
N THR A 155 28.87 -8.73 -24.11
CA THR A 155 30.25 -9.04 -23.77
C THR A 155 31.20 -8.32 -24.71
N GLU A 156 32.47 -8.16 -24.27
CA GLU A 156 33.48 -7.48 -25.06
C GLU A 156 33.86 -8.22 -26.33
N GLN A 157 33.57 -9.51 -26.45
CA GLN A 157 33.88 -10.21 -27.69
C GLN A 157 32.81 -10.01 -28.77
N GLN A 158 31.74 -9.30 -28.43
CA GLN A 158 30.63 -9.00 -29.33
C GLN A 158 30.74 -7.52 -29.70
N ILE A 159 31.06 -7.24 -30.96
CA ILE A 159 31.26 -5.88 -31.44
C ILE A 159 30.04 -5.49 -32.27
N ASP A 160 29.39 -4.37 -31.91
CA ASP A 160 28.16 -4.02 -32.61
C ASP A 160 28.44 -3.57 -34.04
N LEU A 161 27.48 -3.87 -34.93
CA LEU A 161 27.55 -3.51 -36.34
C LEU A 161 26.93 -2.13 -36.55
N ASN A 162 27.38 -1.47 -37.62
CA ASN A 162 27.05 -0.07 -37.89
C ASN A 162 25.93 0.01 -38.93
N TYR A 163 24.70 0.22 -38.48
CA TYR A 163 23.60 0.28 -39.43
C TYR A 163 23.36 1.68 -39.98
N ASP A 164 24.21 2.65 -39.64
CA ASP A 164 24.31 3.89 -40.41
C ASP A 164 25.23 3.75 -41.61
N GLY A 165 26.04 2.68 -41.67
CA GLY A 165 26.85 2.40 -42.84
C GLY A 165 26.16 1.42 -43.79
N ASP A 166 26.83 1.17 -44.91
CA ASP A 166 26.34 0.22 -45.89
C ASP A 166 26.86 -1.20 -45.67
N LEU A 167 27.99 -1.35 -45.00
CA LEU A 167 28.64 -2.66 -44.88
C LEU A 167 27.78 -3.63 -44.08
N ALA A 168 27.10 -3.14 -43.05
CA ALA A 168 26.27 -4.04 -42.24
C ALA A 168 25.19 -4.70 -43.08
N TYR A 169 24.53 -3.93 -43.95
CA TYR A 169 23.48 -4.54 -44.76
C TYR A 169 24.07 -5.56 -45.73
N ARG A 170 25.23 -5.25 -46.30
CA ARG A 170 25.84 -6.20 -47.23
C ARG A 170 26.28 -7.47 -46.49
N LEU A 171 26.83 -7.31 -45.28
CA LEU A 171 27.22 -8.48 -44.50
C LEU A 171 26.02 -9.35 -44.16
N MET A 172 24.93 -8.73 -43.68
CA MET A 172 23.73 -9.49 -43.32
C MET A 172 23.11 -10.16 -44.54
N GLU A 173 23.04 -9.45 -45.65
CA GLU A 173 22.48 -10.06 -46.84
C GLU A 173 23.32 -11.24 -47.30
N SER A 174 24.64 -11.16 -47.11
CA SER A 174 25.49 -12.30 -47.46
C SER A 174 25.20 -13.51 -46.55
N TYR A 175 25.05 -13.29 -45.24
CA TYR A 175 24.69 -14.37 -44.32
C TYR A 175 23.36 -15.02 -44.68
N ILE A 176 22.34 -14.20 -44.91
CA ILE A 176 21.02 -14.72 -45.22
C ILE A 176 21.08 -15.58 -46.49
N GLY A 177 21.78 -15.10 -47.51
CA GLY A 177 21.94 -15.90 -48.71
C GLY A 177 22.58 -17.25 -48.43
N PHE A 178 23.67 -17.28 -47.68
CA PHE A 178 24.31 -18.58 -47.33
C PHE A 178 23.36 -19.42 -46.46
N LEU A 179 22.78 -18.85 -45.40
CA LEU A 179 21.95 -19.66 -44.52
C LEU A 179 20.79 -20.29 -45.28
N THR A 180 20.05 -19.49 -46.05
CA THR A 180 18.91 -20.04 -46.78
C THR A 180 19.36 -21.04 -47.83
N SER A 181 20.57 -20.89 -48.38
CA SER A 181 20.99 -21.91 -49.32
C SER A 181 21.28 -23.23 -48.62
N LYS A 182 21.40 -23.23 -47.31
CA LYS A 182 21.52 -24.49 -46.60
C LYS A 182 20.17 -25.01 -46.12
N GLY A 183 19.09 -24.32 -46.45
CA GLY A 183 17.77 -24.78 -46.12
C GLY A 183 17.15 -24.10 -44.93
N VAL A 184 17.79 -23.06 -44.38
CA VAL A 184 17.16 -22.32 -43.30
C VAL A 184 15.97 -21.58 -43.90
N ASN A 185 14.77 -21.83 -43.37
CA ASN A 185 13.61 -21.12 -43.88
C ASN A 185 12.93 -20.24 -42.84
N LEU A 186 13.49 -20.12 -41.63
CA LEU A 186 13.05 -19.16 -40.62
C LEU A 186 14.26 -18.60 -39.92
N LEU A 187 14.41 -17.27 -39.97
CA LEU A 187 15.57 -16.54 -39.46
C LEU A 187 15.17 -15.82 -38.17
N ARG A 188 15.76 -16.22 -37.04
CA ARG A 188 15.57 -15.53 -35.77
C ARG A 188 16.50 -14.34 -35.69
N LEU A 189 15.95 -13.14 -35.61
CA LEU A 189 16.74 -11.91 -35.69
C LEU A 189 17.04 -11.48 -34.26
N ASP A 190 18.26 -11.77 -33.79
CA ASP A 190 18.61 -11.61 -32.38
C ASP A 190 18.83 -10.14 -32.04
N ALA A 191 18.21 -9.68 -30.95
CA ALA A 191 18.55 -8.40 -30.35
C ALA A 191 18.47 -7.26 -31.37
N PHE A 192 17.47 -7.34 -32.25
CA PHE A 192 17.35 -6.37 -33.37
C PHE A 192 17.16 -4.97 -32.88
N GLY A 193 16.59 -4.82 -31.70
CA GLY A 193 16.29 -3.49 -31.22
C GLY A 193 17.51 -2.62 -30.99
N TYR A 194 18.70 -3.22 -30.88
CA TYR A 194 19.91 -2.45 -30.63
C TYR A 194 20.54 -1.94 -31.91
N THR A 195 19.98 -2.25 -33.08
CA THR A 195 20.64 -1.88 -34.32
C THR A 195 20.62 -0.38 -34.58
N THR A 196 19.77 0.38 -33.90
CA THR A 196 19.61 1.83 -34.11
C THR A 196 20.31 2.59 -32.98
N LYS A 197 21.46 3.19 -33.28
CA LYS A 197 22.23 4.03 -32.37
C LYS A 197 21.92 5.47 -32.72
N ARG A 198 21.37 6.23 -31.78
CA ARG A 198 21.22 7.67 -32.01
C ARG A 198 21.29 8.40 -30.67
N ILE A 199 22.30 9.26 -30.50
CA ILE A 199 22.45 9.99 -29.26
C ILE A 199 21.25 10.93 -29.07
N GLY A 200 20.75 11.01 -27.84
CA GLY A 200 19.47 11.60 -27.58
C GLY A 200 18.34 10.60 -27.49
N THR A 201 18.55 9.34 -27.90
CA THR A 201 17.56 8.29 -27.77
C THR A 201 18.11 7.17 -26.89
N SER A 202 17.23 6.23 -26.56
CA SER A 202 17.64 5.04 -25.82
C SER A 202 18.51 4.10 -26.63
N CYS A 203 18.66 4.34 -27.92
CA CYS A 203 19.43 3.44 -28.79
C CYS A 203 18.88 2.03 -28.70
N PHE A 204 17.54 1.93 -28.67
CA PHE A 204 16.86 0.65 -28.58
C PHE A 204 15.46 0.84 -29.12
N LEU A 205 15.08 0.07 -30.14
CA LEU A 205 13.74 0.13 -30.76
C LEU A 205 13.35 1.56 -31.16
N VAL A 206 14.28 2.29 -31.78
CA VAL A 206 14.03 3.69 -32.13
C VAL A 206 13.14 3.74 -33.38
N GLU A 207 11.97 4.33 -33.24
CA GLU A 207 10.97 4.34 -34.29
C GLU A 207 11.05 5.63 -35.08
N PRO A 208 10.79 5.60 -36.40
CA PRO A 208 10.40 4.44 -37.20
C PRO A 208 11.58 3.65 -37.78
N GLU A 209 12.80 4.08 -37.47
CA GLU A 209 14.01 3.49 -38.05
C GLU A 209 14.07 1.97 -37.87
N VAL A 210 13.64 1.48 -36.70
CA VAL A 210 13.76 0.05 -36.41
C VAL A 210 12.96 -0.77 -37.40
N TYR A 211 11.81 -0.28 -37.87
CA TYR A 211 11.04 -1.08 -38.81
C TYR A 211 11.59 -1.00 -40.21
N ARG A 212 12.34 0.06 -40.55
CA ARG A 212 13.01 0.09 -41.84
C ARG A 212 14.11 -0.95 -41.91
N ILE A 213 14.91 -1.07 -40.84
CA ILE A 213 15.92 -2.13 -40.79
C ILE A 213 15.26 -3.48 -40.94
N LEU A 214 14.11 -3.67 -40.30
CA LEU A 214 13.42 -4.98 -40.30
C LEU A 214 12.70 -5.22 -41.63
N ASP A 215 12.05 -4.20 -42.18
CA ASP A 215 11.41 -4.42 -43.47
C ASP A 215 12.45 -4.83 -44.52
N TRP A 216 13.65 -4.26 -44.43
CA TRP A 216 14.73 -4.61 -45.35
C TRP A 216 15.14 -6.07 -45.20
N ILE A 217 15.41 -6.50 -43.96
CA ILE A 217 15.76 -7.90 -43.70
C ILE A 217 14.62 -8.81 -44.16
N ASN A 218 13.38 -8.41 -43.88
CA ASN A 218 12.27 -9.27 -44.25
C ASN A 218 12.22 -9.48 -45.76
N GLU A 219 12.46 -8.41 -46.52
CA GLU A 219 12.47 -8.47 -47.97
C GLU A 219 13.62 -9.34 -48.47
N VAL A 220 14.80 -9.21 -47.87
CA VAL A 220 15.91 -10.08 -48.26
C VAL A 220 15.57 -11.54 -47.94
N ALA A 221 15.00 -11.79 -46.76
CA ALA A 221 14.64 -13.16 -46.41
C ALA A 221 13.60 -13.71 -47.39
N PHE A 222 12.59 -12.90 -47.69
CA PHE A 222 11.54 -13.38 -48.58
C PHE A 222 12.11 -13.78 -49.94
N LYS A 223 13.05 -12.99 -50.48
CA LYS A 223 13.62 -13.34 -51.78
C LYS A 223 14.47 -14.60 -51.75
N HIS A 224 14.84 -15.06 -50.56
CA HIS A 224 15.62 -16.27 -50.43
C HIS A 224 14.80 -17.40 -49.82
N GLY A 225 13.48 -17.26 -49.83
CA GLY A 225 12.64 -18.35 -49.39
C GLY A 225 12.58 -18.53 -47.90
N ALA A 226 12.67 -17.45 -47.12
CA ALA A 226 12.66 -17.55 -45.68
C ALA A 226 11.74 -16.49 -45.10
N GLU A 227 11.22 -16.76 -43.90
CA GLU A 227 10.50 -15.79 -43.12
C GLU A 227 11.34 -15.43 -41.89
N CYS A 228 10.87 -14.43 -41.14
CA CYS A 228 11.64 -13.86 -40.05
C CYS A 228 10.91 -13.99 -38.71
N LEU A 229 11.69 -14.21 -37.65
CA LEU A 229 11.24 -14.23 -36.26
C LEU A 229 12.06 -13.20 -35.47
N PRO A 230 11.71 -11.91 -35.55
CA PRO A 230 12.50 -10.90 -34.83
C PRO A 230 12.25 -11.03 -33.35
N GLU A 231 13.33 -11.07 -32.56
CA GLU A 231 13.17 -11.29 -31.13
C GLU A 231 13.49 -10.01 -30.38
N VAL A 232 12.52 -9.54 -29.59
CA VAL A 232 12.67 -8.37 -28.73
C VAL A 232 12.03 -8.69 -27.39
N HIS A 233 12.74 -8.35 -26.30
CA HIS A 233 12.17 -8.42 -24.95
C HIS A 233 11.89 -7.00 -24.45
N ASP A 234 10.64 -6.55 -24.59
CA ASP A 234 10.17 -5.25 -24.15
C ASP A 234 8.64 -5.32 -24.09
N HIS A 235 7.98 -4.18 -24.12
CA HIS A 235 6.53 -4.15 -24.01
C HIS A 235 5.86 -4.95 -25.15
N THR A 236 4.71 -5.57 -24.84
CA THR A 236 3.98 -6.41 -25.82
C THR A 236 3.72 -5.66 -27.11
N SER A 237 3.50 -4.36 -27.02
CA SER A 237 3.13 -3.58 -28.20
C SER A 237 4.08 -3.82 -29.36
N TYR A 238 5.37 -4.09 -29.08
CA TYR A 238 6.31 -4.34 -30.17
C TYR A 238 5.99 -5.62 -30.92
N GLN A 239 5.42 -6.60 -30.23
CA GLN A 239 5.01 -7.81 -30.92
C GLN A 239 3.91 -7.51 -31.94
N TYR A 240 3.03 -6.55 -31.67
CA TYR A 240 2.04 -6.23 -32.68
C TYR A 240 2.65 -5.42 -33.82
N ALA A 241 3.59 -4.53 -33.50
CA ALA A 241 4.27 -3.77 -34.55
C ALA A 241 4.96 -4.73 -35.51
N ILE A 242 5.63 -5.76 -34.96
CA ILE A 242 6.27 -6.80 -35.77
C ILE A 242 5.21 -7.54 -36.59
N SER A 243 4.11 -7.95 -35.95
CA SER A 243 3.12 -8.78 -36.61
C SER A 243 2.50 -8.04 -37.78
N ARG A 244 2.17 -6.78 -37.60
CA ARG A 244 1.53 -6.04 -38.66
C ARG A 244 2.47 -5.76 -39.83
N ARG A 245 3.77 -6.09 -39.72
CA ARG A 245 4.75 -5.93 -40.80
C ARG A 245 5.17 -7.29 -41.39
N ASN A 246 4.30 -8.29 -41.28
CA ASN A 246 4.42 -9.58 -41.98
C ASN A 246 5.63 -10.37 -41.54
N MET A 247 5.91 -10.31 -40.25
CA MET A 247 6.96 -11.09 -39.61
C MET A 247 6.31 -11.81 -38.45
N HIS A 248 7.00 -12.82 -37.92
CA HIS A 248 6.48 -13.58 -36.78
C HIS A 248 6.98 -12.95 -35.48
N PRO A 249 6.12 -12.44 -34.61
CA PRO A 249 6.57 -12.04 -33.28
C PRO A 249 6.68 -13.26 -32.37
N TYR A 250 7.27 -13.05 -31.20
CA TYR A 250 7.28 -14.05 -30.14
C TYR A 250 6.14 -13.87 -29.14
N GLY A 251 5.53 -15.00 -28.73
CA GLY A 251 4.58 -14.99 -27.63
C GLY A 251 5.24 -15.04 -26.27
N PHE A 252 6.22 -14.15 -26.05
CA PHE A 252 6.93 -14.05 -24.76
C PHE A 252 6.00 -13.71 -23.60
N ALA A 253 4.85 -13.10 -23.87
CA ALA A 253 3.88 -12.83 -22.83
C ALA A 253 3.35 -14.12 -22.21
N LEU A 254 3.26 -15.22 -22.99
CA LEU A 254 2.57 -16.42 -22.51
C LEU A 254 3.23 -17.06 -21.29
N PRO A 255 4.54 -17.35 -21.25
CA PRO A 255 5.10 -18.10 -20.12
C PRO A 255 4.79 -17.46 -18.76
N PRO A 256 5.11 -16.19 -18.51
CA PRO A 256 4.80 -15.68 -17.16
C PRO A 256 3.30 -15.56 -16.91
N LEU A 257 2.51 -15.22 -17.94
CA LEU A 257 1.06 -15.22 -17.81
C LEU A 257 0.52 -16.59 -17.42
N LEU A 258 0.96 -17.67 -18.13
CA LEU A 258 0.53 -19.02 -17.75
C LEU A 258 0.98 -19.40 -16.36
N LEU A 259 2.24 -19.12 -16.02
CA LEU A 259 2.70 -19.46 -14.68
C LEU A 259 1.80 -18.81 -13.64
N TYR A 260 1.50 -17.51 -13.79
CA TYR A 260 0.60 -16.86 -12.84
C TYR A 260 -0.77 -17.53 -12.85
N SER A 261 -1.30 -17.82 -14.04
CA SER A 261 -2.66 -18.36 -14.16
C SER A 261 -2.81 -19.70 -13.47
N LEU A 262 -1.84 -20.60 -13.70
CA LEU A 262 -1.92 -21.91 -13.07
C LEU A 262 -1.69 -21.79 -11.56
N LEU A 263 -0.66 -21.03 -11.16
CA LEU A 263 -0.25 -20.99 -9.74
C LEU A 263 -1.30 -20.37 -8.86
N ASP A 264 -2.13 -19.50 -9.43
CA ASP A 264 -3.12 -18.78 -8.65
C ASP A 264 -4.54 -19.12 -9.09
N ALA A 265 -4.71 -20.11 -9.97
CA ALA A 265 -6.00 -20.58 -10.46
C ALA A 265 -6.86 -19.43 -10.98
N ASN A 266 -6.28 -18.66 -11.91
CA ASN A 266 -6.89 -17.44 -12.41
C ASN A 266 -6.82 -17.44 -13.92
N SER A 267 -7.98 -17.33 -14.57
CA SER A 267 -7.99 -17.39 -16.03
C SER A 267 -8.32 -16.06 -16.67
N VAL A 268 -8.55 -15.01 -15.89
CA VAL A 268 -9.05 -13.74 -16.41
C VAL A 268 -8.07 -13.13 -17.40
N TYR A 269 -6.81 -12.98 -16.98
CA TYR A 269 -5.84 -12.28 -17.80
C TYR A 269 -5.42 -13.14 -18.97
N LEU A 270 -5.36 -14.47 -18.77
CA LEU A 270 -5.09 -15.40 -19.86
C LEU A 270 -6.13 -15.24 -20.97
N LYS A 271 -7.42 -15.22 -20.62
CA LYS A 271 -8.45 -15.14 -21.64
C LYS A 271 -8.41 -13.80 -22.37
N ASN A 272 -8.21 -12.69 -21.62
CA ASN A 272 -8.10 -11.39 -22.29
C ASN A 272 -6.95 -11.39 -23.27
N TRP A 273 -5.81 -11.98 -22.90
CA TRP A 273 -4.68 -12.02 -23.81
C TRP A 273 -4.98 -12.90 -25.05
N LEU A 274 -5.50 -14.11 -24.84
CA LEU A 274 -5.78 -14.99 -25.97
C LEU A 274 -6.71 -14.32 -26.97
N ARG A 275 -7.68 -13.53 -26.47
CA ARG A 275 -8.61 -12.81 -27.33
C ARG A 275 -7.92 -11.71 -28.17
N MET A 276 -6.77 -11.22 -27.74
CA MET A 276 -6.16 -10.11 -28.49
C MET A 276 -4.71 -10.41 -28.88
N CYS A 277 -4.25 -11.65 -28.71
CA CYS A 277 -2.83 -11.89 -28.91
C CYS A 277 -2.44 -11.63 -30.37
N PRO A 278 -1.21 -11.18 -30.60
CA PRO A 278 -0.79 -10.89 -31.97
C PRO A 278 -0.83 -12.12 -32.86
N ARG A 279 -0.92 -11.83 -34.15
CA ARG A 279 -1.14 -12.82 -35.18
C ARG A 279 0.19 -13.36 -35.68
N ASN A 280 0.18 -14.63 -36.07
CA ASN A 280 1.33 -15.27 -36.70
C ASN A 280 2.53 -15.30 -35.76
N MET A 281 2.29 -15.51 -34.48
CA MET A 281 3.44 -15.54 -33.59
C MET A 281 4.00 -16.95 -33.47
N VAL A 282 5.23 -17.01 -32.99
CA VAL A 282 5.81 -18.24 -32.51
C VAL A 282 5.67 -18.23 -31.00
N THR A 283 4.94 -19.20 -30.46
CA THR A 283 4.69 -19.24 -29.03
C THR A 283 5.72 -20.15 -28.38
N VAL A 284 6.06 -19.84 -27.12
CA VAL A 284 7.01 -20.59 -26.33
C VAL A 284 6.46 -20.69 -24.93
N LEU A 285 6.90 -21.72 -24.18
CA LEU A 285 6.84 -21.58 -22.73
C LEU A 285 8.23 -21.29 -22.18
N ASP A 286 9.13 -22.25 -22.27
CA ASP A 286 10.50 -21.97 -21.89
C ASP A 286 11.33 -21.65 -23.13
N THR A 287 12.40 -20.89 -22.92
CA THR A 287 13.41 -20.66 -23.95
C THR A 287 14.78 -21.11 -23.41
N HIS A 288 15.82 -20.78 -24.15
CA HIS A 288 17.17 -20.96 -23.65
C HIS A 288 17.62 -19.83 -22.73
N ASP A 289 16.78 -18.82 -22.47
CA ASP A 289 17.28 -17.62 -21.72
C ASP A 289 16.67 -17.35 -20.35
N GLY A 290 15.49 -17.86 -20.06
CA GLY A 290 14.92 -17.43 -18.77
C GLY A 290 13.60 -16.71 -18.94
N ILE A 291 12.73 -16.82 -17.95
CA ILE A 291 11.35 -16.24 -18.06
C ILE A 291 11.44 -14.71 -18.02
N CYS A 292 11.20 -14.09 -19.18
CA CYS A 292 11.35 -12.63 -19.30
C CYS A 292 10.11 -11.89 -18.79
N ILE A 293 10.34 -10.94 -17.92
CA ILE A 293 9.28 -10.15 -17.28
C ILE A 293 8.78 -8.95 -18.10
N PRO A 294 9.62 -8.14 -18.74
CA PRO A 294 9.06 -6.99 -19.48
C PRO A 294 8.00 -7.35 -20.51
N ASP A 295 8.06 -8.57 -21.04
CA ASP A 295 7.15 -9.05 -22.07
C ASP A 295 5.71 -9.22 -21.56
N VAL A 296 5.46 -9.19 -20.25
CA VAL A 296 4.13 -9.41 -19.72
C VAL A 296 3.58 -8.20 -19.00
N GLU A 297 4.32 -7.10 -18.96
CA GLU A 297 3.76 -5.88 -18.39
C GLU A 297 2.53 -5.47 -19.17
N GLY A 298 1.47 -5.07 -18.44
CA GLY A 298 0.20 -4.72 -19.05
C GLY A 298 -0.69 -5.92 -19.34
N VAL A 299 -0.11 -7.02 -19.85
CA VAL A 299 -0.86 -8.25 -20.02
C VAL A 299 -1.33 -8.75 -18.66
N LEU A 300 -0.44 -8.65 -17.69
CA LEU A 300 -0.77 -9.01 -16.31
C LEU A 300 -0.64 -7.72 -15.48
N PRO A 301 -1.53 -7.44 -14.50
CA PRO A 301 -1.35 -6.28 -13.62
C PRO A 301 -0.03 -6.36 -12.86
N ASP A 302 0.51 -5.20 -12.47
CA ASP A 302 1.76 -5.17 -11.71
C ASP A 302 1.68 -6.04 -10.45
N ASP A 303 0.55 -6.00 -9.75
CA ASP A 303 0.43 -6.77 -8.51
C ASP A 303 0.61 -8.25 -8.77
N LYS A 304 0.13 -8.74 -9.92
CA LYS A 304 0.20 -10.17 -10.19
C LYS A 304 1.57 -10.58 -10.71
N ILE A 305 2.29 -9.67 -11.39
CA ILE A 305 3.66 -9.95 -11.77
C ILE A 305 4.55 -10.03 -10.53
N LYS A 306 4.32 -9.14 -9.56
CA LYS A 306 5.08 -9.21 -8.31
C LYS A 306 4.87 -10.53 -7.59
N VAL A 307 3.62 -10.98 -7.55
CA VAL A 307 3.31 -12.28 -6.97
C VAL A 307 4.13 -13.36 -7.66
N LEU A 308 4.13 -13.35 -8.98
CA LEU A 308 4.88 -14.35 -9.73
C LEU A 308 6.37 -14.26 -9.41
N ILE A 309 6.91 -13.05 -9.42
CA ILE A 309 8.35 -12.86 -9.14
C ILE A 309 8.70 -13.36 -7.75
N ASP A 310 7.91 -12.96 -6.74
CA ASP A 310 8.24 -13.39 -5.38
C ASP A 310 8.05 -14.89 -5.21
N ASN A 311 7.03 -15.46 -5.84
CA ASN A 311 6.82 -16.91 -5.75
C ASN A 311 7.99 -17.67 -6.36
N ILE A 312 8.43 -17.28 -7.57
CA ILE A 312 9.52 -18.01 -8.22
C ILE A 312 10.84 -17.74 -7.51
N ASP A 313 11.14 -16.46 -7.24
CA ASP A 313 12.44 -16.12 -6.65
C ASP A 313 12.62 -16.68 -5.25
N ALA A 314 11.55 -16.95 -4.50
CA ALA A 314 11.70 -17.60 -3.20
C ALA A 314 12.12 -19.07 -3.30
N ARG A 315 12.11 -19.65 -4.49
CA ARG A 315 12.37 -21.12 -4.57
C ARG A 315 13.38 -21.51 -5.66
N SER A 316 14.04 -20.56 -6.32
CA SER A 316 15.04 -20.99 -7.31
C SER A 316 16.18 -19.99 -7.35
N ALA A 317 16.97 -20.05 -8.44
CA ALA A 317 18.19 -19.27 -8.57
C ALA A 317 17.88 -17.78 -8.70
N ASP A 318 18.93 -16.98 -8.63
CA ASP A 318 18.80 -15.53 -8.68
C ASP A 318 18.22 -15.09 -10.01
N PRO A 319 17.40 -14.06 -10.01
CA PRO A 319 16.93 -13.50 -11.29
C PRO A 319 18.05 -12.70 -11.93
N ILE A 320 17.87 -12.38 -13.21
CA ILE A 320 18.71 -11.39 -13.86
C ILE A 320 18.02 -10.04 -13.73
N MET A 321 18.73 -9.06 -13.18
CA MET A 321 18.18 -7.75 -12.88
C MET A 321 18.27 -6.85 -14.10
N ARG A 322 17.37 -5.85 -14.13
CA ARG A 322 17.57 -4.72 -15.03
C ARG A 322 18.64 -3.80 -14.44
N ARG A 323 19.16 -2.88 -15.27
CA ARG A 323 20.32 -2.09 -14.85
C ARG A 323 19.96 -1.20 -13.65
N SER A 324 20.96 -0.96 -12.80
CA SER A 324 20.88 -0.10 -11.62
C SER A 324 19.50 -0.03 -10.94
N ALA A 325 18.99 -1.19 -10.54
CA ALA A 325 17.64 -1.31 -10.00
C ALA A 325 17.70 -1.99 -8.63
N ALA A 326 17.58 -1.21 -7.56
CA ALA A 326 17.80 -1.71 -6.21
C ALA A 326 16.63 -2.49 -5.62
N ASN A 327 15.40 -2.31 -6.14
CA ASN A 327 14.19 -2.84 -5.49
C ASN A 327 13.86 -4.21 -6.07
N ILE A 328 14.25 -5.25 -5.35
CA ILE A 328 14.06 -6.63 -5.82
C ILE A 328 12.61 -7.05 -5.85
N HIS A 329 11.69 -6.26 -5.30
CA HIS A 329 10.29 -6.66 -5.38
C HIS A 329 9.49 -5.87 -6.40
N SER A 330 10.13 -5.04 -7.23
CA SER A 330 9.38 -4.25 -8.20
C SER A 330 9.46 -4.92 -9.57
N VAL A 331 8.38 -4.80 -10.34
CA VAL A 331 8.39 -5.33 -11.70
C VAL A 331 9.52 -4.70 -12.50
N GLY A 332 9.72 -3.39 -12.33
CA GLY A 332 10.73 -2.65 -13.07
C GLY A 332 12.16 -3.07 -12.80
N ALA A 333 12.40 -3.89 -11.79
CA ALA A 333 13.77 -4.29 -11.53
C ALA A 333 14.14 -5.67 -12.07
N ILE A 334 13.18 -6.55 -12.34
CA ILE A 334 13.53 -7.89 -12.80
C ILE A 334 13.47 -7.94 -14.32
N TYR A 335 14.53 -8.49 -14.92
CA TYR A 335 14.52 -8.79 -16.34
C TYR A 335 14.10 -10.23 -16.62
N GLN A 336 14.72 -11.21 -15.96
CA GLN A 336 14.37 -12.61 -16.19
C GLN A 336 14.44 -13.40 -14.90
N LEU A 337 13.45 -14.26 -14.71
CA LEU A 337 13.50 -15.29 -13.70
C LEU A 337 14.31 -16.45 -14.25
N THR A 338 15.12 -17.07 -13.42
CA THR A 338 15.91 -18.24 -13.83
C THR A 338 15.37 -19.48 -13.14
N CYS A 339 14.67 -20.31 -13.91
CA CYS A 339 13.97 -21.48 -13.41
C CYS A 339 13.52 -22.33 -14.60
N THR A 340 13.72 -23.64 -14.58
CA THR A 340 13.14 -24.41 -15.67
C THR A 340 11.63 -24.32 -15.56
N PHE A 341 10.94 -24.48 -16.69
CA PHE A 341 9.50 -24.27 -16.65
C PHE A 341 8.84 -25.33 -15.80
N TYR A 342 9.38 -26.54 -15.83
CA TYR A 342 8.83 -27.60 -15.00
C TYR A 342 9.00 -27.32 -13.51
N ASP A 343 10.19 -26.82 -13.10
CA ASP A 343 10.33 -26.42 -11.70
C ASP A 343 9.45 -25.21 -11.35
N ALA A 344 9.23 -24.30 -12.30
CA ALA A 344 8.38 -23.14 -11.99
C ALA A 344 6.98 -23.58 -11.62
N LEU A 345 6.49 -24.67 -12.22
CA LEU A 345 5.22 -25.28 -11.85
C LEU A 345 5.38 -26.34 -10.78
N MET A 346 6.51 -26.34 -10.08
CA MET A 346 6.77 -27.19 -8.90
C MET A 346 6.76 -28.67 -9.26
N GLN A 347 7.19 -29.01 -10.47
CA GLN A 347 7.22 -30.39 -10.94
C GLN A 347 5.85 -31.06 -10.88
N ASN A 348 4.78 -30.28 -11.07
CA ASN A 348 3.44 -30.83 -11.05
C ASN A 348 3.07 -31.25 -12.48
N ASP A 349 3.02 -32.57 -12.70
CA ASP A 349 2.90 -33.10 -14.06
C ASP A 349 1.62 -32.62 -14.73
N ASP A 350 0.49 -32.70 -14.02
CA ASP A 350 -0.77 -32.23 -14.60
C ASP A 350 -0.72 -30.75 -14.95
N ALA A 351 -0.19 -29.92 -14.04
CA ALA A 351 -0.06 -28.50 -14.33
C ALA A 351 0.80 -28.26 -15.57
N TYR A 352 1.92 -28.98 -15.67
CA TYR A 352 2.83 -28.77 -16.78
C TYR A 352 2.18 -29.16 -18.12
N ILE A 353 1.47 -30.30 -18.14
CA ILE A 353 0.77 -30.76 -19.34
C ILE A 353 -0.35 -29.80 -19.72
N ALA A 354 -1.12 -29.31 -18.73
CA ALA A 354 -2.14 -28.29 -18.99
C ALA A 354 -1.51 -27.04 -19.57
N ALA A 355 -0.34 -26.67 -19.07
CA ALA A 355 0.34 -25.50 -19.61
C ALA A 355 0.69 -25.71 -21.08
N ARG A 356 1.27 -26.89 -21.40
CA ARG A 356 1.64 -27.16 -22.76
C ARG A 356 0.41 -27.25 -23.64
N ALA A 357 -0.68 -27.82 -23.12
CA ALA A 357 -1.90 -27.88 -23.92
C ALA A 357 -2.38 -26.48 -24.24
N ILE A 358 -2.34 -25.58 -23.25
CA ILE A 358 -2.77 -24.20 -23.47
C ILE A 358 -1.85 -23.50 -24.46
N GLN A 359 -0.53 -23.72 -24.36
CA GLN A 359 0.37 -23.21 -25.38
C GLN A 359 -0.05 -23.70 -26.74
N PHE A 360 -0.29 -25.00 -26.88
CA PHE A 360 -0.53 -25.55 -28.21
C PHE A 360 -1.88 -25.09 -28.78
N PHE A 361 -2.89 -24.80 -27.95
CA PHE A 361 -4.10 -24.26 -28.54
C PHE A 361 -4.04 -22.76 -28.74
N THR A 362 -2.97 -22.09 -28.33
CA THR A 362 -2.82 -20.67 -28.59
C THR A 362 -2.52 -20.44 -30.08
N PRO A 363 -3.13 -19.44 -30.70
CA PRO A 363 -2.80 -19.13 -32.09
C PRO A 363 -1.31 -18.92 -32.24
N GLY A 364 -0.74 -19.52 -33.28
CA GLY A 364 0.67 -19.44 -33.61
C GLY A 364 1.32 -20.82 -33.68
N ILE A 365 2.56 -20.81 -34.18
CA ILE A 365 3.40 -22.01 -34.24
C ILE A 365 4.02 -22.22 -32.86
N PRO A 366 3.77 -23.35 -32.19
CA PRO A 366 4.35 -23.57 -30.84
C PRO A 366 5.75 -24.14 -30.88
N GLN A 367 6.68 -23.54 -30.12
CA GLN A 367 8.00 -24.10 -29.92
C GLN A 367 8.10 -24.75 -28.54
N VAL A 368 8.74 -25.91 -28.48
CA VAL A 368 9.03 -26.65 -27.24
C VAL A 368 10.55 -26.68 -27.02
N TYR A 369 11.00 -26.15 -25.88
CA TYR A 369 12.43 -26.17 -25.52
C TYR A 369 12.85 -27.54 -25.02
N TYR A 370 14.06 -27.98 -25.41
CA TYR A 370 14.41 -29.39 -25.20
C TYR A 370 14.40 -29.75 -23.72
N VAL A 371 14.81 -28.82 -22.85
CA VAL A 371 14.75 -29.08 -21.41
C VAL A 371 13.30 -29.27 -20.97
N GLY A 372 12.39 -28.44 -21.47
CA GLY A 372 10.96 -28.64 -21.18
C GLY A 372 10.42 -29.94 -21.77
N LEU A 373 10.90 -30.31 -22.96
CA LEU A 373 10.53 -31.59 -23.56
C LEU A 373 10.78 -32.76 -22.61
N LEU A 374 11.89 -32.72 -21.88
CA LEU A 374 12.28 -33.86 -21.07
C LEU A 374 11.96 -33.65 -19.60
N ALA A 375 11.15 -32.64 -19.27
CA ALA A 375 10.76 -32.30 -17.92
C ALA A 375 11.97 -32.15 -17.00
N GLY A 376 12.95 -31.37 -17.47
CA GLY A 376 14.14 -31.16 -16.71
C GLY A 376 13.93 -30.16 -15.59
N CYS A 377 14.70 -30.35 -14.52
CA CYS A 377 14.66 -29.54 -13.31
C CYS A 377 15.87 -28.63 -13.28
N ASN A 378 15.85 -27.66 -12.37
CA ASN A 378 16.92 -26.67 -12.30
C ASN A 378 18.26 -27.36 -12.18
N ASP A 379 19.19 -26.99 -13.08
CA ASP A 379 20.47 -27.70 -13.16
C ASP A 379 21.51 -26.95 -12.33
N GLN A 380 21.49 -27.14 -11.03
CA GLN A 380 22.41 -26.39 -10.13
C GLN A 380 23.87 -26.83 -10.32
N GLU A 381 24.12 -28.12 -10.54
CA GLU A 381 25.52 -28.55 -10.62
C GLU A 381 26.20 -27.95 -11.84
N LEU A 382 25.47 -27.86 -12.96
CA LEU A 382 26.02 -27.24 -14.15
C LEU A 382 26.28 -25.75 -13.93
N MET A 383 25.30 -25.06 -13.33
CA MET A 383 25.46 -23.64 -13.05
C MET A 383 26.66 -23.38 -12.13
N GLU A 384 26.82 -24.20 -11.11
CA GLU A 384 27.97 -24.05 -10.23
C GLU A 384 29.27 -24.43 -10.94
N LYS A 385 29.22 -25.37 -11.88
CA LYS A 385 30.43 -25.75 -12.63
C LYS A 385 30.88 -24.64 -13.57
N THR A 386 29.94 -24.04 -14.29
CA THR A 386 30.29 -23.09 -15.35
C THR A 386 30.21 -21.64 -14.90
N GLY A 387 29.49 -21.37 -13.82
CA GLY A 387 29.29 -20.00 -13.36
C GLY A 387 28.23 -19.22 -14.11
N GLU A 388 27.60 -19.81 -15.13
CA GLU A 388 26.59 -19.11 -15.91
C GLU A 388 25.20 -19.37 -15.32
N LEU A 389 24.58 -18.29 -14.85
CA LEU A 389 23.27 -18.39 -14.24
C LEU A 389 22.26 -19.11 -15.14
N ARG A 390 22.25 -18.77 -16.44
CA ARG A 390 21.25 -19.34 -17.36
C ARG A 390 21.45 -20.84 -17.59
N ASP A 391 22.60 -21.40 -17.17
CA ASP A 391 22.75 -22.85 -17.26
C ASP A 391 21.81 -23.61 -16.34
N ILE A 392 21.10 -22.91 -15.45
CA ILE A 392 20.09 -23.60 -14.68
C ILE A 392 19.05 -24.23 -15.61
N ASN A 393 18.94 -23.70 -16.83
CA ASN A 393 17.93 -24.08 -17.80
C ASN A 393 18.56 -24.61 -19.09
N ARG A 394 19.81 -25.09 -19.02
CA ARG A 394 20.56 -25.54 -20.20
C ARG A 394 21.24 -26.88 -19.94
N ASN A 395 20.47 -27.79 -19.33
CA ASN A 395 20.89 -29.16 -19.02
C ASN A 395 21.55 -29.85 -20.21
N TYR A 396 22.59 -30.63 -19.98
CA TYR A 396 23.02 -31.56 -21.01
C TYR A 396 22.39 -32.93 -20.78
N TYR A 397 22.03 -33.61 -21.85
CA TYR A 397 21.68 -35.02 -21.72
C TYR A 397 22.54 -35.84 -22.65
N THR A 398 23.01 -36.96 -22.13
CA THR A 398 23.51 -38.00 -23.00
C THR A 398 22.34 -38.59 -23.79
N LEU A 399 22.65 -39.36 -24.83
CA LEU A 399 21.57 -40.01 -25.57
C LEU A 399 20.79 -40.96 -24.67
N ASN A 400 21.47 -41.67 -23.77
CA ASN A 400 20.78 -42.57 -22.86
C ASN A 400 19.91 -41.81 -21.87
N GLU A 401 20.38 -40.67 -21.36
CA GLU A 401 19.57 -39.89 -20.45
C GLU A 401 18.31 -39.38 -21.12
N MET A 402 18.38 -39.06 -22.41
CA MET A 402 17.16 -38.71 -23.13
C MET A 402 16.25 -39.92 -23.31
N ASP A 403 16.82 -41.09 -23.63
CA ASP A 403 15.99 -42.28 -23.71
C ASP A 403 15.25 -42.52 -22.40
N GLU A 404 15.96 -42.35 -21.28
CA GLU A 404 15.37 -42.54 -19.95
C GLU A 404 14.30 -41.49 -19.68
N ALA A 405 14.59 -40.23 -19.94
CA ALA A 405 13.60 -39.17 -19.72
C ALA A 405 12.39 -39.34 -20.63
N MET A 406 12.59 -39.83 -21.86
CA MET A 406 11.45 -40.05 -22.75
C MET A 406 10.45 -41.06 -22.17
N GLU A 407 10.87 -41.89 -21.22
CA GLU A 407 9.98 -42.88 -20.63
C GLU A 407 9.19 -42.34 -19.46
N LYS A 408 9.54 -41.15 -18.95
CA LYS A 408 8.81 -40.57 -17.84
C LYS A 408 7.35 -40.40 -18.24
N PRO A 409 6.40 -40.79 -17.39
CA PRO A 409 4.98 -40.58 -17.72
C PRO A 409 4.62 -39.16 -18.13
N VAL A 410 5.20 -38.14 -17.51
CA VAL A 410 4.86 -36.77 -17.91
C VAL A 410 5.36 -36.49 -19.33
N VAL A 411 6.48 -37.10 -19.73
CA VAL A 411 7.01 -36.85 -21.07
C VAL A 411 6.19 -37.58 -22.13
N GLN A 412 5.70 -38.79 -21.83
CA GLN A 412 4.84 -39.49 -22.79
C GLN A 412 3.55 -38.72 -23.04
N ARG A 413 2.98 -38.11 -22.00
CA ARG A 413 1.81 -37.26 -22.19
C ARG A 413 2.14 -36.08 -23.10
N LEU A 414 3.33 -35.49 -22.93
CA LEU A 414 3.72 -34.38 -23.79
C LEU A 414 3.92 -34.82 -25.25
N LEU A 415 4.54 -35.99 -25.48
CA LEU A 415 4.64 -36.50 -26.84
C LEU A 415 3.28 -36.67 -27.49
N THR A 416 2.33 -37.27 -26.78
CA THR A 416 0.99 -37.42 -27.33
C THR A 416 0.40 -36.06 -27.69
N LEU A 417 0.53 -35.06 -26.80
CA LEU A 417 0.12 -33.70 -27.17
C LEU A 417 0.81 -33.22 -28.43
N MET A 418 2.12 -33.36 -28.47
CA MET A 418 2.87 -32.84 -29.61
C MET A 418 2.44 -33.51 -30.91
N LYS A 419 2.29 -34.83 -30.90
CA LYS A 419 1.84 -35.52 -32.10
C LYS A 419 0.49 -34.96 -32.54
N PHE A 420 -0.40 -34.72 -31.57
CA PHE A 420 -1.73 -34.22 -31.88
C PHE A 420 -1.65 -32.82 -32.47
N ARG A 421 -0.92 -31.91 -31.81
CA ARG A 421 -0.80 -30.54 -32.30
C ARG A 421 -0.12 -30.50 -33.67
N THR A 422 0.88 -31.34 -33.88
CA THR A 422 1.57 -31.34 -35.16
C THR A 422 0.69 -31.88 -36.28
N ASN A 423 -0.23 -32.79 -35.98
CA ASN A 423 -0.93 -33.53 -37.04
C ASN A 423 -2.41 -33.21 -37.21
N TYR A 424 -3.13 -32.86 -36.14
CA TYR A 424 -4.57 -32.75 -36.26
C TYR A 424 -4.95 -31.53 -37.10
N PRO A 425 -5.81 -31.69 -38.12
CA PRO A 425 -6.04 -30.59 -39.08
C PRO A 425 -6.86 -29.43 -38.57
N ALA A 426 -7.51 -29.53 -37.40
CA ALA A 426 -8.31 -28.39 -36.93
C ALA A 426 -7.46 -27.15 -36.69
N PHE A 427 -6.18 -27.34 -36.34
CA PHE A 427 -5.32 -26.20 -36.05
C PHE A 427 -5.04 -25.36 -37.29
N ASP A 428 -5.27 -25.87 -38.48
CA ASP A 428 -5.05 -25.02 -39.63
C ASP A 428 -6.24 -24.09 -39.89
N GLY A 429 -7.31 -24.21 -39.13
CA GLY A 429 -8.47 -23.37 -39.36
C GLY A 429 -8.52 -22.12 -38.52
N HIS A 430 -9.59 -21.92 -37.77
CA HIS A 430 -9.76 -20.69 -37.00
C HIS A 430 -9.89 -21.02 -35.53
N PHE A 431 -9.30 -20.15 -34.71
CA PHE A 431 -9.33 -20.28 -33.27
C PHE A 431 -10.64 -19.74 -32.72
N GLU A 432 -11.20 -20.42 -31.75
CA GLU A 432 -12.41 -19.89 -31.13
C GLU A 432 -12.36 -20.14 -29.63
N LEU A 433 -12.30 -19.03 -28.89
CA LEU A 433 -12.29 -19.07 -27.44
C LEU A 433 -13.71 -19.33 -26.95
N ASN A 434 -13.84 -20.10 -25.88
CA ASN A 434 -15.16 -20.39 -25.35
C ASN A 434 -15.32 -19.75 -23.98
N TYR A 435 -16.57 -19.50 -23.60
CA TYR A 435 -16.86 -19.02 -22.26
C TYR A 435 -16.32 -20.00 -21.22
N SER A 436 -15.77 -19.46 -20.14
CA SER A 436 -15.45 -20.23 -18.95
C SER A 436 -15.56 -19.32 -17.75
N ASN A 437 -15.51 -19.92 -16.57
CA ASN A 437 -15.41 -19.13 -15.36
C ASN A 437 -14.00 -18.55 -15.21
N ASP A 438 -13.76 -17.85 -14.10
CA ASP A 438 -12.48 -17.18 -13.92
C ASP A 438 -11.41 -18.10 -13.35
N SER A 439 -11.64 -19.41 -13.29
CA SER A 439 -10.57 -20.30 -12.87
C SER A 439 -10.38 -21.45 -13.84
N SER A 440 -10.90 -21.35 -15.06
CA SER A 440 -10.76 -22.43 -16.03
C SER A 440 -10.67 -21.81 -17.42
N VAL A 441 -10.20 -22.61 -18.38
CA VAL A 441 -9.92 -22.13 -19.74
C VAL A 441 -10.56 -23.07 -20.73
N ALA A 442 -11.22 -22.52 -21.76
CA ALA A 442 -11.86 -23.33 -22.81
C ALA A 442 -11.50 -22.79 -24.19
N MET A 443 -10.84 -23.63 -25.00
CA MET A 443 -10.24 -23.24 -26.28
C MET A 443 -10.57 -24.24 -27.39
N ALA A 444 -10.87 -23.75 -28.59
CA ALA A 444 -11.26 -24.65 -29.68
C ALA A 444 -10.63 -24.22 -31.01
N TRP A 445 -10.41 -25.20 -31.88
CA TRP A 445 -9.97 -24.98 -33.26
C TRP A 445 -10.93 -25.70 -34.21
N ARG A 446 -11.25 -25.05 -35.34
CA ARG A 446 -12.17 -25.60 -36.31
C ARG A 446 -11.61 -25.44 -37.71
N HIS A 447 -11.71 -26.50 -38.51
CA HIS A 447 -11.32 -26.43 -39.92
C HIS A 447 -12.21 -27.41 -40.67
N GLY A 448 -13.29 -26.91 -41.24
CA GLY A 448 -14.21 -27.82 -41.90
C GLY A 448 -14.82 -28.76 -40.89
N GLU A 449 -14.71 -30.05 -41.17
CA GLU A 449 -15.27 -31.05 -40.27
C GLU A 449 -14.34 -31.36 -39.09
N HIS A 450 -13.07 -30.96 -39.19
CA HIS A 450 -12.13 -31.11 -38.08
C HIS A 450 -12.40 -30.08 -36.99
N TYR A 451 -12.36 -30.55 -35.74
CA TYR A 451 -12.71 -29.73 -34.57
C TYR A 451 -12.06 -30.32 -33.33
N CYS A 452 -11.41 -29.48 -32.54
CA CYS A 452 -10.86 -29.96 -31.28
C CYS A 452 -11.02 -28.89 -30.20
N HIS A 453 -11.13 -29.36 -28.97
CA HIS A 453 -11.53 -28.56 -27.83
C HIS A 453 -10.68 -28.96 -26.64
N LEU A 454 -10.09 -27.96 -25.98
CA LEU A 454 -9.34 -28.13 -24.75
C LEU A 454 -10.09 -27.47 -23.61
N PHE A 455 -10.24 -28.18 -22.49
CA PHE A 455 -10.71 -27.58 -21.26
C PHE A 455 -9.67 -27.77 -20.18
N VAL A 456 -9.29 -26.68 -19.51
CA VAL A 456 -8.35 -26.74 -18.40
C VAL A 456 -9.00 -26.15 -17.15
N ASP A 457 -8.99 -26.92 -16.08
CA ASP A 457 -9.37 -26.42 -14.75
C ASP A 457 -8.09 -26.08 -13.99
N LEU A 458 -7.88 -24.78 -13.72
CA LEU A 458 -6.66 -24.29 -13.07
C LEU A 458 -6.61 -24.60 -11.58
N ASN A 459 -7.74 -24.93 -10.96
CA ASN A 459 -7.75 -25.31 -9.55
C ASN A 459 -7.11 -26.67 -9.36
N PHE A 460 -7.50 -27.63 -10.18
CA PHE A 460 -7.06 -29.00 -10.01
C PHE A 460 -6.14 -29.44 -11.14
N ASN A 461 -5.79 -28.54 -12.05
CA ASN A 461 -4.80 -28.82 -13.09
C ASN A 461 -5.24 -29.95 -14.02
N THR A 462 -6.52 -30.08 -14.29
CA THR A 462 -6.99 -31.10 -15.21
C THR A 462 -6.96 -30.56 -16.64
N SER A 463 -6.66 -31.45 -17.58
CA SER A 463 -6.53 -31.17 -19.01
C SER A 463 -7.39 -32.17 -19.75
N LYS A 464 -8.28 -31.69 -20.64
CA LYS A 464 -9.11 -32.58 -21.44
C LYS A 464 -9.16 -32.07 -22.87
N ILE A 465 -8.83 -32.93 -23.83
CA ILE A 465 -8.97 -32.60 -25.24
C ILE A 465 -9.94 -33.58 -25.91
N GLN A 466 -10.97 -33.02 -26.54
CA GLN A 466 -11.87 -33.79 -27.39
C GLN A 466 -11.74 -33.32 -28.84
N TYR A 467 -11.82 -34.26 -29.78
CA TYR A 467 -11.65 -33.94 -31.18
C TYR A 467 -12.51 -34.88 -32.02
N VAL A 468 -12.75 -34.46 -33.26
CA VAL A 468 -13.61 -35.20 -34.17
C VAL A 468 -12.75 -36.07 -35.07
N ASP A 469 -12.97 -37.38 -35.01
CA ASP A 469 -12.41 -38.32 -35.98
C ASP A 469 -13.27 -38.23 -37.24
N VAL A 470 -12.78 -37.52 -38.27
CA VAL A 470 -13.66 -37.22 -39.41
C VAL A 470 -14.06 -38.48 -40.14
N LYS A 471 -13.17 -39.48 -40.16
CA LYS A 471 -13.45 -40.71 -40.88
C LYS A 471 -14.73 -41.37 -40.36
N SER A 472 -14.99 -41.25 -39.06
CA SER A 472 -16.19 -41.81 -38.44
C SER A 472 -17.16 -40.76 -37.94
N GLY A 473 -16.77 -39.51 -37.81
CA GLY A 473 -17.66 -38.52 -37.26
C GLY A 473 -17.64 -38.41 -35.75
N GLU A 474 -17.22 -39.46 -35.06
CA GLU A 474 -17.36 -39.52 -33.60
C GLU A 474 -16.37 -38.60 -32.85
N THR A 475 -16.82 -38.11 -31.71
CA THR A 475 -15.94 -37.40 -30.80
C THR A 475 -15.02 -38.39 -30.11
N ARG A 476 -13.74 -38.05 -30.00
CA ARG A 476 -12.79 -38.91 -29.32
C ARG A 476 -12.10 -38.11 -28.23
N ASP A 477 -11.60 -38.82 -27.22
CA ASP A 477 -10.80 -38.21 -26.15
C ASP A 477 -9.32 -38.41 -26.41
N LEU A 478 -8.55 -37.34 -26.28
CA LEU A 478 -7.11 -37.51 -26.42
C LEU A 478 -6.60 -38.04 -25.09
N GLU A 479 -5.90 -39.15 -25.12
CA GLU A 479 -5.41 -39.76 -23.88
C GLU A 479 -4.00 -39.21 -23.65
N PHE A 480 -3.94 -38.06 -23.00
CA PHE A 480 -2.68 -37.42 -22.62
C PHE A 480 -2.85 -36.93 -21.17
N LEU B 2 -38.22 -10.69 32.75
CA LEU B 2 -37.94 -11.30 31.46
C LEU B 2 -38.62 -10.46 30.38
N LEU B 3 -37.86 -10.13 29.34
CA LEU B 3 -38.37 -9.22 28.32
C LEU B 3 -39.14 -9.98 27.25
N LYS B 4 -40.03 -9.28 26.56
CA LYS B 4 -40.67 -9.84 25.39
C LYS B 4 -39.66 -9.96 24.26
N ASN B 5 -39.70 -11.08 23.55
CA ASN B 5 -38.87 -11.27 22.36
C ASN B 5 -39.57 -10.64 21.15
N ALA B 6 -39.62 -9.31 21.15
CA ALA B 6 -40.37 -8.61 20.12
C ALA B 6 -39.62 -7.35 19.72
N VAL B 7 -40.05 -6.75 18.61
CA VAL B 7 -39.43 -5.52 18.15
C VAL B 7 -39.68 -4.42 19.17
N GLN B 8 -38.68 -3.57 19.38
CA GLN B 8 -38.81 -2.40 20.22
C GLN B 8 -38.69 -1.13 19.38
N LEU B 9 -39.34 -0.07 19.84
CA LEU B 9 -39.21 1.25 19.24
C LEU B 9 -38.24 2.08 20.06
N ILE B 10 -37.29 2.73 19.39
CA ILE B 10 -36.47 3.76 20.03
C ILE B 10 -37.03 5.11 19.60
N CYS B 11 -37.40 5.94 20.56
CA CYS B 11 -38.05 7.20 20.25
C CYS B 11 -37.70 8.18 21.34
N TYR B 12 -37.78 9.46 21.00
CA TYR B 12 -37.69 10.54 21.96
C TYR B 12 -39.01 10.75 22.67
N PRO B 13 -39.02 11.52 23.77
CA PRO B 13 -40.30 11.86 24.38
C PRO B 13 -41.08 12.85 23.57
N ASP B 14 -40.42 13.61 22.69
CA ASP B 14 -41.11 14.73 22.05
C ASP B 14 -40.81 14.92 20.56
N ARG B 15 -40.36 13.90 19.82
CA ARG B 15 -40.11 14.12 18.40
C ARG B 15 -41.21 13.54 17.52
N ILE B 16 -42.28 13.03 18.13
CA ILE B 16 -43.45 12.53 17.40
C ILE B 16 -44.66 13.22 18.01
N GLY B 17 -45.16 14.27 17.34
CA GLY B 17 -46.05 15.15 18.06
C GLY B 17 -45.23 15.97 19.04
N ASN B 18 -45.88 16.43 20.10
CA ASN B 18 -45.24 17.38 20.98
C ASN B 18 -44.80 16.82 22.33
N ASN B 19 -45.20 15.59 22.69
CA ASN B 19 -45.03 15.14 24.07
C ASN B 19 -45.34 13.65 24.20
N LEU B 20 -45.26 13.16 25.44
CA LEU B 20 -45.47 11.75 25.71
C LEU B 20 -46.91 11.31 25.42
N THR B 21 -47.88 12.22 25.54
CA THR B 21 -49.24 11.85 25.19
C THR B 21 -49.38 11.63 23.68
N ASP B 22 -48.84 12.54 22.87
CA ASP B 22 -48.87 12.34 21.42
C ASP B 22 -48.10 11.09 21.02
N LEU B 23 -47.00 10.80 21.72
CA LEU B 23 -46.25 9.58 21.45
C LEU B 23 -47.13 8.36 21.64
N HIS B 24 -47.86 8.30 22.76
CA HIS B 24 -48.72 7.15 23.01
C HIS B 24 -49.82 7.05 21.97
N THR B 25 -50.36 8.21 21.55
CA THR B 25 -51.37 8.24 20.49
C THR B 25 -50.86 7.57 19.21
N ALA B 26 -49.67 7.98 18.76
CA ALA B 26 -49.09 7.40 17.54
C ALA B 26 -48.79 5.92 17.70
N VAL B 27 -48.33 5.50 18.89
CA VAL B 27 -47.99 4.10 19.11
C VAL B 27 -49.22 3.22 19.04
N GLU B 28 -50.31 3.62 19.71
CA GLU B 28 -51.53 2.81 19.64
C GLU B 28 -52.14 2.85 18.25
N LYS B 29 -51.98 3.97 17.54
CA LYS B 29 -52.57 4.07 16.22
C LYS B 29 -51.83 3.23 15.17
N HIS B 30 -50.52 3.12 15.27
CA HIS B 30 -49.75 2.51 14.19
C HIS B 30 -49.01 1.24 14.57
N LEU B 31 -48.62 1.07 15.83
CA LEU B 31 -47.61 0.06 16.16
C LEU B 31 -48.13 -0.99 17.12
N SER B 32 -49.42 -0.96 17.45
CA SER B 32 -49.94 -1.76 18.55
C SER B 32 -49.78 -3.26 18.34
N ASP B 33 -49.65 -3.71 17.10
CA ASP B 33 -49.39 -5.10 16.82
C ASP B 33 -47.96 -5.35 16.37
N ALA B 34 -47.14 -4.30 16.33
CA ALA B 34 -45.83 -4.38 15.70
C ALA B 34 -44.67 -4.35 16.67
N ILE B 35 -44.88 -3.87 17.90
CA ILE B 35 -43.82 -3.78 18.89
C ILE B 35 -44.30 -4.40 20.20
N GLY B 36 -43.34 -4.77 21.04
CA GLY B 36 -43.65 -5.25 22.37
C GLY B 36 -42.93 -4.45 23.44
N GLY B 37 -42.23 -3.39 23.06
CA GLY B 37 -41.49 -2.59 24.00
C GLY B 37 -41.08 -1.27 23.39
N LEU B 38 -40.60 -0.36 24.27
CA LEU B 38 -40.15 0.97 23.86
C LEU B 38 -38.91 1.34 24.65
N HIS B 39 -37.95 1.93 23.97
CA HIS B 39 -36.87 2.67 24.60
C HIS B 39 -37.22 4.14 24.43
N ILE B 40 -37.69 4.77 25.51
CA ILE B 40 -37.98 6.20 25.51
C ILE B 40 -36.72 6.91 26.01
N LEU B 41 -36.12 7.70 25.13
CA LEU B 41 -34.86 8.38 25.44
C LEU B 41 -35.09 9.37 26.59
N PRO B 42 -34.01 9.86 27.24
CA PRO B 42 -34.16 10.56 28.51
C PRO B 42 -35.25 11.64 28.51
N PHE B 43 -36.14 11.57 29.50
CA PHE B 43 -37.34 12.45 29.58
C PHE B 43 -37.40 13.18 30.91
N PHE B 44 -36.31 13.14 31.67
CA PHE B 44 -36.17 13.81 32.94
C PHE B 44 -35.79 15.26 32.69
N PRO B 45 -35.85 16.11 33.71
CA PRO B 45 -35.21 17.43 33.59
C PRO B 45 -33.74 17.31 33.20
N SER B 46 -33.34 18.02 32.16
CA SER B 46 -31.97 17.93 31.71
C SER B 46 -31.57 19.27 31.11
N ASN B 47 -30.29 19.61 31.25
CA ASN B 47 -29.78 20.89 30.77
C ASN B 47 -28.61 20.75 29.80
N ALA B 48 -28.40 19.57 29.23
CA ALA B 48 -27.37 19.45 28.21
C ALA B 48 -27.59 18.16 27.44
N ASP B 49 -27.02 18.13 26.24
CA ASP B 49 -26.79 16.88 25.52
C ASP B 49 -28.07 16.08 25.32
N GLY B 50 -29.13 16.78 24.90
CA GLY B 50 -30.31 16.08 24.44
C GLY B 50 -30.88 15.11 25.44
N GLY B 51 -30.94 15.52 26.71
CA GLY B 51 -31.51 14.74 27.77
C GLY B 51 -30.52 14.02 28.65
N PHE B 52 -29.26 13.86 28.21
CA PHE B 52 -28.38 13.02 29.01
C PHE B 52 -27.60 13.81 30.05
N SER B 53 -28.11 14.95 30.49
CA SER B 53 -27.55 15.67 31.63
C SER B 53 -28.68 15.86 32.66
N PRO B 54 -29.17 14.76 33.23
CA PRO B 54 -30.39 14.84 34.04
C PRO B 54 -30.14 15.34 35.45
N LEU B 55 -31.02 16.23 35.90
CA LEU B 55 -31.03 16.73 37.27
C LEU B 55 -31.42 15.65 38.28
N THR B 56 -32.22 14.68 37.85
CA THR B 56 -32.73 13.58 38.66
C THR B 56 -33.32 12.56 37.71
N HIS B 57 -33.33 11.30 38.12
CA HIS B 57 -34.05 10.27 37.37
C HIS B 57 -35.46 10.04 37.90
N LYS B 58 -35.91 10.83 38.87
CA LYS B 58 -37.16 10.58 39.56
C LYS B 58 -38.29 11.55 39.17
N GLU B 59 -38.10 12.38 38.16
CA GLU B 59 -39.09 13.35 37.75
C GLU B 59 -39.13 13.42 36.23
N VAL B 60 -40.31 13.68 35.70
CA VAL B 60 -40.53 13.89 34.26
C VAL B 60 -40.51 15.38 33.96
N ASP B 61 -39.81 15.77 32.90
CA ASP B 61 -39.83 17.15 32.43
C ASP B 61 -41.27 17.54 32.07
N PRO B 62 -41.83 18.59 32.67
CA PRO B 62 -43.23 18.93 32.38
C PRO B 62 -43.49 19.15 30.91
N ALA B 63 -42.47 19.59 30.17
CA ALA B 63 -42.60 19.73 28.72
C ALA B 63 -43.00 18.41 28.06
N PHE B 64 -42.68 17.27 28.68
CA PHE B 64 -42.96 15.97 28.09
C PHE B 64 -44.23 15.32 28.63
N GLY B 65 -44.58 15.66 29.89
CA GLY B 65 -45.69 15.04 30.59
C GLY B 65 -45.38 14.70 32.04
N THR B 66 -46.01 13.64 32.54
CA THR B 66 -45.88 13.21 33.93
C THR B 66 -45.48 11.73 33.94
N TRP B 67 -45.28 11.22 35.16
CA TRP B 67 -45.03 9.80 35.31
C TRP B 67 -46.20 8.96 34.81
N ASP B 68 -47.45 9.46 34.99
CA ASP B 68 -48.58 8.72 34.43
C ASP B 68 -48.46 8.55 32.94
N ASP B 69 -47.86 9.53 32.26
CA ASP B 69 -47.66 9.40 30.82
C ASP B 69 -46.65 8.30 30.49
N ILE B 70 -45.64 8.09 31.35
CA ILE B 70 -44.69 7.01 31.13
C ILE B 70 -45.33 5.67 31.47
N GLU B 71 -46.08 5.61 32.57
CA GLU B 71 -46.81 4.40 32.92
C GLU B 71 -47.96 4.08 31.97
N ALA B 72 -48.38 5.02 31.13
CA ALA B 72 -49.36 4.66 30.12
C ALA B 72 -48.85 3.60 29.16
N PHE B 73 -47.54 3.35 29.11
CA PHE B 73 -46.97 2.36 28.20
C PHE B 73 -46.78 0.99 28.82
N THR B 74 -46.53 0.96 30.12
CA THR B 74 -46.31 -0.30 30.82
C THR B 74 -47.64 -1.06 30.90
N GLY B 75 -47.55 -2.36 31.12
CA GLY B 75 -48.77 -3.13 31.10
C GLY B 75 -49.14 -3.60 29.72
N LYS B 76 -48.84 -2.83 28.68
CA LYS B 76 -48.87 -3.36 27.33
C LYS B 76 -47.50 -3.56 26.69
N TYR B 77 -46.48 -2.77 27.05
CA TYR B 77 -45.17 -2.84 26.40
C TYR B 77 -44.07 -2.89 27.46
N ASP B 78 -42.97 -3.56 27.13
CA ASP B 78 -41.75 -3.42 27.93
C ASP B 78 -41.23 -1.99 27.81
N LEU B 79 -40.54 -1.54 28.83
CA LEU B 79 -40.09 -0.15 28.87
C LEU B 79 -38.59 -0.09 29.18
N CYS B 80 -37.82 0.44 28.23
CA CYS B 80 -36.37 0.62 28.37
C CYS B 80 -36.08 2.11 28.62
N VAL B 81 -35.37 2.40 29.71
CA VAL B 81 -35.09 3.78 30.09
C VAL B 81 -33.63 3.94 30.46
N ASP B 82 -33.09 5.12 30.14
CA ASP B 82 -31.68 5.44 30.41
C ASP B 82 -31.43 5.64 31.88
N LEU B 83 -30.30 5.09 32.33
CA LEU B 83 -29.75 5.34 33.66
C LEU B 83 -28.36 5.91 33.43
N THR B 84 -28.21 7.19 33.74
CA THR B 84 -26.98 7.96 33.50
C THR B 84 -25.97 7.70 34.63
N VAL B 85 -25.32 6.53 34.58
CA VAL B 85 -24.45 6.12 35.68
C VAL B 85 -23.21 7.00 35.82
N ASN B 86 -22.79 7.68 34.75
CA ASN B 86 -21.51 8.39 34.80
C ASN B 86 -21.56 9.74 35.47
N HIS B 87 -22.66 10.46 35.34
CA HIS B 87 -22.67 11.89 35.64
C HIS B 87 -24.09 12.32 35.94
N ILE B 88 -24.23 13.45 36.64
CA ILE B 88 -25.51 14.13 36.74
C ILE B 88 -25.29 15.61 36.47
N SER B 89 -26.40 16.33 36.33
CA SER B 89 -26.35 17.74 35.97
C SER B 89 -25.77 18.58 37.08
N ASP B 90 -25.09 19.67 36.71
CA ASP B 90 -24.64 20.63 37.72
C ASP B 90 -25.79 21.41 38.33
N GLU B 91 -27.01 21.32 37.78
CA GLU B 91 -28.20 21.89 38.40
C GLU B 91 -28.97 20.89 39.28
N SER B 92 -28.46 19.70 39.46
CA SER B 92 -29.09 18.76 40.37
C SER B 92 -29.00 19.28 41.81
N PRO B 93 -29.89 18.82 42.69
CA PRO B 93 -29.82 19.30 44.08
C PRO B 93 -28.49 18.99 44.74
N GLU B 94 -27.94 17.81 44.45
CA GLU B 94 -26.70 17.38 45.09
C GLU B 94 -25.55 18.30 44.69
N PHE B 95 -25.45 18.65 43.41
CA PHE B 95 -24.30 19.44 43.01
C PHE B 95 -24.46 20.91 43.38
N ARG B 96 -25.67 21.46 43.36
CA ARG B 96 -25.85 22.83 43.85
C ARG B 96 -25.52 22.94 45.33
N ASP B 97 -25.81 21.88 46.08
CA ASP B 97 -25.40 21.83 47.48
C ASP B 97 -23.90 21.87 47.62
N PHE B 98 -23.18 21.17 46.74
CA PHE B 98 -21.73 21.22 46.78
C PHE B 98 -21.24 22.62 46.43
N ILE B 99 -21.90 23.27 45.48
CA ILE B 99 -21.56 24.66 45.17
C ILE B 99 -21.84 25.55 46.37
N ALA B 100 -22.96 25.29 47.07
CA ALA B 100 -23.38 26.18 48.15
C ALA B 100 -22.53 25.98 49.40
N ASN B 101 -22.14 24.74 49.71
CA ASN B 101 -21.48 24.44 50.98
C ASN B 101 -20.04 23.94 50.82
N GLY B 102 -19.54 23.81 49.59
CA GLY B 102 -18.19 23.34 49.42
C GLY B 102 -18.04 21.95 49.99
N PHE B 103 -16.88 21.67 50.57
CA PHE B 103 -16.57 20.34 51.07
C PHE B 103 -17.24 20.04 52.40
N ASP B 104 -18.02 20.97 52.93
CA ASP B 104 -18.89 20.68 54.06
C ASP B 104 -20.22 20.08 53.63
N SER B 105 -20.50 20.06 52.32
CA SER B 105 -21.73 19.48 51.78
C SER B 105 -21.80 17.99 52.07
N GLU B 106 -22.99 17.50 52.41
CA GLU B 106 -23.10 16.05 52.60
C GLU B 106 -23.02 15.28 51.29
N TYR B 107 -23.06 15.95 50.14
CA TYR B 107 -22.95 15.26 48.86
C TYR B 107 -21.58 15.50 48.22
N ALA B 108 -20.62 15.98 49.03
CA ALA B 108 -19.31 16.33 48.49
C ALA B 108 -18.61 15.12 47.89
N ASP B 109 -18.69 13.97 48.57
CA ASP B 109 -18.02 12.76 48.10
C ASP B 109 -18.70 12.13 46.89
N LEU B 110 -19.81 12.70 46.43
CA LEU B 110 -20.48 12.17 45.24
C LEU B 110 -19.76 12.54 43.95
N PHE B 111 -18.86 13.51 43.98
CA PHE B 111 -18.19 14.01 42.79
C PHE B 111 -16.70 13.75 42.89
N VAL B 112 -16.01 13.83 41.76
CA VAL B 112 -14.60 13.50 41.70
C VAL B 112 -13.80 14.79 41.76
N HIS B 113 -12.95 14.91 42.77
CA HIS B 113 -12.21 16.15 43.03
C HIS B 113 -10.81 16.04 42.47
N VAL B 114 -10.55 16.81 41.39
CA VAL B 114 -9.40 16.55 40.54
C VAL B 114 -8.09 16.71 41.29
N ASP B 115 -8.05 17.63 42.25
CA ASP B 115 -6.81 17.93 42.97
C ASP B 115 -6.44 16.85 43.97
N ARG B 116 -7.35 15.93 44.28
CA ARG B 116 -7.05 14.81 45.16
C ARG B 116 -6.24 13.70 44.46
N PHE B 117 -5.82 13.93 43.21
CA PHE B 117 -4.94 13.02 42.49
C PHE B 117 -3.50 13.49 42.48
N GLY B 118 -3.22 14.71 42.97
CA GLY B 118 -1.89 15.25 42.87
C GLY B 118 -1.57 15.68 41.44
N ASP B 119 -0.27 15.73 41.14
CA ASP B 119 0.15 16.04 39.78
C ASP B 119 -0.08 14.82 38.89
N ILE B 120 -0.70 15.04 37.74
CA ILE B 120 -0.88 14.01 36.74
C ILE B 120 0.16 14.24 35.65
N SER B 121 1.00 13.25 35.40
CA SER B 121 2.08 13.41 34.44
C SER B 121 1.51 13.58 33.04
N PRO B 122 2.30 14.13 32.11
CA PRO B 122 1.85 14.18 30.70
C PRO B 122 1.48 12.82 30.15
N ASP B 123 2.29 11.79 30.44
CA ASP B 123 1.93 10.45 29.99
C ASP B 123 0.57 10.05 30.52
N ASP B 124 0.31 10.31 31.80
CA ASP B 124 -0.96 9.84 32.36
C ASP B 124 -2.12 10.70 31.89
N MET B 125 -1.88 11.97 31.56
CA MET B 125 -2.92 12.73 30.89
C MET B 125 -3.20 12.16 29.50
N ALA B 126 -2.15 11.77 28.78
CA ALA B 126 -2.30 11.30 27.41
C ALA B 126 -3.04 9.97 27.32
N LYS B 127 -2.99 9.13 28.35
CA LYS B 127 -3.71 7.84 28.32
C LYS B 127 -5.21 8.01 28.36
N ILE B 128 -5.70 9.10 28.94
CA ILE B 128 -7.10 9.16 29.36
C ILE B 128 -7.98 9.08 28.13
N HIS B 129 -8.96 8.19 28.16
CA HIS B 129 -9.83 8.00 27.01
C HIS B 129 -10.98 8.99 27.07
N ILE B 130 -10.82 10.09 26.34
CA ILE B 130 -11.79 11.18 26.23
C ILE B 130 -11.79 11.62 24.79
N ARG B 131 -12.97 11.83 24.22
CA ARG B 131 -13.05 12.22 22.82
C ARG B 131 -13.07 13.73 22.62
N LYS B 132 -12.99 14.52 23.68
CA LYS B 132 -12.98 15.96 23.50
C LYS B 132 -11.54 16.45 23.69
N GLU B 133 -11.25 17.59 23.08
CA GLU B 133 -9.86 18.06 23.02
C GLU B 133 -9.53 19.00 24.16
N LYS B 134 -10.26 18.89 25.26
CA LYS B 134 -10.00 19.61 26.49
C LYS B 134 -9.73 18.60 27.59
N GLU B 135 -8.95 19.01 28.59
CA GLU B 135 -8.83 18.19 29.78
C GLU B 135 -10.20 17.97 30.41
N PRO B 136 -10.46 16.77 30.98
CA PRO B 136 -11.80 16.46 31.53
C PRO B 136 -12.01 17.01 32.94
N PHE B 137 -11.59 18.25 33.16
CA PHE B 137 -11.61 18.86 34.47
C PHE B 137 -12.37 20.17 34.30
N ARG B 138 -13.36 20.43 35.16
CA ARG B 138 -14.07 21.69 35.10
C ARG B 138 -13.85 22.42 36.42
N GLU B 139 -13.39 23.66 36.35
CA GLU B 139 -13.18 24.47 37.55
C GLU B 139 -14.46 25.23 37.88
N VAL B 140 -14.92 25.10 39.12
CA VAL B 140 -16.15 25.75 39.55
C VAL B 140 -15.83 26.73 40.68
N THR B 141 -16.73 27.70 40.83
CA THR B 141 -16.64 28.68 41.89
C THR B 141 -17.62 28.28 42.98
N LEU B 142 -17.12 28.03 44.18
CA LEU B 142 -18.01 27.73 45.28
C LEU B 142 -18.74 29.00 45.73
N ALA B 143 -19.72 28.83 46.62
CA ALA B 143 -20.48 29.98 47.10
C ALA B 143 -19.58 30.96 47.84
N ASP B 144 -18.59 30.45 48.57
CA ASP B 144 -17.69 31.31 49.35
C ASP B 144 -16.58 31.92 48.51
N GLY B 145 -16.67 31.86 47.18
CA GLY B 145 -15.67 32.44 46.30
C GLY B 145 -14.49 31.56 45.99
N THR B 146 -14.34 30.43 46.71
CA THR B 146 -13.31 29.45 46.45
C THR B 146 -13.49 28.75 45.11
N LYS B 147 -12.38 28.43 44.45
CA LYS B 147 -12.39 27.65 43.22
C LYS B 147 -11.80 26.27 43.45
N THR B 148 -12.47 25.25 42.89
CA THR B 148 -12.09 23.85 42.99
C THR B 148 -12.47 23.14 41.70
N ARG B 149 -11.77 22.04 41.38
CA ARG B 149 -11.93 21.35 40.11
C ARG B 149 -12.58 19.99 40.29
N VAL B 150 -13.55 19.70 39.44
CA VAL B 150 -14.28 18.43 39.46
C VAL B 150 -14.09 17.75 38.11
N TRP B 151 -14.13 16.41 38.12
CA TRP B 151 -13.97 15.66 36.88
C TRP B 151 -15.20 15.85 35.99
N CYS B 152 -14.95 16.00 34.70
CA CYS B 152 -15.99 16.39 33.74
C CYS B 152 -15.64 15.80 32.38
N THR B 153 -16.23 14.63 32.08
CA THR B 153 -15.94 13.92 30.85
C THR B 153 -16.59 14.59 29.64
N PHE B 154 -17.88 14.88 29.75
CA PHE B 154 -18.68 15.42 28.65
C PHE B 154 -18.77 16.93 28.76
N THR B 155 -19.86 17.54 28.30
CA THR B 155 -20.05 18.98 28.48
C THR B 155 -19.96 19.38 29.95
N GLU B 156 -19.72 20.68 30.21
CA GLU B 156 -19.51 21.17 31.57
C GLU B 156 -20.74 21.05 32.46
N GLN B 157 -21.94 20.90 31.90
CA GLN B 157 -23.10 20.75 32.77
C GLN B 157 -23.26 19.34 33.29
N GLN B 158 -22.41 18.44 32.86
CA GLN B 158 -22.41 17.04 33.26
C GLN B 158 -21.21 16.79 34.18
N ILE B 159 -21.47 16.59 35.47
CA ILE B 159 -20.41 16.43 36.45
C ILE B 159 -20.32 14.95 36.78
N ASP B 160 -19.14 14.33 36.61
CA ASP B 160 -19.10 12.89 36.77
C ASP B 160 -19.28 12.47 38.22
N LEU B 161 -19.86 11.28 38.40
CA LEU B 161 -20.05 10.69 39.71
C LEU B 161 -18.83 9.84 40.12
N ASN B 162 -18.62 9.75 41.44
CA ASN B 162 -17.42 9.15 42.04
C ASN B 162 -17.71 7.72 42.49
N TYR B 163 -17.26 6.73 41.74
CA TYR B 163 -17.54 5.39 42.22
C TYR B 163 -16.45 4.84 43.15
N ASP B 164 -15.50 5.69 43.58
CA ASP B 164 -14.71 5.37 44.76
C ASP B 164 -15.43 5.66 46.07
N GLY B 165 -16.49 6.46 46.03
CA GLY B 165 -17.30 6.71 47.21
C GLY B 165 -18.52 5.81 47.28
N ASP B 166 -19.26 5.95 48.38
CA ASP B 166 -20.50 5.22 48.52
C ASP B 166 -21.71 6.00 48.03
N LEU B 167 -21.61 7.33 48.01
CA LEU B 167 -22.78 8.13 47.66
C LEU B 167 -23.25 7.83 46.24
N ALA B 168 -22.31 7.60 45.31
CA ALA B 168 -22.70 7.31 43.92
C ALA B 168 -23.53 6.04 43.83
N TYR B 169 -23.11 4.99 44.53
CA TYR B 169 -23.87 3.75 44.47
C TYR B 169 -25.23 3.94 45.12
N ARG B 170 -25.29 4.71 46.21
CA ARG B 170 -26.57 4.92 46.86
C ARG B 170 -27.52 5.71 45.97
N LEU B 171 -26.97 6.69 45.25
CA LEU B 171 -27.78 7.49 44.34
C LEU B 171 -28.36 6.60 43.24
N MET B 172 -27.51 5.78 42.62
CA MET B 172 -27.98 4.91 41.55
C MET B 172 -29.00 3.90 42.05
N GLU B 173 -28.80 3.33 43.23
CA GLU B 173 -29.80 2.39 43.72
C GLU B 173 -31.13 3.08 43.93
N SER B 174 -31.09 4.33 44.36
CA SER B 174 -32.32 5.09 44.54
C SER B 174 -33.04 5.30 43.20
N TYR B 175 -32.29 5.68 42.16
CA TYR B 175 -32.89 5.85 40.84
C TYR B 175 -33.53 4.56 40.34
N ILE B 176 -32.81 3.44 40.45
CA ILE B 176 -33.30 2.15 39.93
C ILE B 176 -34.61 1.75 40.60
N GLY B 177 -34.65 1.82 41.93
CA GLY B 177 -35.88 1.51 42.64
C GLY B 177 -37.02 2.37 42.16
N PHE B 178 -36.76 3.65 41.92
CA PHE B 178 -37.83 4.52 41.47
C PHE B 178 -38.27 4.15 40.05
N LEU B 179 -37.30 3.96 39.14
CA LEU B 179 -37.60 3.63 37.75
C LEU B 179 -38.35 2.31 37.62
N THR B 180 -37.91 1.29 38.33
CA THR B 180 -38.60 0.00 38.23
C THR B 180 -40.00 0.06 38.83
N SER B 181 -40.23 0.89 39.86
CA SER B 181 -41.58 0.99 40.40
C SER B 181 -42.52 1.68 39.44
N LYS B 182 -41.99 2.33 38.41
CA LYS B 182 -42.80 2.89 37.35
C LYS B 182 -42.94 1.94 36.16
N GLY B 183 -42.39 0.74 36.23
CA GLY B 183 -42.58 -0.24 35.18
C GLY B 183 -41.43 -0.35 34.21
N VAL B 184 -40.32 0.33 34.49
CA VAL B 184 -39.11 0.16 33.70
C VAL B 184 -38.54 -1.22 34.01
N ASN B 185 -38.45 -2.08 32.99
CA ASN B 185 -37.86 -3.40 33.16
C ASN B 185 -36.58 -3.59 32.32
N LEU B 186 -36.09 -2.55 31.66
CA LEU B 186 -34.78 -2.64 31.02
C LEU B 186 -34.04 -1.31 31.19
N LEU B 187 -32.88 -1.35 31.83
CA LEU B 187 -32.09 -0.16 32.17
C LEU B 187 -30.86 -0.07 31.25
N ARG B 188 -30.85 0.94 30.38
CA ARG B 188 -29.71 1.23 29.54
C ARG B 188 -28.68 2.00 30.36
N LEU B 189 -27.50 1.41 30.54
CA LEU B 189 -26.50 2.01 31.41
C LEU B 189 -25.60 2.85 30.53
N ASP B 190 -25.82 4.15 30.54
CA ASP B 190 -25.16 5.06 29.62
C ASP B 190 -23.70 5.27 30.02
N ALA B 191 -22.79 5.13 29.05
CA ALA B 191 -21.41 5.58 29.24
C ALA B 191 -20.79 4.97 30.49
N PHE B 192 -21.12 3.70 30.75
CA PHE B 192 -20.67 3.02 31.99
C PHE B 192 -19.18 2.88 32.03
N GLY B 193 -18.58 2.91 30.87
CA GLY B 193 -17.15 2.68 30.79
C GLY B 193 -16.31 3.76 31.43
N TYR B 194 -16.88 4.95 31.65
CA TYR B 194 -16.14 6.05 32.26
C TYR B 194 -16.19 6.04 33.78
N THR B 195 -16.93 5.11 34.40
CA THR B 195 -17.11 5.16 35.86
C THR B 195 -15.84 4.83 36.63
N THR B 196 -14.83 4.28 35.99
CA THR B 196 -13.60 3.91 36.66
C THR B 196 -12.52 4.93 36.32
N LYS B 197 -12.24 5.83 37.27
CA LYS B 197 -11.15 6.79 37.17
C LYS B 197 -9.98 6.24 37.97
N ARG B 198 -8.86 5.99 37.30
CA ARG B 198 -7.62 5.63 37.97
C ARG B 198 -6.47 6.22 37.20
N ILE B 199 -5.72 7.13 37.83
CA ILE B 199 -4.56 7.75 37.19
C ILE B 199 -3.54 6.68 36.90
N GLY B 200 -2.95 6.73 35.72
CA GLY B 200 -2.15 5.64 35.20
C GLY B 200 -2.90 4.73 34.26
N THR B 201 -4.22 4.86 34.16
CA THR B 201 -4.99 4.07 33.22
C THR B 201 -5.69 5.02 32.26
N SER B 202 -6.32 4.43 31.26
CA SER B 202 -7.14 5.21 30.34
C SER B 202 -8.39 5.77 31.01
N CYS B 203 -8.70 5.37 32.23
CA CYS B 203 -9.93 5.83 32.89
C CYS B 203 -11.17 5.49 32.08
N PHE B 204 -11.17 4.31 31.47
CA PHE B 204 -12.28 3.89 30.60
C PHE B 204 -12.24 2.38 30.54
N LEU B 205 -13.33 1.71 30.96
CA LEU B 205 -13.42 0.25 30.95
C LEU B 205 -12.21 -0.39 31.68
N VAL B 206 -11.87 0.12 32.85
CA VAL B 206 -10.70 -0.38 33.57
C VAL B 206 -11.06 -1.70 34.24
N GLU B 207 -10.47 -2.74 33.81
CA GLU B 207 -10.94 -3.98 34.36
C GLU B 207 -9.96 -4.54 35.40
N PRO B 208 -10.44 -5.31 36.38
CA PRO B 208 -11.79 -5.84 36.56
C PRO B 208 -12.78 -4.89 37.29
N GLU B 209 -12.34 -3.68 37.63
CA GLU B 209 -13.18 -2.74 38.38
C GLU B 209 -14.52 -2.47 37.68
N VAL B 210 -14.50 -2.33 36.34
CA VAL B 210 -15.73 -2.05 35.60
C VAL B 210 -16.75 -3.16 35.77
N TYR B 211 -16.31 -4.43 35.87
CA TYR B 211 -17.31 -5.48 35.98
C TYR B 211 -17.90 -5.57 37.38
N ARG B 212 -17.18 -5.11 38.40
CA ARG B 212 -17.76 -5.03 39.74
C ARG B 212 -18.83 -3.95 39.82
N ILE B 213 -18.55 -2.76 39.27
CA ILE B 213 -19.60 -1.76 39.19
C ILE B 213 -20.80 -2.34 38.46
N LEU B 214 -20.53 -3.10 37.41
CA LEU B 214 -21.59 -3.56 36.54
C LEU B 214 -22.38 -4.69 37.21
N ASP B 215 -21.68 -5.62 37.90
CA ASP B 215 -22.38 -6.66 38.64
C ASP B 215 -23.23 -6.10 39.76
N TRP B 216 -22.77 -5.01 40.39
CA TRP B 216 -23.55 -4.40 41.46
C TRP B 216 -24.85 -3.80 40.91
N ILE B 217 -24.75 -2.99 39.85
CA ILE B 217 -25.95 -2.43 39.24
C ILE B 217 -26.86 -3.56 38.76
N ASN B 218 -26.30 -4.58 38.10
CA ASN B 218 -27.14 -5.67 37.61
C ASN B 218 -27.89 -6.35 38.75
N GLU B 219 -27.20 -6.55 39.88
CA GLU B 219 -27.84 -7.19 41.02
C GLU B 219 -28.95 -6.30 41.58
N VAL B 220 -28.69 -4.99 41.71
CA VAL B 220 -29.73 -4.09 42.19
C VAL B 220 -30.92 -4.10 41.24
N ALA B 221 -30.66 -4.12 39.93
CA ALA B 221 -31.76 -4.16 38.98
C ALA B 221 -32.55 -5.45 39.12
N PHE B 222 -31.86 -6.55 39.35
CA PHE B 222 -32.50 -7.86 39.38
C PHE B 222 -33.53 -7.95 40.50
N LYS B 223 -33.14 -7.48 41.67
CA LYS B 223 -34.00 -7.52 42.87
C LYS B 223 -35.16 -6.53 42.72
N HIS B 224 -35.05 -5.62 41.77
CA HIS B 224 -36.13 -4.66 41.48
C HIS B 224 -36.90 -4.97 40.17
N GLY B 225 -36.74 -6.17 39.61
CA GLY B 225 -37.50 -6.60 38.46
C GLY B 225 -37.05 -6.05 37.12
N ALA B 226 -35.76 -5.79 36.95
CA ALA B 226 -35.31 -5.22 35.69
C ALA B 226 -34.01 -5.89 35.25
N GLU B 227 -33.78 -5.86 33.95
CA GLU B 227 -32.50 -6.26 33.37
C GLU B 227 -31.77 -5.01 32.86
N CYS B 228 -30.53 -5.21 32.42
CA CYS B 228 -29.63 -4.13 32.09
C CYS B 228 -29.16 -4.22 30.65
N LEU B 229 -29.00 -3.05 30.04
CA LEU B 229 -28.48 -2.88 28.69
C LEU B 229 -27.28 -1.94 28.80
N PRO B 230 -26.11 -2.44 29.20
CA PRO B 230 -24.93 -1.57 29.33
C PRO B 230 -24.47 -1.12 27.94
N GLU B 231 -24.18 0.17 27.81
CA GLU B 231 -23.82 0.75 26.53
C GLU B 231 -22.34 1.10 26.50
N VAL B 232 -21.57 0.48 25.57
CA VAL B 232 -20.18 0.84 25.27
C VAL B 232 -19.95 0.90 23.78
N HIS B 233 -19.28 1.95 23.33
CA HIS B 233 -18.77 2.03 21.96
C HIS B 233 -17.27 1.84 22.02
N ASP B 234 -16.84 0.61 21.77
CA ASP B 234 -15.44 0.22 21.79
C ASP B 234 -15.34 -1.14 21.14
N HIS B 235 -14.26 -1.87 21.38
CA HIS B 235 -14.06 -3.13 20.70
C HIS B 235 -15.18 -4.13 21.00
N THR B 236 -15.52 -4.98 20.02
CA THR B 236 -16.59 -6.01 20.16
C THR B 236 -16.40 -6.84 21.40
N SER B 237 -15.16 -7.09 21.78
CA SER B 237 -14.90 -7.98 22.91
C SER B 237 -15.65 -7.54 24.15
N TYR B 238 -15.83 -6.23 24.35
CA TYR B 238 -16.55 -5.80 25.54
C TYR B 238 -17.99 -6.25 25.53
N GLN B 239 -18.58 -6.39 24.33
CA GLN B 239 -19.94 -6.91 24.23
C GLN B 239 -20.02 -8.36 24.72
N TYR B 240 -18.96 -9.16 24.54
CA TYR B 240 -19.04 -10.51 25.08
C TYR B 240 -18.83 -10.50 26.58
N ALA B 241 -17.95 -9.62 27.07
CA ALA B 241 -17.78 -9.49 28.51
C ALA B 241 -19.11 -9.15 29.18
N ILE B 242 -19.89 -8.24 28.59
CA ILE B 242 -21.20 -7.90 29.12
C ILE B 242 -22.11 -9.12 29.11
N SER B 243 -22.17 -9.81 27.97
CA SER B 243 -23.09 -10.92 27.81
C SER B 243 -22.78 -12.03 28.80
N ARG B 244 -21.51 -12.32 28.98
CA ARG B 244 -21.02 -13.41 29.81
C ARG B 244 -21.25 -13.14 31.29
N ARG B 245 -21.71 -11.93 31.62
CA ARG B 245 -22.06 -11.53 32.97
C ARG B 245 -23.55 -11.30 33.10
N ASN B 246 -24.33 -11.94 32.23
CA ASN B 246 -25.78 -12.05 32.36
C ASN B 246 -26.47 -10.70 32.24
N MET B 247 -25.97 -9.90 31.30
CA MET B 247 -26.54 -8.61 30.95
C MET B 247 -26.73 -8.60 29.44
N HIS B 248 -27.51 -7.64 28.93
CA HIS B 248 -27.76 -7.52 27.49
C HIS B 248 -26.74 -6.59 26.83
N PRO B 249 -25.88 -7.07 25.95
CA PRO B 249 -25.03 -6.16 25.17
C PRO B 249 -25.77 -5.56 23.98
N TYR B 250 -25.12 -4.59 23.35
CA TYR B 250 -25.59 -4.05 22.08
C TYR B 250 -24.93 -4.74 20.87
N GLY B 251 -25.75 -4.98 19.83
CA GLY B 251 -25.25 -5.40 18.54
C GLY B 251 -24.79 -4.23 17.68
N PHE B 252 -23.95 -3.35 18.27
CA PHE B 252 -23.43 -2.20 17.55
C PHE B 252 -22.61 -2.59 16.32
N ALA B 253 -22.06 -3.81 16.27
CA ALA B 253 -21.31 -4.24 15.10
C ALA B 253 -22.19 -4.34 13.86
N LEU B 254 -23.48 -4.65 14.01
CA LEU B 254 -24.32 -4.96 12.87
C LEU B 254 -24.52 -3.81 11.89
N PRO B 255 -24.88 -2.58 12.30
CA PRO B 255 -25.14 -1.52 11.28
C PRO B 255 -23.98 -1.32 10.31
N PRO B 256 -22.76 -1.05 10.76
CA PRO B 256 -21.71 -0.86 9.74
C PRO B 256 -21.38 -2.15 8.99
N LEU B 257 -21.45 -3.31 9.66
CA LEU B 257 -21.27 -4.59 8.97
C LEU B 257 -22.30 -4.79 7.85
N LEU B 258 -23.60 -4.57 8.15
CA LEU B 258 -24.61 -4.70 7.10
C LEU B 258 -24.45 -3.66 6.01
N LEU B 259 -24.20 -2.41 6.37
CA LEU B 259 -24.04 -1.39 5.35
C LEU B 259 -22.98 -1.81 4.37
N TYR B 260 -21.82 -2.26 4.89
CA TYR B 260 -20.78 -2.74 3.99
C TYR B 260 -21.27 -3.95 3.18
N SER B 261 -21.95 -4.88 3.85
CA SER B 261 -22.38 -6.11 3.18
C SER B 261 -23.33 -5.81 2.01
N LEU B 262 -24.32 -4.95 2.25
CA LEU B 262 -25.26 -4.60 1.20
C LEU B 262 -24.58 -3.77 0.11
N LEU B 263 -23.80 -2.76 0.50
CA LEU B 263 -23.23 -1.84 -0.50
C LEU B 263 -22.25 -2.54 -1.44
N ASP B 264 -21.57 -3.58 -0.96
CA ASP B 264 -20.51 -4.22 -1.70
C ASP B 264 -20.88 -5.66 -2.08
N ALA B 265 -22.11 -6.07 -1.84
CA ALA B 265 -22.60 -7.42 -2.20
C ALA B 265 -21.68 -8.52 -1.66
N ASN B 266 -21.42 -8.45 -0.35
CA ASN B 266 -20.45 -9.32 0.30
C ASN B 266 -21.08 -9.86 1.57
N SER B 267 -21.15 -11.19 1.72
CA SER B 267 -21.75 -11.81 2.89
C SER B 267 -20.74 -12.50 3.79
N VAL B 268 -19.46 -12.44 3.44
CA VAL B 268 -18.45 -13.22 4.16
C VAL B 268 -18.34 -12.78 5.62
N TYR B 269 -18.18 -11.47 5.87
CA TYR B 269 -17.95 -11.02 7.23
C TYR B 269 -19.22 -11.11 8.05
N LEU B 270 -20.36 -10.78 7.41
CA LEU B 270 -21.67 -10.87 8.06
C LEU B 270 -21.96 -12.27 8.57
N LYS B 271 -21.75 -13.30 7.73
CA LYS B 271 -22.03 -14.65 8.20
C LYS B 271 -21.08 -15.06 9.31
N ASN B 272 -19.79 -14.67 9.24
CA ASN B 272 -18.87 -15.00 10.33
C ASN B 272 -19.32 -14.35 11.64
N TRP B 273 -19.81 -13.12 11.56
CA TRP B 273 -20.25 -12.45 12.78
C TRP B 273 -21.49 -13.14 13.36
N LEU B 274 -22.46 -13.47 12.49
CA LEU B 274 -23.69 -14.14 12.92
C LEU B 274 -23.40 -15.45 13.63
N ARG B 275 -22.43 -16.23 13.12
CA ARG B 275 -22.08 -17.51 13.73
C ARG B 275 -21.52 -17.33 15.14
N MET B 276 -20.87 -16.21 15.43
CA MET B 276 -20.23 -16.04 16.73
C MET B 276 -20.84 -14.89 17.54
N CYS B 277 -21.87 -14.23 17.04
CA CYS B 277 -22.29 -12.98 17.66
C CYS B 277 -22.64 -13.22 19.12
N PRO B 278 -22.46 -12.21 19.98
CA PRO B 278 -22.74 -12.39 21.42
C PRO B 278 -24.19 -12.75 21.73
N ARG B 279 -24.40 -13.42 22.90
CA ARG B 279 -25.74 -13.85 23.27
C ARG B 279 -26.53 -12.73 23.90
N ASN B 280 -27.83 -12.80 23.71
CA ASN B 280 -28.75 -11.97 24.44
C ASN B 280 -28.52 -10.50 24.09
N MET B 281 -28.29 -10.23 22.82
CA MET B 281 -28.05 -8.86 22.42
C MET B 281 -29.37 -8.10 22.30
N VAL B 282 -29.27 -6.78 22.36
CA VAL B 282 -30.27 -5.91 21.77
C VAL B 282 -29.65 -5.44 20.46
N THR B 283 -30.28 -5.75 19.34
CA THR B 283 -29.71 -5.36 18.06
C THR B 283 -30.32 -4.04 17.60
N VAL B 284 -29.55 -3.27 16.86
CA VAL B 284 -30.02 -2.01 16.29
C VAL B 284 -29.49 -1.95 14.86
N LEU B 285 -30.18 -1.16 14.02
CA LEU B 285 -29.51 -0.68 12.82
C LEU B 285 -29.13 0.78 12.99
N ASP B 286 -30.11 1.67 13.06
CA ASP B 286 -29.85 3.04 13.42
C ASP B 286 -30.12 3.19 14.90
N THR B 287 -29.42 4.14 15.52
CA THR B 287 -29.68 4.57 16.88
C THR B 287 -30.02 6.06 16.85
N HIS B 288 -30.10 6.67 18.03
CA HIS B 288 -30.21 8.11 18.10
C HIS B 288 -28.86 8.80 17.95
N ASP B 289 -27.77 8.05 17.69
CA ASP B 289 -26.42 8.60 17.68
C ASP B 289 -25.64 8.55 16.37
N GLY B 290 -26.06 7.80 15.38
CA GLY B 290 -25.02 7.82 14.36
C GLY B 290 -24.15 6.56 14.37
N ILE B 291 -23.66 6.18 13.19
CA ILE B 291 -23.16 4.82 12.97
C ILE B 291 -21.73 4.71 13.50
N CYS B 292 -21.53 3.88 14.50
CA CYS B 292 -20.30 3.92 15.28
C CYS B 292 -19.29 2.90 14.75
N ILE B 293 -18.08 3.37 14.48
CA ILE B 293 -17.00 2.61 13.83
C ILE B 293 -16.18 1.74 14.79
N PRO B 294 -15.79 2.17 15.99
CA PRO B 294 -15.01 1.25 16.85
C PRO B 294 -15.68 -0.09 17.10
N ASP B 295 -17.00 -0.14 17.03
CA ASP B 295 -17.76 -1.36 17.29
C ASP B 295 -17.59 -2.44 16.24
N VAL B 296 -17.03 -2.14 15.07
CA VAL B 296 -16.91 -3.13 14.00
C VAL B 296 -15.46 -3.50 13.68
N GLU B 297 -14.49 -2.97 14.41
CA GLU B 297 -13.11 -3.40 14.24
C GLU B 297 -12.97 -4.89 14.52
N GLY B 298 -12.21 -5.57 13.67
CA GLY B 298 -12.07 -7.01 13.80
C GLY B 298 -13.24 -7.76 13.18
N VAL B 299 -14.46 -7.27 13.39
CA VAL B 299 -15.63 -7.82 12.71
C VAL B 299 -15.51 -7.61 11.21
N LEU B 300 -14.94 -6.50 10.83
CA LEU B 300 -14.81 -6.18 9.44
C LEU B 300 -13.32 -5.87 9.28
N PRO B 301 -12.65 -6.37 8.25
CA PRO B 301 -11.22 -6.01 8.08
C PRO B 301 -11.10 -4.49 7.93
N ASP B 302 -9.95 -3.97 8.33
CA ASP B 302 -9.77 -2.52 8.32
C ASP B 302 -10.01 -1.92 6.94
N ASP B 303 -9.51 -2.56 5.89
CA ASP B 303 -9.66 -1.98 4.57
C ASP B 303 -11.12 -1.91 4.15
N LYS B 304 -11.93 -2.84 4.65
CA LYS B 304 -13.36 -2.77 4.34
C LYS B 304 -14.08 -1.71 5.18
N ILE B 305 -13.63 -1.46 6.40
CA ILE B 305 -14.17 -0.33 7.16
C ILE B 305 -13.83 0.98 6.46
N LYS B 306 -12.61 1.07 5.90
CA LYS B 306 -12.22 2.24 5.13
C LYS B 306 -13.15 2.46 3.94
N VAL B 307 -13.48 1.38 3.23
CA VAL B 307 -14.44 1.46 2.12
C VAL B 307 -15.76 2.06 2.59
N LEU B 308 -16.30 1.53 3.69
CA LEU B 308 -17.56 2.04 4.18
C LEU B 308 -17.47 3.51 4.56
N ILE B 309 -16.39 3.89 5.26
CA ILE B 309 -16.22 5.28 5.71
C ILE B 309 -16.18 6.24 4.53
N ASP B 310 -15.34 5.94 3.53
CA ASP B 310 -15.20 6.86 2.41
C ASP B 310 -16.48 6.92 1.60
N ASN B 311 -17.17 5.79 1.51
CA ASN B 311 -18.41 5.73 0.77
C ASN B 311 -19.47 6.61 1.42
N ILE B 312 -19.60 6.54 2.75
CA ILE B 312 -20.62 7.35 3.42
C ILE B 312 -20.22 8.81 3.46
N ASP B 313 -18.98 9.11 3.85
CA ASP B 313 -18.59 10.51 4.05
C ASP B 313 -18.57 11.32 2.76
N ALA B 314 -18.35 10.69 1.60
CA ALA B 314 -18.42 11.40 0.34
C ALA B 314 -19.85 11.82 -0.03
N ARG B 315 -20.86 11.35 0.73
CA ARG B 315 -22.28 11.52 0.39
C ARG B 315 -23.14 12.14 1.50
N SER B 316 -22.62 12.39 2.70
CA SER B 316 -23.47 12.91 3.78
C SER B 316 -22.62 13.83 4.66
N ALA B 317 -23.14 14.14 5.85
CA ALA B 317 -22.56 15.16 6.73
C ALA B 317 -21.22 14.70 7.30
N ASP B 318 -20.56 15.63 8.00
CA ASP B 318 -19.25 15.35 8.57
C ASP B 318 -19.37 14.23 9.61
N PRO B 319 -18.39 13.34 9.69
CA PRO B 319 -18.40 12.35 10.77
C PRO B 319 -17.99 13.04 12.07
N ILE B 320 -18.23 12.34 13.16
CA ILE B 320 -17.65 12.72 14.44
C ILE B 320 -16.30 12.02 14.54
N MET B 321 -15.26 12.79 14.80
CA MET B 321 -13.89 12.30 14.79
C MET B 321 -13.50 11.74 16.16
N ARG B 322 -12.55 10.82 16.16
CA ARG B 322 -11.89 10.49 17.40
C ARG B 322 -10.88 11.59 17.72
N ARG B 323 -10.44 11.65 18.98
CA ARG B 323 -9.65 12.80 19.40
C ARG B 323 -8.31 12.84 18.67
N SER B 324 -7.86 14.06 18.35
CA SER B 324 -6.56 14.34 17.74
C SER B 324 -6.16 13.32 16.68
N ALA B 325 -7.00 13.19 15.66
CA ALA B 325 -6.82 12.19 14.62
C ALA B 325 -6.81 12.90 13.28
N ALA B 326 -5.62 13.09 12.72
CA ALA B 326 -5.46 13.91 11.53
C ALA B 326 -5.81 13.18 10.24
N ASN B 327 -5.87 11.85 10.26
CA ASN B 327 -6.01 11.04 9.05
C ASN B 327 -7.47 10.69 8.82
N ILE B 328 -8.15 11.48 7.98
CA ILE B 328 -9.58 11.28 7.78
C ILE B 328 -9.92 9.99 7.04
N HIS B 329 -8.92 9.31 6.47
CA HIS B 329 -9.15 8.03 5.79
C HIS B 329 -8.76 6.85 6.66
N SER B 330 -8.55 7.08 7.93
CA SER B 330 -8.14 6.05 8.88
C SER B 330 -9.35 5.53 9.64
N VAL B 331 -9.35 4.23 9.90
CA VAL B 331 -10.35 3.64 10.79
C VAL B 331 -10.28 4.31 12.15
N GLY B 332 -9.07 4.32 12.72
CA GLY B 332 -8.76 4.91 14.00
C GLY B 332 -9.13 6.37 14.17
N ALA B 333 -9.58 7.05 13.11
CA ALA B 333 -9.91 8.47 13.21
C ALA B 333 -11.39 8.77 13.31
N ILE B 334 -12.27 7.87 12.87
CA ILE B 334 -13.70 8.13 12.85
C ILE B 334 -14.34 7.48 14.05
N TYR B 335 -15.13 8.25 14.79
CA TYR B 335 -15.94 7.67 15.86
C TYR B 335 -17.31 7.26 15.36
N GLN B 336 -18.01 8.18 14.70
CA GLN B 336 -19.34 7.90 14.16
C GLN B 336 -19.54 8.63 12.83
N LEU B 337 -20.11 7.89 11.89
CA LEU B 337 -20.67 8.48 10.68
C LEU B 337 -22.02 9.07 11.05
N THR B 338 -22.35 10.21 10.49
CA THR B 338 -23.64 10.83 10.73
C THR B 338 -24.47 10.77 9.45
N CYS B 339 -25.48 9.89 9.44
CA CYS B 339 -26.26 9.59 8.25
C CYS B 339 -27.47 8.75 8.65
N THR B 340 -28.67 9.08 8.15
CA THR B 340 -29.78 8.18 8.47
C THR B 340 -29.53 6.84 7.82
N PHE B 341 -30.11 5.79 8.39
CA PHE B 341 -29.79 4.46 7.84
C PHE B 341 -30.38 4.30 6.44
N TYR B 342 -31.56 4.89 6.22
CA TYR B 342 -32.17 4.84 4.89
C TYR B 342 -31.32 5.58 3.88
N ASP B 343 -30.78 6.76 4.23
CA ASP B 343 -29.84 7.43 3.33
C ASP B 343 -28.51 6.70 3.18
N ALA B 344 -28.02 6.01 4.23
CA ALA B 344 -26.79 5.24 4.04
C ALA B 344 -26.99 4.16 2.97
N LEU B 345 -28.20 3.62 2.84
CA LEU B 345 -28.55 2.68 1.78
C LEU B 345 -29.09 3.37 0.55
N MET B 346 -28.88 4.68 0.42
CA MET B 346 -29.21 5.43 -0.79
C MET B 346 -30.69 5.38 -1.11
N GLN B 347 -31.50 5.38 -0.06
CA GLN B 347 -32.96 5.40 -0.17
C GLN B 347 -33.45 4.25 -1.05
N ASN B 348 -32.73 3.15 -1.00
CA ASN B 348 -33.07 1.96 -1.77
C ASN B 348 -34.00 1.11 -0.93
N ASP B 349 -35.28 1.10 -1.33
CA ASP B 349 -36.30 0.47 -0.49
C ASP B 349 -36.00 -0.99 -0.27
N ASP B 350 -35.66 -1.72 -1.34
CA ASP B 350 -35.34 -3.15 -1.21
C ASP B 350 -34.13 -3.36 -0.31
N ALA B 351 -33.06 -2.60 -0.51
CA ALA B 351 -31.91 -2.78 0.37
C ALA B 351 -32.28 -2.53 1.81
N TYR B 352 -33.09 -1.50 2.07
CA TYR B 352 -33.43 -1.16 3.45
C TYR B 352 -34.27 -2.25 4.12
N ILE B 353 -35.29 -2.77 3.42
CA ILE B 353 -36.10 -3.84 3.99
C ILE B 353 -35.28 -5.11 4.20
N ALA B 354 -34.40 -5.43 3.26
CA ALA B 354 -33.51 -6.57 3.45
C ALA B 354 -32.59 -6.37 4.67
N ALA B 355 -32.13 -5.14 4.89
CA ALA B 355 -31.32 -4.89 6.08
C ALA B 355 -32.14 -5.16 7.34
N ARG B 356 -33.39 -4.68 7.37
CA ARG B 356 -34.23 -4.90 8.54
C ARG B 356 -34.54 -6.37 8.75
N ALA B 357 -34.78 -7.11 7.67
CA ALA B 357 -35.04 -8.54 7.82
C ALA B 357 -33.83 -9.24 8.45
N ILE B 358 -32.63 -8.91 7.96
CA ILE B 358 -31.41 -9.53 8.49
C ILE B 358 -31.22 -9.15 9.96
N GLN B 359 -31.50 -7.88 10.31
CA GLN B 359 -31.52 -7.48 11.71
C GLN B 359 -32.48 -8.37 12.50
N PHE B 360 -33.70 -8.55 11.98
CA PHE B 360 -34.72 -9.24 12.76
C PHE B 360 -34.44 -10.73 12.88
N PHE B 361 -33.77 -11.33 11.88
CA PHE B 361 -33.40 -12.73 12.06
C PHE B 361 -32.09 -12.90 12.82
N THR B 362 -31.41 -11.80 13.18
CA THR B 362 -30.21 -11.90 14.04
C THR B 362 -30.61 -12.20 15.48
N PRO B 363 -29.94 -13.14 16.15
CA PRO B 363 -30.26 -13.41 17.56
C PRO B 363 -30.25 -12.16 18.43
N GLY B 364 -31.27 -12.03 19.27
CA GLY B 364 -31.43 -10.88 20.15
C GLY B 364 -32.72 -10.15 19.88
N ILE B 365 -33.02 -9.22 20.77
CA ILE B 365 -34.18 -8.34 20.65
C ILE B 365 -33.87 -7.18 19.69
N PRO B 366 -34.65 -7.03 18.63
CA PRO B 366 -34.38 -5.95 17.66
C PRO B 366 -35.02 -4.63 18.04
N GLN B 367 -34.23 -3.56 18.01
CA GLN B 367 -34.72 -2.19 18.18
C GLN B 367 -34.78 -1.49 16.83
N VAL B 368 -35.88 -0.79 16.62
CA VAL B 368 -36.09 0.03 15.44
C VAL B 368 -36.13 1.48 15.89
N TYR B 369 -35.22 2.29 15.37
CA TYR B 369 -35.20 3.70 15.70
C TYR B 369 -36.29 4.41 14.91
N TYR B 370 -36.98 5.36 15.56
CA TYR B 370 -38.22 5.91 15.00
C TYR B 370 -38.00 6.56 13.64
N VAL B 371 -36.82 7.18 13.42
CA VAL B 371 -36.52 7.77 12.11
C VAL B 371 -36.42 6.69 11.03
N GLY B 372 -35.69 5.61 11.32
CA GLY B 372 -35.66 4.49 10.40
C GLY B 372 -37.02 3.84 10.20
N LEU B 373 -37.85 3.83 11.24
CA LEU B 373 -39.21 3.31 11.09
C LEU B 373 -39.94 4.00 9.95
N LEU B 374 -39.74 5.31 9.81
CA LEU B 374 -40.46 6.13 8.85
C LEU B 374 -39.63 6.42 7.60
N ALA B 375 -38.55 5.65 7.41
CA ALA B 375 -37.63 5.78 6.28
C ALA B 375 -37.20 7.23 6.09
N GLY B 376 -36.75 7.84 7.18
CA GLY B 376 -36.37 9.25 7.15
C GLY B 376 -35.00 9.48 6.54
N CYS B 377 -34.87 10.66 5.93
CA CYS B 377 -33.66 11.09 5.25
C CYS B 377 -32.91 12.10 6.12
N ASN B 378 -31.66 12.36 5.73
CA ASN B 378 -30.82 13.27 6.51
C ASN B 378 -31.50 14.62 6.71
N ASP B 379 -31.59 15.04 7.95
CA ASP B 379 -32.33 16.27 8.26
C ASP B 379 -31.34 17.42 8.26
N GLN B 380 -30.99 17.85 7.04
CA GLN B 380 -30.05 18.96 6.86
C GLN B 380 -30.60 20.23 7.48
N GLU B 381 -31.89 20.49 7.31
CA GLU B 381 -32.47 21.74 7.78
C GLU B 381 -32.43 21.81 9.31
N LEU B 382 -32.76 20.72 9.99
CA LEU B 382 -32.74 20.74 11.44
C LEU B 382 -31.32 20.94 11.95
N MET B 383 -30.36 20.23 11.38
CA MET B 383 -28.97 20.34 11.79
C MET B 383 -28.48 21.78 11.63
N GLU B 384 -28.86 22.45 10.54
CA GLU B 384 -28.52 23.86 10.37
C GLU B 384 -29.27 24.75 11.34
N LYS B 385 -30.50 24.36 11.73
CA LYS B 385 -31.27 25.15 12.68
C LYS B 385 -30.66 25.10 14.08
N THR B 386 -30.25 23.91 14.53
CA THR B 386 -29.83 23.70 15.92
C THR B 386 -28.33 23.69 16.12
N GLY B 387 -27.55 23.51 15.07
CA GLY B 387 -26.12 23.39 15.18
C GLY B 387 -25.64 22.04 15.65
N GLU B 388 -26.54 21.13 16.00
CA GLU B 388 -26.15 19.81 16.48
C GLU B 388 -26.05 18.86 15.29
N LEU B 389 -24.83 18.38 15.03
CA LEU B 389 -24.59 17.47 13.93
C LEU B 389 -25.51 16.25 13.98
N ARG B 390 -25.68 15.67 15.17
CA ARG B 390 -26.45 14.44 15.31
C ARG B 390 -27.94 14.65 15.01
N ASP B 391 -28.41 15.90 15.00
CA ASP B 391 -29.78 16.18 14.58
C ASP B 391 -30.02 15.87 13.11
N ILE B 392 -28.97 15.64 12.32
CA ILE B 392 -29.19 15.20 10.95
C ILE B 392 -29.93 13.87 10.94
N ASN B 393 -29.93 13.16 12.08
CA ASN B 393 -30.56 11.86 12.31
C ASN B 393 -31.62 11.92 13.43
N ARG B 394 -32.20 13.08 13.72
CA ARG B 394 -33.15 13.22 14.84
C ARG B 394 -34.37 14.04 14.40
N ASN B 395 -34.90 13.70 13.23
CA ASN B 395 -36.04 14.35 12.61
C ASN B 395 -37.18 14.55 13.60
N TYR B 396 -37.87 15.71 13.52
CA TYR B 396 -39.16 15.82 14.21
C TYR B 396 -40.26 15.42 13.24
N TYR B 397 -41.29 14.76 13.75
CA TYR B 397 -42.51 14.57 12.97
C TYR B 397 -43.71 15.05 13.77
N THR B 398 -44.61 15.78 13.11
CA THR B 398 -45.96 15.95 13.61
C THR B 398 -46.72 14.65 13.48
N LEU B 399 -47.86 14.56 14.16
CA LEU B 399 -48.67 13.35 14.07
C LEU B 399 -49.14 13.14 12.63
N ASN B 400 -49.47 14.23 11.93
CA ASN B 400 -49.89 14.09 10.54
C ASN B 400 -48.74 13.57 9.69
N GLU B 401 -47.52 14.09 9.92
CA GLU B 401 -46.37 13.62 9.17
C GLU B 401 -46.10 12.14 9.43
N MET B 402 -46.36 11.66 10.65
CA MET B 402 -46.24 10.22 10.90
C MET B 402 -47.33 9.44 10.17
N ASP B 403 -48.57 9.94 10.19
CA ASP B 403 -49.63 9.28 9.42
C ASP B 403 -49.22 9.14 7.95
N GLU B 404 -48.67 10.22 7.37
CA GLU B 404 -48.24 10.21 5.97
C GLU B 404 -47.09 9.24 5.75
N ALA B 405 -46.06 9.31 6.60
CA ALA B 405 -44.92 8.42 6.46
C ALA B 405 -45.35 6.96 6.60
N MET B 406 -46.31 6.69 7.48
CA MET B 406 -46.81 5.32 7.65
C MET B 406 -47.44 4.77 6.36
N GLU B 407 -47.84 5.63 5.43
CA GLU B 407 -48.47 5.20 4.18
C GLU B 407 -47.47 4.88 3.07
N LYS B 408 -46.20 5.22 3.24
CA LYS B 408 -45.17 4.91 2.26
C LYS B 408 -45.09 3.40 2.02
N PRO B 409 -44.97 2.96 0.76
CA PRO B 409 -44.76 1.52 0.53
C PRO B 409 -43.65 0.91 1.34
N VAL B 410 -42.48 1.59 1.45
CA VAL B 410 -41.36 1.02 2.21
C VAL B 410 -41.69 0.88 3.70
N VAL B 411 -42.50 1.78 4.27
CA VAL B 411 -42.85 1.66 5.68
C VAL B 411 -43.88 0.57 5.89
N GLN B 412 -44.83 0.41 4.98
CA GLN B 412 -45.79 -0.69 5.08
C GLN B 412 -45.10 -2.05 4.99
N ARG B 413 -44.08 -2.17 4.14
CA ARG B 413 -43.29 -3.40 4.12
C ARG B 413 -42.59 -3.61 5.46
N LEU B 414 -42.06 -2.55 6.05
CA LEU B 414 -41.42 -2.67 7.35
C LEU B 414 -42.41 -3.05 8.45
N LEU B 415 -43.64 -2.47 8.46
CA LEU B 415 -44.64 -2.88 9.44
C LEU B 415 -44.94 -4.36 9.36
N THR B 416 -45.15 -4.87 8.15
CA THR B 416 -45.42 -6.29 7.99
C THR B 416 -44.30 -7.14 8.60
N LEU B 417 -43.03 -6.81 8.30
CA LEU B 417 -41.91 -7.50 8.95
C LEU B 417 -42.00 -7.42 10.46
N MET B 418 -42.20 -6.20 10.98
CA MET B 418 -42.20 -5.99 12.42
C MET B 418 -43.26 -6.85 13.07
N LYS B 419 -44.46 -6.87 12.48
CA LYS B 419 -45.51 -7.74 13.00
C LYS B 419 -45.07 -9.20 12.97
N PHE B 420 -44.44 -9.63 11.89
CA PHE B 420 -44.02 -11.01 11.80
C PHE B 420 -43.00 -11.33 12.88
N ARG B 421 -41.98 -10.49 13.03
CA ARG B 421 -40.94 -10.72 14.03
C ARG B 421 -41.50 -10.69 15.46
N THR B 422 -42.46 -9.79 15.72
CA THR B 422 -43.00 -9.67 17.06
C THR B 422 -43.90 -10.85 17.42
N ASN B 423 -44.56 -11.44 16.42
CA ASN B 423 -45.63 -12.41 16.64
C ASN B 423 -45.29 -13.83 16.25
N TYR B 424 -44.54 -14.07 15.18
CA TYR B 424 -44.37 -15.45 14.74
C TYR B 424 -43.52 -16.23 15.74
N PRO B 425 -43.98 -17.39 16.23
CA PRO B 425 -43.31 -18.03 17.39
C PRO B 425 -41.97 -18.68 17.09
N ALA B 426 -41.54 -18.88 15.85
CA ALA B 426 -40.26 -19.55 15.61
C ALA B 426 -39.09 -18.78 16.21
N PHE B 427 -39.21 -17.46 16.32
CA PHE B 427 -38.14 -16.67 16.88
C PHE B 427 -37.89 -16.99 18.36
N ASP B 428 -38.82 -17.61 19.04
CA ASP B 428 -38.62 -17.94 20.45
C ASP B 428 -37.82 -19.22 20.64
N GLY B 429 -37.43 -19.88 19.55
CA GLY B 429 -36.66 -21.11 19.59
C GLY B 429 -35.17 -20.91 19.41
N HIS B 430 -34.58 -21.57 18.42
CA HIS B 430 -33.14 -21.53 18.20
C HIS B 430 -32.81 -21.02 16.80
N PHE B 431 -31.68 -20.31 16.72
CA PHE B 431 -31.20 -19.75 15.46
C PHE B 431 -30.46 -20.82 14.65
N GLU B 432 -30.68 -20.82 13.34
CA GLU B 432 -29.91 -21.74 12.51
C GLU B 432 -29.56 -21.05 11.20
N LEU B 433 -28.26 -20.78 11.04
CA LEU B 433 -27.71 -20.17 9.83
C LEU B 433 -27.62 -21.23 8.74
N ASN B 434 -27.87 -20.85 7.50
CA ASN B 434 -27.74 -21.81 6.42
C ASN B 434 -26.55 -21.44 5.54
N TYR B 435 -26.12 -22.41 4.76
CA TYR B 435 -25.05 -22.15 3.80
C TYR B 435 -25.56 -21.29 2.70
N SER B 436 -24.77 -20.30 2.33
CA SER B 436 -25.06 -19.50 1.14
C SER B 436 -23.74 -19.13 0.46
N ASN B 437 -23.82 -18.58 -0.75
CA ASN B 437 -22.61 -18.10 -1.40
C ASN B 437 -22.13 -16.80 -0.74
N ASP B 438 -21.05 -16.22 -1.27
CA ASP B 438 -20.45 -15.05 -0.62
C ASP B 438 -21.15 -13.74 -1.00
N SER B 439 -22.31 -13.80 -1.66
CA SER B 439 -23.05 -12.57 -1.96
C SER B 439 -24.50 -12.68 -1.50
N SER B 440 -24.83 -13.63 -0.63
CA SER B 440 -26.18 -13.76 -0.13
C SER B 440 -26.14 -14.35 1.28
N VAL B 441 -27.26 -14.24 2.00
CA VAL B 441 -27.37 -14.69 3.39
C VAL B 441 -28.64 -15.52 3.50
N ALA B 442 -28.58 -16.58 4.29
CA ALA B 442 -29.73 -17.46 4.51
C ALA B 442 -29.85 -17.68 6.01
N MET B 443 -30.99 -17.28 6.59
CA MET B 443 -31.13 -17.27 8.04
C MET B 443 -32.46 -17.91 8.41
N ALA B 444 -32.45 -18.71 9.48
CA ALA B 444 -33.64 -19.45 9.87
C ALA B 444 -33.83 -19.49 11.39
N TRP B 445 -35.08 -19.58 11.78
CA TRP B 445 -35.44 -19.79 13.16
C TRP B 445 -36.38 -20.98 13.22
N ARG B 446 -36.17 -21.81 14.24
CA ARG B 446 -36.96 -23.01 14.44
C ARG B 446 -37.41 -23.08 15.89
N HIS B 447 -38.68 -23.43 16.08
CA HIS B 447 -39.18 -23.72 17.42
C HIS B 447 -40.30 -24.76 17.26
N GLY B 448 -39.96 -26.04 17.47
CA GLY B 448 -40.97 -27.08 17.33
C GLY B 448 -41.42 -27.16 15.90
N GLU B 449 -42.73 -27.06 15.69
CA GLU B 449 -43.23 -27.06 14.32
C GLU B 449 -43.10 -25.70 13.65
N HIS B 450 -42.96 -24.64 14.44
CA HIS B 450 -42.83 -23.30 13.87
C HIS B 450 -41.45 -23.14 13.25
N TYR B 451 -41.39 -22.58 12.05
CA TYR B 451 -40.15 -22.47 11.32
C TYR B 451 -40.27 -21.33 10.33
N CYS B 452 -39.26 -20.47 10.27
CA CYS B 452 -39.22 -19.43 9.24
C CYS B 452 -37.79 -19.23 8.76
N HIS B 453 -37.69 -18.81 7.50
CA HIS B 453 -36.45 -18.81 6.73
C HIS B 453 -36.39 -17.52 5.94
N LEU B 454 -35.26 -16.82 6.04
CA LEU B 454 -34.96 -15.60 5.30
C LEU B 454 -33.86 -15.85 4.29
N PHE B 455 -34.08 -15.44 3.05
CA PHE B 455 -33.04 -15.40 2.05
C PHE B 455 -32.91 -14.00 1.50
N VAL B 456 -31.69 -13.46 1.52
CA VAL B 456 -31.37 -12.15 0.99
C VAL B 456 -30.28 -12.31 -0.04
N ASP B 457 -30.52 -11.78 -1.24
CA ASP B 457 -29.48 -11.64 -2.27
C ASP B 457 -28.96 -10.22 -2.23
N LEU B 458 -27.70 -10.06 -1.83
CA LEU B 458 -27.09 -8.74 -1.67
C LEU B 458 -26.80 -8.07 -3.00
N ASN B 459 -26.76 -8.83 -4.09
CA ASN B 459 -26.52 -8.25 -5.41
C ASN B 459 -27.72 -7.42 -5.84
N PHE B 460 -28.92 -7.99 -5.68
CA PHE B 460 -30.16 -7.40 -6.19
C PHE B 460 -31.13 -6.99 -5.09
N ASN B 461 -30.71 -7.12 -3.83
CA ASN B 461 -31.45 -6.57 -2.69
C ASN B 461 -32.82 -7.23 -2.52
N THR B 462 -32.96 -8.49 -2.87
CA THR B 462 -34.23 -9.17 -2.71
C THR B 462 -34.31 -9.83 -1.34
N SER B 463 -35.55 -9.87 -0.80
CA SER B 463 -35.86 -10.42 0.52
C SER B 463 -36.99 -11.40 0.39
N LYS B 464 -36.79 -12.62 0.86
CA LYS B 464 -37.82 -13.64 0.82
C LYS B 464 -37.88 -14.32 2.17
N ILE B 465 -39.07 -14.34 2.77
CA ILE B 465 -39.30 -15.05 4.02
C ILE B 465 -40.36 -16.11 3.77
N GLN B 466 -40.03 -17.35 4.11
CA GLN B 466 -40.97 -18.45 4.12
C GLN B 466 -41.20 -18.88 5.57
N TYR B 467 -42.43 -19.28 5.88
CA TYR B 467 -42.77 -19.64 7.25
C TYR B 467 -43.85 -20.71 7.19
N VAL B 468 -43.98 -21.44 8.29
CA VAL B 468 -44.95 -22.52 8.40
C VAL B 468 -46.18 -22.01 9.12
N ASP B 469 -47.34 -22.02 8.46
CA ASP B 469 -48.60 -21.79 9.15
C ASP B 469 -49.00 -23.09 9.82
N VAL B 470 -48.87 -23.16 11.15
CA VAL B 470 -48.88 -24.45 11.85
C VAL B 470 -50.18 -25.23 11.72
N LYS B 471 -51.34 -24.59 11.57
CA LYS B 471 -52.57 -25.38 11.51
C LYS B 471 -52.52 -26.40 10.38
N SER B 472 -51.94 -26.02 9.24
CA SER B 472 -51.64 -26.96 8.17
C SER B 472 -50.13 -27.04 8.03
N GLY B 473 -49.65 -27.93 7.19
CA GLY B 473 -48.21 -27.90 7.14
C GLY B 473 -47.68 -26.92 6.12
N GLU B 474 -48.54 -26.10 5.53
CA GLU B 474 -48.12 -25.37 4.35
C GLU B 474 -47.11 -24.27 4.66
N THR B 475 -46.10 -24.20 3.81
CA THR B 475 -45.17 -23.09 3.81
C THR B 475 -45.79 -21.91 3.08
N ARG B 476 -45.65 -20.72 3.65
CA ARG B 476 -46.20 -19.51 3.08
C ARG B 476 -45.11 -18.47 2.93
N ASP B 477 -45.41 -17.46 2.10
CA ASP B 477 -44.47 -16.35 1.84
C ASP B 477 -44.96 -15.14 2.63
N LEU B 478 -44.06 -14.36 3.21
CA LEU B 478 -44.48 -13.24 4.11
C LEU B 478 -45.12 -12.08 3.35
N GLU B 479 -44.74 -11.79 2.11
CA GLU B 479 -45.33 -10.61 1.43
C GLU B 479 -44.92 -9.30 2.14
N PHE B 480 -43.65 -8.92 2.01
CA PHE B 480 -43.12 -7.70 2.66
C PHE B 480 -42.18 -7.03 1.67
N LEU C 2 -17.20 -34.88 32.84
CA LEU C 2 -16.31 -33.85 33.36
C LEU C 2 -14.84 -34.27 33.42
N LEU C 3 -14.01 -33.45 32.82
CA LEU C 3 -12.58 -33.66 32.73
C LEU C 3 -11.90 -32.94 33.88
N LYS C 4 -10.69 -33.35 34.19
CA LYS C 4 -9.88 -32.61 35.15
C LYS C 4 -9.50 -31.26 34.54
N ASN C 5 -9.61 -30.18 35.33
CA ASN C 5 -9.13 -28.88 34.87
C ASN C 5 -7.62 -28.82 35.10
N ALA C 6 -6.90 -29.62 34.32
CA ALA C 6 -5.47 -29.74 34.53
C ALA C 6 -4.77 -29.76 33.19
N VAL C 7 -3.44 -29.59 33.22
CA VAL C 7 -2.65 -29.67 32.01
C VAL C 7 -2.72 -31.08 31.43
N GLN C 8 -2.81 -31.16 30.10
CA GLN C 8 -2.76 -32.40 29.35
C GLN C 8 -1.51 -32.40 28.47
N LEU C 9 -1.00 -33.59 28.20
CA LEU C 9 0.10 -33.82 27.28
C LEU C 9 -0.41 -34.33 25.93
N ILE C 10 0.12 -33.78 24.84
CA ILE C 10 -0.09 -34.33 23.50
C ILE C 10 1.15 -35.13 23.12
N CYS C 11 0.97 -36.40 22.77
CA CYS C 11 2.13 -37.22 22.46
C CYS C 11 1.73 -38.30 21.45
N TYR C 12 2.74 -38.78 20.72
CA TYR C 12 2.56 -39.95 19.89
C TYR C 12 2.68 -41.19 20.76
N PRO C 13 2.26 -42.36 20.24
CA PRO C 13 2.48 -43.60 21.00
C PRO C 13 3.92 -44.07 21.03
N ASP C 14 4.78 -43.62 20.10
CA ASP C 14 6.11 -44.18 19.96
C ASP C 14 7.23 -43.17 19.73
N ARG C 15 7.06 -41.89 20.08
CA ARG C 15 8.14 -40.92 19.89
C ARG C 15 8.86 -40.56 21.19
N ILE C 16 8.50 -41.19 22.31
CA ILE C 16 9.17 -41.04 23.60
C ILE C 16 9.51 -42.46 24.00
N GLY C 17 10.76 -42.86 23.78
CA GLY C 17 10.97 -44.29 23.84
C GLY C 17 10.32 -44.93 22.62
N ASN C 18 10.01 -46.22 22.75
CA ASN C 18 9.63 -46.99 21.57
C ASN C 18 8.16 -47.35 21.50
N ASN C 19 7.37 -47.12 22.55
CA ASN C 19 6.01 -47.67 22.60
C ASN C 19 5.26 -47.09 23.80
N LEU C 20 4.01 -47.54 23.96
CA LEU C 20 3.14 -47.08 25.04
C LEU C 20 3.68 -47.46 26.41
N THR C 21 4.42 -48.57 26.51
CA THR C 21 5.02 -48.91 27.80
C THR C 21 6.08 -47.89 28.18
N ASP C 22 6.95 -47.51 27.24
CA ASP C 22 7.92 -46.47 27.54
C ASP C 22 7.24 -45.12 27.77
N LEU C 23 6.14 -44.83 27.07
CA LEU C 23 5.44 -43.58 27.33
C LEU C 23 4.97 -43.50 28.77
N HIS C 24 4.37 -44.59 29.28
CA HIS C 24 3.91 -44.57 30.66
C HIS C 24 5.08 -44.39 31.62
N THR C 25 6.21 -45.03 31.33
CA THR C 25 7.41 -44.89 32.16
C THR C 25 7.84 -43.43 32.26
N ALA C 26 7.94 -42.75 31.12
CA ALA C 26 8.37 -41.35 31.14
C ALA C 26 7.35 -40.49 31.86
N VAL C 27 6.06 -40.77 31.69
CA VAL C 27 5.02 -39.95 32.32
C VAL C 27 5.06 -40.09 33.84
N GLU C 28 5.12 -41.34 34.35
CA GLU C 28 5.14 -41.49 35.80
C GLU C 28 6.44 -40.97 36.40
N LYS C 29 7.54 -41.06 35.67
CA LYS C 29 8.81 -40.57 36.20
C LYS C 29 8.87 -39.05 36.23
N HIS C 30 8.28 -38.37 35.23
CA HIS C 30 8.50 -36.94 35.10
C HIS C 30 7.25 -36.07 35.26
N LEU C 31 6.06 -36.58 34.95
CA LEU C 31 4.93 -35.70 34.75
C LEU C 31 3.75 -35.97 35.68
N SER C 32 3.88 -36.92 36.62
CA SER C 32 2.74 -37.38 37.41
C SER C 32 2.16 -36.30 38.33
N ASP C 33 2.90 -35.24 38.62
CA ASP C 33 2.34 -34.11 39.38
C ASP C 33 2.06 -32.91 38.50
N ALA C 34 2.33 -33.01 37.21
CA ALA C 34 2.29 -31.88 36.32
C ALA C 34 1.14 -31.95 35.32
N ILE C 35 0.58 -33.13 35.07
CA ILE C 35 -0.52 -33.29 34.14
C ILE C 35 -1.62 -34.08 34.81
N GLY C 36 -2.83 -33.94 34.28
CA GLY C 36 -3.94 -34.73 34.76
C GLY C 36 -4.62 -35.45 33.63
N GLY C 37 -4.05 -35.36 32.43
CA GLY C 37 -4.66 -35.93 31.23
C GLY C 37 -3.68 -36.07 30.09
N LEU C 38 -4.11 -36.83 29.09
CA LEU C 38 -3.21 -37.18 28.01
C LEU C 38 -4.00 -37.32 26.70
N HIS C 39 -3.54 -36.66 25.65
CA HIS C 39 -4.03 -36.94 24.29
C HIS C 39 -2.96 -37.74 23.57
N ILE C 40 -3.18 -39.06 23.47
CA ILE C 40 -2.29 -39.96 22.77
C ILE C 40 -2.75 -40.00 21.31
N LEU C 41 -1.90 -39.52 20.41
CA LEU C 41 -2.21 -39.43 18.99
C LEU C 41 -2.45 -40.85 18.42
N PRO C 42 -3.09 -40.94 17.23
CA PRO C 42 -3.60 -42.23 16.75
C PRO C 42 -2.60 -43.37 16.84
N PHE C 43 -3.06 -44.48 17.44
CA PHE C 43 -2.18 -45.66 17.73
C PHE C 43 -2.80 -46.93 17.16
N PHE C 44 -3.82 -46.79 16.33
CA PHE C 44 -4.51 -47.91 15.69
C PHE C 44 -3.68 -48.45 14.55
N PRO C 45 -4.05 -49.61 14.01
CA PRO C 45 -3.52 -49.99 12.69
C PRO C 45 -3.88 -48.92 11.68
N SER C 46 -2.87 -48.42 10.96
CA SER C 46 -3.07 -47.31 10.04
C SER C 46 -2.07 -47.42 8.89
N ASN C 47 -2.48 -46.97 7.70
CA ASN C 47 -1.63 -47.05 6.49
C ASN C 47 -1.41 -45.71 5.81
N ALA C 48 -1.66 -44.60 6.49
CA ALA C 48 -1.30 -43.31 5.92
C ALA C 48 -1.30 -42.26 7.00
N ASP C 49 -0.55 -41.19 6.75
CA ASP C 49 -0.71 -39.91 7.42
C ASP C 49 -0.58 -40.00 8.93
N GLY C 50 0.46 -40.70 9.38
CA GLY C 50 0.82 -40.69 10.79
C GLY C 50 -0.25 -41.13 11.76
N GLY C 51 -0.98 -42.19 11.41
CA GLY C 51 -2.03 -42.75 12.25
C GLY C 51 -3.44 -42.39 11.83
N PHE C 52 -3.62 -41.36 11.01
CA PHE C 52 -4.94 -40.85 10.70
C PHE C 52 -5.61 -41.55 9.53
N SER C 53 -5.18 -42.77 9.22
CA SER C 53 -5.87 -43.65 8.27
C SER C 53 -6.11 -45.00 8.94
N PRO C 54 -6.93 -45.04 9.98
CA PRO C 54 -6.99 -46.27 10.79
C PRO C 54 -7.84 -47.34 10.12
N LEU C 55 -7.32 -48.58 10.11
CA LEU C 55 -8.09 -49.72 9.63
C LEU C 55 -9.28 -49.99 10.53
N THR C 56 -9.16 -49.63 11.79
CA THR C 56 -10.21 -49.78 12.79
C THR C 56 -9.78 -48.98 14.00
N HIS C 57 -10.76 -48.51 14.76
CA HIS C 57 -10.50 -47.87 16.05
C HIS C 57 -10.53 -48.86 17.22
N LYS C 58 -10.70 -50.16 16.96
CA LYS C 58 -10.92 -51.14 18.01
C LYS C 58 -9.68 -51.97 18.32
N GLU C 59 -8.53 -51.61 17.76
CA GLU C 59 -7.29 -52.34 17.93
C GLU C 59 -6.15 -51.36 18.12
N VAL C 60 -5.17 -51.77 18.87
CA VAL C 60 -3.92 -51.03 19.00
C VAL C 60 -2.96 -51.63 17.99
N ASP C 61 -2.22 -50.80 17.27
CA ASP C 61 -1.16 -51.35 16.43
C ASP C 61 -0.19 -52.11 17.33
N PRO C 62 0.06 -53.39 17.08
CA PRO C 62 0.95 -54.17 17.98
C PRO C 62 2.32 -53.57 18.20
N ALA C 63 2.86 -52.85 17.21
CA ALA C 63 4.12 -52.13 17.39
C ALA C 63 4.08 -51.15 18.55
N PHE C 64 2.91 -50.67 18.95
CA PHE C 64 2.78 -49.69 20.03
C PHE C 64 2.48 -50.35 21.37
N GLY C 65 1.86 -51.54 21.34
CA GLY C 65 1.43 -52.24 22.55
C GLY C 65 0.05 -52.86 22.41
N THR C 66 -0.69 -52.91 23.52
CA THR C 66 -2.02 -53.50 23.61
C THR C 66 -2.98 -52.50 24.24
N TRP C 67 -4.26 -52.88 24.33
CA TRP C 67 -5.21 -52.04 25.04
C TRP C 67 -4.87 -51.89 26.52
N ASP C 68 -4.27 -52.91 27.13
CA ASP C 68 -3.82 -52.78 28.51
C ASP C 68 -2.78 -51.69 28.67
N ASP C 69 -1.92 -51.48 27.67
CA ASP C 69 -0.95 -50.40 27.75
C ASP C 69 -1.64 -49.03 27.75
N ILE C 70 -2.79 -48.93 27.09
CA ILE C 70 -3.61 -47.73 27.10
C ILE C 70 -4.41 -47.64 28.38
N GLU C 71 -4.97 -48.76 28.85
CA GLU C 71 -5.71 -48.68 30.10
C GLU C 71 -4.79 -48.45 31.30
N ALA C 72 -3.48 -48.62 31.15
CA ALA C 72 -2.58 -48.27 32.24
C ALA C 72 -2.60 -46.79 32.56
N PHE C 73 -3.04 -45.96 31.62
CA PHE C 73 -3.07 -44.51 31.81
C PHE C 73 -4.36 -44.03 32.45
N THR C 74 -5.47 -44.69 32.13
CA THR C 74 -6.75 -44.31 32.68
C THR C 74 -6.78 -44.65 34.16
N GLY C 75 -7.70 -44.02 34.89
CA GLY C 75 -7.74 -44.23 36.32
C GLY C 75 -6.88 -43.28 37.12
N LYS C 76 -5.75 -42.84 36.55
CA LYS C 76 -5.05 -41.66 37.05
C LYS C 76 -5.13 -40.48 36.09
N TYR C 77 -5.30 -40.72 34.79
CA TYR C 77 -5.25 -39.64 33.81
C TYR C 77 -6.52 -39.65 32.96
N ASP C 78 -6.97 -38.46 32.59
CA ASP C 78 -7.97 -38.33 31.54
C ASP C 78 -7.33 -38.75 30.22
N LEU C 79 -8.14 -39.30 29.33
CA LEU C 79 -7.65 -39.87 28.08
C LEU C 79 -8.38 -39.28 26.90
N CYS C 80 -7.66 -38.50 26.09
CA CYS C 80 -8.17 -37.91 24.86
C CYS C 80 -7.63 -38.72 23.69
N VAL C 81 -8.54 -39.23 22.86
CA VAL C 81 -8.17 -40.09 21.74
C VAL C 81 -8.90 -39.63 20.49
N ASP C 82 -8.23 -39.81 19.36
CA ASP C 82 -8.76 -39.42 18.06
C ASP C 82 -9.89 -40.33 17.59
N LEU C 83 -10.90 -39.71 16.99
CA LEU C 83 -11.94 -40.41 16.26
C LEU C 83 -11.94 -39.80 14.86
N THR C 84 -11.50 -40.57 13.87
CA THR C 84 -11.38 -40.04 12.52
C THR C 84 -12.74 -40.15 11.86
N VAL C 85 -13.62 -39.20 12.21
CA VAL C 85 -15.02 -39.26 11.78
C VAL C 85 -15.18 -39.13 10.26
N ASN C 86 -14.19 -38.56 9.56
CA ASN C 86 -14.36 -38.27 8.14
C ASN C 86 -14.10 -39.49 7.28
N HIS C 87 -13.18 -40.35 7.70
CA HIS C 87 -12.65 -41.34 6.78
C HIS C 87 -12.08 -42.50 7.56
N ILE C 88 -11.99 -43.65 6.88
CA ILE C 88 -11.29 -44.81 7.39
C ILE C 88 -10.35 -45.33 6.30
N SER C 89 -9.50 -46.27 6.69
CA SER C 89 -8.49 -46.78 5.78
C SER C 89 -9.12 -47.59 4.66
N ASP C 90 -8.49 -47.54 3.48
CA ASP C 90 -8.93 -48.46 2.43
C ASP C 90 -8.57 -49.91 2.73
N GLU C 91 -7.70 -50.16 3.71
CA GLU C 91 -7.37 -51.50 4.17
C GLU C 91 -8.23 -51.94 5.36
N SER C 92 -9.22 -51.15 5.74
CA SER C 92 -10.16 -51.55 6.78
C SER C 92 -10.94 -52.77 6.33
N PRO C 93 -11.48 -53.56 7.27
CA PRO C 93 -12.35 -54.67 6.86
C PRO C 93 -13.54 -54.21 6.04
N GLU C 94 -14.09 -53.04 6.33
CA GLU C 94 -15.28 -52.57 5.64
C GLU C 94 -15.01 -52.28 4.17
N PHE C 95 -13.92 -51.55 3.88
CA PHE C 95 -13.66 -51.18 2.49
C PHE C 95 -13.13 -52.35 1.67
N ARG C 96 -12.38 -53.27 2.31
CA ARG C 96 -11.94 -54.47 1.61
C ARG C 96 -13.13 -55.34 1.19
N ASP C 97 -14.21 -55.36 1.99
CA ASP C 97 -15.42 -56.04 1.55
C ASP C 97 -16.06 -55.32 0.37
N PHE C 98 -16.00 -53.98 0.32
CA PHE C 98 -16.55 -53.26 -0.82
C PHE C 98 -15.76 -53.52 -2.10
N ILE C 99 -14.45 -53.65 -2.00
CA ILE C 99 -13.69 -54.03 -3.19
C ILE C 99 -14.08 -55.44 -3.62
N ALA C 100 -14.30 -56.33 -2.66
CA ALA C 100 -14.52 -57.75 -2.96
C ALA C 100 -15.90 -58.01 -3.54
N ASN C 101 -16.92 -57.29 -3.06
CA ASN C 101 -18.29 -57.58 -3.41
C ASN C 101 -19.02 -56.45 -4.13
N GLY C 102 -18.34 -55.32 -4.38
CA GLY C 102 -18.98 -54.23 -5.08
C GLY C 102 -20.17 -53.68 -4.32
N PHE C 103 -21.20 -53.31 -5.09
CA PHE C 103 -22.43 -52.76 -4.52
C PHE C 103 -23.34 -53.83 -3.97
N ASP C 104 -22.95 -55.11 -4.02
CA ASP C 104 -23.61 -56.14 -3.25
C ASP C 104 -23.07 -56.24 -1.83
N SER C 105 -21.99 -55.54 -1.53
CA SER C 105 -21.44 -55.50 -0.18
C SER C 105 -22.46 -54.87 0.77
N GLU C 106 -22.52 -55.40 1.98
CA GLU C 106 -23.38 -54.82 3.01
C GLU C 106 -22.89 -53.46 3.50
N TYR C 107 -21.68 -53.05 3.08
CA TYR C 107 -21.07 -51.80 3.46
C TYR C 107 -21.08 -50.77 2.32
N ALA C 108 -21.97 -50.97 1.34
CA ALA C 108 -22.00 -50.06 0.20
C ALA C 108 -22.32 -48.62 0.63
N ASP C 109 -23.30 -48.43 1.52
CA ASP C 109 -23.62 -47.08 1.98
C ASP C 109 -22.57 -46.44 2.86
N LEU C 110 -21.49 -47.15 3.22
CA LEU C 110 -20.52 -46.54 4.10
C LEU C 110 -19.64 -45.53 3.38
N PHE C 111 -19.58 -45.59 2.05
CA PHE C 111 -18.66 -44.77 1.28
C PHE C 111 -19.43 -43.91 0.29
N VAL C 112 -18.79 -42.85 -0.18
CA VAL C 112 -19.43 -41.89 -1.06
C VAL C 112 -19.08 -42.26 -2.49
N HIS C 113 -20.11 -42.54 -3.30
CA HIS C 113 -19.92 -43.01 -4.66
C HIS C 113 -20.06 -41.81 -5.61
N VAL C 114 -18.93 -41.42 -6.21
CA VAL C 114 -18.81 -40.12 -6.85
C VAL C 114 -19.75 -39.99 -8.03
N ASP C 115 -19.98 -41.07 -8.77
CA ASP C 115 -20.79 -40.97 -9.97
C ASP C 115 -22.28 -40.78 -9.66
N ARG C 116 -22.71 -41.03 -8.42
CA ARG C 116 -24.09 -40.81 -8.03
C ARG C 116 -24.42 -39.34 -7.86
N PHE C 117 -23.47 -38.45 -8.18
CA PHE C 117 -23.75 -37.02 -8.21
C PHE C 117 -24.01 -36.55 -9.63
N GLY C 118 -23.80 -37.40 -10.63
CA GLY C 118 -23.91 -36.96 -11.98
C GLY C 118 -22.72 -36.09 -12.33
N ASP C 119 -22.94 -35.25 -13.33
CA ASP C 119 -21.93 -34.28 -13.75
C ASP C 119 -21.85 -33.16 -12.73
N ILE C 120 -20.63 -32.83 -12.33
CA ILE C 120 -20.37 -31.72 -11.46
C ILE C 120 -19.85 -30.57 -12.33
N SER C 121 -20.51 -29.41 -12.27
CA SER C 121 -20.13 -28.33 -13.14
C SER C 121 -18.71 -27.87 -12.78
N PRO C 122 -18.02 -27.20 -13.71
CA PRO C 122 -16.77 -26.55 -13.31
C PRO C 122 -16.95 -25.59 -12.14
N ASP C 123 -18.03 -24.81 -12.13
CA ASP C 123 -18.28 -23.94 -10.98
C ASP C 123 -18.34 -24.74 -9.69
N ASP C 124 -19.04 -25.87 -9.71
CA ASP C 124 -19.24 -26.59 -8.46
C ASP C 124 -17.96 -27.34 -8.01
N MET C 125 -17.08 -27.74 -8.94
CA MET C 125 -15.79 -28.25 -8.52
C MET C 125 -14.94 -27.17 -7.85
N ALA C 126 -14.96 -25.95 -8.37
CA ALA C 126 -14.13 -24.88 -7.82
C ALA C 126 -14.54 -24.51 -6.40
N LYS C 127 -15.81 -24.71 -6.04
CA LYS C 127 -16.28 -24.44 -4.68
C LYS C 127 -15.65 -25.36 -3.64
N ILE C 128 -15.23 -26.56 -4.02
CA ILE C 128 -14.94 -27.59 -3.03
C ILE C 128 -13.73 -27.18 -2.19
N HIS C 129 -13.89 -27.28 -0.88
CA HIS C 129 -12.84 -26.91 0.05
C HIS C 129 -11.95 -28.14 0.22
N ILE C 130 -10.89 -28.16 -0.55
CA ILE C 130 -9.89 -29.22 -0.54
C ILE C 130 -8.54 -28.56 -0.63
N ARG C 131 -7.60 -28.99 0.20
CA ARG C 131 -6.32 -28.31 0.18
C ARG C 131 -5.34 -28.92 -0.80
N LYS C 132 -5.70 -30.03 -1.41
CA LYS C 132 -4.78 -30.65 -2.36
C LYS C 132 -5.24 -30.28 -3.76
N GLU C 133 -4.28 -30.30 -4.70
CA GLU C 133 -4.53 -29.81 -6.04
C GLU C 133 -4.99 -30.89 -6.99
N LYS C 134 -5.60 -31.93 -6.45
CA LYS C 134 -6.23 -32.99 -7.22
C LYS C 134 -7.71 -33.04 -6.85
N GLU C 135 -8.54 -33.49 -7.79
CA GLU C 135 -9.93 -33.74 -7.47
C GLU C 135 -10.03 -34.77 -6.35
N PRO C 136 -10.98 -34.62 -5.43
CA PRO C 136 -11.10 -35.55 -4.31
C PRO C 136 -11.84 -36.82 -4.66
N PHE C 137 -11.44 -37.43 -5.79
CA PHE C 137 -12.10 -38.62 -6.33
C PHE C 137 -11.00 -39.65 -6.55
N ARG C 138 -11.20 -40.86 -6.03
CA ARG C 138 -10.27 -41.94 -6.28
C ARG C 138 -10.95 -43.05 -7.04
N GLU C 139 -10.35 -43.44 -8.17
CA GLU C 139 -10.89 -44.55 -8.94
C GLU C 139 -10.26 -45.82 -8.40
N VAL C 140 -11.09 -46.77 -7.98
CA VAL C 140 -10.62 -48.05 -7.47
C VAL C 140 -11.19 -49.15 -8.35
N THR C 141 -10.48 -50.29 -8.38
CA THR C 141 -10.87 -51.45 -9.17
C THR C 141 -11.57 -52.47 -8.27
N LEU C 142 -12.80 -52.83 -8.64
CA LEU C 142 -13.46 -53.87 -7.88
C LEU C 142 -12.85 -55.22 -8.20
N ALA C 143 -13.25 -56.22 -7.41
CA ALA C 143 -12.74 -57.58 -7.61
C ALA C 143 -13.15 -58.11 -8.98
N ASP C 144 -14.35 -57.77 -9.44
CA ASP C 144 -14.86 -58.25 -10.71
C ASP C 144 -14.32 -57.48 -11.91
N GLY C 145 -13.29 -56.63 -11.72
CA GLY C 145 -12.71 -55.84 -12.79
C GLY C 145 -13.37 -54.50 -13.06
N THR C 146 -14.53 -54.24 -12.45
CA THR C 146 -15.21 -52.96 -12.57
C THR C 146 -14.39 -51.84 -11.93
N LYS C 147 -14.45 -50.66 -12.52
CA LYS C 147 -13.84 -49.48 -11.94
C LYS C 147 -14.94 -48.57 -11.43
N THR C 148 -14.79 -48.06 -10.21
CA THR C 148 -15.79 -47.16 -9.66
C THR C 148 -15.06 -46.17 -8.76
N ARG C 149 -15.62 -44.96 -8.63
CA ARG C 149 -14.90 -43.88 -7.97
C ARG C 149 -15.55 -43.53 -6.63
N VAL C 150 -14.72 -43.33 -5.62
CA VAL C 150 -15.20 -42.95 -4.31
C VAL C 150 -14.59 -41.61 -3.91
N TRP C 151 -15.30 -40.88 -3.05
CA TRP C 151 -14.82 -39.58 -2.61
C TRP C 151 -13.61 -39.77 -1.70
N CYS C 152 -12.61 -38.91 -1.87
CA CYS C 152 -11.33 -39.07 -1.19
C CYS C 152 -10.72 -37.69 -0.94
N THR C 153 -10.91 -37.18 0.27
CA THR C 153 -10.44 -35.83 0.60
C THR C 153 -8.93 -35.80 0.76
N PHE C 154 -8.38 -36.74 1.53
CA PHE C 154 -6.99 -36.79 1.93
C PHE C 154 -6.18 -37.74 1.04
N THR C 155 -5.12 -38.35 1.56
CA THR C 155 -4.39 -39.35 0.78
C THR C 155 -5.33 -40.43 0.24
N GLU C 156 -4.89 -41.15 -0.79
CA GLU C 156 -5.75 -42.14 -1.43
C GLU C 156 -6.11 -43.33 -0.53
N GLN C 157 -5.35 -43.59 0.52
CA GLN C 157 -5.67 -44.70 1.42
C GLN C 157 -6.75 -44.33 2.43
N GLN C 158 -7.21 -43.08 2.40
CA GLN C 158 -8.25 -42.56 3.28
C GLN C 158 -9.54 -42.40 2.48
N ILE C 159 -10.54 -43.22 2.78
CA ILE C 159 -11.80 -43.23 2.03
C ILE C 159 -12.87 -42.53 2.87
N ASP C 160 -13.50 -41.49 2.33
CA ASP C 160 -14.44 -40.74 3.13
C ASP C 160 -15.72 -41.53 3.40
N LEU C 161 -16.31 -41.28 4.56
CA LEU C 161 -17.55 -41.91 4.99
C LEU C 161 -18.75 -41.10 4.53
N ASN C 162 -19.88 -41.78 4.38
CA ASN C 162 -21.11 -41.23 3.80
C ASN C 162 -22.12 -40.86 4.88
N TYR C 163 -22.25 -39.59 5.21
CA TYR C 163 -23.25 -39.28 6.22
C TYR C 163 -24.63 -39.04 5.64
N ASP C 164 -24.84 -39.31 4.34
CA ASP C 164 -26.21 -39.48 3.85
C ASP C 164 -26.76 -40.86 4.12
N GLY C 165 -25.91 -41.85 4.41
CA GLY C 165 -26.37 -43.17 4.77
C GLY C 165 -26.48 -43.37 6.28
N ASP C 166 -27.01 -44.53 6.65
CA ASP C 166 -27.13 -44.89 8.05
C ASP C 166 -25.88 -45.58 8.55
N LEU C 167 -25.11 -46.19 7.65
CA LEU C 167 -23.97 -47.01 8.06
C LEU C 167 -22.90 -46.16 8.75
N ALA C 168 -22.67 -44.94 8.25
CA ALA C 168 -21.63 -44.09 8.84
C ALA C 168 -21.91 -43.79 10.32
N TYR C 169 -23.17 -43.51 10.66
CA TYR C 169 -23.45 -43.22 12.06
C TYR C 169 -23.28 -44.46 12.91
N ARG C 170 -23.68 -45.62 12.37
CA ARG C 170 -23.54 -46.85 13.13
C ARG C 170 -22.08 -47.20 13.33
N LEU C 171 -21.25 -46.94 12.31
CA LEU C 171 -19.82 -47.21 12.42
C LEU C 171 -19.18 -46.37 13.52
N MET C 172 -19.47 -45.06 13.52
CA MET C 172 -18.93 -44.19 14.57
C MET C 172 -19.45 -44.58 15.94
N GLU C 173 -20.74 -44.86 16.05
CA GLU C 173 -21.28 -45.23 17.36
C GLU C 173 -20.60 -46.49 17.89
N SER C 174 -20.27 -47.43 16.99
CA SER C 174 -19.53 -48.62 17.41
C SER C 174 -18.14 -48.27 17.92
N TYR C 175 -17.43 -47.39 17.21
CA TYR C 175 -16.12 -46.96 17.67
C TYR C 175 -16.22 -46.28 19.03
N ILE C 176 -17.14 -45.34 19.18
CA ILE C 176 -17.25 -44.60 20.44
C ILE C 176 -17.49 -45.56 21.59
N GLY C 177 -18.43 -46.48 21.42
CA GLY C 177 -18.70 -47.45 22.47
C GLY C 177 -17.45 -48.21 22.87
N PHE C 178 -16.65 -48.63 21.89
CA PHE C 178 -15.46 -49.40 22.19
C PHE C 178 -14.41 -48.51 22.88
N LEU C 179 -14.18 -47.32 22.32
CA LEU C 179 -13.19 -46.41 22.89
C LEU C 179 -13.54 -46.03 24.32
N THR C 180 -14.81 -45.71 24.56
CA THR C 180 -15.18 -45.33 25.92
C THR C 180 -15.03 -46.48 26.89
N SER C 181 -15.26 -47.73 26.45
CA SER C 181 -15.09 -48.87 27.36
C SER C 181 -13.63 -49.12 27.71
N LYS C 182 -12.69 -48.52 27.00
CA LYS C 182 -11.28 -48.58 27.36
C LYS C 182 -10.82 -47.37 28.16
N GLY C 183 -11.74 -46.46 28.51
CA GLY C 183 -11.42 -45.34 29.37
C GLY C 183 -11.23 -44.02 28.66
N VAL C 184 -11.52 -43.94 27.36
CA VAL C 184 -11.48 -42.65 26.68
C VAL C 184 -12.66 -41.80 27.15
N ASN C 185 -12.36 -40.62 27.70
CA ASN C 185 -13.39 -39.69 28.15
C ASN C 185 -13.37 -38.36 27.42
N LEU C 186 -12.49 -38.17 26.44
CA LEU C 186 -12.52 -36.98 25.56
C LEU C 186 -12.15 -37.41 24.15
N LEU C 187 -13.06 -37.21 23.20
CA LEU C 187 -12.92 -37.68 21.82
C LEU C 187 -12.61 -36.50 20.91
N ARG C 188 -11.40 -36.48 20.34
CA ARG C 188 -11.02 -35.48 19.35
C ARG C 188 -11.62 -35.88 18.01
N LEU C 189 -12.48 -35.04 17.44
CA LEU C 189 -13.23 -35.40 16.23
C LEU C 189 -12.47 -34.85 15.02
N ASP C 190 -11.73 -35.70 14.32
CA ASP C 190 -10.80 -35.25 13.30
C ASP C 190 -11.54 -34.81 12.04
N ALA C 191 -11.18 -33.62 11.53
CA ALA C 191 -11.56 -33.19 10.19
C ALA C 191 -13.06 -33.31 9.98
N PHE C 192 -13.84 -33.04 11.03
CA PHE C 192 -15.31 -33.27 10.99
C PHE C 192 -16.01 -32.43 9.99
N GLY C 193 -15.36 -31.34 9.61
CA GLY C 193 -15.97 -30.39 8.70
C GLY C 193 -16.20 -30.91 7.31
N TYR C 194 -15.50 -31.98 6.93
CA TYR C 194 -15.67 -32.59 5.62
C TYR C 194 -16.80 -33.62 5.57
N THR C 195 -17.47 -33.89 6.70
CA THR C 195 -18.49 -34.95 6.73
C THR C 195 -19.75 -34.60 5.92
N THR C 196 -19.95 -33.34 5.57
CA THR C 196 -21.14 -32.89 4.83
C THR C 196 -20.72 -32.67 3.38
N LYS C 197 -21.14 -33.58 2.50
CA LYS C 197 -20.94 -33.46 1.06
C LYS C 197 -22.25 -33.04 0.42
N ARG C 198 -22.26 -31.86 -0.22
CA ARG C 198 -23.41 -31.46 -1.04
C ARG C 198 -22.91 -30.60 -2.20
N ILE C 199 -23.16 -31.09 -3.43
CA ILE C 199 -22.73 -30.39 -4.62
C ILE C 199 -23.43 -29.06 -4.71
N GLY C 200 -22.70 -28.04 -5.14
CA GLY C 200 -23.16 -26.68 -5.04
C GLY C 200 -22.65 -25.96 -3.81
N THR C 201 -22.05 -26.67 -2.88
CA THR C 201 -21.45 -26.08 -1.70
C THR C 201 -19.97 -26.40 -1.65
N SER C 202 -19.30 -25.80 -0.68
CA SER C 202 -17.89 -26.08 -0.46
C SER C 202 -17.65 -27.50 0.04
N CYS C 203 -18.69 -28.21 0.44
CA CYS C 203 -18.52 -29.56 1.00
C CYS C 203 -17.61 -29.51 2.22
N PHE C 204 -17.82 -28.47 3.04
CA PHE C 204 -17.01 -28.28 4.24
C PHE C 204 -17.82 -27.41 5.17
N LEU C 205 -18.09 -27.88 6.39
CA LEU C 205 -18.82 -27.09 7.41
C LEU C 205 -20.14 -26.56 6.87
N VAL C 206 -20.90 -27.41 6.17
CA VAL C 206 -22.14 -26.97 5.55
C VAL C 206 -23.22 -26.91 6.64
N GLU C 207 -23.64 -25.77 6.95
CA GLU C 207 -24.58 -25.64 8.05
C GLU C 207 -26.00 -25.39 7.54
N PRO C 208 -27.03 -25.84 8.29
CA PRO C 208 -26.92 -26.41 9.63
C PRO C 208 -26.59 -27.90 9.72
N GLU C 209 -26.43 -28.58 8.57
CA GLU C 209 -26.18 -30.01 8.59
C GLU C 209 -24.99 -30.40 9.45
N VAL C 210 -23.91 -29.60 9.43
CA VAL C 210 -22.72 -29.97 10.16
C VAL C 210 -23.00 -30.03 11.66
N TYR C 211 -23.89 -29.16 12.17
CA TYR C 211 -24.14 -29.19 13.60
C TYR C 211 -25.08 -30.32 14.00
N ARG C 212 -25.89 -30.80 13.06
CA ARG C 212 -26.68 -31.99 13.37
C ARG C 212 -25.78 -33.20 13.50
N ILE C 213 -24.82 -33.37 12.57
CA ILE C 213 -23.85 -34.46 12.69
C ILE C 213 -23.15 -34.38 14.03
N LEU C 214 -22.81 -33.19 14.44
CA LEU C 214 -21.99 -32.98 15.62
C LEU C 214 -22.82 -33.18 16.89
N ASP C 215 -24.08 -32.70 16.90
CA ASP C 215 -24.97 -32.92 18.04
C ASP C 215 -25.22 -34.42 18.25
N TRP C 216 -25.32 -35.17 17.16
CA TRP C 216 -25.56 -36.62 17.25
C TRP C 216 -24.38 -37.34 17.90
N ILE C 217 -23.18 -37.15 17.34
CA ILE C 217 -21.99 -37.73 17.94
C ILE C 217 -21.84 -37.28 19.38
N ASN C 218 -22.10 -36.00 19.65
CA ASN C 218 -21.96 -35.51 21.01
C ASN C 218 -22.85 -36.27 21.97
N GLU C 219 -24.10 -36.52 21.56
CA GLU C 219 -24.98 -37.24 22.47
C GLU C 219 -24.53 -38.67 22.65
N VAL C 220 -24.09 -39.34 21.57
CA VAL C 220 -23.63 -40.70 21.74
C VAL C 220 -22.49 -40.73 22.75
N ALA C 221 -21.57 -39.77 22.65
CA ALA C 221 -20.44 -39.69 23.57
C ALA C 221 -20.89 -39.45 25.02
N PHE C 222 -21.88 -38.57 25.22
CA PHE C 222 -22.32 -38.25 26.58
C PHE C 222 -22.87 -39.47 27.31
N LYS C 223 -23.75 -40.24 26.65
CA LYS C 223 -24.29 -41.42 27.31
C LYS C 223 -23.28 -42.57 27.38
N HIS C 224 -22.12 -42.44 26.75
CA HIS C 224 -21.02 -43.39 26.93
C HIS C 224 -19.87 -42.81 27.75
N GLY C 225 -20.09 -41.71 28.47
CA GLY C 225 -19.10 -41.19 29.40
C GLY C 225 -17.95 -40.42 28.80
N ALA C 226 -18.17 -39.70 27.71
CA ALA C 226 -17.12 -38.94 27.07
C ALA C 226 -17.67 -37.58 26.66
N GLU C 227 -16.75 -36.62 26.51
CA GLU C 227 -17.02 -35.33 25.91
C GLU C 227 -16.26 -35.24 24.60
N CYS C 228 -16.51 -34.18 23.85
CA CYS C 228 -16.00 -34.09 22.50
C CYS C 228 -15.13 -32.85 22.31
N LEU C 229 -14.08 -33.02 21.51
CA LEU C 229 -13.17 -31.96 21.09
C LEU C 229 -13.15 -31.97 19.55
N PRO C 230 -14.14 -31.37 18.91
CA PRO C 230 -14.18 -31.36 17.44
C PRO C 230 -13.13 -30.39 16.89
N GLU C 231 -12.33 -30.83 15.91
CA GLU C 231 -11.23 -30.00 15.40
C GLU C 231 -11.55 -29.41 14.02
N VAL C 232 -11.48 -28.08 13.92
CA VAL C 232 -11.62 -27.36 12.66
C VAL C 232 -10.52 -26.33 12.60
N HIS C 233 -9.84 -26.28 11.46
CA HIS C 233 -8.89 -25.22 11.12
C HIS C 233 -9.57 -24.36 10.07
N ASP C 234 -10.20 -23.28 10.55
CA ASP C 234 -10.92 -22.32 9.73
C ASP C 234 -11.20 -21.09 10.60
N HIS C 235 -12.19 -20.29 10.23
CA HIS C 235 -12.45 -19.03 10.93
C HIS C 235 -12.80 -19.27 12.39
N THR C 236 -12.43 -18.31 13.26
CA THR C 236 -12.73 -18.44 14.70
C THR C 236 -14.18 -18.67 15.00
N SER C 237 -15.09 -18.12 14.19
CA SER C 237 -16.52 -18.25 14.50
C SER C 237 -16.95 -19.71 14.66
N TYR C 238 -16.33 -20.62 13.92
CA TYR C 238 -16.71 -22.01 14.06
C TYR C 238 -16.37 -22.51 15.45
N GLN C 239 -15.31 -21.97 16.07
CA GLN C 239 -14.99 -22.34 17.44
C GLN C 239 -16.09 -21.91 18.39
N TYR C 240 -16.74 -20.76 18.14
CA TYR C 240 -17.83 -20.41 19.04
C TYR C 240 -19.07 -21.23 18.75
N ALA C 241 -19.33 -21.53 17.46
CA ALA C 241 -20.46 -22.37 17.11
C ALA C 241 -20.36 -23.70 17.83
N ILE C 242 -19.15 -24.28 17.86
CA ILE C 242 -18.92 -25.52 18.60
C ILE C 242 -19.22 -25.32 20.08
N SER C 243 -18.72 -24.21 20.64
CA SER C 243 -18.77 -23.98 22.07
C SER C 243 -20.19 -23.91 22.58
N ARG C 244 -21.07 -23.23 21.85
CA ARG C 244 -22.44 -23.13 22.32
C ARG C 244 -23.25 -24.42 22.14
N ARG C 245 -22.66 -25.46 21.57
CA ARG C 245 -23.31 -26.76 21.41
C ARG C 245 -22.72 -27.78 22.37
N ASN C 246 -22.19 -27.30 23.50
CA ASN C 246 -21.78 -28.13 24.64
C ASN C 246 -20.65 -29.08 24.27
N MET C 247 -19.74 -28.59 23.45
CA MET C 247 -18.54 -29.32 23.06
C MET C 247 -17.34 -28.41 23.29
N HIS C 248 -16.15 -28.99 23.28
CA HIS C 248 -14.94 -28.24 23.54
C HIS C 248 -14.36 -27.75 22.22
N PRO C 249 -14.27 -26.44 21.99
CA PRO C 249 -13.52 -25.96 20.82
C PRO C 249 -12.03 -25.96 21.10
N TYR C 250 -11.26 -25.75 20.04
CA TYR C 250 -9.82 -25.50 20.14
C TYR C 250 -9.45 -24.03 20.18
N GLY C 251 -8.47 -23.69 21.01
CA GLY C 251 -7.85 -22.37 20.99
C GLY C 251 -6.79 -22.18 19.92
N PHE C 252 -7.09 -22.57 18.68
CA PHE C 252 -6.14 -22.43 17.58
C PHE C 252 -5.77 -20.98 17.33
N ALA C 253 -6.63 -20.04 17.73
CA ALA C 253 -6.29 -18.62 17.59
C ALA C 253 -5.05 -18.25 18.44
N LEU C 254 -4.86 -18.88 19.60
CA LEU C 254 -3.82 -18.40 20.51
C LEU C 254 -2.39 -18.51 19.95
N PRO C 255 -1.92 -19.64 19.43
CA PRO C 255 -0.48 -19.75 19.05
C PRO C 255 -0.03 -18.61 18.14
N PRO C 256 -0.67 -18.37 16.99
CA PRO C 256 -0.14 -17.29 16.13
C PRO C 256 -0.35 -15.91 16.75
N LEU C 257 -1.45 -15.74 17.49
CA LEU C 257 -1.69 -14.52 18.25
C LEU C 257 -0.58 -14.26 19.25
N LEU C 258 -0.22 -15.27 20.05
CA LEU C 258 0.87 -15.10 21.02
C LEU C 258 2.20 -14.86 20.34
N LEU C 259 2.53 -15.65 19.31
CA LEU C 259 3.78 -15.45 18.60
C LEU C 259 3.90 -14.00 18.14
N TYR C 260 2.84 -13.47 17.52
CA TYR C 260 2.87 -12.07 17.12
C TYR C 260 3.04 -11.17 18.33
N SER C 261 2.29 -11.45 19.40
CA SER C 261 2.26 -10.57 20.56
C SER C 261 3.64 -10.44 21.19
N LEU C 262 4.33 -11.58 21.37
CA LEU C 262 5.65 -11.58 21.96
C LEU C 262 6.70 -10.96 21.04
N LEU C 263 6.67 -11.31 19.76
CA LEU C 263 7.71 -10.85 18.81
C LEU C 263 7.65 -9.35 18.56
N ASP C 264 6.47 -8.75 18.65
CA ASP C 264 6.30 -7.35 18.32
C ASP C 264 5.94 -6.56 19.57
N ALA C 265 6.02 -7.19 20.75
CA ALA C 265 5.75 -6.57 22.05
C ALA C 265 4.41 -5.82 22.06
N ASN C 266 3.36 -6.51 21.63
CA ASN C 266 2.04 -5.92 21.44
C ASN C 266 1.01 -6.79 22.12
N SER C 267 0.23 -6.21 23.02
CA SER C 267 -0.77 -6.99 23.72
C SER C 267 -2.20 -6.62 23.31
N VAL C 268 -2.37 -5.74 22.32
CA VAL C 268 -3.71 -5.23 22.00
C VAL C 268 -4.62 -6.36 21.58
N TYR C 269 -4.18 -7.13 20.57
CA TYR C 269 -5.05 -8.15 19.99
C TYR C 269 -5.21 -9.30 20.95
N LEU C 270 -4.12 -9.63 21.67
CA LEU C 270 -4.15 -10.69 22.68
C LEU C 270 -5.21 -10.44 23.75
N LYS C 271 -5.24 -9.22 24.33
CA LYS C 271 -6.22 -8.94 25.39
C LYS C 271 -7.64 -8.93 24.83
N ASN C 272 -7.83 -8.36 23.63
CA ASN C 272 -9.16 -8.39 23.02
C ASN C 272 -9.64 -9.82 22.81
N TRP C 273 -8.73 -10.73 22.43
CA TRP C 273 -9.16 -12.10 22.25
C TRP C 273 -9.52 -12.75 23.59
N LEU C 274 -8.69 -12.55 24.63
CA LEU C 274 -8.96 -13.14 25.94
C LEU C 274 -10.31 -12.68 26.48
N ARG C 275 -10.65 -11.41 26.27
CA ARG C 275 -11.91 -10.88 26.77
C ARG C 275 -13.10 -11.54 26.11
N MET C 276 -12.95 -12.05 24.89
CA MET C 276 -14.09 -12.59 24.14
C MET C 276 -14.02 -14.10 23.89
N CYS C 277 -13.00 -14.76 24.44
CA CYS C 277 -12.68 -16.18 24.16
C CYS C 277 -13.87 -17.14 24.16
N PRO C 278 -13.89 -18.13 23.22
CA PRO C 278 -14.89 -19.20 23.30
C PRO C 278 -14.78 -19.88 24.64
N ARG C 279 -15.90 -20.47 25.04
CA ARG C 279 -16.04 -21.09 26.35
C ARG C 279 -15.68 -22.58 26.26
N ASN C 280 -15.07 -23.10 27.32
CA ASN C 280 -14.76 -24.52 27.45
C ASN C 280 -13.80 -24.98 26.36
N MET C 281 -12.83 -24.13 26.04
CA MET C 281 -11.96 -24.53 24.96
C MET C 281 -10.81 -25.37 25.53
N VAL C 282 -10.17 -26.14 24.65
CA VAL C 282 -8.90 -26.78 24.94
C VAL C 282 -7.83 -25.91 24.29
N THR C 283 -6.91 -25.39 25.09
CA THR C 283 -5.95 -24.46 24.52
C THR C 283 -4.67 -25.21 24.15
N VAL C 284 -3.99 -24.71 23.11
CA VAL C 284 -2.73 -25.27 22.64
C VAL C 284 -1.82 -24.10 22.30
N LEU C 285 -0.51 -24.33 22.35
CA LEU C 285 0.44 -23.50 21.61
C LEU C 285 0.97 -24.27 20.43
N ASP C 286 1.75 -25.33 20.62
CA ASP C 286 2.08 -26.18 19.50
C ASP C 286 1.17 -27.41 19.50
N THR C 287 0.98 -27.96 18.31
CA THR C 287 0.30 -29.21 18.08
C THR C 287 1.25 -30.18 17.38
N HIS C 288 0.70 -31.31 16.95
CA HIS C 288 1.43 -32.23 16.09
C HIS C 288 1.42 -31.79 14.63
N ASP C 289 0.84 -30.62 14.36
CA ASP C 289 0.67 -30.21 12.95
C ASP C 289 1.29 -28.87 12.56
N GLY C 290 1.68 -28.00 13.49
CA GLY C 290 2.21 -26.75 12.91
C GLY C 290 1.26 -25.56 13.01
N ILE C 291 1.80 -24.35 13.08
CA ILE C 291 1.00 -23.12 13.38
C ILE C 291 0.01 -22.78 12.27
N CYS C 292 -1.27 -22.93 12.57
CA CYS C 292 -2.28 -22.78 11.53
C CYS C 292 -2.86 -21.36 11.48
N ILE C 293 -2.82 -20.75 10.29
CA ILE C 293 -3.13 -19.34 10.08
C ILE C 293 -4.63 -19.03 9.94
N PRO C 294 -5.46 -19.80 9.21
CA PRO C 294 -6.89 -19.41 9.12
C PRO C 294 -7.56 -19.18 10.47
N ASP C 295 -7.06 -19.85 11.50
CA ASP C 295 -7.59 -19.80 12.86
C ASP C 295 -7.40 -18.46 13.57
N VAL C 296 -6.53 -17.56 13.10
CA VAL C 296 -6.30 -16.25 13.73
C VAL C 296 -6.76 -15.11 12.86
N GLU C 297 -7.34 -15.46 11.72
CA GLU C 297 -7.89 -14.43 10.81
C GLU C 297 -9.01 -13.68 11.54
N GLY C 298 -8.99 -12.37 11.43
CA GLY C 298 -9.97 -11.58 12.16
C GLY C 298 -9.57 -11.33 13.60
N VAL C 299 -8.98 -12.34 14.27
CA VAL C 299 -8.39 -12.21 15.61
C VAL C 299 -7.20 -11.26 15.59
N LEU C 300 -6.42 -11.37 14.54
CA LEU C 300 -5.29 -10.44 14.33
C LEU C 300 -5.57 -9.74 13.00
N PRO C 301 -5.25 -8.44 12.80
CA PRO C 301 -5.43 -7.82 11.48
C PRO C 301 -4.51 -8.49 10.45
N ASP C 302 -4.91 -8.41 9.18
CA ASP C 302 -4.14 -9.08 8.13
C ASP C 302 -2.70 -8.64 8.09
N ASP C 303 -2.45 -7.34 8.26
CA ASP C 303 -1.05 -6.91 8.16
C ASP C 303 -0.22 -7.51 9.29
N LYS C 304 -0.82 -7.80 10.44
CA LYS C 304 -0.03 -8.40 11.50
C LYS C 304 0.16 -9.89 11.26
N ILE C 305 -0.81 -10.57 10.64
CA ILE C 305 -0.60 -11.96 10.27
C ILE C 305 0.51 -12.06 9.23
N LYS C 306 0.50 -11.15 8.24
CA LYS C 306 1.59 -11.10 7.27
C LYS C 306 2.93 -10.91 7.95
N VAL C 307 2.99 -10.01 8.94
CA VAL C 307 4.22 -9.84 9.71
C VAL C 307 4.69 -11.17 10.29
N LEU C 308 3.79 -11.88 10.97
CA LEU C 308 4.16 -13.15 11.58
C LEU C 308 4.62 -14.15 10.54
N ILE C 309 3.90 -14.21 9.41
CA ILE C 309 4.22 -15.14 8.34
C ILE C 309 5.63 -14.86 7.81
N ASP C 310 5.93 -13.59 7.48
CA ASP C 310 7.23 -13.29 6.90
C ASP C 310 8.33 -13.51 7.91
N ASN C 311 8.06 -13.22 9.19
CA ASN C 311 9.08 -13.39 10.22
C ASN C 311 9.48 -14.85 10.40
N ILE C 312 8.52 -15.75 10.49
CA ILE C 312 8.86 -17.16 10.66
C ILE C 312 9.35 -17.78 9.35
N ASP C 313 8.69 -17.48 8.22
CA ASP C 313 9.08 -18.10 6.97
C ASP C 313 10.48 -17.71 6.52
N ALA C 314 10.96 -16.53 6.90
CA ALA C 314 12.32 -16.11 6.53
C ALA C 314 13.42 -16.92 7.21
N ARG C 315 13.09 -17.69 8.25
CA ARG C 315 14.08 -18.38 9.06
C ARG C 315 13.69 -19.82 9.39
N SER C 316 12.67 -20.39 8.77
CA SER C 316 12.22 -21.72 9.16
C SER C 316 11.90 -22.53 7.91
N ALA C 317 11.32 -23.71 8.09
CA ALA C 317 11.05 -24.58 6.94
C ALA C 317 9.89 -24.02 6.13
N ASP C 318 9.67 -24.64 4.97
CA ASP C 318 8.59 -24.20 4.08
C ASP C 318 7.24 -24.30 4.79
N PRO C 319 6.34 -23.35 4.56
CA PRO C 319 4.98 -23.47 5.06
C PRO C 319 4.19 -24.46 4.20
N ILE C 320 3.05 -24.88 4.73
CA ILE C 320 2.04 -25.60 3.97
C ILE C 320 1.08 -24.55 3.40
N MET C 321 0.91 -24.56 2.08
CA MET C 321 0.09 -23.56 1.38
C MET C 321 -1.38 -23.99 1.32
N ARG C 322 -2.27 -23.00 1.16
CA ARG C 322 -3.61 -23.27 0.69
C ARG C 322 -3.54 -23.57 -0.82
N ARG C 323 -4.64 -24.07 -1.39
CA ARG C 323 -4.52 -24.86 -2.63
C ARG C 323 -3.86 -24.19 -3.84
N SER C 324 -4.49 -23.22 -4.49
CA SER C 324 -3.89 -22.58 -5.65
C SER C 324 -3.68 -21.12 -5.30
N ALA C 325 -2.67 -20.89 -4.49
CA ALA C 325 -2.43 -19.59 -3.87
C ALA C 325 -1.01 -19.18 -4.21
N ALA C 326 -0.88 -18.29 -5.19
CA ALA C 326 0.44 -17.93 -5.68
C ALA C 326 1.16 -16.92 -4.81
N ASN C 327 0.45 -16.16 -3.96
CA ASN C 327 1.05 -15.04 -3.24
C ASN C 327 1.55 -15.50 -1.88
N ILE C 328 2.83 -15.83 -1.81
CA ILE C 328 3.43 -16.37 -0.59
C ILE C 328 3.47 -15.36 0.55
N HIS C 329 3.15 -14.10 0.28
CA HIS C 329 3.10 -13.07 1.31
C HIS C 329 1.67 -12.75 1.74
N SER C 330 0.68 -13.57 1.36
CA SER C 330 -0.72 -13.36 1.68
C SER C 330 -1.18 -14.23 2.84
N VAL C 331 -2.07 -13.67 3.66
CA VAL C 331 -2.73 -14.47 4.66
C VAL C 331 -3.46 -15.63 3.99
N GLY C 332 -4.24 -15.32 2.95
CA GLY C 332 -5.06 -16.32 2.28
C GLY C 332 -4.28 -17.42 1.62
N ALA C 333 -2.96 -17.32 1.55
CA ALA C 333 -2.19 -18.33 0.86
C ALA C 333 -1.51 -19.33 1.79
N ILE C 334 -1.34 -18.99 3.06
CA ILE C 334 -0.65 -19.84 4.02
C ILE C 334 -1.69 -20.64 4.80
N TYR C 335 -1.49 -21.95 4.89
CA TYR C 335 -2.29 -22.78 5.76
C TYR C 335 -1.63 -23.02 7.12
N GLN C 336 -0.36 -23.43 7.15
CA GLN C 336 0.39 -23.65 8.39
C GLN C 336 1.85 -23.25 8.25
N LEU C 337 2.35 -22.57 9.28
CA LEU C 337 3.79 -22.39 9.43
C LEU C 337 4.37 -23.69 10.00
N THR C 338 5.52 -24.12 9.49
CA THR C 338 6.17 -25.33 9.98
C THR C 338 7.42 -24.92 10.76
N CYS C 339 7.30 -25.00 12.09
CA CYS C 339 8.31 -24.51 13.01
C CYS C 339 7.93 -24.97 14.41
N THR C 340 8.91 -25.46 15.19
CA THR C 340 8.59 -25.77 16.58
C THR C 340 8.30 -24.47 17.31
N PHE C 341 7.52 -24.55 18.39
CA PHE C 341 7.12 -23.31 19.04
C PHE C 341 8.32 -22.65 19.69
N TYR C 342 9.26 -23.46 20.19
CA TYR C 342 10.46 -22.92 20.78
C TYR C 342 11.31 -22.22 19.73
N ASP C 343 11.46 -22.80 18.53
CA ASP C 343 12.15 -22.04 17.49
C ASP C 343 11.36 -20.81 17.06
N ALA C 344 10.03 -20.88 17.01
CA ALA C 344 9.27 -19.71 16.61
C ALA C 344 9.55 -18.52 17.54
N LEU C 345 9.74 -18.79 18.83
CA LEU C 345 10.14 -17.77 19.77
C LEU C 345 11.66 -17.62 19.87
N MET C 346 12.39 -18.16 18.89
CA MET C 346 13.83 -17.98 18.74
C MET C 346 14.62 -18.57 19.90
N GLN C 347 14.11 -19.67 20.45
CA GLN C 347 14.77 -20.38 21.55
C GLN C 347 15.04 -19.46 22.73
N ASN C 348 14.16 -18.48 22.92
CA ASN C 348 14.27 -17.53 24.02
C ASN C 348 13.50 -18.07 25.22
N ASP C 349 14.23 -18.52 26.24
CA ASP C 349 13.61 -19.22 27.36
C ASP C 349 12.59 -18.35 28.07
N ASP C 350 12.92 -17.08 28.30
CA ASP C 350 11.95 -16.21 28.97
C ASP C 350 10.70 -16.05 28.14
N ALA C 351 10.85 -15.80 26.83
CA ALA C 351 9.68 -15.66 25.97
C ALA C 351 8.88 -16.94 25.93
N TYR C 352 9.56 -18.09 25.83
CA TYR C 352 8.81 -19.35 25.76
C TYR C 352 8.03 -19.60 27.04
N ILE C 353 8.66 -19.34 28.20
CA ILE C 353 7.97 -19.52 29.48
C ILE C 353 6.81 -18.53 29.65
N ALA C 354 6.99 -17.27 29.25
CA ALA C 354 5.88 -16.32 29.33
C ALA C 354 4.71 -16.76 28.44
N ALA C 355 5.01 -17.28 27.26
CA ALA C 355 3.94 -17.78 26.39
C ALA C 355 3.15 -18.89 27.06
N ARG C 356 3.85 -19.86 27.69
CA ARG C 356 3.19 -20.96 28.37
C ARG C 356 2.37 -20.48 29.56
N ALA C 357 2.90 -19.49 30.28
CA ALA C 357 2.16 -18.90 31.38
C ALA C 357 0.86 -18.26 30.88
N ILE C 358 0.93 -17.52 29.76
CA ILE C 358 -0.30 -16.93 29.21
C ILE C 358 -1.25 -18.01 28.74
N GLN C 359 -0.74 -19.06 28.09
CA GLN C 359 -1.59 -20.19 27.76
C GLN C 359 -2.29 -20.73 28.99
N PHE C 360 -1.54 -20.96 30.07
CA PHE C 360 -2.14 -21.62 31.22
C PHE C 360 -3.14 -20.72 31.93
N PHE C 361 -2.97 -19.40 31.84
CA PHE C 361 -3.99 -18.54 32.43
C PHE C 361 -5.14 -18.26 31.47
N THR C 362 -5.07 -18.71 30.22
CA THR C 362 -6.21 -18.56 29.34
C THR C 362 -7.32 -19.52 29.76
N PRO C 363 -8.58 -19.06 29.77
CA PRO C 363 -9.69 -19.96 30.14
C PRO C 363 -9.76 -21.21 29.26
N GLY C 364 -9.91 -22.36 29.90
CA GLY C 364 -9.95 -23.63 29.19
C GLY C 364 -8.84 -24.57 29.65
N ILE C 365 -8.92 -25.80 29.13
CA ILE C 365 -7.93 -26.84 29.43
C ILE C 365 -6.68 -26.68 28.56
N PRO C 366 -5.51 -26.50 29.17
CA PRO C 366 -4.28 -26.34 28.39
C PRO C 366 -3.65 -27.69 28.05
N GLN C 367 -3.33 -27.86 26.77
CA GLN C 367 -2.56 -28.99 26.28
C GLN C 367 -1.13 -28.54 25.98
N VAL C 368 -0.17 -29.35 26.39
CA VAL C 368 1.24 -29.11 26.10
C VAL C 368 1.75 -30.23 25.20
N TYR C 369 2.23 -29.86 24.02
CA TYR C 369 2.76 -30.81 23.05
C TYR C 369 4.14 -31.26 23.49
N TYR C 370 4.42 -32.56 23.33
CA TYR C 370 5.59 -33.14 23.98
C TYR C 370 6.88 -32.50 23.47
N VAL C 371 6.93 -32.11 22.19
CA VAL C 371 8.13 -31.43 21.72
C VAL C 371 8.29 -30.09 22.43
N GLY C 372 7.19 -29.34 22.57
CA GLY C 372 7.23 -28.11 23.33
C GLY C 372 7.53 -28.35 24.79
N LEU C 373 7.04 -29.47 25.35
CA LEU C 373 7.40 -29.86 26.71
C LEU C 373 8.91 -29.90 26.90
N LEU C 374 9.63 -30.45 25.93
CA LEU C 374 11.06 -30.63 26.10
C LEU C 374 11.84 -29.51 25.42
N ALA C 375 11.16 -28.41 25.05
CA ALA C 375 11.75 -27.26 24.37
C ALA C 375 12.58 -27.69 23.15
N GLY C 376 11.94 -28.51 22.30
CA GLY C 376 12.62 -29.06 21.13
C GLY C 376 12.74 -28.07 19.98
N CYS C 377 13.80 -28.23 19.21
CA CYS C 377 14.09 -27.34 18.09
C CYS C 377 13.75 -28.02 16.78
N ASN C 378 13.71 -27.21 15.71
CA ASN C 378 13.33 -27.70 14.39
C ASN C 378 14.20 -28.88 13.99
N ASP C 379 13.55 -29.99 13.66
CA ASP C 379 14.22 -31.27 13.42
C ASP C 379 14.48 -31.40 11.91
N GLN C 380 15.54 -30.71 11.47
CA GLN C 380 15.90 -30.73 10.04
C GLN C 380 16.24 -32.14 9.58
N GLU C 381 17.01 -32.88 10.38
CA GLU C 381 17.42 -34.21 9.96
C GLU C 381 16.24 -35.15 9.82
N LEU C 382 15.29 -35.09 10.76
CA LEU C 382 14.16 -35.99 10.67
C LEU C 382 13.35 -35.72 9.41
N MET C 383 13.10 -34.43 9.11
CA MET C 383 12.39 -34.06 7.89
C MET C 383 13.14 -34.52 6.64
N GLU C 384 14.48 -34.44 6.66
CA GLU C 384 15.26 -34.91 5.52
C GLU C 384 15.21 -36.43 5.35
N LYS C 385 15.16 -37.17 6.47
CA LYS C 385 15.16 -38.63 6.37
C LYS C 385 13.85 -39.15 5.78
N THR C 386 12.72 -38.61 6.24
CA THR C 386 11.41 -39.14 5.92
C THR C 386 10.69 -38.41 4.80
N GLY C 387 11.08 -37.17 4.49
CA GLY C 387 10.41 -36.33 3.50
C GLY C 387 9.16 -35.63 3.99
N GLU C 388 8.76 -35.84 5.23
CA GLU C 388 7.56 -35.23 5.77
C GLU C 388 7.92 -33.89 6.40
N LEU C 389 7.36 -32.78 5.87
CA LEU C 389 7.60 -31.46 6.45
C LEU C 389 7.21 -31.40 7.92
N ARG C 390 6.06 -31.95 8.28
CA ARG C 390 5.60 -31.79 9.66
C ARG C 390 6.50 -32.52 10.65
N ASP C 391 7.36 -33.43 10.18
CA ASP C 391 8.32 -34.05 11.09
C ASP C 391 9.33 -33.06 11.62
N ILE C 392 9.40 -31.86 11.04
CA ILE C 392 10.25 -30.84 11.61
C ILE C 392 9.77 -30.53 13.03
N ASN C 393 8.52 -30.90 13.34
CA ASN C 393 7.86 -30.69 14.63
C ASN C 393 7.43 -32.02 15.26
N ARG C 394 8.04 -33.14 14.87
CA ARG C 394 7.64 -34.45 15.38
C ARG C 394 8.86 -35.26 15.82
N ASN C 395 9.74 -34.56 16.54
CA ASN C 395 10.98 -35.07 17.09
C ASN C 395 10.78 -36.42 17.77
N TYR C 396 11.72 -37.37 17.60
CA TYR C 396 11.72 -38.54 18.48
C TYR C 396 12.64 -38.30 19.67
N TYR C 397 12.26 -38.80 20.84
CA TYR C 397 13.18 -38.85 21.95
C TYR C 397 13.31 -40.29 22.45
N THR C 398 14.54 -40.70 22.73
CA THR C 398 14.70 -41.88 23.56
C THR C 398 14.33 -41.53 24.99
N LEU C 399 14.19 -42.57 25.81
CA LEU C 399 13.98 -42.33 27.23
C LEU C 399 15.17 -41.60 27.82
N ASN C 400 16.39 -41.92 27.36
CA ASN C 400 17.56 -41.23 27.87
C ASN C 400 17.53 -39.76 27.49
N GLU C 401 17.20 -39.48 26.23
CA GLU C 401 17.14 -38.10 25.74
C GLU C 401 16.07 -37.28 26.45
N MET C 402 14.95 -37.89 26.82
CA MET C 402 13.97 -37.14 27.60
C MET C 402 14.48 -36.85 29.00
N ASP C 403 15.15 -37.81 29.63
CA ASP C 403 15.75 -37.51 30.94
C ASP C 403 16.66 -36.30 30.83
N GLU C 404 17.49 -36.27 29.79
CA GLU C 404 18.45 -35.17 29.61
C GLU C 404 17.71 -33.86 29.37
N ALA C 405 16.73 -33.88 28.46
CA ALA C 405 15.98 -32.67 28.18
C ALA C 405 15.24 -32.19 29.40
N MET C 406 14.75 -33.10 30.24
CA MET C 406 14.05 -32.68 31.45
C MET C 406 14.91 -31.84 32.36
N GLU C 407 16.23 -31.93 32.26
CA GLU C 407 17.11 -31.20 33.15
C GLU C 407 17.44 -29.79 32.67
N LYS C 408 17.08 -29.46 31.44
CA LYS C 408 17.31 -28.10 30.95
C LYS C 408 16.64 -27.10 31.89
N PRO C 409 17.29 -25.98 32.19
CA PRO C 409 16.61 -24.96 33.02
C PRO C 409 15.25 -24.53 32.47
N VAL C 410 15.08 -24.36 31.15
CA VAL C 410 13.77 -23.94 30.66
C VAL C 410 12.71 -25.02 30.86
N VAL C 411 13.08 -26.29 30.78
CA VAL C 411 12.08 -27.34 30.98
C VAL C 411 11.70 -27.45 32.45
N GLN C 412 12.67 -27.31 33.35
CA GLN C 412 12.34 -27.28 34.78
C GLN C 412 11.44 -26.10 35.11
N ARG C 413 11.67 -24.95 34.47
CA ARG C 413 10.77 -23.83 34.67
C ARG C 413 9.38 -24.16 34.16
N LEU C 414 9.28 -24.83 33.01
CA LEU C 414 7.96 -25.19 32.49
C LEU C 414 7.26 -26.21 33.38
N LEU C 415 8.02 -27.16 33.95
CA LEU C 415 7.44 -28.11 34.91
C LEU C 415 6.81 -27.42 36.12
N THR C 416 7.49 -26.42 36.67
CA THR C 416 6.91 -25.69 37.77
C THR C 416 5.56 -25.07 37.36
N LEU C 417 5.52 -24.38 36.21
CA LEU C 417 4.25 -23.87 35.72
C LEU C 417 3.18 -24.95 35.64
N MET C 418 3.53 -26.08 35.04
CA MET C 418 2.56 -27.15 34.88
C MET C 418 2.05 -27.65 36.22
N LYS C 419 2.95 -27.86 37.19
CA LYS C 419 2.49 -28.28 38.51
C LYS C 419 1.54 -27.26 39.10
N PHE C 420 1.89 -25.98 38.98
CA PHE C 420 1.04 -24.93 39.53
C PHE C 420 -0.32 -24.90 38.82
N ARG C 421 -0.33 -24.91 37.48
CA ARG C 421 -1.58 -24.88 36.75
C ARG C 421 -2.44 -26.11 37.03
N THR C 422 -1.79 -27.28 37.20
CA THR C 422 -2.52 -28.53 37.43
C THR C 422 -3.14 -28.59 38.83
N ASN C 423 -2.51 -27.96 39.81
CA ASN C 423 -2.87 -28.17 41.21
C ASN C 423 -3.51 -26.98 41.89
N TYR C 424 -3.13 -25.75 41.58
CA TYR C 424 -3.60 -24.61 42.36
C TYR C 424 -5.09 -24.36 42.09
N PRO C 425 -5.91 -24.23 43.14
CA PRO C 425 -7.37 -24.24 42.94
C PRO C 425 -7.95 -22.96 42.33
N ALA C 426 -7.20 -21.86 42.23
CA ALA C 426 -7.82 -20.65 41.69
C ALA C 426 -8.29 -20.83 40.25
N PHE C 427 -7.63 -21.70 39.48
CA PHE C 427 -8.05 -21.92 38.10
C PHE C 427 -9.40 -22.62 38.04
N ASP C 428 -9.86 -23.21 39.15
CA ASP C 428 -11.16 -23.85 39.16
C ASP C 428 -12.30 -22.84 39.36
N GLY C 429 -11.98 -21.57 39.57
CA GLY C 429 -12.96 -20.53 39.75
C GLY C 429 -13.21 -19.73 38.49
N HIS C 430 -13.07 -18.41 38.54
CA HIS C 430 -13.40 -17.57 37.38
C HIS C 430 -12.21 -16.73 36.96
N PHE C 431 -12.14 -16.51 35.63
CA PHE C 431 -11.06 -15.75 35.01
C PHE C 431 -11.31 -14.25 35.11
N GLU C 432 -10.23 -13.50 35.32
CA GLU C 432 -10.32 -12.07 35.50
C GLU C 432 -9.15 -11.37 34.81
N LEU C 433 -9.43 -10.70 33.69
CA LEU C 433 -8.42 -9.94 32.96
C LEU C 433 -8.18 -8.61 33.67
N ASN C 434 -6.92 -8.16 33.72
CA ASN C 434 -6.64 -6.88 34.37
C ASN C 434 -6.19 -5.86 33.34
N TYR C 435 -6.33 -4.60 33.71
CA TYR C 435 -5.82 -3.53 32.84
C TYR C 435 -4.33 -3.58 32.73
N SER C 436 -3.82 -3.36 31.52
CA SER C 436 -2.40 -3.17 31.30
C SER C 436 -2.23 -2.24 30.12
N ASN C 437 -0.99 -1.81 29.88
CA ASN C 437 -0.64 -1.04 28.71
C ASN C 437 -0.62 -1.94 27.47
N ASP C 438 -0.24 -1.37 26.31
CA ASP C 438 -0.28 -2.15 25.07
C ASP C 438 0.98 -3.00 24.84
N SER C 439 1.87 -3.15 25.82
CA SER C 439 3.02 -4.03 25.63
C SER C 439 3.14 -5.06 26.75
N SER C 440 2.08 -5.29 27.52
CA SER C 440 2.10 -6.27 28.59
C SER C 440 0.70 -6.78 28.82
N VAL C 441 0.60 -7.91 29.53
CA VAL C 441 -0.65 -8.61 29.78
C VAL C 441 -0.75 -8.90 31.28
N ALA C 442 -1.94 -8.74 31.84
CA ALA C 442 -2.19 -9.03 33.23
C ALA C 442 -3.46 -9.89 33.35
N MET C 443 -3.32 -11.08 33.94
CA MET C 443 -4.36 -12.10 33.94
C MET C 443 -4.51 -12.71 35.33
N ALA C 444 -5.73 -12.97 35.78
CA ALA C 444 -5.92 -13.47 37.15
C ALA C 444 -7.02 -14.54 37.23
N TRP C 445 -6.86 -15.42 38.21
CA TRP C 445 -7.84 -16.44 38.52
C TRP C 445 -8.18 -16.35 40.00
N ARG C 446 -9.47 -16.48 40.31
CA ARG C 446 -9.95 -16.45 41.68
C ARG C 446 -10.94 -17.58 41.90
N HIS C 447 -10.77 -18.28 43.04
CA HIS C 447 -11.73 -19.28 43.46
C HIS C 447 -11.72 -19.26 44.99
N GLY C 448 -12.68 -18.54 45.56
CA GLY C 448 -12.71 -18.40 47.02
C GLY C 448 -11.53 -17.59 47.52
N GLU C 449 -10.81 -18.15 48.49
CA GLU C 449 -9.64 -17.48 49.03
C GLU C 449 -8.42 -17.69 48.12
N HIS C 450 -8.46 -18.66 47.23
CA HIS C 450 -7.37 -18.88 46.29
C HIS C 450 -7.36 -17.79 45.22
N TYR C 451 -6.17 -17.33 44.89
CA TYR C 451 -6.04 -16.25 43.92
C TYR C 451 -4.64 -16.29 43.32
N CYS C 452 -4.55 -16.18 42.01
CA CYS C 452 -3.26 -16.06 41.39
C CYS C 452 -3.33 -15.08 40.23
N HIS C 453 -2.21 -14.40 40.02
CA HIS C 453 -2.12 -13.26 39.14
C HIS C 453 -0.85 -13.42 38.32
N LEU C 454 -0.99 -13.27 37.00
CA LEU C 454 0.11 -13.33 36.05
C LEU C 454 0.37 -11.96 35.47
N PHE C 455 1.63 -11.52 35.51
CA PHE C 455 2.04 -10.34 34.76
C PHE C 455 3.18 -10.71 33.80
N VAL C 456 2.98 -10.43 32.52
CA VAL C 456 3.98 -10.64 31.47
C VAL C 456 4.25 -9.31 30.80
N ASP C 457 5.52 -8.90 30.77
CA ASP C 457 5.98 -7.76 29.98
C ASP C 457 6.56 -8.29 28.68
N LEU C 458 5.90 -7.96 27.57
CA LEU C 458 6.30 -8.46 26.25
C LEU C 458 7.56 -7.81 25.73
N ASN C 459 7.97 -6.66 26.28
CA ASN C 459 9.21 -6.01 25.84
C ASN C 459 10.43 -6.81 26.26
N PHE C 460 10.46 -7.22 27.52
CA PHE C 460 11.63 -7.88 28.09
C PHE C 460 11.35 -9.33 28.42
N ASN C 461 10.17 -9.81 28.07
CA ASN C 461 9.82 -11.23 28.21
C ASN C 461 9.84 -11.69 29.67
N THR C 462 9.44 -10.81 30.58
CA THR C 462 9.43 -11.20 31.98
C THR C 462 8.08 -11.81 32.33
N SER C 463 8.11 -12.78 33.25
CA SER C 463 6.95 -13.53 33.71
C SER C 463 6.94 -13.46 35.22
N LYS C 464 5.84 -13.04 35.80
CA LYS C 464 5.76 -13.00 37.26
C LYS C 464 4.38 -13.48 37.68
N ILE C 465 4.32 -14.46 38.57
CA ILE C 465 3.07 -14.97 39.11
C ILE C 465 3.06 -14.75 40.62
N GLN C 466 2.03 -14.07 41.11
CA GLN C 466 1.77 -13.94 42.53
C GLN C 466 0.50 -14.69 42.90
N TYR C 467 0.51 -15.35 44.04
CA TYR C 467 -0.61 -16.17 44.43
C TYR C 467 -0.72 -16.24 45.94
N VAL C 468 -1.89 -16.66 46.40
CA VAL C 468 -2.21 -16.74 47.82
C VAL C 468 -1.86 -18.13 48.28
N ASP C 469 -0.90 -18.23 49.20
CA ASP C 469 -0.51 -19.49 49.81
C ASP C 469 -1.56 -19.90 50.83
N VAL C 470 -2.29 -20.96 50.51
CA VAL C 470 -3.42 -21.36 51.33
C VAL C 470 -2.94 -21.76 52.72
N LYS C 471 -1.75 -22.39 52.80
CA LYS C 471 -1.20 -22.86 54.06
C LYS C 471 -1.01 -21.72 55.04
N SER C 472 -0.67 -20.53 54.52
CA SER C 472 -0.38 -19.34 55.32
C SER C 472 -1.38 -18.21 55.17
N GLY C 473 -2.03 -18.08 54.02
CA GLY C 473 -2.82 -16.91 53.74
C GLY C 473 -2.06 -15.82 53.01
N GLU C 474 -0.74 -15.75 53.19
CA GLU C 474 0.06 -14.68 52.61
C GLU C 474 0.22 -14.83 51.09
N THR C 475 0.34 -13.70 50.40
CA THR C 475 0.67 -13.70 48.98
C THR C 475 2.13 -14.05 48.75
N ARG C 476 2.40 -14.93 47.78
CA ARG C 476 3.73 -15.39 47.45
C ARG C 476 4.02 -15.22 45.97
N ASP C 477 5.31 -15.25 45.63
CA ASP C 477 5.78 -15.28 44.25
C ASP C 477 6.07 -16.72 43.83
N LEU C 478 5.61 -17.10 42.66
CA LEU C 478 5.89 -18.43 42.16
C LEU C 478 7.28 -18.43 41.51
N GLU C 479 8.10 -19.43 41.87
CA GLU C 479 9.48 -19.49 41.39
C GLU C 479 9.63 -20.31 40.12
N PHE C 480 9.35 -19.68 38.98
CA PHE C 480 9.46 -20.37 37.72
C PHE C 480 10.25 -19.47 36.75
N LEU D 2 43.55 21.05 16.74
CA LEU D 2 43.11 20.80 15.37
C LEU D 2 43.79 19.58 14.75
N LEU D 3 42.98 18.76 14.11
CA LEU D 3 43.40 17.53 13.47
C LEU D 3 43.84 17.81 12.04
N LYS D 4 44.60 16.87 11.48
CA LYS D 4 44.92 16.92 10.06
C LYS D 4 43.67 16.62 9.22
N ASN D 5 43.48 17.41 8.17
CA ASN D 5 42.39 17.19 7.21
C ASN D 5 42.80 16.14 6.19
N ALA D 6 42.91 14.90 6.65
CA ALA D 6 43.44 13.83 5.83
C ALA D 6 42.67 12.54 6.11
N VAL D 7 42.90 11.54 5.26
CA VAL D 7 42.25 10.25 5.44
C VAL D 7 42.74 9.61 6.73
N GLN D 8 41.84 8.99 7.47
CA GLN D 8 42.20 8.21 8.63
C GLN D 8 41.89 6.74 8.36
N LEU D 9 42.66 5.86 9.00
CA LEU D 9 42.44 4.42 8.96
C LEU D 9 41.71 3.98 10.22
N ILE D 10 40.67 3.17 10.08
CA ILE D 10 40.04 2.51 11.22
C ILE D 10 40.53 1.08 11.26
N CYS D 11 41.11 0.67 12.40
CA CYS D 11 41.69 -0.67 12.48
C CYS D 11 41.69 -1.19 13.90
N TYR D 12 41.74 -2.52 14.01
CA TYR D 12 41.93 -3.21 15.28
C TYR D 12 43.41 -3.23 15.66
N PRO D 13 43.72 -3.57 16.91
CA PRO D 13 45.14 -3.72 17.29
C PRO D 13 45.81 -4.97 16.73
N ASP D 14 45.04 -6.01 16.34
CA ASP D 14 45.63 -7.29 15.97
C ASP D 14 45.01 -7.94 14.75
N ARG D 15 44.29 -7.21 13.90
CA ARG D 15 43.67 -7.84 12.76
C ARG D 15 44.46 -7.62 11.48
N ILE D 16 45.65 -7.03 11.59
CA ILE D 16 46.59 -6.91 10.48
C ILE D 16 47.93 -7.41 11.01
N GLY D 17 48.27 -8.67 10.69
CA GLY D 17 49.32 -9.29 11.47
C GLY D 17 48.82 -9.65 12.85
N ASN D 18 49.75 -9.70 13.83
CA ASN D 18 49.43 -10.23 15.14
C ASN D 18 49.31 -9.20 16.26
N ASN D 19 49.70 -7.95 16.03
CA ASN D 19 49.86 -7.03 17.16
C ASN D 19 50.13 -5.63 16.63
N LEU D 20 50.34 -4.70 17.57
CA LEU D 20 50.56 -3.30 17.25
C LEU D 20 51.87 -3.06 16.50
N THR D 21 52.87 -3.91 16.70
CA THR D 21 54.10 -3.76 15.94
C THR D 21 53.87 -4.09 14.46
N ASP D 22 53.19 -5.22 14.19
CA ASP D 22 52.86 -5.55 12.80
C ASP D 22 51.93 -4.50 12.19
N LEU D 23 51.05 -3.89 13.00
CA LEU D 23 50.21 -2.81 12.49
C LEU D 23 51.04 -1.66 11.98
N HIS D 24 52.02 -1.22 12.78
CA HIS D 24 52.88 -0.12 12.34
C HIS D 24 53.68 -0.50 11.11
N THR D 25 54.11 -1.75 11.03
CA THR D 25 54.85 -2.18 9.84
C THR D 25 54.00 -1.98 8.58
N ALA D 26 52.75 -2.45 8.60
CA ALA D 26 51.91 -2.34 7.41
C ALA D 26 51.62 -0.88 7.06
N VAL D 27 51.41 -0.04 8.08
CA VAL D 27 51.09 1.37 7.84
C VAL D 27 52.26 2.10 7.20
N GLU D 28 53.47 1.94 7.76
CA GLU D 28 54.62 2.58 7.14
C GLU D 28 54.98 1.96 5.80
N LYS D 29 54.69 0.68 5.60
CA LYS D 29 54.99 0.06 4.31
C LYS D 29 54.04 0.53 3.21
N HIS D 30 52.76 0.70 3.52
CA HIS D 30 51.78 0.93 2.46
C HIS D 30 51.11 2.28 2.49
N LEU D 31 50.95 2.91 3.66
CA LEU D 31 49.98 3.99 3.81
C LEU D 31 50.57 5.33 4.22
N SER D 32 51.89 5.44 4.30
CA SER D 32 52.55 6.61 4.90
C SER D 32 52.28 7.92 4.15
N ASP D 33 51.88 7.84 2.88
CA ASP D 33 51.47 9.03 2.14
C ASP D 33 49.97 9.10 1.91
N ALA D 34 49.22 8.13 2.43
CA ALA D 34 47.80 8.00 2.11
C ALA D 34 46.90 8.36 3.28
N ILE D 35 47.40 8.31 4.52
CA ILE D 35 46.65 8.67 5.72
C ILE D 35 47.49 9.62 6.54
N GLY D 36 46.81 10.38 7.39
CA GLY D 36 47.46 11.26 8.34
C GLY D 36 47.01 10.99 9.76
N GLY D 37 46.21 9.94 9.94
CA GLY D 37 45.65 9.63 11.24
C GLY D 37 45.14 8.21 11.31
N LEU D 38 44.89 7.77 12.53
CA LEU D 38 44.53 6.38 12.78
C LEU D 38 43.54 6.30 13.93
N HIS D 39 42.45 5.57 13.74
CA HIS D 39 41.59 5.16 14.85
C HIS D 39 41.90 3.71 15.16
N ILE D 40 42.61 3.49 16.27
CA ILE D 40 42.90 2.14 16.75
C ILE D 40 41.82 1.74 17.75
N LEU D 41 41.02 0.74 17.38
CA LEU D 41 39.92 0.28 18.20
C LEU D 41 40.44 -0.27 19.54
N PRO D 42 39.56 -0.39 20.55
CA PRO D 42 40.04 -0.61 21.92
C PRO D 42 41.10 -1.70 22.03
N PHE D 43 42.20 -1.35 22.72
CA PHE D 43 43.40 -2.24 22.83
C PHE D 43 43.76 -2.43 24.29
N PHE D 44 42.89 -2.06 25.19
CA PHE D 44 43.06 -2.19 26.63
C PHE D 44 42.74 -3.61 27.05
N PRO D 45 43.06 -3.98 28.28
CA PRO D 45 42.48 -5.21 28.85
C PRO D 45 40.96 -5.13 28.81
N SER D 46 40.34 -6.19 28.29
CA SER D 46 38.88 -6.21 28.13
C SER D 46 38.40 -7.65 28.19
N ASN D 47 37.18 -7.85 28.70
CA ASN D 47 36.60 -9.18 28.82
C ASN D 47 35.23 -9.30 28.14
N ALA D 48 34.88 -8.39 27.24
CA ALA D 48 33.66 -8.54 26.46
C ALA D 48 33.70 -7.60 25.27
N ASP D 49 32.90 -7.97 24.27
CA ASP D 49 32.46 -7.05 23.20
C ASP D 49 33.66 -6.46 22.46
N GLY D 50 34.64 -7.31 22.15
CA GLY D 50 35.71 -6.90 21.26
C GLY D 50 36.49 -5.69 21.69
N GLY D 51 36.80 -5.59 22.99
CA GLY D 51 37.56 -4.49 23.54
C GLY D 51 36.74 -3.46 24.25
N PHE D 52 35.41 -3.45 24.09
CA PHE D 52 34.59 -2.39 24.64
C PHE D 52 34.09 -2.67 26.06
N SER D 53 34.80 -3.53 26.79
CA SER D 53 34.57 -3.74 28.22
C SER D 53 35.90 -3.63 28.94
N PRO D 54 36.50 -2.43 28.96
CA PRO D 54 37.87 -2.31 29.46
C PRO D 54 37.96 -2.30 30.98
N LEU D 55 38.87 -3.11 31.50
CA LEU D 55 39.17 -3.10 32.93
C LEU D 55 39.79 -1.76 33.33
N THR D 56 40.48 -1.11 32.38
CA THR D 56 41.11 0.18 32.57
C THR D 56 41.51 0.70 31.19
N HIS D 57 41.53 2.03 31.07
CA HIS D 57 42.04 2.73 29.89
C HIS D 57 43.52 3.09 29.98
N LYS D 58 44.21 2.68 31.04
CA LYS D 58 45.57 3.15 31.29
C LYS D 58 46.64 2.12 30.94
N GLU D 59 46.27 0.98 30.38
CA GLU D 59 47.28 -0.02 30.06
C GLU D 59 46.87 -0.71 28.77
N VAL D 60 47.87 -1.20 28.04
CA VAL D 60 47.67 -1.98 26.82
C VAL D 60 47.63 -3.45 27.17
N ASP D 61 46.68 -4.17 26.60
CA ASP D 61 46.67 -5.63 26.73
C ASP D 61 47.97 -6.18 26.14
N PRO D 62 48.76 -6.92 26.92
CA PRO D 62 50.06 -7.38 26.41
C PRO D 62 49.97 -8.21 25.14
N ALA D 63 48.85 -8.90 24.91
CA ALA D 63 48.67 -9.62 23.64
C ALA D 63 48.78 -8.68 22.45
N PHE D 64 48.57 -7.39 22.65
CA PHE D 64 48.61 -6.40 21.58
C PHE D 64 49.93 -5.65 21.52
N GLY D 65 50.60 -5.50 22.65
CA GLY D 65 51.83 -4.73 22.74
C GLY D 65 51.91 -3.88 23.99
N THR D 66 52.60 -2.73 23.88
CA THR D 66 52.83 -1.82 24.99
C THR D 66 52.40 -0.41 24.58
N TRP D 67 52.51 0.53 25.52
CA TRP D 67 52.23 1.93 25.18
C TRP D 67 53.23 2.48 24.18
N ASP D 68 54.48 2.01 24.22
CA ASP D 68 55.44 2.44 23.21
C ASP D 68 54.98 2.06 21.81
N ASP D 69 54.31 0.92 21.68
CA ASP D 69 53.81 0.54 20.36
C ASP D 69 52.74 1.53 19.89
N ILE D 70 51.98 2.11 20.82
CA ILE D 70 51.00 3.13 20.49
C ILE D 70 51.68 4.46 20.19
N GLU D 71 52.65 4.84 21.01
CA GLU D 71 53.34 6.10 20.74
C GLU D 71 54.20 6.03 19.48
N ALA D 72 54.47 4.83 18.94
CA ALA D 72 55.18 4.74 17.66
C ALA D 72 54.40 5.38 16.53
N PHE D 73 53.09 5.57 16.70
CA PHE D 73 52.26 6.19 15.67
C PHE D 73 52.16 7.70 15.84
N THR D 74 52.16 8.20 17.07
CA THR D 74 52.03 9.63 17.28
C THR D 74 53.29 10.35 16.82
N GLY D 75 53.16 11.64 16.57
CA GLY D 75 54.27 12.38 16.01
C GLY D 75 54.29 12.36 14.48
N LYS D 76 53.80 11.29 13.87
CA LYS D 76 53.50 11.31 12.45
C LYS D 76 52.01 11.26 12.13
N TYR D 77 51.17 10.67 12.98
CA TYR D 77 49.74 10.49 12.68
C TYR D 77 48.88 11.00 13.83
N ASP D 78 47.70 11.51 13.50
CA ASP D 78 46.71 11.77 14.53
C ASP D 78 46.27 10.44 15.11
N LEU D 79 45.89 10.45 16.39
CA LEU D 79 45.59 9.22 17.10
C LEU D 79 44.21 9.33 17.73
N CYS D 80 43.29 8.51 17.21
CA CYS D 80 41.91 8.42 17.68
C CYS D 80 41.73 7.13 18.47
N VAL D 81 41.28 7.25 19.71
CA VAL D 81 41.14 6.12 20.63
C VAL D 81 39.78 6.22 21.33
N ASP D 82 39.21 5.06 21.64
CA ASP D 82 37.93 4.95 22.31
C ASP D 82 38.01 5.32 23.79
N LEU D 83 37.00 6.04 24.26
CA LEU D 83 36.75 6.30 25.67
C LEU D 83 35.35 5.79 25.95
N THR D 84 35.24 4.69 26.71
CA THR D 84 33.93 4.05 26.91
C THR D 84 33.21 4.71 28.08
N VAL D 85 32.64 5.89 27.81
CA VAL D 85 32.09 6.75 28.86
C VAL D 85 30.92 6.10 29.59
N ASN D 86 30.27 5.11 28.98
CA ASN D 86 29.04 4.53 29.54
C ASN D 86 29.29 3.51 30.63
N HIS D 87 30.39 2.76 30.53
CA HIS D 87 30.57 1.56 31.32
C HIS D 87 32.06 1.23 31.43
N ILE D 88 32.39 0.45 32.45
CA ILE D 88 33.70 -0.19 32.58
C ILE D 88 33.48 -1.65 32.91
N SER D 89 34.56 -2.43 32.83
CA SER D 89 34.46 -3.87 33.03
C SER D 89 34.15 -4.24 34.48
N ASP D 90 33.43 -5.34 34.64
CA ASP D 90 33.22 -5.88 35.99
C ASP D 90 34.48 -6.45 36.60
N GLU D 91 35.54 -6.66 35.81
CA GLU D 91 36.85 -7.06 36.36
C GLU D 91 37.75 -5.86 36.57
N SER D 92 37.24 -4.65 36.38
CA SER D 92 38.00 -3.45 36.68
C SER D 92 38.30 -3.42 38.19
N PRO D 93 39.38 -2.75 38.59
CA PRO D 93 39.66 -2.65 40.03
C PRO D 93 38.52 -2.00 40.80
N GLU D 94 37.83 -1.05 40.18
CA GLU D 94 36.75 -0.32 40.85
C GLU D 94 35.57 -1.24 41.16
N PHE D 95 35.15 -2.05 40.19
CA PHE D 95 33.98 -2.88 40.43
C PHE D 95 34.32 -4.10 41.27
N ARG D 96 35.52 -4.65 41.09
CA ARG D 96 35.93 -5.75 41.97
C ARG D 96 36.00 -5.29 43.41
N ASP D 97 36.41 -4.04 43.63
CA ASP D 97 36.38 -3.44 44.95
C ASP D 97 34.95 -3.33 45.47
N PHE D 98 33.97 -3.07 44.58
CA PHE D 98 32.57 -3.07 45.01
C PHE D 98 32.10 -4.47 45.38
N ILE D 99 32.53 -5.50 44.64
CA ILE D 99 32.14 -6.85 45.02
C ILE D 99 32.74 -7.22 46.36
N ALA D 100 33.98 -6.81 46.61
CA ALA D 100 34.66 -7.21 47.84
C ALA D 100 34.16 -6.42 49.04
N ASN D 101 33.87 -5.13 48.86
CA ASN D 101 33.56 -4.24 49.97
C ASN D 101 32.14 -3.67 49.96
N GLY D 102 31.31 -4.06 49.00
CA GLY D 102 29.94 -3.61 49.05
C GLY D 102 29.85 -2.10 49.00
N PHE D 103 28.85 -1.56 49.72
CA PHE D 103 28.62 -0.13 49.73
C PHE D 103 29.59 0.61 50.63
N ASP D 104 30.49 -0.12 51.30
CA ASP D 104 31.62 0.52 51.97
C ASP D 104 32.78 0.77 51.03
N SER D 105 32.70 0.29 49.79
CA SER D 105 33.74 0.58 48.81
C SER D 105 33.79 2.08 48.53
N GLU D 106 35.01 2.61 48.40
CA GLU D 106 35.16 4.01 48.03
C GLU D 106 34.71 4.27 46.60
N TYR D 107 34.41 3.21 45.84
CA TYR D 107 33.91 3.33 44.48
C TYR D 107 32.44 2.95 44.37
N ALA D 108 31.72 2.87 45.50
CA ALA D 108 30.33 2.45 45.44
C ALA D 108 29.50 3.40 44.60
N ASP D 109 29.70 4.70 44.77
CA ASP D 109 28.93 5.72 44.07
C ASP D 109 29.26 5.78 42.58
N LEU D 110 30.22 4.98 42.11
CA LEU D 110 30.59 4.97 40.70
C LEU D 110 29.60 4.23 39.83
N PHE D 111 28.75 3.38 40.40
CA PHE D 111 27.86 2.53 39.61
C PHE D 111 26.40 2.84 39.95
N VAL D 112 25.49 2.38 39.09
CA VAL D 112 24.07 2.68 39.23
C VAL D 112 23.40 1.52 39.95
N HIS D 113 22.84 1.79 41.12
CA HIS D 113 22.24 0.77 41.97
C HIS D 113 20.73 0.80 41.76
N VAL D 114 20.20 -0.27 41.15
CA VAL D 114 18.87 -0.27 40.57
C VAL D 114 17.79 -0.06 41.63
N ASP D 115 17.99 -0.61 42.82
CA ASP D 115 16.93 -0.56 43.81
C ASP D 115 16.71 0.84 44.36
N ARG D 116 17.63 1.77 44.10
CA ARG D 116 17.48 3.17 44.48
C ARG D 116 16.50 3.93 43.58
N PHE D 117 15.83 3.24 42.66
CA PHE D 117 14.78 3.86 41.86
C PHE D 117 13.39 3.49 42.38
N GLY D 118 13.31 2.58 43.33
CA GLY D 118 12.01 2.14 43.78
C GLY D 118 11.36 1.26 42.73
N ASP D 119 10.04 1.18 42.79
CA ASP D 119 9.28 0.43 41.81
C ASP D 119 9.24 1.21 40.50
N ILE D 120 9.59 0.55 39.41
CA ILE D 120 9.50 1.14 38.08
C ILE D 120 8.27 0.56 37.42
N SER D 121 7.35 1.43 37.00
CA SER D 121 6.09 1.00 36.42
C SER D 121 6.35 0.26 35.11
N PRO D 122 5.41 -0.57 34.68
CA PRO D 122 5.54 -1.17 33.34
C PRO D 122 5.72 -0.12 32.25
N ASP D 123 4.98 0.99 32.32
CA ASP D 123 5.17 2.06 31.34
C ASP D 123 6.60 2.56 31.35
N ASP D 124 7.16 2.82 32.53
CA ASP D 124 8.50 3.41 32.58
C ASP D 124 9.57 2.39 32.21
N MET D 125 9.32 1.09 32.43
CA MET D 125 10.25 0.10 31.88
C MET D 125 10.21 0.12 30.35
N ALA D 126 9.00 0.24 29.78
CA ALA D 126 8.83 0.14 28.33
C ALA D 126 9.47 1.31 27.57
N LYS D 127 9.57 2.50 28.17
CA LYS D 127 10.18 3.65 27.50
C LYS D 127 11.68 3.49 27.25
N ILE D 128 12.34 2.64 28.05
CA ILE D 128 13.79 2.59 28.09
C ILE D 128 14.33 2.12 26.75
N HIS D 129 15.31 2.85 26.22
CA HIS D 129 15.93 2.52 24.94
C HIS D 129 17.10 1.57 25.15
N ILE D 130 16.87 0.29 25.00
CA ILE D 130 17.96 -0.69 25.01
C ILE D 130 17.66 -1.73 23.95
N ARG D 131 18.69 -2.07 23.19
CA ARG D 131 18.58 -3.04 22.12
C ARG D 131 19.00 -4.41 22.63
N LYS D 132 18.15 -4.97 23.48
CA LYS D 132 18.36 -6.34 23.94
C LYS D 132 17.09 -6.66 24.69
N GLU D 133 16.72 -7.92 24.68
CA GLU D 133 15.39 -8.27 25.15
C GLU D 133 15.37 -8.70 26.60
N LYS D 134 16.31 -8.16 27.38
CA LYS D 134 16.42 -8.35 28.82
C LYS D 134 16.31 -7.00 29.51
N GLU D 135 15.82 -7.01 30.74
CA GLU D 135 15.93 -5.82 31.56
C GLU D 135 17.40 -5.45 31.75
N PRO D 136 17.74 -4.18 31.76
CA PRO D 136 19.16 -3.79 31.82
C PRO D 136 19.71 -3.74 33.23
N PHE D 137 19.40 -4.80 33.99
CA PHE D 137 19.75 -4.90 35.39
C PHE D 137 20.49 -6.22 35.57
N ARG D 138 21.62 -6.20 36.28
CA ARG D 138 22.35 -7.40 36.60
C ARG D 138 22.46 -7.56 38.12
N GLU D 139 22.07 -8.74 38.62
CA GLU D 139 22.19 -9.04 40.04
C GLU D 139 23.57 -9.68 40.28
N VAL D 140 24.35 -9.09 41.18
CA VAL D 140 25.68 -9.60 41.50
C VAL D 140 25.73 -9.96 42.97
N THR D 141 26.63 -10.88 43.31
CA THR D 141 26.82 -11.34 44.68
C THR D 141 28.00 -10.62 45.31
N LEU D 142 27.75 -9.92 46.41
CA LEU D 142 28.84 -9.29 47.12
C LEU D 142 29.71 -10.36 47.78
N ALA D 143 30.86 -9.92 48.28
CA ALA D 143 31.76 -10.87 48.93
C ALA D 143 31.09 -11.51 50.15
N ASP D 144 30.28 -10.75 50.87
CA ASP D 144 29.62 -11.25 52.08
C ASP D 144 28.35 -12.05 51.79
N GLY D 145 28.09 -12.40 50.52
CA GLY D 145 26.91 -13.17 50.18
C GLY D 145 25.67 -12.35 49.88
N THR D 146 25.69 -11.05 50.16
CA THR D 146 24.58 -10.18 49.79
C THR D 146 24.44 -10.08 48.28
N LYS D 147 23.21 -9.99 47.81
CA LYS D 147 22.91 -9.78 46.39
C LYS D 147 22.37 -8.37 46.18
N THR D 148 22.88 -7.70 45.16
CA THR D 148 22.46 -6.33 44.82
C THR D 148 22.54 -6.18 43.30
N ARG D 149 21.73 -5.28 42.75
CA ARG D 149 21.61 -5.14 41.31
C ARG D 149 22.17 -3.80 40.84
N VAL D 150 22.89 -3.84 39.73
CA VAL D 150 23.48 -2.66 39.11
C VAL D 150 22.95 -2.54 37.69
N TRP D 151 22.91 -1.30 37.17
CA TRP D 151 22.43 -1.06 35.82
C TRP D 151 23.41 -1.63 34.81
N CYS D 152 22.89 -2.22 33.73
CA CYS D 152 23.72 -2.93 32.77
C CYS D 152 23.06 -2.89 31.40
N THR D 153 23.50 -1.97 30.54
CA THR D 153 22.91 -1.76 29.22
C THR D 153 23.29 -2.88 28.26
N PHE D 154 24.57 -3.18 28.17
CA PHE D 154 25.19 -4.09 27.22
C PHE D 154 25.39 -5.49 27.81
N THR D 155 26.45 -6.20 27.41
CA THR D 155 26.77 -7.47 28.05
C THR D 155 26.91 -7.31 29.56
N GLU D 156 26.77 -8.43 30.28
CA GLU D 156 26.86 -8.38 31.72
C GLU D 156 28.25 -8.01 32.25
N GLN D 157 29.30 -8.14 31.45
CA GLN D 157 30.62 -7.75 31.95
C GLN D 157 30.85 -6.24 31.87
N GLN D 158 29.90 -5.51 31.32
CA GLN D 158 29.95 -4.06 31.17
C GLN D 158 29.00 -3.43 32.19
N ILE D 159 29.55 -2.75 33.20
CA ILE D 159 28.74 -2.18 34.27
C ILE D 159 28.66 -0.68 34.06
N ASP D 160 27.44 -0.14 33.96
CA ASP D 160 27.33 1.27 33.60
C ASP D 160 27.80 2.17 34.74
N LEU D 161 28.35 3.32 34.36
CA LEU D 161 28.81 4.31 35.32
C LEU D 161 27.68 5.28 35.67
N ASN D 162 27.81 5.88 36.87
CA ASN D 162 26.75 6.69 37.48
C ASN D 162 27.06 8.16 37.25
N TYR D 163 26.41 8.78 36.27
CA TYR D 163 26.73 10.19 36.07
C TYR D 163 25.88 11.11 36.93
N ASP D 164 25.07 10.56 37.83
CA ASP D 164 24.52 11.32 38.94
C ASP D 164 25.49 11.48 40.09
N GLY D 165 26.55 10.65 40.14
CA GLY D 165 27.58 10.78 41.13
C GLY D 165 28.79 11.56 40.63
N ASP D 166 29.75 11.77 41.54
CA ASP D 166 30.97 12.47 41.18
C ASP D 166 32.09 11.56 40.73
N LEU D 167 32.07 10.30 41.15
CA LEU D 167 33.17 9.40 40.83
C LEU D 167 33.29 9.17 39.33
N ALA D 168 32.16 9.14 38.62
CA ALA D 168 32.22 8.88 37.18
C ALA D 168 33.02 9.95 36.44
N TYR D 169 32.80 11.23 36.77
CA TYR D 169 33.55 12.28 36.10
C TYR D 169 35.03 12.20 36.51
N ARG D 170 35.28 11.90 37.79
CA ARG D 170 36.66 11.83 38.27
C ARG D 170 37.40 10.70 37.55
N LEU D 171 36.73 9.57 37.36
CA LEU D 171 37.33 8.45 36.65
C LEU D 171 37.60 8.81 35.19
N MET D 172 36.60 9.38 34.51
CA MET D 172 36.75 9.75 33.10
C MET D 172 37.86 10.77 32.93
N GLU D 173 37.92 11.75 33.84
CA GLU D 173 38.97 12.75 33.75
C GLU D 173 40.34 12.10 33.92
N SER D 174 40.42 11.08 34.77
CA SER D 174 41.66 10.33 34.90
C SER D 174 41.99 9.58 33.60
N TYR D 175 40.99 8.93 33.00
CA TYR D 175 41.21 8.23 31.74
C TYR D 175 41.69 9.18 30.64
N ILE D 176 41.01 10.32 30.47
CA ILE D 176 41.39 11.28 29.43
C ILE D 176 42.80 11.81 29.64
N GLY D 177 43.13 12.16 30.89
CA GLY D 177 44.47 12.64 31.19
C GLY D 177 45.53 11.65 30.78
N PHE D 178 45.29 10.36 31.05
CA PHE D 178 46.30 9.36 30.73
C PHE D 178 46.42 9.15 29.22
N LEU D 179 45.28 9.01 28.54
CA LEU D 179 45.28 8.77 27.10
C LEU D 179 45.92 9.93 26.36
N THR D 180 45.54 11.16 26.71
CA THR D 180 46.12 12.31 26.03
C THR D 180 47.63 12.39 26.27
N SER D 181 48.11 11.95 27.44
CA SER D 181 49.55 11.96 27.68
C SER D 181 50.28 10.89 26.85
N LYS D 182 49.56 9.93 26.28
CA LYS D 182 50.18 9.00 25.36
C LYS D 182 50.04 9.44 23.91
N GLY D 183 49.45 10.61 23.67
CA GLY D 183 49.35 11.14 22.33
C GLY D 183 48.01 11.00 21.65
N VAL D 184 46.97 10.56 22.35
CA VAL D 184 45.63 10.58 21.79
C VAL D 184 45.19 12.03 21.69
N ASN D 185 44.87 12.47 20.47
CA ASN D 185 44.35 13.82 20.25
C ASN D 185 42.94 13.83 19.66
N LEU D 186 42.29 12.66 19.54
CA LEU D 186 40.88 12.57 19.19
C LEU D 186 40.26 11.40 19.97
N LEU D 187 39.24 11.71 20.78
CA LEU D 187 38.61 10.75 21.71
C LEU D 187 37.23 10.36 21.19
N ARG D 188 37.08 9.08 20.83
CA ARG D 188 35.78 8.53 20.43
C ARG D 188 34.98 8.20 21.69
N LEU D 189 33.83 8.86 21.85
CA LEU D 189 33.05 8.74 23.08
C LEU D 189 31.94 7.71 22.85
N ASP D 190 32.17 6.49 23.33
CA ASP D 190 31.33 5.37 22.95
C ASP D 190 30.02 5.42 23.70
N ALA D 191 28.91 5.32 22.96
CA ALA D 191 27.60 5.10 23.56
C ALA D 191 27.27 6.17 24.59
N PHE D 192 27.63 7.42 24.30
CA PHE D 192 27.42 8.48 25.30
C PHE D 192 25.94 8.68 25.59
N GLY D 193 25.07 8.27 24.66
CA GLY D 193 23.65 8.52 24.85
C GLY D 193 23.05 7.78 26.03
N TYR D 194 23.71 6.74 26.53
CA TYR D 194 23.22 5.99 27.68
C TYR D 194 23.65 6.58 29.02
N THR D 195 24.47 7.62 29.04
CA THR D 195 25.01 8.11 30.29
C THR D 195 23.96 8.77 31.16
N THR D 196 22.79 9.08 30.62
CA THR D 196 21.72 9.73 31.38
C THR D 196 20.65 8.70 31.70
N LYS D 197 20.61 8.26 32.96
CA LYS D 197 19.56 7.40 33.47
C LYS D 197 18.58 8.26 34.25
N ARG D 198 17.32 8.31 33.79
CA ARG D 198 16.28 8.96 34.57
C ARG D 198 14.97 8.23 34.34
N ILE D 199 14.42 7.66 35.41
CA ILE D 199 13.17 6.91 35.28
C ILE D 199 12.03 7.85 34.86
N GLY D 200 11.19 7.36 33.96
CA GLY D 200 10.20 8.18 33.31
C GLY D 200 10.61 8.68 31.95
N THR D 201 11.89 8.57 31.60
CA THR D 201 12.36 8.94 30.29
C THR D 201 12.93 7.70 29.63
N SER D 202 13.31 7.85 28.37
CA SER D 202 13.92 6.77 27.62
C SER D 202 15.32 6.38 28.13
N CYS D 203 15.91 7.15 29.05
CA CYS D 203 17.28 6.85 29.50
C CYS D 203 18.25 6.80 28.33
N PHE D 204 18.02 7.67 27.35
CA PHE D 204 18.87 7.70 26.17
C PHE D 204 18.76 9.08 25.58
N LEU D 205 19.90 9.77 25.42
CA LEU D 205 19.95 11.12 24.83
C LEU D 205 18.96 12.05 25.54
N VAL D 206 18.87 11.92 26.86
CA VAL D 206 17.90 12.72 27.65
C VAL D 206 18.39 14.17 27.69
N GLU D 207 17.62 15.05 27.07
CA GLU D 207 18.06 16.44 26.96
C GLU D 207 17.28 17.30 27.99
N PRO D 208 17.95 18.29 28.63
CA PRO D 208 19.22 18.89 28.12
C PRO D 208 20.49 18.34 28.78
N GLU D 209 20.38 17.39 29.71
CA GLU D 209 21.54 16.88 30.49
C GLU D 209 22.64 16.21 29.65
N VAL D 210 22.29 15.54 28.57
CA VAL D 210 23.29 14.83 27.72
C VAL D 210 24.31 15.85 27.19
N TYR D 211 23.85 17.05 26.87
CA TYR D 211 24.81 18.02 26.34
C TYR D 211 25.65 18.60 27.47
N ARG D 212 25.13 18.59 28.69
CA ARG D 212 25.92 19.02 29.84
C ARG D 212 27.03 18.02 30.15
N ILE D 213 26.71 16.72 30.13
CA ILE D 213 27.76 15.69 30.19
C ILE D 213 28.74 15.87 29.05
N LEU D 214 28.23 16.22 27.89
CA LEU D 214 29.04 16.28 26.69
C LEU D 214 29.92 17.54 26.67
N ASP D 215 29.38 18.69 27.12
CA ASP D 215 30.21 19.89 27.24
C ASP D 215 31.35 19.69 28.21
N TRP D 216 31.08 18.95 29.30
CA TRP D 216 32.10 18.72 30.30
C TRP D 216 33.25 17.89 29.75
N ILE D 217 32.94 16.74 29.14
CA ILE D 217 33.98 15.92 28.51
C ILE D 217 34.73 16.74 27.47
N ASN D 218 33.99 17.50 26.68
CA ASN D 218 34.62 18.31 25.64
C ASN D 218 35.64 19.27 26.24
N GLU D 219 35.27 19.91 27.35
CA GLU D 219 36.14 20.87 28.01
C GLU D 219 37.36 20.18 28.61
N VAL D 220 37.17 19.04 29.29
CA VAL D 220 38.30 18.31 29.84
C VAL D 220 39.24 17.86 28.73
N ALA D 221 38.69 17.38 27.61
CA ALA D 221 39.52 16.94 26.50
C ALA D 221 40.34 18.09 25.93
N PHE D 222 39.72 19.26 25.77
CA PHE D 222 40.42 20.40 25.17
C PHE D 222 41.59 20.85 26.00
N LYS D 223 41.41 20.97 27.30
CA LYS D 223 42.53 21.39 28.10
C LYS D 223 43.59 20.31 28.21
N HIS D 224 43.31 19.10 27.75
CA HIS D 224 44.34 18.07 27.64
C HIS D 224 44.78 17.84 26.20
N GLY D 225 44.44 18.74 25.28
CA GLY D 225 44.91 18.65 23.91
C GLY D 225 44.20 17.66 23.00
N ALA D 226 42.90 17.47 23.18
CA ALA D 226 42.17 16.52 22.36
C ALA D 226 40.82 17.10 21.95
N GLU D 227 40.33 16.63 20.82
CA GLU D 227 38.99 16.93 20.37
C GLU D 227 38.15 15.68 20.54
N CYS D 228 36.84 15.80 20.31
CA CYS D 228 35.93 14.71 20.60
C CYS D 228 35.15 14.27 19.37
N LEU D 229 34.90 12.96 19.28
CA LEU D 229 34.10 12.32 18.24
C LEU D 229 33.01 11.54 18.97
N PRO D 230 31.93 12.20 19.38
CA PRO D 230 30.88 11.49 20.14
C PRO D 230 30.11 10.55 19.23
N GLU D 231 29.87 9.31 19.68
CA GLU D 231 29.27 8.27 18.84
C GLU D 231 27.83 8.03 19.29
N VAL D 232 26.86 8.35 18.41
CA VAL D 232 25.46 8.06 18.67
C VAL D 232 24.79 7.59 17.38
N HIS D 233 24.03 6.48 17.49
CA HIS D 233 23.23 5.94 16.38
C HIS D 233 21.76 6.21 16.69
N ASP D 234 21.23 7.28 16.09
CA ASP D 234 19.85 7.65 16.23
C ASP D 234 19.56 8.65 15.11
N HIS D 235 18.52 9.46 15.28
CA HIS D 235 18.14 10.39 14.23
C HIS D 235 19.28 11.37 13.95
N THR D 236 19.47 11.75 12.67
CA THR D 236 20.58 12.65 12.33
C THR D 236 20.56 13.93 13.13
N SER D 237 19.39 14.36 13.61
CA SER D 237 19.35 15.63 14.34
C SER D 237 20.37 15.66 15.48
N TYR D 238 20.67 14.52 16.11
CA TYR D 238 21.68 14.51 17.16
C TYR D 238 23.07 14.83 16.61
N GLN D 239 23.33 14.43 15.36
CA GLN D 239 24.57 14.85 14.75
C GLN D 239 24.66 16.37 14.61
N TYR D 240 23.54 17.07 14.38
CA TYR D 240 23.71 18.52 14.33
C TYR D 240 23.87 19.07 15.74
N ALA D 241 23.17 18.52 16.71
CA ALA D 241 23.30 19.01 18.08
C ALA D 241 24.75 18.91 18.54
N ILE D 242 25.42 17.79 18.25
CA ILE D 242 26.84 17.65 18.56
C ILE D 242 27.65 18.70 17.81
N SER D 243 27.39 18.86 16.52
CA SER D 243 28.20 19.73 15.69
C SER D 243 28.18 21.14 16.22
N ARG D 244 27.03 21.59 16.71
CA ARG D 244 26.90 22.92 17.27
C ARG D 244 27.59 23.09 18.61
N ARG D 245 28.15 22.03 19.17
CA ARG D 245 28.86 22.13 20.44
C ARG D 245 30.36 21.90 20.27
N ASN D 246 30.88 22.21 19.08
CA ASN D 246 32.33 22.16 18.81
C ASN D 246 32.85 20.75 18.96
N MET D 247 32.05 19.79 18.55
CA MET D 247 32.48 18.41 18.57
C MET D 247 32.30 17.83 17.19
N HIS D 248 32.95 16.72 16.95
CA HIS D 248 32.88 16.05 15.65
C HIS D 248 31.75 15.04 15.69
N PRO D 249 30.68 15.22 14.91
CA PRO D 249 29.69 14.15 14.76
C PRO D 249 30.18 13.13 13.73
N TYR D 250 29.49 11.99 13.68
CA TYR D 250 29.74 10.99 12.66
C TYR D 250 28.82 11.14 11.45
N GLY D 251 29.37 10.93 10.26
CA GLY D 251 28.55 10.85 9.05
C GLY D 251 27.90 9.49 8.82
N PHE D 252 27.28 8.92 9.86
CA PHE D 252 26.60 7.64 9.73
C PHE D 252 25.51 7.65 8.66
N ALA D 253 24.99 8.84 8.33
CA ALA D 253 23.97 8.93 7.27
C ALA D 253 24.53 8.48 5.93
N LEU D 254 25.83 8.69 5.69
CA LEU D 254 26.37 8.45 4.36
C LEU D 254 26.30 7.00 3.90
N PRO D 255 26.77 6.00 4.66
CA PRO D 255 26.87 4.61 4.12
C PRO D 255 25.55 4.12 3.52
N PRO D 256 24.45 4.10 4.26
CA PRO D 256 23.22 3.59 3.63
C PRO D 256 22.70 4.51 2.53
N LEU D 257 22.88 5.83 2.70
CA LEU D 257 22.52 6.79 1.66
C LEU D 257 23.27 6.52 0.35
N LEU D 258 24.60 6.30 0.41
CA LEU D 258 25.37 5.97 -0.79
C LEU D 258 24.98 4.64 -1.40
N LEU D 259 24.84 3.61 -0.57
CA LEU D 259 24.45 2.30 -1.10
C LEU D 259 23.18 2.43 -1.92
N TYR D 260 22.14 3.06 -1.34
CA TYR D 260 20.91 3.23 -2.09
C TYR D 260 21.17 4.01 -3.38
N SER D 261 21.95 5.08 -3.28
CA SER D 261 22.23 5.94 -4.43
C SER D 261 22.90 5.18 -5.56
N LEU D 262 23.92 4.38 -5.23
CA LEU D 262 24.58 3.58 -6.27
C LEU D 262 23.68 2.43 -6.75
N LEU D 263 23.08 1.69 -5.82
CA LEU D 263 22.33 0.50 -6.24
C LEU D 263 21.15 0.87 -7.13
N ASP D 264 20.56 2.05 -6.92
CA ASP D 264 19.33 2.43 -7.61
C ASP D 264 19.56 3.61 -8.56
N ALA D 265 20.83 4.00 -8.76
CA ALA D 265 21.23 5.11 -9.67
C ALA D 265 20.43 6.38 -9.41
N ASN D 266 20.43 6.82 -8.15
CA ASN D 266 19.62 7.94 -7.70
C ASN D 266 20.50 8.87 -6.88
N SER D 267 20.55 10.13 -7.29
CA SER D 267 21.37 11.14 -6.62
C SER D 267 20.55 12.18 -5.87
N VAL D 268 19.22 12.05 -5.86
CA VAL D 268 18.35 13.10 -5.31
C VAL D 268 18.62 13.29 -3.83
N TYR D 269 18.55 12.20 -3.06
CA TYR D 269 18.65 12.29 -1.60
C TYR D 269 20.08 12.55 -1.18
N LEU D 270 21.04 11.96 -1.91
CA LEU D 270 22.46 12.21 -1.67
C LEU D 270 22.78 13.69 -1.75
N LYS D 271 22.36 14.35 -2.83
CA LYS D 271 22.65 15.77 -3.00
C LYS D 271 21.93 16.62 -1.95
N ASN D 272 20.68 16.29 -1.62
CA ASN D 272 20.00 17.04 -0.58
C ASN D 272 20.74 16.94 0.74
N TRP D 273 21.27 15.75 1.05
CA TRP D 273 22.02 15.57 2.28
C TRP D 273 23.32 16.35 2.24
N LEU D 274 24.06 16.26 1.12
CA LEU D 274 25.32 16.97 0.99
C LEU D 274 25.14 18.48 1.17
N ARG D 275 24.06 19.03 0.61
CA ARG D 275 23.82 20.46 0.70
C ARG D 275 23.60 20.91 2.15
N MET D 276 23.09 20.02 3.01
CA MET D 276 22.73 20.40 4.38
C MET D 276 23.50 19.66 5.45
N CYS D 277 24.45 18.80 5.09
CA CYS D 277 25.08 17.88 6.03
C CYS D 277 25.81 18.62 7.17
N PRO D 278 25.94 17.99 8.34
CA PRO D 278 26.65 18.59 9.48
C PRO D 278 28.11 18.93 9.20
N ARG D 279 28.63 19.84 10.01
CA ARG D 279 29.76 20.68 9.65
C ARG D 279 31.14 20.06 9.94
N ASN D 280 31.40 19.67 11.18
CA ASN D 280 32.72 19.10 11.46
C ASN D 280 32.69 17.58 11.57
N MET D 281 32.10 16.87 10.62
CA MET D 281 31.99 15.45 10.89
C MET D 281 33.22 14.65 10.47
N VAL D 282 33.28 13.44 10.99
CA VAL D 282 34.16 12.38 10.53
C VAL D 282 33.30 11.46 9.66
N THR D 283 33.64 11.34 8.38
CA THR D 283 32.80 10.55 7.47
C THR D 283 33.29 9.10 7.42
N VAL D 284 32.35 8.19 7.18
CA VAL D 284 32.69 6.78 7.07
C VAL D 284 31.86 6.21 5.93
N LEU D 285 32.33 5.10 5.36
CA LEU D 285 31.46 4.17 4.64
C LEU D 285 31.24 2.93 5.48
N ASP D 286 32.26 2.12 5.69
CA ASP D 286 32.15 0.99 6.61
C ASP D 286 32.77 1.36 7.95
N THR D 287 32.25 0.74 9.00
CA THR D 287 32.84 0.85 10.31
C THR D 287 33.20 -0.55 10.78
N HIS D 288 33.57 -0.66 12.05
CA HIS D 288 33.74 -1.97 12.62
C HIS D 288 32.42 -2.64 13.01
N ASP D 289 31.24 -2.00 12.76
CA ASP D 289 29.94 -2.47 13.22
C ASP D 289 28.92 -2.83 12.14
N GLY D 290 29.12 -2.49 10.88
CA GLY D 290 27.89 -2.84 10.17
C GLY D 290 26.94 -1.65 9.95
N ILE D 291 26.18 -1.71 8.86
CA ILE D 291 25.57 -0.53 8.25
C ILE D 291 24.31 -0.18 9.02
N CYS D 292 24.30 0.98 9.67
CA CYS D 292 23.31 1.30 10.68
C CYS D 292 22.15 2.11 10.10
N ILE D 293 20.93 1.62 10.29
CA ILE D 293 19.74 2.16 9.65
C ILE D 293 19.14 3.39 10.35
N PRO D 294 19.03 3.42 11.68
CA PRO D 294 18.39 4.61 12.30
C PRO D 294 18.99 5.94 11.89
N ASP D 295 20.26 5.96 11.51
CA ASP D 295 21.01 7.17 11.13
C ASP D 295 20.57 7.75 9.79
N VAL D 296 19.80 7.03 8.99
CA VAL D 296 19.41 7.51 7.67
C VAL D 296 17.92 7.78 7.58
N GLU D 297 17.19 7.62 8.66
CA GLU D 297 15.79 8.00 8.66
C GLU D 297 15.67 9.49 8.41
N GLY D 298 14.68 9.85 7.59
CA GLY D 298 14.45 11.23 7.20
C GLY D 298 15.36 11.67 6.09
N VAL D 299 16.64 11.27 6.18
CA VAL D 299 17.62 11.53 5.13
C VAL D 299 17.23 10.78 3.87
N LEU D 300 16.78 9.55 4.07
CA LEU D 300 16.30 8.76 2.93
C LEU D 300 14.83 8.48 3.22
N PRO D 301 13.90 8.54 2.25
CA PRO D 301 12.50 8.18 2.51
C PRO D 301 12.39 6.72 2.94
N ASP D 302 11.35 6.43 3.75
CA ASP D 302 11.19 5.08 4.29
C ASP D 302 11.13 4.03 3.19
N ASP D 303 10.42 4.31 2.10
CA ASP D 303 10.30 3.29 1.08
C ASP D 303 11.65 3.00 0.46
N LYS D 304 12.52 4.00 0.37
CA LYS D 304 13.85 3.78 -0.19
C LYS D 304 14.77 3.08 0.81
N ILE D 305 14.56 3.30 2.12
CA ILE D 305 15.28 2.51 3.13
C ILE D 305 14.86 1.03 3.07
N LYS D 306 13.56 0.77 2.92
CA LYS D 306 13.10 -0.61 2.78
C LYS D 306 13.74 -1.30 1.58
N VAL D 307 13.83 -0.57 0.45
CA VAL D 307 14.50 -1.10 -0.73
C VAL D 307 15.91 -1.57 -0.37
N LEU D 308 16.69 -0.70 0.26
CA LEU D 308 18.05 -1.03 0.65
C LEU D 308 18.08 -2.22 1.61
N ILE D 309 17.21 -2.20 2.61
CA ILE D 309 17.20 -3.28 3.60
C ILE D 309 16.97 -4.62 2.91
N ASP D 310 15.91 -4.69 2.09
CA ASP D 310 15.58 -5.95 1.45
C ASP D 310 16.64 -6.34 0.45
N ASN D 311 17.20 -5.37 -0.26
CA ASN D 311 18.22 -5.68 -1.24
C ASN D 311 19.43 -6.33 -0.56
N ILE D 312 19.90 -5.72 0.52
CA ILE D 312 21.08 -6.29 1.17
C ILE D 312 20.73 -7.54 1.97
N ASP D 313 19.62 -7.54 2.71
CA ASP D 313 19.33 -8.70 3.53
C ASP D 313 19.05 -9.95 2.69
N ALA D 314 18.60 -9.78 1.45
CA ALA D 314 18.35 -10.90 0.56
C ALA D 314 19.62 -11.62 0.12
N ARG D 315 20.81 -11.03 0.29
CA ARG D 315 22.03 -11.63 -0.27
C ARG D 315 23.21 -11.69 0.70
N SER D 316 23.03 -11.33 1.96
CA SER D 316 24.13 -11.43 2.92
C SER D 316 23.58 -11.92 4.27
N ALA D 317 24.39 -11.77 5.33
CA ALA D 317 24.08 -12.35 6.64
C ALA D 317 22.88 -11.63 7.31
N ASP D 318 22.40 -12.21 8.40
CA ASP D 318 21.24 -11.66 9.10
C ASP D 318 21.53 -10.25 9.63
N PRO D 319 20.54 -9.36 9.60
CA PRO D 319 20.74 -8.04 10.21
C PRO D 319 20.71 -8.14 11.72
N ILE D 320 21.15 -7.07 12.38
CA ILE D 320 20.93 -6.89 13.81
C ILE D 320 19.61 -6.15 13.99
N MET D 321 18.68 -6.73 14.77
CA MET D 321 17.34 -6.18 14.91
C MET D 321 17.27 -5.15 16.02
N ARG D 322 16.31 -4.23 15.91
CA ARG D 322 15.95 -3.45 17.08
C ARG D 322 15.07 -4.30 17.98
N ARG D 323 14.91 -3.88 19.24
CA ARG D 323 14.25 -4.73 20.23
C ARG D 323 12.79 -5.00 19.85
N SER D 324 12.33 -6.21 20.15
CA SER D 324 10.96 -6.68 19.94
C SER D 324 10.30 -6.11 18.69
N ALA D 325 10.93 -6.36 17.56
CA ALA D 325 10.48 -5.78 16.29
C ALA D 325 10.22 -6.92 15.32
N ALA D 326 8.95 -7.25 15.13
CA ALA D 326 8.57 -8.46 14.39
C ALA D 326 8.56 -8.27 12.87
N ASN D 327 8.48 -7.05 12.36
CA ASN D 327 8.31 -6.86 10.92
C ASN D 327 9.67 -6.72 10.27
N ILE D 328 10.18 -7.83 9.72
CA ILE D 328 11.52 -7.84 9.16
C ILE D 328 11.68 -6.97 7.92
N HIS D 329 10.59 -6.47 7.35
CA HIS D 329 10.66 -5.58 6.20
C HIS D 329 10.39 -4.13 6.58
N SER D 330 10.42 -3.82 7.86
CA SER D 330 10.12 -2.50 8.36
C SER D 330 11.40 -1.74 8.66
N VAL D 331 11.39 -0.43 8.39
CA VAL D 331 12.52 0.41 8.78
C VAL D 331 12.73 0.32 10.29
N GLY D 332 11.65 0.45 11.06
CA GLY D 332 11.75 0.47 12.50
C GLY D 332 12.28 -0.80 13.12
N ALA D 333 12.45 -1.87 12.36
CA ALA D 333 12.89 -3.12 12.95
C ALA D 333 14.36 -3.42 12.77
N ILE D 334 15.01 -2.76 11.82
CA ILE D 334 16.41 -3.04 11.50
C ILE D 334 17.28 -2.02 12.22
N TYR D 335 18.28 -2.53 12.94
CA TYR D 335 19.30 -1.66 13.52
C TYR D 335 20.52 -1.55 12.61
N GLN D 336 21.07 -2.68 12.18
CA GLN D 336 22.25 -2.68 11.32
C GLN D 336 22.18 -3.84 10.35
N LEU D 337 22.50 -3.56 9.09
CA LEU D 337 22.77 -4.59 8.10
C LEU D 337 24.18 -5.10 8.35
N THR D 338 24.39 -6.40 8.20
CA THR D 338 25.72 -6.97 8.35
C THR D 338 26.23 -7.46 7.00
N CYS D 339 27.17 -6.70 6.44
CA CYS D 339 27.71 -6.89 5.10
C CYS D 339 28.91 -5.97 4.94
N THR D 340 30.04 -6.45 4.41
CA THR D 340 31.15 -5.54 4.12
C THR D 340 30.70 -4.57 3.03
N PHE D 341 31.34 -3.40 3.00
CA PHE D 341 30.89 -2.38 2.07
C PHE D 341 31.18 -2.78 0.62
N TYR D 342 32.26 -3.52 0.38
CA TYR D 342 32.55 -4.03 -0.96
C TYR D 342 31.50 -5.04 -1.44
N ASP D 343 31.06 -5.96 -0.56
CA ASP D 343 29.93 -6.84 -0.89
C ASP D 343 28.60 -6.11 -1.00
N ALA D 344 28.36 -5.06 -0.19
CA ALA D 344 27.11 -4.33 -0.30
C ALA D 344 26.98 -3.72 -1.68
N LEU D 345 28.11 -3.35 -2.28
CA LEU D 345 28.16 -2.90 -3.65
C LEU D 345 28.43 -4.04 -4.64
N MET D 346 28.26 -5.28 -4.19
CA MET D 346 28.33 -6.46 -5.05
C MET D 346 29.71 -6.65 -5.68
N GLN D 347 30.76 -6.26 -4.96
CA GLN D 347 32.13 -6.40 -5.41
C GLN D 347 32.36 -5.69 -6.73
N ASN D 348 31.62 -4.60 -6.96
CA ASN D 348 31.74 -3.83 -8.20
C ASN D 348 32.81 -2.77 -8.01
N ASP D 349 33.97 -2.99 -8.65
CA ASP D 349 35.12 -2.13 -8.39
C ASP D 349 34.84 -0.67 -8.75
N ASP D 350 34.24 -0.42 -9.92
CA ASP D 350 33.92 0.95 -10.30
C ASP D 350 32.94 1.58 -9.32
N ALA D 351 31.89 0.86 -8.95
CA ALA D 351 30.94 1.42 -7.99
C ALA D 351 31.61 1.70 -6.65
N TYR D 352 32.48 0.79 -6.21
CA TYR D 352 33.10 0.98 -4.90
C TYR D 352 34.02 2.18 -4.89
N ILE D 353 34.86 2.33 -5.92
CA ILE D 353 35.76 3.46 -5.99
C ILE D 353 34.98 4.76 -6.10
N ALA D 354 33.87 4.75 -6.84
CA ALA D 354 33.03 5.94 -6.90
C ALA D 354 32.48 6.28 -5.51
N ALA D 355 32.11 5.26 -4.72
CA ALA D 355 31.63 5.52 -3.36
C ALA D 355 32.67 6.23 -2.53
N ARG D 356 33.92 5.73 -2.56
CA ARG D 356 34.98 6.35 -1.77
C ARG D 356 35.28 7.78 -2.23
N ALA D 357 35.25 8.03 -3.55
CA ALA D 357 35.46 9.40 -4.01
C ALA D 357 34.37 10.33 -3.47
N ILE D 358 33.12 9.86 -3.48
CA ILE D 358 32.04 10.68 -2.93
C ILE D 358 32.24 10.91 -1.44
N GLN D 359 32.60 9.85 -0.70
CA GLN D 359 32.95 10.03 0.71
C GLN D 359 34.05 11.09 0.87
N PHE D 360 35.13 10.97 0.11
CA PHE D 360 36.27 11.87 0.33
C PHE D 360 35.93 13.29 -0.09
N PHE D 361 35.02 13.48 -1.07
CA PHE D 361 34.67 14.85 -1.39
C PHE D 361 33.56 15.41 -0.50
N THR D 362 33.01 14.61 0.41
CA THR D 362 32.05 15.10 1.39
C THR D 362 32.77 15.90 2.48
N PRO D 363 32.23 17.04 2.89
CA PRO D 363 32.85 17.80 3.98
C PRO D 363 33.09 16.94 5.20
N GLY D 364 34.26 17.10 5.80
CA GLY D 364 34.64 16.37 7.01
C GLY D 364 35.87 15.52 6.79
N ILE D 365 36.38 14.98 7.90
CA ILE D 365 37.53 14.08 7.84
C ILE D 365 37.08 12.66 7.52
N PRO D 366 37.54 12.08 6.41
CA PRO D 366 37.11 10.73 6.05
C PRO D 366 37.92 9.59 6.68
N GLN D 367 37.21 8.64 7.28
CA GLN D 367 37.80 7.40 7.78
C GLN D 367 37.55 6.24 6.84
N VAL D 368 38.59 5.44 6.61
CA VAL D 368 38.52 4.22 5.81
C VAL D 368 38.77 3.02 6.72
N TYR D 369 37.79 2.14 6.79
CA TYR D 369 37.90 0.95 7.61
C TYR D 369 38.81 -0.06 6.92
N TYR D 370 39.64 -0.75 7.72
CA TYR D 370 40.73 -1.54 7.16
C TYR D 370 40.21 -2.63 6.23
N VAL D 371 39.04 -3.21 6.52
CA VAL D 371 38.49 -4.21 5.61
C VAL D 371 38.11 -3.56 4.28
N GLY D 372 37.47 -2.39 4.35
CA GLY D 372 37.18 -1.65 3.13
C GLY D 372 38.44 -1.22 2.39
N LEU D 373 39.51 -0.91 3.14
CA LEU D 373 40.78 -0.62 2.50
C LEU D 373 41.21 -1.74 1.56
N LEU D 374 41.02 -2.99 1.97
CA LEU D 374 41.54 -4.13 1.24
C LEU D 374 40.47 -4.79 0.37
N ALA D 375 39.36 -4.09 0.15
CA ALA D 375 38.23 -4.57 -0.64
C ALA D 375 37.79 -5.95 -0.17
N GLY D 376 37.60 -6.07 1.14
CA GLY D 376 37.30 -7.36 1.74
C GLY D 376 35.85 -7.76 1.58
N CYS D 377 35.64 -9.07 1.47
CA CYS D 377 34.31 -9.65 1.32
C CYS D 377 33.84 -10.26 2.63
N ASN D 378 32.55 -10.59 2.68
CA ASN D 378 31.95 -11.09 3.90
C ASN D 378 32.68 -12.31 4.41
N ASP D 379 33.14 -12.24 5.67
CA ASP D 379 34.00 -13.27 6.25
C ASP D 379 33.12 -14.27 7.00
N GLN D 380 32.48 -15.16 6.24
CA GLN D 380 31.60 -16.16 6.83
C GLN D 380 32.35 -17.16 7.68
N GLU D 381 33.55 -17.60 7.24
CA GLU D 381 34.27 -18.62 8.00
C GLU D 381 34.61 -18.12 9.40
N LEU D 382 35.00 -16.86 9.52
CA LEU D 382 35.26 -16.30 10.83
C LEU D 382 33.98 -16.23 11.65
N MET D 383 32.90 -15.74 11.03
CA MET D 383 31.61 -15.59 11.71
C MET D 383 31.10 -16.93 12.23
N GLU D 384 31.24 -17.99 11.43
CA GLU D 384 30.84 -19.32 11.88
C GLU D 384 31.76 -19.80 12.98
N LYS D 385 33.06 -19.49 12.89
CA LYS D 385 33.99 -19.96 13.91
C LYS D 385 33.73 -19.29 15.25
N THR D 386 33.51 -17.98 15.26
CA THR D 386 33.43 -17.25 16.50
C THR D 386 31.99 -17.11 16.99
N GLY D 387 31.02 -17.22 16.10
CA GLY D 387 29.63 -17.04 16.48
C GLY D 387 29.17 -15.61 16.59
N GLU D 388 30.04 -14.64 16.35
CA GLU D 388 29.69 -13.23 16.37
C GLU D 388 29.30 -12.77 14.96
N LEU D 389 28.07 -12.28 14.79
CA LEU D 389 27.65 -11.75 13.49
C LEU D 389 28.59 -10.69 12.94
N ARG D 390 29.01 -9.75 13.78
CA ARG D 390 29.79 -8.64 13.24
C ARG D 390 31.15 -9.08 12.71
N ASP D 391 31.58 -10.31 12.99
CA ASP D 391 32.83 -10.77 12.41
C ASP D 391 32.79 -10.98 10.91
N ILE D 392 31.62 -11.01 10.25
CA ILE D 392 31.71 -11.06 8.79
C ILE D 392 32.41 -9.83 8.26
N ASN D 393 32.50 -8.78 9.07
CA ASN D 393 33.09 -7.51 8.69
C ASN D 393 34.36 -7.20 9.50
N ARG D 394 35.00 -8.22 10.08
CA ARG D 394 36.18 -8.01 10.93
C ARG D 394 37.25 -9.04 10.56
N ASN D 395 37.45 -9.20 9.25
CA ASN D 395 38.44 -10.08 8.67
C ASN D 395 39.81 -9.93 9.32
N TYR D 396 40.52 -11.05 9.51
CA TYR D 396 41.95 -10.93 9.82
C TYR D 396 42.77 -11.03 8.55
N TYR D 397 43.85 -10.24 8.48
CA TYR D 397 44.83 -10.38 7.44
C TYR D 397 46.21 -10.59 8.06
N THR D 398 46.95 -11.52 7.48
CA THR D 398 48.38 -11.56 7.73
C THR D 398 49.05 -10.38 7.02
N LEU D 399 50.31 -10.10 7.40
CA LEU D 399 51.02 -9.04 6.70
C LEU D 399 51.17 -9.37 5.21
N ASN D 400 51.40 -10.65 4.87
CA ASN D 400 51.47 -11.05 3.46
C ASN D 400 50.11 -10.96 2.77
N GLU D 401 49.04 -11.39 3.44
CA GLU D 401 47.73 -11.25 2.84
C GLU D 401 47.40 -9.80 2.58
N MET D 402 47.91 -8.90 3.44
CA MET D 402 47.74 -7.49 3.17
C MET D 402 48.58 -7.05 1.98
N ASP D 403 49.82 -7.54 1.88
CA ASP D 403 50.64 -7.23 0.71
C ASP D 403 49.91 -7.62 -0.57
N GLU D 404 49.29 -8.81 -0.59
CA GLU D 404 48.53 -9.24 -1.76
C GLU D 404 47.33 -8.35 -2.01
N ALA D 405 46.55 -8.07 -0.97
CA ALA D 405 45.36 -7.24 -1.17
C ALA D 405 45.74 -5.86 -1.69
N MET D 406 46.86 -5.31 -1.24
CA MET D 406 47.28 -4.01 -1.74
C MET D 406 47.57 -4.01 -3.24
N GLU D 407 47.83 -5.17 -3.84
CA GLU D 407 48.12 -5.24 -5.27
C GLU D 407 46.89 -5.38 -6.15
N LYS D 408 45.74 -5.68 -5.57
CA LYS D 408 44.52 -5.74 -6.35
C LYS D 408 44.29 -4.38 -7.02
N PRO D 409 43.92 -4.37 -8.31
CA PRO D 409 43.64 -3.08 -8.98
C PRO D 409 42.68 -2.15 -8.23
N VAL D 410 41.61 -2.67 -7.64
CA VAL D 410 40.67 -1.78 -6.95
C VAL D 410 41.35 -1.11 -5.75
N VAL D 411 42.24 -1.82 -5.05
CA VAL D 411 42.90 -1.19 -3.91
C VAL D 411 43.90 -0.15 -4.38
N GLN D 412 44.60 -0.42 -5.48
CA GLN D 412 45.55 0.56 -6.02
C GLN D 412 44.84 1.86 -6.42
N ARG D 413 43.64 1.75 -6.95
CA ARG D 413 42.84 2.96 -7.22
C ARG D 413 42.46 3.67 -5.91
N LEU D 414 42.10 2.90 -4.88
CA LEU D 414 41.77 3.51 -3.60
C LEU D 414 42.99 4.21 -2.99
N LEU D 415 44.20 3.65 -3.15
CA LEU D 415 45.40 4.34 -2.69
C LEU D 415 45.57 5.70 -3.38
N THR D 416 45.41 5.75 -4.69
CA THR D 416 45.55 7.01 -5.39
C THR D 416 44.56 8.03 -4.85
N LEU D 417 43.28 7.62 -4.67
CA LEU D 417 42.32 8.50 -3.99
C LEU D 417 42.82 8.95 -2.64
N MET D 418 43.22 8.02 -1.78
CA MET D 418 43.60 8.39 -0.42
C MET D 418 44.76 9.38 -0.44
N LYS D 419 45.78 9.11 -1.25
CA LYS D 419 46.89 10.04 -1.37
C LYS D 419 46.40 11.40 -1.84
N PHE D 420 45.51 11.42 -2.84
CA PHE D 420 45.00 12.67 -3.35
C PHE D 420 44.21 13.42 -2.28
N ARG D 421 43.26 12.75 -1.63
CA ARG D 421 42.45 13.39 -0.60
C ARG D 421 43.31 13.88 0.56
N THR D 422 44.34 13.11 0.93
CA THR D 422 45.20 13.48 2.05
C THR D 422 46.12 14.67 1.73
N ASN D 423 46.52 14.82 0.47
CA ASN D 423 47.56 15.78 0.15
C ASN D 423 47.09 16.98 -0.64
N TYR D 424 46.08 16.86 -1.51
CA TYR D 424 45.73 17.99 -2.38
C TYR D 424 45.12 19.11 -1.56
N PRO D 425 45.61 20.35 -1.68
CA PRO D 425 45.23 21.43 -0.76
C PRO D 425 43.82 21.98 -0.97
N ALA D 426 43.14 21.67 -2.08
CA ALA D 426 41.81 22.24 -2.29
C ALA D 426 40.86 21.79 -1.20
N PHE D 427 41.10 20.62 -0.60
CA PHE D 427 40.22 20.12 0.47
C PHE D 427 40.27 20.99 1.73
N ASP D 428 41.30 21.82 1.87
CA ASP D 428 41.44 22.73 3.01
C ASP D 428 40.65 24.02 2.83
N GLY D 429 39.92 24.15 1.73
CA GLY D 429 39.10 25.31 1.47
C GLY D 429 37.64 25.13 1.79
N HIS D 430 36.79 25.39 0.79
CA HIS D 430 35.33 25.34 0.92
C HIS D 430 34.73 24.39 -0.12
N PHE D 431 33.70 23.67 0.31
CA PHE D 431 32.98 22.72 -0.53
C PHE D 431 32.00 23.45 -1.42
N GLU D 432 31.87 22.98 -2.65
CA GLU D 432 30.86 23.58 -3.53
C GLU D 432 30.21 22.48 -4.34
N LEU D 433 28.93 22.26 -4.06
CA LEU D 433 28.16 21.25 -4.76
C LEU D 433 27.83 21.76 -6.16
N ASN D 434 27.86 20.86 -7.14
CA ASN D 434 27.56 21.24 -8.51
C ASN D 434 26.24 20.65 -8.96
N TYR D 435 25.60 21.32 -9.91
CA TYR D 435 24.34 20.82 -10.47
C TYR D 435 24.57 19.58 -11.27
N SER D 436 23.74 18.59 -11.06
CA SER D 436 23.76 17.38 -11.85
C SER D 436 22.31 16.93 -12.05
N ASN D 437 22.13 15.96 -12.93
CA ASN D 437 20.83 15.31 -13.11
C ASN D 437 20.54 14.39 -11.92
N ASP D 438 19.44 13.66 -11.98
CA ASP D 438 19.04 12.85 -10.84
C ASP D 438 19.72 11.48 -10.79
N SER D 439 20.70 11.19 -11.64
CA SER D 439 21.41 9.91 -11.56
C SER D 439 22.92 10.10 -11.55
N SER D 440 23.39 11.32 -11.26
CA SER D 440 24.82 11.56 -11.21
C SER D 440 25.08 12.62 -10.15
N VAL D 441 26.34 12.69 -9.72
CA VAL D 441 26.75 13.57 -8.64
C VAL D 441 27.97 14.34 -9.12
N ALA D 442 28.03 15.63 -8.81
CA ALA D 442 29.16 16.47 -9.18
C ALA D 442 29.57 17.29 -7.96
N MET D 443 30.81 17.13 -7.51
CA MET D 443 31.27 17.70 -6.26
C MET D 443 32.63 18.38 -6.48
N ALA D 444 32.83 19.55 -5.87
CA ALA D 444 34.08 20.29 -6.08
C ALA D 444 34.58 20.89 -4.76
N TRP D 445 35.90 21.08 -4.69
CA TRP D 445 36.55 21.78 -3.57
C TRP D 445 37.45 22.88 -4.13
N ARG D 446 37.42 24.05 -3.50
CA ARG D 446 38.21 25.20 -3.92
C ARG D 446 38.92 25.78 -2.72
N HIS D 447 40.20 26.08 -2.88
CA HIS D 447 40.97 26.74 -1.84
C HIS D 447 41.97 27.64 -2.56
N GLY D 448 41.61 28.91 -2.71
CA GLY D 448 42.48 29.82 -3.44
C GLY D 448 42.54 29.38 -4.90
N GLU D 449 43.77 29.16 -5.37
CA GLU D 449 44.07 28.72 -6.73
C GLU D 449 43.90 27.21 -6.92
N HIS D 450 43.88 26.45 -5.82
CA HIS D 450 43.65 25.00 -5.91
C HIS D 450 42.17 24.68 -6.12
N TYR D 451 41.90 23.72 -6.99
CA TYR D 451 40.52 23.36 -7.32
C TYR D 451 40.49 21.94 -7.84
N CYS D 452 39.55 21.14 -7.30
CA CYS D 452 39.34 19.78 -7.80
C CYS D 452 37.85 19.47 -7.86
N HIS D 453 37.48 18.64 -8.83
CA HIS D 453 36.09 18.39 -9.22
C HIS D 453 35.91 16.90 -9.45
N LEU D 454 34.89 16.33 -8.82
CA LEU D 454 34.51 14.93 -8.97
C LEU D 454 33.18 14.84 -9.70
N PHE D 455 33.13 14.00 -10.73
CA PHE D 455 31.88 13.64 -11.38
C PHE D 455 31.70 12.13 -11.30
N VAL D 456 30.56 11.71 -10.78
CA VAL D 456 30.17 10.30 -10.69
C VAL D 456 28.87 10.11 -11.44
N ASP D 457 28.86 9.16 -12.36
CA ASP D 457 27.63 8.69 -13.01
C ASP D 457 27.20 7.42 -12.28
N LEU D 458 26.04 7.48 -11.63
CA LEU D 458 25.55 6.35 -10.85
C LEU D 458 25.00 5.23 -11.74
N ASN D 459 24.67 5.52 -13.00
CA ASN D 459 24.16 4.49 -13.90
C ASN D 459 25.25 3.49 -14.27
N PHE D 460 26.42 4.00 -14.64
CA PHE D 460 27.51 3.19 -15.15
C PHE D 460 28.70 3.17 -14.21
N ASN D 461 28.57 3.78 -13.03
CA ASN D 461 29.55 3.71 -11.96
C ASN D 461 30.91 4.31 -12.38
N THR D 462 30.88 5.32 -13.24
CA THR D 462 32.10 5.99 -13.65
C THR D 462 32.38 7.14 -12.69
N SER D 463 33.66 7.35 -12.42
CA SER D 463 34.15 8.43 -11.56
C SER D 463 35.34 9.10 -12.23
N LYS D 464 35.32 10.45 -12.28
CA LYS D 464 36.35 11.28 -12.90
C LYS D 464 36.71 12.41 -11.97
N ILE D 465 38.02 12.62 -11.75
CA ILE D 465 38.51 13.73 -10.96
C ILE D 465 39.46 14.58 -11.79
N GLN D 466 39.16 15.87 -11.85
CA GLN D 466 40.04 16.88 -12.43
C GLN D 466 40.56 17.77 -11.32
N TYR D 467 41.82 18.18 -11.41
CA TYR D 467 42.41 19.00 -10.36
C TYR D 467 43.42 19.94 -11.00
N VAL D 468 43.70 21.03 -10.30
CA VAL D 468 44.60 22.06 -10.81
C VAL D 468 45.98 21.85 -10.21
N ASP D 469 46.98 21.60 -11.07
CA ASP D 469 48.38 21.65 -10.68
C ASP D 469 48.80 23.11 -10.67
N VAL D 470 48.88 23.71 -9.47
CA VAL D 470 49.05 25.15 -9.38
C VAL D 470 50.42 25.58 -9.92
N LYS D 471 51.45 24.73 -9.73
CA LYS D 471 52.78 25.09 -10.20
C LYS D 471 52.78 25.29 -11.71
N SER D 472 51.95 24.55 -12.43
CA SER D 472 51.86 24.67 -13.88
C SER D 472 50.58 25.35 -14.36
N GLY D 473 49.55 25.42 -13.51
CA GLY D 473 48.31 26.09 -13.87
C GLY D 473 47.32 25.22 -14.58
N GLU D 474 47.80 24.22 -15.32
CA GLU D 474 46.94 23.40 -16.16
C GLU D 474 46.03 22.47 -15.34
N THR D 475 44.84 22.23 -15.87
CA THR D 475 43.95 21.22 -15.33
C THR D 475 44.41 19.82 -15.75
N ARG D 476 44.39 18.90 -14.79
CA ARG D 476 44.83 17.53 -15.01
C ARG D 476 43.74 16.57 -14.53
N ASP D 477 43.77 15.35 -15.07
CA ASP D 477 42.88 14.27 -14.64
C ASP D 477 43.59 13.36 -13.64
N LEU D 478 42.90 13.02 -12.55
CA LEU D 478 43.46 12.12 -11.56
C LEU D 478 43.27 10.71 -12.09
N GLU D 479 44.37 9.96 -12.12
CA GLU D 479 44.24 8.64 -12.70
C GLU D 479 44.08 7.57 -11.62
N PHE D 480 42.82 7.41 -11.24
CA PHE D 480 42.42 6.49 -10.23
C PHE D 480 41.24 5.69 -10.82
N LEU E 2 22.84 44.50 13.36
CA LEU E 2 21.99 43.36 13.68
C LEU E 2 20.55 43.81 13.83
N LEU E 3 19.63 42.85 13.70
CA LEU E 3 18.20 43.04 13.80
C LEU E 3 17.75 42.88 15.26
N LYS E 4 16.58 43.43 15.56
CA LYS E 4 15.96 43.17 16.85
C LYS E 4 15.45 41.73 16.93
N ASN E 5 15.73 41.07 18.04
CA ASN E 5 15.26 39.70 18.28
C ASN E 5 13.84 39.73 18.83
N ALA E 6 12.91 40.16 17.98
CA ALA E 6 11.54 40.41 18.42
C ALA E 6 10.56 40.02 17.31
N VAL E 7 9.28 39.94 17.70
CA VAL E 7 8.24 39.59 16.72
C VAL E 7 8.17 40.67 15.64
N GLN E 8 7.96 40.22 14.40
CA GLN E 8 7.72 41.10 13.28
C GLN E 8 6.30 40.87 12.76
N LEU E 9 5.73 41.92 12.18
CA LEU E 9 4.44 41.84 11.50
C LEU E 9 4.67 41.72 10.00
N ILE E 10 3.96 40.79 9.36
CA ILE E 10 3.86 40.75 7.89
C ILE E 10 2.55 41.41 7.53
N CYS E 11 2.59 42.43 6.68
CA CYS E 11 1.37 43.16 6.37
C CYS E 11 1.49 43.76 4.97
N TYR E 12 0.33 44.03 4.36
CA TYR E 12 0.24 44.81 3.13
C TYR E 12 0.25 46.31 3.41
N PRO E 13 0.48 47.15 2.41
CA PRO E 13 0.36 48.60 2.64
C PRO E 13 -1.06 49.09 2.83
N ASP E 14 -2.07 48.36 2.35
CA ASP E 14 -3.42 48.92 2.34
C ASP E 14 -4.48 47.92 2.80
N ARG E 15 -4.11 46.88 3.56
CA ARG E 15 -5.12 45.93 4.00
C ARG E 15 -5.55 46.14 5.46
N ILE E 16 -5.00 47.15 6.13
CA ILE E 16 -5.43 47.52 7.46
C ILE E 16 -5.78 48.99 7.36
N GLY E 17 -7.07 49.30 7.23
CA GLY E 17 -7.41 50.63 6.77
C GLY E 17 -7.14 50.76 5.28
N ASN E 18 -6.88 51.98 4.83
CA ASN E 18 -6.84 52.28 3.40
C ASN E 18 -5.45 52.50 2.83
N ASN E 19 -4.42 52.61 3.67
CA ASN E 19 -3.12 53.07 3.19
C ASN E 19 -2.08 52.91 4.28
N LEU E 20 -0.84 53.32 3.95
CA LEU E 20 0.29 53.21 4.86
C LEU E 20 0.10 54.05 6.12
N THR E 21 -0.67 55.13 6.02
CA THR E 21 -0.93 55.95 7.20
C THR E 21 -1.79 55.19 8.20
N ASP E 22 -2.88 54.58 7.73
CA ASP E 22 -3.73 53.81 8.63
C ASP E 22 -2.96 52.63 9.21
N LEU E 23 -2.00 52.07 8.47
CA LEU E 23 -1.17 51.02 9.03
C LEU E 23 -0.42 51.52 10.26
N HIS E 24 0.24 52.68 10.14
CA HIS E 24 1.00 53.19 11.26
C HIS E 24 0.07 53.52 12.44
N THR E 25 -1.13 54.02 12.15
CA THR E 25 -2.09 54.25 13.23
C THR E 25 -2.39 52.97 13.98
N ALA E 26 -2.73 51.91 13.25
CA ALA E 26 -3.07 50.63 13.89
C ALA E 26 -1.86 50.03 14.60
N VAL E 27 -0.66 50.19 14.04
CA VAL E 27 0.53 49.61 14.66
C VAL E 27 0.81 50.27 16.00
N GLU E 28 0.82 51.60 16.03
CA GLU E 28 1.08 52.32 17.26
C GLU E 28 -0.06 52.16 18.27
N LYS E 29 -1.28 51.94 17.79
CA LYS E 29 -2.41 51.77 18.70
C LYS E 29 -2.38 50.43 19.43
N HIS E 30 -2.00 49.35 18.75
CA HIS E 30 -2.16 48.01 19.31
C HIS E 30 -0.86 47.26 19.53
N LEU E 31 0.16 47.54 18.74
CA LEU E 31 1.29 46.63 18.64
C LEU E 31 2.60 47.25 19.07
N SER E 32 2.59 48.50 19.54
CA SER E 32 3.84 49.23 19.72
C SER E 32 4.75 48.60 20.77
N ASP E 33 4.22 47.74 21.66
CA ASP E 33 5.04 46.97 22.59
C ASP E 33 5.16 45.51 22.17
N ALA E 34 4.58 45.13 21.03
CA ALA E 34 4.46 43.72 20.66
C ALA E 34 5.39 43.31 19.53
N ILE E 35 5.85 44.26 18.71
CA ILE E 35 6.72 43.99 17.58
C ILE E 35 7.94 44.89 17.67
N GLY E 36 8.99 44.50 16.97
CA GLY E 36 10.19 45.31 16.90
C GLY E 36 10.56 45.56 15.46
N GLY E 37 9.72 45.06 14.56
CA GLY E 37 9.96 45.19 13.13
C GLY E 37 8.74 44.78 12.36
N LEU E 38 8.76 45.14 11.09
CA LEU E 38 7.60 44.82 10.24
C LEU E 38 8.04 44.62 8.79
N HIS E 39 7.58 43.55 8.17
CA HIS E 39 7.76 43.33 6.74
C HIS E 39 6.53 43.83 5.99
N ILE E 40 6.66 44.97 5.34
CA ILE E 40 5.58 45.54 4.55
C ILE E 40 5.69 45.05 3.11
N LEU E 41 4.65 44.33 2.66
CA LEU E 41 4.61 43.70 1.35
C LEU E 41 4.70 44.74 0.23
N PRO E 42 5.03 44.32 -1.00
CA PRO E 42 5.38 45.29 -2.04
C PRO E 42 4.42 46.46 -2.16
N PHE E 43 5.00 47.65 -2.17
CA PHE E 43 4.31 48.91 -2.02
C PHE E 43 4.77 49.88 -3.10
N PHE E 44 5.47 49.36 -4.10
CA PHE E 44 5.93 50.10 -5.26
C PHE E 44 4.80 50.17 -6.28
N PRO E 45 4.93 51.02 -7.29
CA PRO E 45 4.06 50.88 -8.47
C PRO E 45 4.24 49.50 -9.10
N SER E 46 3.13 48.81 -9.32
CA SER E 46 3.16 47.44 -9.80
C SER E 46 1.93 47.19 -10.65
N ASN E 47 2.08 46.32 -11.66
CA ASN E 47 0.98 46.02 -12.59
C ASN E 47 0.65 44.53 -12.68
N ALA E 48 1.08 43.73 -11.70
CA ALA E 48 0.68 42.33 -11.64
C ALA E 48 0.99 41.77 -10.26
N ASP E 49 0.29 40.67 -9.93
CA ASP E 49 0.68 39.74 -8.88
C ASP E 49 0.81 40.42 -7.52
N GLY E 50 -0.15 41.28 -7.20
CA GLY E 50 -0.28 41.83 -5.86
C GLY E 50 0.94 42.55 -5.36
N GLY E 51 1.60 43.32 -6.23
CA GLY E 51 2.76 44.10 -5.90
C GLY E 51 4.07 43.54 -6.37
N PHE E 52 4.11 42.28 -6.76
CA PHE E 52 5.37 41.62 -7.07
C PHE E 52 5.81 41.78 -8.52
N SER E 53 5.34 42.83 -9.20
CA SER E 53 5.82 43.20 -10.53
C SER E 53 6.13 44.71 -10.57
N PRO E 54 7.19 45.14 -9.87
CA PRO E 54 7.40 46.58 -9.68
C PRO E 54 7.97 47.29 -10.90
N LEU E 55 7.39 48.45 -11.22
CA LEU E 55 7.96 49.31 -12.26
C LEU E 55 9.31 49.85 -11.81
N THR E 56 9.50 50.00 -10.51
CA THR E 56 10.72 50.46 -9.90
C THR E 56 10.62 50.21 -8.40
N HIS E 57 11.77 49.97 -7.78
CA HIS E 57 11.84 49.86 -6.33
C HIS E 57 12.12 51.18 -5.64
N LYS E 58 12.16 52.29 -6.40
CA LYS E 58 12.54 53.59 -5.86
C LYS E 58 11.34 54.50 -5.63
N GLU E 59 10.12 54.02 -5.81
CA GLU E 59 8.94 54.85 -5.70
C GLU E 59 7.87 54.11 -4.92
N VAL E 60 7.08 54.87 -4.16
CA VAL E 60 5.91 54.35 -3.47
C VAL E 60 4.69 54.63 -4.35
N ASP E 61 3.85 53.63 -4.52
CA ASP E 61 2.59 53.84 -5.22
C ASP E 61 1.76 54.87 -4.46
N PRO E 62 1.39 56.00 -5.08
CA PRO E 62 0.66 57.05 -4.34
C PRO E 62 -0.63 56.56 -3.72
N ALA E 63 -1.25 55.53 -4.29
CA ALA E 63 -2.42 54.91 -3.68
C ALA E 63 -2.16 54.43 -2.26
N PHE E 64 -0.91 54.17 -1.92
CA PHE E 64 -0.52 53.67 -0.61
C PHE E 64 0.00 54.78 0.30
N GLY E 65 0.54 55.84 -0.31
CA GLY E 65 1.14 56.95 0.39
C GLY E 65 2.42 57.41 -0.29
N THR E 66 3.36 57.93 0.50
CA THR E 66 4.63 58.45 0.02
C THR E 66 5.74 57.78 0.82
N TRP E 67 6.99 58.11 0.48
CA TRP E 67 8.12 57.58 1.24
C TRP E 67 8.12 58.03 2.68
N ASP E 68 7.57 59.22 2.97
CA ASP E 68 7.49 59.67 4.36
C ASP E 68 6.67 58.70 5.21
N ASP E 69 5.64 58.09 4.63
CA ASP E 69 4.78 57.15 5.35
C ASP E 69 5.51 55.87 5.71
N ILE E 70 6.48 55.48 4.90
CA ILE E 70 7.30 54.32 5.21
C ILE E 70 8.36 54.65 6.26
N GLU E 71 9.01 55.80 6.14
CA GLU E 71 9.99 56.17 7.15
C GLU E 71 9.37 56.50 8.51
N ALA E 72 8.05 56.64 8.60
CA ALA E 72 7.42 56.80 9.91
C ALA E 72 7.61 55.57 10.79
N PHE E 73 7.90 54.42 10.19
CA PHE E 73 8.08 53.18 10.92
C PHE E 73 9.52 52.97 11.38
N THR E 74 10.49 53.45 10.62
CA THR E 74 11.86 53.25 11.03
C THR E 74 12.20 54.12 12.23
N GLY E 75 13.26 53.74 12.94
CA GLY E 75 13.62 54.44 14.15
C GLY E 75 12.96 53.87 15.39
N LYS E 76 11.76 53.32 15.23
CA LYS E 76 11.16 52.47 16.24
C LYS E 76 11.09 51.01 15.83
N TYR E 77 11.05 50.71 14.52
CA TYR E 77 10.89 49.34 14.07
C TYR E 77 11.90 48.99 12.98
N ASP E 78 12.30 47.72 12.95
CA ASP E 78 13.01 47.20 11.78
C ASP E 78 12.07 47.11 10.58
N LEU E 79 12.64 47.25 9.39
CA LEU E 79 11.84 47.32 8.19
C LEU E 79 12.34 46.27 7.21
N CYS E 80 11.50 45.28 6.94
CA CYS E 80 11.78 44.24 5.96
C CYS E 80 10.98 44.54 4.71
N VAL E 81 11.67 44.62 3.57
CA VAL E 81 11.07 45.01 2.30
C VAL E 81 11.52 44.05 1.21
N ASP E 82 10.63 43.83 0.25
CA ASP E 82 10.88 42.93 -0.88
C ASP E 82 11.80 43.56 -1.91
N LEU E 83 12.73 42.76 -2.42
CA LEU E 83 13.55 43.09 -3.57
C LEU E 83 13.34 41.97 -4.58
N THR E 84 12.61 42.26 -5.66
CA THR E 84 12.21 41.24 -6.63
C THR E 84 13.38 41.02 -7.60
N VAL E 85 14.38 40.28 -7.12
CA VAL E 85 15.64 40.11 -7.85
C VAL E 85 15.46 39.41 -9.19
N ASN E 86 14.38 38.65 -9.37
CA ASN E 86 14.22 37.80 -10.55
C ASN E 86 13.75 38.57 -11.78
N HIS E 87 12.91 39.59 -11.58
CA HIS E 87 12.16 40.19 -12.67
C HIS E 87 11.76 41.60 -12.32
N ILE E 88 11.49 42.41 -13.34
CA ILE E 88 10.87 43.72 -13.16
C ILE E 88 9.71 43.82 -14.16
N SER E 89 8.91 44.86 -13.98
CA SER E 89 7.69 45.03 -14.77
C SER E 89 8.03 45.39 -16.22
N ASP E 90 7.16 44.96 -17.14
CA ASP E 90 7.28 45.39 -18.53
C ASP E 90 6.89 46.85 -18.71
N GLU E 91 6.26 47.47 -17.71
CA GLU E 91 5.97 48.90 -17.71
C GLU E 91 7.05 49.68 -16.98
N SER E 92 8.12 49.02 -16.54
CA SER E 92 9.25 49.70 -15.95
C SER E 92 9.92 50.60 -16.98
N PRO E 93 10.64 51.64 -16.54
CA PRO E 93 11.33 52.50 -17.52
C PRO E 93 12.33 51.73 -18.36
N GLU E 94 13.03 50.75 -17.77
CA GLU E 94 14.07 50.05 -18.48
C GLU E 94 13.49 49.21 -19.62
N PHE E 95 12.40 48.50 -19.36
CA PHE E 95 11.85 47.63 -20.41
C PHE E 95 11.06 48.43 -21.46
N ARG E 96 10.37 49.51 -21.06
CA ARG E 96 9.72 50.35 -22.06
C ARG E 96 10.73 50.95 -23.02
N ASP E 97 11.94 51.21 -22.52
CA ASP E 97 13.02 51.63 -23.40
C ASP E 97 13.43 50.51 -24.36
N PHE E 98 13.38 49.26 -23.90
CA PHE E 98 13.67 48.14 -24.79
C PHE E 98 12.59 48.00 -25.86
N ILE E 99 11.33 48.24 -25.51
CA ILE E 99 10.27 48.18 -26.51
C ILE E 99 10.47 49.25 -27.57
N ALA E 100 10.87 50.45 -27.16
CA ALA E 100 10.97 51.57 -28.08
C ALA E 100 12.20 51.49 -28.97
N ASN E 101 13.32 50.99 -28.44
CA ASN E 101 14.58 51.03 -29.15
C ASN E 101 15.19 49.67 -29.44
N GLY E 102 14.52 48.58 -29.07
CA GLY E 102 15.02 47.25 -29.42
C GLY E 102 16.38 47.01 -28.81
N PHE E 103 17.24 46.33 -29.57
CA PHE E 103 18.59 45.98 -29.13
C PHE E 103 19.58 47.15 -29.23
N ASP E 104 19.14 48.33 -29.67
CA ASP E 104 19.93 49.54 -29.51
C ASP E 104 19.75 50.21 -28.15
N SER E 105 18.82 49.74 -27.33
CA SER E 105 18.64 50.28 -25.98
C SER E 105 19.85 49.99 -25.11
N GLU E 106 20.20 50.95 -24.26
CA GLU E 106 21.30 50.76 -23.31
C GLU E 106 20.98 49.71 -22.26
N TYR E 107 19.75 49.19 -22.24
CA TYR E 107 19.31 48.18 -21.29
C TYR E 107 19.13 46.80 -21.94
N ALA E 108 19.74 46.57 -23.11
CA ALA E 108 19.51 45.31 -23.81
C ALA E 108 19.92 44.09 -22.99
N ASP E 109 21.08 44.14 -22.33
CA ASP E 109 21.55 43.04 -21.49
C ASP E 109 20.79 42.91 -20.18
N LEU E 110 19.82 43.76 -19.92
CA LEU E 110 19.07 43.62 -18.70
C LEU E 110 18.07 42.47 -18.76
N PHE E 111 17.69 42.02 -19.97
CA PHE E 111 16.65 41.03 -20.14
C PHE E 111 17.20 39.82 -20.88
N VAL E 112 16.47 38.70 -20.76
CA VAL E 112 16.90 37.41 -21.31
C VAL E 112 16.22 37.21 -22.67
N HIS E 113 17.02 37.09 -23.74
CA HIS E 113 16.47 36.99 -25.09
C HIS E 113 16.49 35.53 -25.53
N VAL E 114 15.28 34.96 -25.68
CA VAL E 114 15.10 33.50 -25.75
C VAL E 114 15.79 32.91 -26.96
N ASP E 115 15.79 33.62 -28.09
CA ASP E 115 16.35 33.06 -29.31
C ASP E 115 17.87 33.01 -29.26
N ARG E 116 18.46 33.73 -28.32
CA ARG E 116 19.90 33.74 -28.10
C ARG E 116 20.36 32.45 -27.39
N PHE E 117 19.43 31.48 -27.23
CA PHE E 117 19.70 30.13 -26.75
C PHE E 117 19.69 29.07 -27.84
N GLY E 118 19.29 29.41 -29.07
CA GLY E 118 19.14 28.41 -30.12
C GLY E 118 17.92 27.51 -29.93
N ASP E 119 17.98 26.34 -30.58
CA ASP E 119 16.93 25.34 -30.43
C ASP E 119 17.04 24.66 -29.08
N ILE E 120 15.93 24.62 -28.36
CA ILE E 120 15.88 23.94 -27.08
C ILE E 120 15.19 22.60 -27.30
N SER E 121 15.87 21.52 -26.94
CA SER E 121 15.31 20.20 -27.14
C SER E 121 14.11 20.00 -26.21
N PRO E 122 13.21 19.07 -26.57
CA PRO E 122 12.13 18.70 -25.63
C PRO E 122 12.64 18.28 -24.27
N ASP E 123 13.71 17.49 -24.22
CA ASP E 123 14.30 17.14 -22.94
C ASP E 123 14.69 18.37 -22.15
N ASP E 124 15.32 19.35 -22.81
CA ASP E 124 15.76 20.52 -22.04
C ASP E 124 14.59 21.45 -21.71
N MET E 125 13.54 21.48 -22.54
CA MET E 125 12.31 22.18 -22.15
C MET E 125 11.65 21.51 -20.95
N ALA E 126 11.65 20.17 -20.91
CA ALA E 126 11.00 19.46 -19.82
C ALA E 126 11.74 19.65 -18.49
N LYS E 127 13.06 19.86 -18.51
CA LYS E 127 13.79 20.06 -17.27
C LYS E 127 13.37 21.32 -16.51
N ILE E 128 12.84 22.33 -17.20
CA ILE E 128 12.70 23.66 -16.62
C ILE E 128 11.70 23.63 -15.48
N HIS E 129 12.08 24.21 -14.35
CA HIS E 129 11.24 24.28 -13.15
C HIS E 129 10.32 25.49 -13.27
N ILE E 130 9.12 25.26 -13.76
CA ILE E 130 8.09 26.29 -13.91
C ILE E 130 6.78 25.62 -13.53
N ARG E 131 6.00 26.23 -12.63
CA ARG E 131 4.80 25.51 -12.23
C ARG E 131 3.58 25.90 -13.04
N LYS E 132 3.75 26.73 -14.07
CA LYS E 132 2.67 27.10 -14.96
C LYS E 132 2.83 26.25 -16.22
N GLU E 133 1.73 26.03 -16.92
CA GLU E 133 1.72 25.05 -18.01
C GLU E 133 1.95 25.71 -19.36
N LYS E 134 2.67 26.83 -19.35
CA LYS E 134 3.09 27.55 -20.53
C LYS E 134 4.61 27.55 -20.58
N GLU E 135 5.16 27.63 -21.78
CA GLU E 135 6.59 27.91 -21.89
C GLU E 135 6.89 29.26 -21.26
N PRO E 136 8.05 29.43 -20.63
CA PRO E 136 8.33 30.70 -19.96
C PRO E 136 8.87 31.77 -20.92
N PHE E 137 8.25 31.91 -22.08
CA PHE E 137 8.74 32.80 -23.12
C PHE E 137 7.60 33.72 -23.50
N ARG E 138 7.86 35.03 -23.54
CA ARG E 138 6.87 35.98 -24.00
C ARG E 138 7.35 36.66 -25.28
N GLU E 139 6.51 36.62 -26.30
CA GLU E 139 6.78 37.33 -27.55
C GLU E 139 6.25 38.75 -27.42
N VAL E 140 7.12 39.72 -27.64
CA VAL E 140 6.72 41.12 -27.56
C VAL E 140 6.98 41.76 -28.91
N THR E 141 6.21 42.79 -29.20
CA THR E 141 6.34 43.56 -30.43
C THR E 141 7.13 44.82 -30.13
N LEU E 142 8.25 44.99 -30.82
CA LEU E 142 9.02 46.21 -30.67
C LEU E 142 8.29 47.38 -31.31
N ALA E 143 8.82 48.58 -31.09
CA ALA E 143 8.21 49.79 -31.65
C ALA E 143 8.22 49.75 -33.17
N ASP E 144 9.27 49.20 -33.77
CA ASP E 144 9.41 49.14 -35.22
C ASP E 144 8.63 48.00 -35.86
N GLY E 145 7.72 47.35 -35.12
CA GLY E 145 6.95 46.25 -35.65
C GLY E 145 7.63 44.91 -35.52
N THR E 146 8.93 44.90 -35.19
CA THR E 146 9.65 43.67 -34.93
C THR E 146 9.06 42.96 -33.72
N LYS E 147 8.99 41.64 -33.79
CA LYS E 147 8.59 40.81 -32.67
C LYS E 147 9.81 40.02 -32.19
N THR E 148 9.97 39.95 -30.86
CA THR E 148 11.08 39.27 -30.22
C THR E 148 10.60 38.66 -28.89
N ARG E 149 11.29 37.62 -28.44
CA ARG E 149 10.86 36.86 -27.26
C ARG E 149 11.82 37.06 -26.10
N VAL E 150 11.24 37.25 -24.92
CA VAL E 150 11.99 37.43 -23.68
C VAL E 150 11.57 36.34 -22.71
N TRP E 151 12.48 36.00 -21.79
CA TRP E 151 12.17 35.00 -20.78
C TRP E 151 11.18 35.58 -19.77
N CYS E 152 10.24 34.74 -19.35
CA CYS E 152 9.12 35.18 -18.52
C CYS E 152 8.66 34.01 -17.65
N THR E 153 9.12 33.99 -16.40
CA THR E 153 8.77 32.88 -15.51
C THR E 153 7.34 33.00 -15.03
N PHE E 154 6.97 34.18 -14.57
CA PHE E 154 5.69 34.45 -13.94
C PHE E 154 4.70 35.05 -14.94
N THR E 155 3.75 35.88 -14.47
CA THR E 155 2.80 36.54 -15.38
C THR E 155 3.52 37.25 -16.52
N GLU E 156 2.81 37.53 -17.62
CA GLU E 156 3.48 38.12 -18.78
C GLU E 156 3.99 39.53 -18.52
N GLN E 157 3.48 40.24 -17.52
CA GLN E 157 3.98 41.59 -17.22
C GLN E 157 5.24 41.60 -16.40
N GLN E 158 5.73 40.42 -16.01
CA GLN E 158 6.95 40.23 -15.25
C GLN E 158 8.03 39.72 -16.20
N ILE E 159 9.04 40.53 -16.47
CA ILE E 159 10.11 40.17 -17.41
C ILE E 159 11.35 39.82 -16.60
N ASP E 160 11.90 38.62 -16.81
CA ASP E 160 13.01 38.19 -15.98
C ASP E 160 14.29 38.97 -16.32
N LEU E 161 15.14 39.14 -15.32
CA LEU E 161 16.40 39.82 -15.50
C LEU E 161 17.47 38.85 -15.94
N ASN E 162 18.50 39.38 -16.57
CA ASN E 162 19.58 38.61 -17.18
C ASN E 162 20.78 38.65 -16.24
N TYR E 163 21.00 37.59 -15.48
CA TYR E 163 22.17 37.62 -14.62
C TYR E 163 23.43 37.10 -15.30
N ASP E 164 23.37 36.82 -16.60
CA ASP E 164 24.57 36.73 -17.40
C ASP E 164 25.09 38.09 -17.83
N GLY E 165 24.27 39.13 -17.75
CA GLY E 165 24.73 40.46 -18.06
C GLY E 165 25.19 41.21 -16.81
N ASP E 166 25.75 42.38 -17.04
CA ASP E 166 26.19 43.22 -15.93
C ASP E 166 25.10 44.15 -15.46
N LEU E 167 24.13 44.46 -16.33
CA LEU E 167 23.12 45.44 -15.99
C LEU E 167 22.23 44.99 -14.83
N ALA E 168 21.90 43.71 -14.77
CA ALA E 168 21.02 43.23 -13.70
C ALA E 168 21.63 43.48 -12.33
N TYR E 169 22.93 43.21 -12.18
CA TYR E 169 23.58 43.43 -10.89
C TYR E 169 23.61 44.91 -10.54
N ARG E 170 23.89 45.77 -11.53
CA ARG E 170 23.94 47.20 -11.25
C ARG E 170 22.55 47.73 -10.94
N LEU E 171 21.53 47.22 -11.63
CA LEU E 171 20.15 47.61 -11.34
C LEU E 171 19.78 47.26 -9.90
N MET E 172 20.14 46.04 -9.47
CA MET E 172 19.86 45.63 -8.09
C MET E 172 20.63 46.49 -7.07
N GLU E 173 21.90 46.77 -7.36
CA GLU E 173 22.65 47.60 -6.42
C GLU E 173 22.04 49.00 -6.31
N SER E 174 21.50 49.51 -7.42
CA SER E 174 20.82 50.80 -7.36
C SER E 174 19.59 50.73 -6.46
N TYR E 175 18.80 49.66 -6.60
CA TYR E 175 17.65 49.43 -5.74
C TYR E 175 18.07 49.29 -4.28
N ILE E 176 19.07 48.44 -4.01
CA ILE E 176 19.48 48.21 -2.63
C ILE E 176 19.93 49.50 -1.99
N GLY E 177 20.79 50.24 -2.69
CA GLY E 177 21.24 51.52 -2.18
C GLY E 177 20.08 52.45 -1.85
N PHE E 178 19.06 52.49 -2.71
CA PHE E 178 17.94 53.39 -2.47
C PHE E 178 17.10 52.94 -1.28
N LEU E 179 16.76 51.64 -1.23
CA LEU E 179 15.94 51.12 -0.13
C LEU E 179 16.64 51.28 1.22
N THR E 180 17.93 50.95 1.28
CA THR E 180 18.64 51.09 2.55
C THR E 180 18.68 52.56 2.99
N SER E 181 18.73 53.49 2.04
CA SER E 181 18.72 54.89 2.45
C SER E 181 17.37 55.30 3.03
N LYS E 182 16.32 54.52 2.79
CA LYS E 182 15.03 54.81 3.41
C LYS E 182 14.81 54.05 4.71
N GLY E 183 15.81 53.31 5.18
CA GLY E 183 15.73 52.64 6.46
C GLY E 183 15.41 51.17 6.40
N VAL E 184 15.38 50.58 5.20
CA VAL E 184 15.20 49.15 5.06
C VAL E 184 16.48 48.46 5.50
N ASN E 185 16.40 47.61 6.51
CA ASN E 185 17.56 46.86 6.97
C ASN E 185 17.41 45.35 6.82
N LEU E 186 16.34 44.86 6.21
CA LEU E 186 16.23 43.45 5.85
C LEU E 186 15.57 43.33 4.49
N LEU E 187 16.28 42.73 3.54
CA LEU E 187 15.84 42.63 2.16
C LEU E 187 15.37 41.20 1.88
N ARG E 188 14.08 41.03 1.62
CA ARG E 188 13.55 39.74 1.19
C ARG E 188 13.83 39.57 -0.30
N LEU E 189 14.61 38.56 -0.65
CA LEU E 189 15.04 38.37 -2.02
C LEU E 189 14.05 37.41 -2.66
N ASP E 190 13.09 37.94 -3.42
CA ASP E 190 11.95 37.17 -3.88
C ASP E 190 12.37 36.26 -5.02
N ALA E 191 11.97 34.98 -4.94
CA ALA E 191 12.05 34.08 -6.08
C ALA E 191 13.47 34.03 -6.65
N PHE E 192 14.45 34.08 -5.75
CA PHE E 192 15.87 34.21 -6.19
C PHE E 192 16.35 33.02 -6.96
N GLY E 193 15.68 31.89 -6.81
CA GLY E 193 16.14 30.68 -7.44
C GLY E 193 16.07 30.71 -8.94
N TYR E 194 15.27 31.62 -9.51
CA TYR E 194 15.12 31.64 -10.95
C TYR E 194 16.19 32.47 -11.64
N THR E 195 17.07 33.15 -10.90
CA THR E 195 18.02 34.07 -11.52
C THR E 195 19.05 33.36 -12.39
N THR E 196 19.15 32.05 -12.28
CA THR E 196 20.10 31.22 -13.03
C THR E 196 19.34 30.51 -14.14
N LYS E 197 19.52 30.99 -15.38
CA LYS E 197 19.02 30.35 -16.59
C LYS E 197 20.19 29.63 -17.27
N ARG E 198 20.08 28.30 -17.41
CA ARG E 198 21.07 27.57 -18.21
C ARG E 198 20.41 26.37 -18.86
N ILE E 199 20.40 26.34 -20.20
CA ILE E 199 19.76 25.23 -20.90
C ILE E 199 20.52 23.94 -20.59
N GLY E 200 19.77 22.88 -20.33
CA GLY E 200 20.33 21.67 -19.81
C GLY E 200 20.16 21.51 -18.32
N THR E 201 19.74 22.56 -17.64
CA THR E 201 19.43 22.52 -16.21
C THR E 201 17.97 22.85 -16.03
N SER E 202 17.53 22.76 -14.77
CA SER E 202 16.20 23.17 -14.39
C SER E 202 15.99 24.67 -14.42
N CYS E 203 17.07 25.45 -14.58
CA CYS E 203 16.99 26.91 -14.50
C CYS E 203 16.40 27.36 -13.16
N PHE E 204 16.78 26.66 -12.10
CA PHE E 204 16.28 26.94 -10.76
C PHE E 204 17.30 26.42 -9.76
N LEU E 205 17.78 27.30 -8.88
CA LEU E 205 18.74 26.93 -7.84
C LEU E 205 19.96 26.22 -8.40
N VAL E 206 20.48 26.72 -9.52
CA VAL E 206 21.59 26.06 -10.23
C VAL E 206 22.88 26.33 -9.46
N GLU E 207 23.47 25.26 -8.92
CA GLU E 207 24.62 25.37 -8.04
C GLU E 207 25.90 25.13 -8.81
N PRO E 208 27.00 25.83 -8.49
CA PRO E 208 27.15 26.79 -7.40
C PRO E 208 26.74 28.21 -7.77
N GLU E 209 26.34 28.44 -9.03
CA GLU E 209 26.11 29.80 -9.50
C GLU E 209 25.12 30.57 -8.65
N VAL E 210 24.04 29.92 -8.19
CA VAL E 210 23.04 30.64 -7.41
C VAL E 210 23.66 31.25 -6.16
N TYR E 211 24.69 30.61 -5.60
CA TYR E 211 25.29 31.14 -4.38
C TYR E 211 26.24 32.28 -4.67
N ARG E 212 26.80 32.33 -5.88
CA ARG E 212 27.60 33.50 -6.25
C ARG E 212 26.70 34.72 -6.42
N ILE E 213 25.53 34.56 -7.06
CA ILE E 213 24.59 35.67 -7.14
C ILE E 213 24.22 36.13 -5.74
N LEU E 214 24.07 35.19 -4.82
CA LEU E 214 23.55 35.50 -3.49
C LEU E 214 24.62 36.14 -2.60
N ASP E 215 25.86 35.62 -2.62
CA ASP E 215 26.94 36.27 -1.89
C ASP E 215 27.20 37.67 -2.40
N TRP E 216 27.00 37.89 -3.71
CA TRP E 216 27.16 39.21 -4.26
C TRP E 216 26.11 40.17 -3.69
N ILE E 217 24.83 39.78 -3.78
CA ILE E 217 23.77 40.61 -3.22
C ILE E 217 23.97 40.82 -1.72
N ASN E 218 24.36 39.76 -1.00
CA ASN E 218 24.57 39.90 0.44
C ASN E 218 25.60 40.97 0.73
N GLU E 219 26.67 41.00 -0.07
CA GLU E 219 27.76 41.95 0.13
C GLU E 219 27.32 43.38 -0.10
N VAL E 220 26.55 43.62 -1.16
CA VAL E 220 26.04 44.96 -1.41
C VAL E 220 25.13 45.39 -0.27
N ALA E 221 24.30 44.47 0.22
CA ALA E 221 23.42 44.77 1.34
C ALA E 221 24.21 45.12 2.59
N PHE E 222 25.28 44.37 2.88
CA PHE E 222 26.08 44.61 4.07
C PHE E 222 26.71 46.00 4.04
N LYS E 223 27.24 46.41 2.89
CA LYS E 223 27.85 47.73 2.76
C LYS E 223 26.82 48.84 2.86
N HIS E 224 25.53 48.53 2.74
CA HIS E 224 24.47 49.52 2.93
C HIS E 224 23.69 49.27 4.22
N GLY E 225 24.22 48.46 5.11
CA GLY E 225 23.66 48.30 6.44
C GLY E 225 22.42 47.44 6.52
N ALA E 226 22.29 46.44 5.67
CA ALA E 226 21.10 45.59 5.66
C ALA E 226 21.53 44.14 5.59
N GLU E 227 20.67 43.27 6.08
CA GLU E 227 20.83 41.83 5.94
C GLU E 227 19.76 41.32 4.99
N CYS E 228 19.86 40.03 4.65
CA CYS E 228 19.03 39.47 3.60
C CYS E 228 18.19 38.30 4.10
N LEU E 229 16.99 38.20 3.53
CA LEU E 229 16.06 37.09 3.77
C LEU E 229 15.77 36.46 2.40
N PRO E 230 16.67 35.61 1.90
CA PRO E 230 16.45 34.99 0.59
C PRO E 230 15.30 34.01 0.67
N GLU E 231 14.39 34.07 -0.29
CA GLU E 231 13.15 33.31 -0.27
C GLU E 231 13.17 32.17 -1.29
N VAL E 232 13.06 30.92 -0.79
CA VAL E 232 12.95 29.73 -1.65
C VAL E 232 11.87 28.82 -1.11
N HIS E 233 11.05 28.28 -2.00
CA HIS E 233 10.13 27.20 -1.68
C HIS E 233 10.62 25.94 -2.39
N ASP E 234 11.38 25.13 -1.68
CA ASP E 234 11.93 23.90 -2.24
C ASP E 234 12.43 23.10 -1.05
N HIS E 235 13.31 22.15 -1.28
CA HIS E 235 13.78 21.29 -0.20
C HIS E 235 14.48 22.08 0.92
N THR E 236 14.28 21.63 2.19
CA THR E 236 14.85 22.34 3.35
C THR E 236 16.35 22.49 3.27
N SER E 237 17.04 21.56 2.58
CA SER E 237 18.49 21.66 2.48
C SER E 237 18.89 23.03 1.96
N TYR E 238 18.07 23.63 1.08
CA TYR E 238 18.39 24.98 0.61
C TYR E 238 18.36 26.01 1.71
N GLN E 239 17.49 25.82 2.72
CA GLN E 239 17.51 26.73 3.86
C GLN E 239 18.83 26.63 4.63
N TYR E 240 19.45 25.45 4.67
CA TYR E 240 20.74 25.39 5.33
C TYR E 240 21.83 26.01 4.45
N ALA E 241 21.74 25.84 3.13
CA ALA E 241 22.71 26.45 2.25
C ALA E 241 22.73 27.96 2.44
N ILE E 242 21.56 28.57 2.54
CA ILE E 242 21.48 30.00 2.80
C ILE E 242 22.15 30.33 4.12
N SER E 243 21.87 29.54 5.16
CA SER E 243 22.31 29.89 6.51
C SER E 243 23.83 29.93 6.68
N ARG E 244 24.52 28.98 6.03
CA ARG E 244 25.99 28.86 6.14
C ARG E 244 26.68 29.94 5.30
N ARG E 245 25.90 30.82 4.67
CA ARG E 245 26.43 31.92 3.89
C ARG E 245 25.98 33.25 4.47
N ASN E 246 25.69 33.24 5.78
CA ASN E 246 25.48 34.44 6.57
C ASN E 246 24.28 35.25 6.08
N MET E 247 23.22 34.53 5.73
CA MET E 247 21.94 35.11 5.36
C MET E 247 20.86 34.44 6.21
N HIS E 248 19.67 35.05 6.24
CA HIS E 248 18.55 34.48 6.99
C HIS E 248 17.72 33.58 6.09
N PRO E 249 17.63 32.28 6.35
CA PRO E 249 16.68 31.43 5.63
C PRO E 249 15.30 31.59 6.25
N TYR E 250 14.30 31.02 5.56
CA TYR E 250 12.93 30.92 6.08
C TYR E 250 12.69 29.59 6.75
N GLY E 251 11.97 29.62 7.88
CA GLY E 251 11.50 28.39 8.50
C GLY E 251 10.21 27.88 7.89
N PHE E 252 10.15 27.81 6.56
CA PHE E 252 8.93 27.37 5.88
C PHE E 252 8.50 25.97 6.30
N ALA E 253 9.43 25.17 6.82
CA ALA E 253 9.11 23.82 7.28
C ALA E 253 8.13 23.83 8.43
N LEU E 254 8.20 24.86 9.28
CA LEU E 254 7.43 24.86 10.52
C LEU E 254 5.92 24.83 10.32
N PRO E 255 5.31 25.67 9.48
CA PRO E 255 3.81 25.69 9.39
C PRO E 255 3.21 24.31 9.14
N PRO E 256 3.59 23.59 8.06
CA PRO E 256 2.98 22.26 7.88
C PRO E 256 3.44 21.26 8.94
N LEU E 257 4.67 21.37 9.41
CA LEU E 257 5.15 20.55 10.52
C LEU E 257 4.28 20.73 11.77
N LEU E 258 4.04 21.98 12.19
CA LEU E 258 3.15 22.24 13.32
C LEU E 258 1.72 21.81 13.08
N LEU E 259 1.16 22.09 11.91
CA LEU E 259 -0.21 21.67 11.62
C LEU E 259 -0.38 20.17 11.82
N TYR E 260 0.53 19.38 11.22
CA TYR E 260 0.45 17.94 11.40
C TYR E 260 0.59 17.57 12.87
N SER E 261 1.54 18.22 13.56
CA SER E 261 1.85 17.89 14.95
C SER E 261 0.64 18.12 15.85
N LEU E 262 -0.03 19.26 15.68
CA LEU E 262 -1.18 19.58 16.48
C LEU E 262 -2.38 18.71 16.13
N LEU E 263 -2.67 18.56 14.84
CA LEU E 263 -3.86 17.82 14.43
C LEU E 263 -3.77 16.35 14.80
N ASP E 264 -2.56 15.78 14.86
CA ASP E 264 -2.41 14.35 15.07
C ASP E 264 -1.76 14.05 16.42
N ALA E 265 -1.56 15.07 17.26
CA ALA E 265 -0.98 14.93 18.61
C ALA E 265 0.34 14.15 18.59
N ASN E 266 1.25 14.60 17.74
CA ASN E 266 2.53 13.93 17.51
C ASN E 266 3.65 14.96 17.55
N SER E 267 4.64 14.73 18.40
CA SER E 267 5.76 15.65 18.57
C SER E 267 7.08 15.13 18.01
N VAL E 268 7.08 13.93 17.41
CA VAL E 268 8.34 13.29 17.02
C VAL E 268 9.07 14.12 15.98
N TYR E 269 8.37 14.49 14.89
CA TYR E 269 9.03 15.17 13.78
C TYR E 269 9.33 16.62 14.15
N LEU E 270 8.44 17.24 14.93
CA LEU E 270 8.69 18.58 15.44
C LEU E 270 9.97 18.62 16.26
N LYS E 271 10.13 17.70 17.21
CA LYS E 271 11.31 17.73 18.04
C LYS E 271 12.57 17.44 17.23
N ASN E 272 12.51 16.49 16.29
CA ASN E 272 13.70 16.25 15.46
C ASN E 272 14.07 17.49 14.64
N TRP E 273 13.09 18.21 14.10
CA TRP E 273 13.38 19.41 13.35
C TRP E 273 13.92 20.53 14.26
N LEU E 274 13.29 20.74 15.43
CA LEU E 274 13.76 21.78 16.34
C LEU E 274 15.21 21.54 16.73
N ARG E 275 15.59 20.28 16.89
CA ARG E 275 16.96 19.94 17.23
C ARG E 275 17.94 20.26 16.11
N MET E 276 17.50 20.37 14.87
CA MET E 276 18.49 20.56 13.78
C MET E 276 18.19 21.79 12.93
N CYS E 277 17.18 22.57 13.28
CA CYS E 277 16.83 23.64 12.37
C CYS E 277 17.95 24.68 12.31
N PRO E 278 18.06 25.42 11.19
CA PRO E 278 19.05 26.51 11.13
C PRO E 278 18.78 27.52 12.23
N ARG E 279 19.85 28.07 12.83
CA ARG E 279 19.69 28.90 14.04
C ARG E 279 19.57 30.41 13.79
N ASN E 280 19.56 30.86 12.53
CA ASN E 280 19.40 32.28 12.21
C ASN E 280 18.26 32.51 11.24
N MET E 281 17.18 31.75 11.35
CA MET E 281 16.10 31.92 10.38
C MET E 281 15.10 32.98 10.83
N VAL E 282 14.24 33.36 9.89
CA VAL E 282 12.99 34.07 10.15
C VAL E 282 11.86 33.05 10.11
N THR E 283 11.16 32.86 11.24
CA THR E 283 10.11 31.85 11.28
C THR E 283 8.75 32.48 10.95
N VAL E 284 7.89 31.67 10.35
CA VAL E 284 6.54 32.08 10.01
C VAL E 284 5.61 30.92 10.35
N LEU E 285 4.34 31.25 10.63
CA LEU E 285 3.34 30.21 10.49
C LEU E 285 2.56 30.44 9.20
N ASP E 286 1.79 31.51 9.13
CA ASP E 286 1.18 31.90 7.88
C ASP E 286 2.05 32.94 7.20
N THR E 287 1.96 32.99 5.89
CA THR E 287 2.57 34.02 5.10
C THR E 287 1.46 34.71 4.32
N HIS E 288 1.83 35.56 3.38
CA HIS E 288 0.84 36.08 2.44
C HIS E 288 0.54 35.12 1.29
N ASP E 289 1.15 33.92 1.28
CA ASP E 289 1.07 33.00 0.15
C ASP E 289 0.38 31.66 0.41
N GLY E 290 0.13 31.26 1.64
CA GLY E 290 -0.43 29.92 1.60
C GLY E 290 0.60 28.84 1.90
N ILE E 291 0.12 27.73 2.45
CA ILE E 291 0.96 26.80 3.21
C ILE E 291 1.67 25.84 2.25
N CYS E 292 3.00 25.95 2.19
CA CYS E 292 3.78 25.36 1.11
C CYS E 292 4.33 24.00 1.49
N ILE E 293 4.09 23.01 0.64
CA ILE E 293 4.38 21.59 0.89
C ILE E 293 5.82 21.19 0.60
N PRO E 294 6.45 21.62 -0.51
CA PRO E 294 7.85 21.18 -0.74
C PRO E 294 8.79 21.48 0.41
N ASP E 295 8.49 22.52 1.17
CA ASP E 295 9.37 22.95 2.27
C ASP E 295 9.39 21.97 3.43
N VAL E 296 8.49 20.99 3.48
CA VAL E 296 8.41 20.05 4.60
C VAL E 296 8.77 18.64 4.19
N GLU E 297 9.13 18.42 2.94
CA GLU E 297 9.60 17.11 2.50
C GLU E 297 10.84 16.72 3.28
N GLY E 298 10.90 15.45 3.71
CA GLY E 298 12.00 14.99 4.50
C GLY E 298 11.83 15.36 5.96
N VAL E 299 11.40 16.59 6.25
CA VAL E 299 11.10 17.00 7.61
C VAL E 299 9.95 16.19 8.17
N LEU E 300 8.98 15.85 7.33
CA LEU E 300 7.83 15.07 7.74
C LEU E 300 7.77 13.91 6.76
N PRO E 301 7.54 12.67 7.21
CA PRO E 301 7.47 11.57 6.24
C PRO E 301 6.34 11.80 5.23
N ASP E 302 6.50 11.26 4.02
CA ASP E 302 5.50 11.49 2.97
C ASP E 302 4.10 11.08 3.39
N ASP E 303 3.93 9.95 4.07
CA ASP E 303 2.57 9.56 4.41
C ASP E 303 1.95 10.54 5.42
N LYS E 304 2.75 11.18 6.27
CA LYS E 304 2.20 12.21 7.15
C LYS E 304 1.91 13.52 6.42
N ILE E 305 2.63 13.84 5.35
CA ILE E 305 2.29 14.99 4.52
C ILE E 305 0.98 14.76 3.77
N LYS E 306 0.77 13.54 3.23
CA LYS E 306 -0.49 13.17 2.58
C LYS E 306 -1.65 13.33 3.56
N VAL E 307 -1.43 12.90 4.81
CA VAL E 307 -2.42 13.06 5.88
C VAL E 307 -2.80 14.51 6.05
N LEU E 308 -1.79 15.40 6.13
CA LEU E 308 -2.05 16.83 6.26
C LEU E 308 -2.77 17.38 5.03
N ILE E 309 -2.32 16.98 3.84
CA ILE E 309 -2.88 17.48 2.57
C ILE E 309 -4.37 17.13 2.47
N ASP E 310 -4.71 15.85 2.69
CA ASP E 310 -6.12 15.43 2.53
C ASP E 310 -7.00 16.05 3.60
N ASN E 311 -6.48 16.18 4.83
CA ASN E 311 -7.26 16.76 5.91
C ASN E 311 -7.63 18.22 5.61
N ILE E 312 -6.66 19.01 5.17
CA ILE E 312 -6.93 20.41 4.91
C ILE E 312 -7.72 20.59 3.62
N ASP E 313 -7.34 19.89 2.53
CA ASP E 313 -8.04 20.10 1.27
C ASP E 313 -9.51 19.65 1.33
N ALA E 314 -9.82 18.70 2.19
CA ALA E 314 -11.20 18.29 2.40
C ALA E 314 -12.02 19.37 3.10
N ARG E 315 -11.40 20.45 3.58
CA ARG E 315 -12.05 21.43 4.45
C ARG E 315 -11.94 22.88 4.01
N SER E 316 -11.17 23.18 2.95
CA SER E 316 -10.95 24.56 2.54
C SER E 316 -10.85 24.61 1.02
N ALA E 317 -10.34 25.73 0.50
CA ALA E 317 -10.30 25.97 -0.94
C ALA E 317 -9.29 25.08 -1.64
N ASP E 318 -9.31 25.18 -2.97
CA ASP E 318 -8.45 24.36 -3.83
C ASP E 318 -6.98 24.66 -3.55
N PRO E 319 -6.11 23.66 -3.59
CA PRO E 319 -4.67 23.92 -3.49
C PRO E 319 -4.11 24.50 -4.78
N ILE E 320 -2.90 25.01 -4.66
CA ILE E 320 -2.08 25.34 -5.81
C ILE E 320 -1.23 24.11 -6.11
N MET E 321 -1.35 23.59 -7.32
CA MET E 321 -0.73 22.35 -7.76
C MET E 321 0.67 22.61 -8.29
N ARG E 322 1.51 21.57 -8.27
CA ARG E 322 2.70 21.65 -9.09
C ARG E 322 2.32 21.35 -10.55
N ARG E 323 3.25 21.61 -11.48
CA ARG E 323 2.94 21.50 -12.90
C ARG E 323 2.61 20.06 -13.27
N SER E 324 1.59 19.88 -14.12
CA SER E 324 1.17 18.59 -14.67
C SER E 324 1.23 17.44 -13.66
N ALA E 325 0.50 17.59 -12.58
CA ALA E 325 0.53 16.60 -11.52
C ALA E 325 -0.90 16.13 -11.32
N ALA E 326 -1.21 14.98 -11.88
CA ALA E 326 -2.58 14.50 -11.93
C ALA E 326 -3.04 13.89 -10.61
N ASN E 327 -2.11 13.51 -9.73
CA ASN E 327 -2.45 12.75 -8.52
C ASN E 327 -2.66 13.73 -7.38
N ILE E 328 -3.92 14.08 -7.13
CA ILE E 328 -4.26 15.05 -6.10
C ILE E 328 -3.93 14.56 -4.70
N HIS E 329 -3.64 13.28 -4.53
CA HIS E 329 -3.33 12.75 -3.21
C HIS E 329 -1.85 12.50 -2.99
N SER E 330 -0.98 12.95 -3.88
CA SER E 330 0.44 12.71 -3.68
C SER E 330 1.13 13.98 -3.22
N VAL E 331 2.11 13.80 -2.34
CA VAL E 331 3.07 14.85 -2.10
C VAL E 331 3.75 15.04 -3.44
N GLY E 332 4.03 16.26 -3.79
CA GLY E 332 4.66 16.45 -5.09
C GLY E 332 3.70 16.88 -6.16
N ALA E 333 2.42 16.78 -5.89
CA ALA E 333 1.42 17.39 -6.74
C ALA E 333 0.91 18.69 -6.14
N ILE E 334 1.10 18.86 -4.84
CA ILE E 334 0.64 20.04 -4.12
C ILE E 334 1.79 21.00 -3.97
N TYR E 335 1.56 22.25 -4.35
CA TYR E 335 2.53 23.29 -4.04
C TYR E 335 2.18 24.02 -2.74
N GLN E 336 0.95 24.51 -2.63
CA GLN E 336 0.51 25.21 -1.43
C GLN E 336 -0.93 24.86 -1.14
N LEU E 337 -1.21 24.65 0.15
CA LEU E 337 -2.57 24.62 0.64
C LEU E 337 -3.06 26.06 0.76
N THR E 338 -4.30 26.29 0.40
CA THR E 338 -4.88 27.62 0.53
C THR E 338 -5.90 27.56 1.67
N CYS E 339 -5.51 28.13 2.80
CA CYS E 339 -6.25 28.07 4.05
C CYS E 339 -5.62 29.03 5.04
N THR E 340 -6.41 29.84 5.75
CA THR E 340 -5.80 30.65 6.81
C THR E 340 -5.31 29.72 7.91
N PHE E 341 -4.31 30.18 8.65
CA PHE E 341 -3.72 29.30 9.65
C PHE E 341 -4.70 29.02 10.78
N TYR E 342 -5.53 30.00 11.13
CA TYR E 342 -6.54 29.80 12.15
C TYR E 342 -7.57 28.76 11.70
N ASP E 343 -8.05 28.87 10.45
CA ASP E 343 -8.93 27.82 9.94
C ASP E 343 -8.21 26.50 9.77
N ALA E 344 -6.92 26.50 9.42
CA ALA E 344 -6.22 25.21 9.29
C ALA E 344 -6.23 24.44 10.60
N LEU E 345 -6.17 25.15 11.73
CA LEU E 345 -6.29 24.55 13.05
C LEU E 345 -7.73 24.50 13.52
N MET E 346 -8.68 24.65 12.60
CA MET E 346 -10.12 24.46 12.86
C MET E 346 -10.69 25.48 13.83
N GLN E 347 -10.12 26.69 13.82
CA GLN E 347 -10.52 27.78 14.70
C GLN E 347 -10.43 27.39 16.17
N ASN E 348 -9.49 26.52 16.50
CA ASN E 348 -9.32 26.10 17.88
C ASN E 348 -8.35 27.05 18.58
N ASP E 349 -8.88 27.86 19.50
CA ASP E 349 -8.10 28.92 20.12
C ASP E 349 -6.89 28.34 20.86
N ASP E 350 -7.11 27.31 21.66
CA ASP E 350 -6.00 26.73 22.40
C ASP E 350 -4.94 26.19 21.45
N ALA E 351 -5.37 25.48 20.39
CA ALA E 351 -4.42 24.97 19.41
C ALA E 351 -3.68 26.11 18.74
N TYR E 352 -4.38 27.18 18.37
CA TYR E 352 -3.72 28.26 17.66
C TYR E 352 -2.70 28.98 18.55
N ILE E 353 -3.06 29.25 19.81
CA ILE E 353 -2.11 29.89 20.73
C ILE E 353 -0.92 28.98 20.99
N ALA E 354 -1.16 27.68 21.13
CA ALA E 354 -0.06 26.74 21.33
C ALA E 354 0.89 26.76 20.14
N ALA E 355 0.33 26.86 18.93
CA ALA E 355 1.14 26.95 17.72
C ALA E 355 2.02 28.19 17.73
N ARG E 356 1.44 29.33 18.10
CA ARG E 356 2.22 30.57 18.15
C ARG E 356 3.29 30.51 19.23
N ALA E 357 2.99 29.90 20.38
CA ALA E 357 4.01 29.78 21.41
C ALA E 357 5.19 28.94 20.92
N ILE E 358 4.89 27.82 20.24
CA ILE E 358 5.95 26.97 19.71
C ILE E 358 6.75 27.72 18.64
N GLN E 359 6.08 28.46 17.74
CA GLN E 359 6.82 29.29 16.80
C GLN E 359 7.77 30.24 17.53
N PHE E 360 7.27 30.93 18.55
CA PHE E 360 8.05 31.97 19.21
C PHE E 360 9.20 31.37 20.00
N PHE E 361 9.07 30.13 20.48
CA PHE E 361 10.23 29.52 21.12
C PHE E 361 11.18 28.86 20.14
N THR E 362 10.85 28.84 18.87
CA THR E 362 11.75 28.26 17.88
C THR E 362 12.89 29.24 17.63
N PRO E 363 14.12 28.75 17.54
CA PRO E 363 15.22 29.66 17.24
C PRO E 363 14.93 30.42 15.96
N GLY E 364 15.17 31.73 16.00
CA GLY E 364 14.94 32.64 14.90
C GLY E 364 14.02 33.79 15.28
N ILE E 365 13.94 34.75 14.35
CA ILE E 365 13.04 35.89 14.46
C ILE E 365 11.65 35.47 13.99
N PRO E 366 10.61 35.53 14.82
CA PRO E 366 9.28 35.09 14.36
C PRO E 366 8.51 36.22 13.69
N GLN E 367 7.95 35.93 12.51
CA GLN E 367 7.03 36.85 11.85
C GLN E 367 5.61 36.37 12.07
N VAL E 368 4.72 37.31 12.38
CA VAL E 368 3.30 37.07 12.53
C VAL E 368 2.59 37.80 11.39
N TYR E 369 1.89 37.03 10.57
CA TYR E 369 1.10 37.57 9.45
C TYR E 369 -0.19 38.19 9.99
N TYR E 370 -0.56 39.35 9.44
CA TYR E 370 -1.61 40.17 10.05
C TYR E 370 -2.95 39.43 10.12
N VAL E 371 -3.25 38.59 9.11
CA VAL E 371 -4.50 37.82 9.17
C VAL E 371 -4.46 36.87 10.36
N GLY E 372 -3.32 36.20 10.57
CA GLY E 372 -3.16 35.37 11.76
C GLY E 372 -3.15 36.17 13.05
N LEU E 373 -2.57 37.38 13.02
CA LEU E 373 -2.61 38.26 14.19
C LEU E 373 -4.05 38.44 14.67
N LEU E 374 -4.99 38.58 13.74
CA LEU E 374 -6.37 38.90 14.04
C LEU E 374 -7.29 37.68 14.01
N ALA E 375 -6.72 36.48 14.01
CA ALA E 375 -7.48 35.21 13.96
C ALA E 375 -8.51 35.22 12.85
N GLY E 376 -8.07 35.62 11.66
CA GLY E 376 -8.97 35.71 10.54
C GLY E 376 -9.26 34.34 9.93
N CYS E 377 -10.46 34.21 9.38
CA CYS E 377 -10.92 32.97 8.77
C CYS E 377 -10.85 33.07 7.25
N ASN E 378 -11.03 31.93 6.58
CA ASN E 378 -10.93 31.88 5.13
C ASN E 378 -11.88 32.89 4.49
N ASP E 379 -11.34 33.70 3.60
CA ASP E 379 -12.08 34.82 3.03
C ASP E 379 -12.71 34.39 1.70
N GLN E 380 -13.81 33.66 1.83
CA GLN E 380 -14.51 33.18 0.65
C GLN E 380 -15.03 34.32 -0.20
N GLU E 381 -15.58 35.36 0.44
CA GLU E 381 -16.18 36.46 -0.31
C GLU E 381 -15.16 37.21 -1.14
N LEU E 382 -14.02 37.55 -0.53
CA LEU E 382 -12.98 38.28 -1.26
C LEU E 382 -12.46 37.44 -2.42
N MET E 383 -12.24 36.15 -2.16
CA MET E 383 -11.74 35.23 -3.17
C MET E 383 -12.70 35.16 -4.35
N GLU E 384 -14.01 35.12 -4.10
CA GLU E 384 -14.99 35.10 -5.19
C GLU E 384 -15.05 36.42 -5.93
N LYS E 385 -14.86 37.54 -5.23
CA LYS E 385 -14.92 38.83 -5.91
C LYS E 385 -13.74 39.01 -6.86
N THR E 386 -12.56 38.58 -6.45
CA THR E 386 -11.34 38.86 -7.19
C THR E 386 -10.89 37.73 -8.10
N GLY E 387 -11.31 36.49 -7.84
CA GLY E 387 -10.85 35.35 -8.61
C GLY E 387 -9.47 34.83 -8.22
N GLU E 388 -8.79 35.46 -7.26
CA GLU E 388 -7.46 35.04 -6.82
C GLU E 388 -7.56 34.09 -5.62
N LEU E 389 -7.11 32.84 -5.78
CA LEU E 389 -7.16 31.89 -4.66
C LEU E 389 -6.52 32.45 -3.40
N ARG E 390 -5.34 33.05 -3.54
CA ARG E 390 -4.59 33.47 -2.38
C ARG E 390 -5.29 34.55 -1.57
N ASP E 391 -6.34 35.19 -2.09
CA ASP E 391 -7.12 36.13 -1.30
C ASP E 391 -7.93 35.49 -0.19
N ILE E 392 -8.04 34.16 -0.14
CA ILE E 392 -8.73 33.52 1.02
C ILE E 392 -7.90 33.83 2.26
N ASN E 393 -6.62 34.15 2.08
CA ASN E 393 -5.68 34.41 3.15
C ASN E 393 -5.24 35.87 3.15
N ARG E 394 -6.02 36.77 2.54
CA ARG E 394 -5.60 38.16 2.38
C ARG E 394 -6.76 39.12 2.72
N ASN E 395 -7.42 38.83 3.85
CA ASN E 395 -8.54 39.62 4.37
C ASN E 395 -8.22 41.11 4.40
N TYR E 396 -9.20 41.96 4.07
CA TYR E 396 -9.03 43.38 4.40
C TYR E 396 -9.70 43.67 5.73
N TYR E 397 -9.10 44.54 6.53
CA TYR E 397 -9.79 45.07 7.69
C TYR E 397 -9.83 46.59 7.63
N THR E 398 -10.99 47.15 7.94
CA THR E 398 -11.02 48.56 8.28
C THR E 398 -10.35 48.75 9.63
N LEU E 399 -10.02 49.99 9.96
CA LEU E 399 -9.43 50.25 11.27
C LEU E 399 -10.36 49.82 12.40
N ASN E 400 -11.67 50.06 12.26
CA ASN E 400 -12.60 49.63 13.29
C ASN E 400 -12.68 48.11 13.37
N GLU E 401 -12.67 47.43 12.22
CA GLU E 401 -12.68 45.96 12.22
C GLU E 401 -11.46 45.39 12.93
N MET E 402 -10.30 46.04 12.81
CA MET E 402 -9.12 45.59 13.54
C MET E 402 -9.28 45.81 15.04
N ASP E 403 -9.86 46.94 15.44
CA ASP E 403 -10.13 47.19 16.86
C ASP E 403 -10.98 46.07 17.47
N GLU E 404 -12.03 45.65 16.77
CA GLU E 404 -12.87 44.59 17.29
C GLU E 404 -12.10 43.27 17.37
N ALA E 405 -11.38 42.93 16.31
CA ALA E 405 -10.62 41.68 16.33
C ALA E 405 -9.62 41.67 17.48
N MET E 406 -9.02 42.83 17.77
CA MET E 406 -8.09 42.91 18.89
C MET E 406 -8.77 42.58 20.22
N GLU E 407 -10.11 42.66 20.30
CA GLU E 407 -10.82 42.37 21.54
C GLU E 407 -11.15 40.89 21.70
N LYS E 408 -10.99 40.10 20.66
CA LYS E 408 -11.25 38.67 20.76
C LYS E 408 -10.34 38.06 21.82
N PRO E 409 -10.88 37.19 22.69
CA PRO E 409 -10.01 36.51 23.68
C PRO E 409 -8.80 35.83 23.07
N VAL E 410 -8.92 35.19 21.90
CA VAL E 410 -7.75 34.52 21.33
C VAL E 410 -6.68 35.52 20.91
N VAL E 411 -7.07 36.70 20.44
CA VAL E 411 -6.09 37.69 20.00
C VAL E 411 -5.41 38.36 21.20
N GLN E 412 -6.17 38.61 22.29
CA GLN E 412 -5.54 39.13 23.52
C GLN E 412 -4.50 38.16 24.07
N ARG E 413 -4.77 36.85 23.98
CA ARG E 413 -3.75 35.87 24.38
C ARG E 413 -2.52 35.97 23.50
N LEU E 414 -2.71 36.17 22.19
CA LEU E 414 -1.57 36.30 21.28
C LEU E 414 -0.77 37.57 21.53
N LEU E 415 -1.45 38.69 21.87
CA LEU E 415 -0.75 39.91 22.25
C LEU E 415 0.20 39.67 23.42
N THR E 416 -0.27 38.97 24.45
CA THR E 416 0.56 38.66 25.61
C THR E 416 1.77 37.83 25.21
N LEU E 417 1.56 36.77 24.39
CA LEU E 417 2.69 36.04 23.82
C LEU E 417 3.64 36.96 23.08
N MET E 418 3.11 37.78 22.18
CA MET E 418 3.98 38.62 21.36
C MET E 418 4.80 39.55 22.23
N LYS E 419 4.15 40.23 23.19
CA LYS E 419 4.87 41.14 24.06
C LYS E 419 5.95 40.39 24.84
N PHE E 420 5.62 39.21 25.34
CA PHE E 420 6.60 38.42 26.08
C PHE E 420 7.76 38.05 25.17
N ARG E 421 7.46 37.52 23.99
CA ARG E 421 8.52 37.13 23.06
C ARG E 421 9.35 38.34 22.64
N THR E 422 8.73 39.50 22.49
CA THR E 422 9.48 40.67 22.04
C THR E 422 10.37 41.25 23.14
N ASN E 423 10.01 41.11 24.41
CA ASN E 423 10.72 41.84 25.46
C ASN E 423 11.59 40.98 26.37
N TYR E 424 11.18 39.76 26.68
CA TYR E 424 11.85 38.99 27.73
C TYR E 424 13.26 38.57 27.27
N PRO E 425 14.30 38.86 28.06
CA PRO E 425 15.67 38.72 27.54
C PRO E 425 16.16 37.28 27.38
N ALA E 426 15.50 36.27 27.94
CA ALA E 426 16.07 34.92 27.82
C ALA E 426 16.17 34.50 26.36
N PHE E 427 15.31 35.05 25.50
CA PHE E 427 15.31 34.65 24.09
C PHE E 427 16.61 35.01 23.39
N ASP E 428 17.42 35.90 23.96
CA ASP E 428 18.70 36.24 23.38
C ASP E 428 19.80 35.26 23.79
N GLY E 429 19.47 34.22 24.56
CA GLY E 429 20.46 33.27 25.00
C GLY E 429 20.56 31.98 24.22
N HIS E 430 20.46 30.88 24.94
CA HIS E 430 20.69 29.55 24.42
C HIS E 430 19.38 28.76 24.44
N PHE E 431 19.06 28.13 23.31
CA PHE E 431 17.86 27.32 23.16
C PHE E 431 18.12 25.91 23.67
N GLU E 432 17.16 25.35 24.37
CA GLU E 432 17.35 23.99 24.84
C GLU E 432 16.01 23.26 24.79
N LEU E 433 15.99 22.19 24.03
CA LEU E 433 14.85 21.30 23.98
C LEU E 433 14.86 20.43 25.23
N ASN E 434 13.68 20.10 25.76
CA ASN E 434 13.63 19.23 26.92
C ASN E 434 13.03 17.88 26.53
N TYR E 435 13.32 16.87 27.34
CA TYR E 435 12.67 15.59 27.13
C TYR E 435 11.17 15.74 27.22
N SER E 436 10.46 15.06 26.32
CA SER E 436 9.01 14.92 26.43
C SER E 436 8.64 13.60 25.78
N ASN E 437 7.40 13.17 26.04
CA ASN E 437 6.83 12.00 25.37
C ASN E 437 6.52 12.37 23.93
N ASP E 438 5.94 11.43 23.18
CA ASP E 438 5.74 11.70 21.76
C ASP E 438 4.46 12.49 21.46
N SER E 439 3.79 13.04 22.47
CA SER E 439 2.62 13.86 22.21
C SER E 439 2.72 15.24 22.88
N SER E 440 3.92 15.67 23.25
CA SER E 440 4.08 16.99 23.85
C SER E 440 5.47 17.54 23.55
N VAL E 441 5.65 18.85 23.75
CA VAL E 441 6.92 19.51 23.45
C VAL E 441 7.29 20.39 24.62
N ALA E 442 8.59 20.43 24.94
CA ALA E 442 9.11 21.28 26.00
C ALA E 442 10.31 22.06 25.46
N MET E 443 10.23 23.39 25.52
CA MET E 443 11.21 24.28 24.90
C MET E 443 11.60 25.35 25.92
N ALA E 444 12.89 25.69 25.98
CA ALA E 444 13.36 26.66 26.96
C ALA E 444 14.42 27.56 26.34
N TRP E 445 14.51 28.77 26.87
CA TRP E 445 15.56 29.71 26.52
C TRP E 445 16.22 30.14 27.80
N ARG E 446 17.54 30.21 27.79
CA ARG E 446 18.28 30.49 29.01
C ARG E 446 19.35 31.54 28.76
N HIS E 447 19.39 32.57 29.62
CA HIS E 447 20.50 33.52 29.59
C HIS E 447 20.78 33.96 31.02
N GLY E 448 21.70 33.27 31.66
CA GLY E 448 22.00 33.58 33.05
C GLY E 448 20.78 33.31 33.91
N GLU E 449 20.39 34.32 34.68
CA GLU E 449 19.25 34.17 35.56
C GLU E 449 17.93 34.30 34.81
N HIS E 450 17.96 34.81 33.58
CA HIS E 450 16.78 34.85 32.73
C HIS E 450 16.51 33.47 32.16
N TYR E 451 15.27 33.02 32.28
CA TYR E 451 14.91 31.66 31.89
C TYR E 451 13.42 31.63 31.63
N CYS E 452 13.02 31.02 30.51
CA CYS E 452 11.62 30.81 30.25
C CYS E 452 11.42 29.46 29.59
N HIS E 453 10.28 28.85 29.87
CA HIS E 453 10.03 27.46 29.53
C HIS E 453 8.61 27.32 29.01
N LEU E 454 8.48 26.65 27.86
CA LEU E 454 7.21 26.33 27.23
C LEU E 454 6.94 24.83 27.34
N PHE E 455 5.73 24.47 27.79
CA PHE E 455 5.23 23.11 27.68
C PHE E 455 3.93 23.14 26.89
N VAL E 456 3.85 22.32 25.84
CA VAL E 456 2.65 22.22 25.03
C VAL E 456 2.22 20.75 24.99
N ASP E 457 1.01 20.49 25.41
CA ASP E 457 0.39 19.18 25.26
C ASP E 457 -0.46 19.20 23.98
N LEU E 458 -0.04 18.39 22.99
CA LEU E 458 -0.71 18.36 21.68
C LEU E 458 -2.02 17.60 21.71
N ASN E 459 -2.26 16.79 22.73
CA ASN E 459 -3.54 16.11 22.87
C ASN E 459 -4.62 17.09 23.26
N PHE E 460 -4.34 17.96 24.23
CA PHE E 460 -5.38 18.83 24.78
C PHE E 460 -5.12 20.29 24.44
N ASN E 461 -4.10 20.56 23.64
CA ASN E 461 -3.82 21.91 23.12
C ASN E 461 -3.55 22.91 24.22
N THR E 462 -2.92 22.46 25.31
CA THR E 462 -2.60 23.36 26.40
C THR E 462 -1.21 23.96 26.20
N SER E 463 -1.06 25.20 26.69
CA SER E 463 0.14 25.99 26.63
C SER E 463 0.46 26.51 28.02
N LYS E 464 1.69 26.29 28.47
CA LYS E 464 2.14 26.81 29.76
C LYS E 464 3.53 27.39 29.55
N ILE E 465 3.69 28.66 29.95
CA ILE E 465 4.99 29.34 29.93
C ILE E 465 5.32 29.75 31.36
N GLN E 466 6.49 29.32 31.83
CA GLN E 466 7.05 29.78 33.08
C GLN E 466 8.30 30.59 32.81
N TYR E 467 8.50 31.64 33.59
CA TYR E 467 9.63 32.53 33.38
C TYR E 467 10.08 33.09 34.71
N VAL E 468 11.33 33.55 34.75
CA VAL E 468 11.92 34.08 35.99
C VAL E 468 11.81 35.61 35.96
N ASP E 469 11.11 36.18 36.94
CA ASP E 469 11.12 37.63 37.16
C ASP E 469 12.44 37.98 37.84
N VAL E 470 13.35 38.64 37.12
CA VAL E 470 14.72 38.73 37.64
C VAL E 470 14.81 39.59 38.90
N LYS E 471 14.02 40.67 38.99
CA LYS E 471 14.09 41.56 40.15
C LYS E 471 13.67 40.85 41.43
N SER E 472 12.74 39.90 41.34
CA SER E 472 12.27 39.20 42.53
C SER E 472 12.83 37.79 42.65
N GLY E 473 13.42 37.23 41.59
CA GLY E 473 13.94 35.89 41.65
C GLY E 473 12.91 34.83 41.34
N GLU E 474 11.65 35.10 41.65
CA GLU E 474 10.61 34.08 41.60
C GLU E 474 10.23 33.70 40.16
N THR E 475 9.92 32.42 39.99
CA THR E 475 9.35 31.90 38.75
C THR E 475 7.88 32.26 38.70
N ARG E 476 7.41 32.74 37.56
CA ARG E 476 6.02 33.16 37.41
C ARG E 476 5.40 32.49 36.20
N ASP E 477 4.08 32.39 36.20
CA ASP E 477 3.37 31.84 35.06
C ASP E 477 2.89 32.99 34.19
N LEU E 478 3.09 32.86 32.88
CA LEU E 478 2.65 33.87 31.94
C LEU E 478 1.16 33.64 31.70
N GLU E 479 0.35 34.65 32.03
CA GLU E 479 -1.10 34.62 31.88
C GLU E 479 -1.48 34.82 30.42
N PHE E 480 -1.44 33.74 29.64
CA PHE E 480 -1.82 33.84 28.23
C PHE E 480 -2.68 32.64 27.90
N LEU F 2 -17.86 1.35 -48.10
CA LEU F 2 -16.55 1.82 -47.68
C LEU F 2 -16.80 3.27 -47.28
N LEU F 3 -16.29 3.63 -46.12
CA LEU F 3 -16.53 4.93 -45.54
C LEU F 3 -15.48 5.93 -45.99
N LYS F 4 -15.83 7.21 -45.86
CA LYS F 4 -14.83 8.26 -46.03
C LYS F 4 -13.89 8.29 -44.82
N ASN F 5 -12.60 8.43 -45.09
CA ASN F 5 -11.61 8.61 -44.03
C ASN F 5 -11.56 10.09 -43.63
N ALA F 6 -12.60 10.53 -42.94
CA ALA F 6 -12.76 11.93 -42.58
C ALA F 6 -13.34 12.01 -41.17
N VAL F 7 -13.31 13.21 -40.59
CA VAL F 7 -13.91 13.40 -39.28
C VAL F 7 -15.42 13.22 -39.38
N GLN F 8 -16.01 12.57 -38.38
CA GLN F 8 -17.47 12.48 -38.26
C GLN F 8 -17.96 13.28 -37.06
N LEU F 9 -19.18 13.81 -37.18
CA LEU F 9 -19.87 14.49 -36.10
C LEU F 9 -20.84 13.53 -35.43
N ILE F 10 -20.83 13.52 -34.10
CA ILE F 10 -21.86 12.87 -33.29
C ILE F 10 -22.81 13.94 -32.79
N CYS F 11 -24.10 13.76 -33.05
CA CYS F 11 -25.07 14.78 -32.66
C CYS F 11 -26.41 14.13 -32.40
N TYR F 12 -27.22 14.81 -31.58
CA TYR F 12 -28.60 14.43 -31.40
C TYR F 12 -29.42 14.99 -32.55
N PRO F 13 -30.65 14.51 -32.74
CA PRO F 13 -31.50 15.10 -33.77
C PRO F 13 -32.02 16.48 -33.43
N ASP F 14 -32.05 16.87 -32.14
CA ASP F 14 -32.74 18.09 -31.74
C ASP F 14 -31.99 18.94 -30.72
N ARG F 15 -30.68 18.77 -30.57
CA ARG F 15 -29.94 19.57 -29.60
C ARG F 15 -29.07 20.64 -30.22
N ILE F 16 -29.18 20.86 -31.53
CA ILE F 16 -28.59 22.00 -32.21
C ILE F 16 -29.76 22.62 -32.97
N GLY F 17 -30.32 23.69 -32.43
CA GLY F 17 -31.60 24.06 -32.95
C GLY F 17 -32.65 23.09 -32.43
N ASN F 18 -33.76 23.01 -33.17
CA ASN F 18 -34.93 22.31 -32.66
C ASN F 18 -35.24 20.97 -33.34
N ASN F 19 -34.57 20.63 -34.43
CA ASN F 19 -34.98 19.45 -35.20
C ASN F 19 -33.94 19.18 -36.28
N LEU F 20 -34.18 18.13 -37.08
CA LEU F 20 -33.23 17.69 -38.11
C LEU F 20 -33.02 18.75 -39.18
N THR F 21 -33.99 19.64 -39.38
CA THR F 21 -33.77 20.72 -40.33
C THR F 21 -32.73 21.71 -39.79
N ASP F 22 -32.86 22.09 -38.51
CA ASP F 22 -31.88 22.97 -37.88
C ASP F 22 -30.50 22.33 -37.79
N LEU F 23 -30.44 21.00 -37.61
CA LEU F 23 -29.15 20.34 -37.64
C LEU F 23 -28.50 20.51 -39.01
N HIS F 24 -29.26 20.30 -40.08
CA HIS F 24 -28.70 20.40 -41.42
C HIS F 24 -28.23 21.84 -41.70
N THR F 25 -28.98 22.82 -41.22
CA THR F 25 -28.56 24.22 -41.39
C THR F 25 -27.20 24.45 -40.75
N ALA F 26 -27.03 24.04 -39.49
CA ALA F 26 -25.77 24.24 -38.80
C ALA F 26 -24.63 23.48 -39.48
N VAL F 27 -24.91 22.27 -39.99
CA VAL F 27 -23.86 21.48 -40.62
C VAL F 27 -23.37 22.15 -41.90
N GLU F 28 -24.30 22.55 -42.77
CA GLU F 28 -23.87 23.15 -44.03
C GLU F 28 -23.24 24.52 -43.81
N LYS F 29 -23.68 25.24 -42.78
CA LYS F 29 -23.10 26.55 -42.50
C LYS F 29 -21.69 26.44 -41.93
N HIS F 30 -21.43 25.45 -41.07
CA HIS F 30 -20.17 25.47 -40.32
C HIS F 30 -19.22 24.32 -40.61
N LEU F 31 -19.71 23.14 -41.01
CA LEU F 31 -18.90 21.93 -40.99
C LEU F 31 -18.73 21.27 -42.35
N SER F 32 -19.22 21.90 -43.43
CA SER F 32 -19.32 21.23 -44.73
C SER F 32 -17.97 20.88 -45.35
N ASP F 33 -16.89 21.51 -44.90
CA ASP F 33 -15.54 21.14 -45.30
C ASP F 33 -14.74 20.52 -44.16
N ALA F 34 -15.38 20.29 -43.02
CA ALA F 34 -14.69 19.82 -41.84
C ALA F 34 -15.04 18.40 -41.47
N ILE F 35 -16.18 17.89 -41.94
CA ILE F 35 -16.59 16.53 -41.66
C ILE F 35 -16.99 15.87 -42.97
N GLY F 36 -16.97 14.56 -42.98
CA GLY F 36 -17.40 13.83 -44.15
C GLY F 36 -18.50 12.84 -43.81
N GLY F 37 -18.96 12.89 -42.56
CA GLY F 37 -19.94 11.94 -42.11
C GLY F 37 -20.58 12.40 -40.82
N LEU F 38 -21.66 11.71 -40.47
CA LEU F 38 -22.47 12.15 -39.34
C LEU F 38 -23.00 10.91 -38.64
N HIS F 39 -22.87 10.87 -37.32
CA HIS F 39 -23.58 9.90 -36.50
C HIS F 39 -24.71 10.63 -35.76
N ILE F 40 -25.93 10.47 -36.27
CA ILE F 40 -27.11 11.07 -35.69
C ILE F 40 -27.70 10.09 -34.69
N LEU F 41 -27.71 10.50 -33.43
CA LEU F 41 -28.17 9.67 -32.34
C LEU F 41 -29.66 9.33 -32.51
N PRO F 42 -30.15 8.33 -31.79
CA PRO F 42 -31.49 7.78 -32.09
C PRO F 42 -32.55 8.86 -32.22
N PHE F 43 -33.31 8.73 -33.30
CA PHE F 43 -34.26 9.72 -33.79
C PHE F 43 -35.57 9.06 -34.12
N PHE F 44 -35.74 7.81 -33.70
CA PHE F 44 -36.95 7.03 -33.90
C PHE F 44 -37.96 7.41 -32.84
N PRO F 45 -39.22 6.99 -33.00
CA PRO F 45 -40.14 7.06 -31.84
C PRO F 45 -39.57 6.22 -30.72
N SER F 46 -39.49 6.80 -29.52
CA SER F 46 -38.87 6.11 -28.40
C SER F 46 -39.50 6.59 -27.11
N ASN F 47 -39.55 5.70 -26.11
CA ASN F 47 -40.16 6.01 -24.83
C ASN F 47 -39.23 5.79 -23.64
N ALA F 48 -37.92 5.71 -23.86
CA ALA F 48 -36.99 5.64 -22.75
C ALA F 48 -35.57 5.94 -23.22
N ASP F 49 -34.73 6.37 -22.27
CA ASP F 49 -33.27 6.32 -22.41
C ASP F 49 -32.77 7.10 -23.63
N GLY F 50 -33.31 8.29 -23.82
CA GLY F 50 -32.80 9.22 -24.83
C GLY F 50 -32.77 8.70 -26.25
N GLY F 51 -33.83 7.97 -26.66
CA GLY F 51 -33.91 7.47 -28.02
C GLY F 51 -33.57 6.01 -28.17
N PHE F 52 -32.94 5.39 -27.17
CA PHE F 52 -32.50 4.02 -27.27
C PHE F 52 -33.57 3.04 -26.82
N SER F 53 -34.84 3.43 -26.89
CA SER F 53 -35.97 2.53 -26.69
C SER F 53 -36.94 2.67 -27.86
N PRO F 54 -36.53 2.29 -29.08
CA PRO F 54 -37.34 2.62 -30.26
C PRO F 54 -38.54 1.70 -30.43
N LEU F 55 -39.71 2.32 -30.66
CA LEU F 55 -40.91 1.55 -31.00
C LEU F 55 -40.75 0.86 -32.33
N THR F 56 -39.93 1.44 -33.20
CA THR F 56 -39.57 0.93 -34.51
C THR F 56 -38.37 1.74 -35.02
N HIS F 57 -37.56 1.09 -35.84
CA HIS F 57 -36.45 1.72 -36.54
C HIS F 57 -36.85 2.26 -37.91
N LYS F 58 -38.12 2.19 -38.27
CA LYS F 58 -38.60 2.54 -39.61
C LYS F 58 -39.29 3.89 -39.66
N GLU F 59 -39.28 4.66 -38.57
CA GLU F 59 -39.98 5.94 -38.54
C GLU F 59 -39.09 6.98 -37.89
N VAL F 60 -39.24 8.22 -38.33
CA VAL F 60 -38.61 9.36 -37.70
C VAL F 60 -39.65 9.98 -36.77
N ASP F 61 -39.23 10.27 -35.53
CA ASP F 61 -40.10 10.99 -34.60
C ASP F 61 -40.44 12.35 -35.19
N PRO F 62 -41.73 12.66 -35.41
CA PRO F 62 -42.08 13.94 -36.06
C PRO F 62 -41.55 15.16 -35.34
N ALA F 63 -41.40 15.11 -34.02
CA ALA F 63 -40.77 16.24 -33.33
C ALA F 63 -39.39 16.53 -33.90
N PHE F 64 -38.76 15.55 -34.56
CA PHE F 64 -37.42 15.72 -35.13
C PHE F 64 -37.46 16.05 -36.61
N GLY F 65 -38.51 15.61 -37.31
CA GLY F 65 -38.60 15.79 -38.75
C GLY F 65 -39.14 14.57 -39.45
N THR F 66 -38.71 14.38 -40.70
CA THR F 66 -39.18 13.29 -41.55
C THR F 66 -37.98 12.54 -42.11
N TRP F 67 -38.24 11.44 -42.83
CA TRP F 67 -37.16 10.70 -43.47
C TRP F 67 -36.44 11.52 -44.53
N ASP F 68 -37.13 12.44 -45.20
CA ASP F 68 -36.42 13.31 -46.13
C ASP F 68 -35.39 14.16 -45.41
N ASP F 69 -35.66 14.53 -44.16
CA ASP F 69 -34.71 15.34 -43.41
C ASP F 69 -33.41 14.59 -43.15
N ILE F 70 -33.48 13.26 -43.02
CA ILE F 70 -32.29 12.43 -42.88
C ILE F 70 -31.59 12.23 -44.22
N GLU F 71 -32.35 11.98 -45.28
CA GLU F 71 -31.71 11.84 -46.58
C GLU F 71 -31.14 13.15 -47.10
N ALA F 72 -31.48 14.28 -46.47
CA ALA F 72 -30.84 15.53 -46.85
C ALA F 72 -29.34 15.49 -46.57
N PHE F 73 -28.87 14.57 -45.71
CA PHE F 73 -27.44 14.45 -45.41
C PHE F 73 -26.73 13.47 -46.33
N THR F 74 -27.42 12.43 -46.78
CA THR F 74 -26.79 11.45 -47.64
C THR F 74 -26.47 12.11 -48.97
N GLY F 75 -25.54 11.52 -49.71
CA GLY F 75 -25.09 12.14 -50.94
C GLY F 75 -23.91 13.08 -50.78
N LYS F 76 -23.80 13.75 -49.63
CA LYS F 76 -22.56 14.43 -49.28
C LYS F 76 -21.83 13.82 -48.09
N TYR F 77 -22.51 13.17 -47.14
CA TYR F 77 -21.87 12.69 -45.93
C TYR F 77 -22.22 11.22 -45.71
N ASP F 78 -21.30 10.50 -45.09
CA ASP F 78 -21.63 9.18 -44.57
C ASP F 78 -22.63 9.31 -43.42
N LEU F 79 -23.45 8.28 -43.25
CA LEU F 79 -24.53 8.31 -42.27
C LEU F 79 -24.41 7.12 -41.34
N CYS F 80 -24.16 7.41 -40.08
CA CYS F 80 -24.07 6.41 -39.03
C CYS F 80 -25.32 6.47 -38.18
N VAL F 81 -26.02 5.34 -38.04
CA VAL F 81 -27.26 5.30 -37.29
C VAL F 81 -27.27 4.08 -36.38
N ASP F 82 -27.90 4.25 -35.22
CA ASP F 82 -28.00 3.19 -34.23
C ASP F 82 -28.98 2.09 -34.66
N LEU F 83 -28.58 0.84 -34.38
CA LEU F 83 -29.42 -0.34 -34.50
C LEU F 83 -29.45 -0.97 -33.12
N THR F 84 -30.57 -0.88 -32.44
CA THR F 84 -30.67 -1.33 -31.05
C THR F 84 -30.93 -2.84 -31.07
N VAL F 85 -29.84 -3.58 -31.33
CA VAL F 85 -29.93 -5.01 -31.56
C VAL F 85 -30.40 -5.75 -30.30
N ASN F 86 -30.24 -5.17 -29.11
CA ASN F 86 -30.56 -5.91 -27.88
C ASN F 86 -32.04 -5.92 -27.55
N HIS F 87 -32.76 -4.85 -27.87
CA HIS F 87 -34.06 -4.64 -27.28
C HIS F 87 -34.89 -3.73 -28.17
N ILE F 88 -36.22 -3.81 -27.99
CA ILE F 88 -37.16 -2.85 -28.57
C ILE F 88 -38.15 -2.40 -27.49
N SER F 89 -38.91 -1.37 -27.82
CA SER F 89 -39.82 -0.75 -26.87
C SER F 89 -41.01 -1.65 -26.52
N ASP F 90 -41.51 -1.50 -25.30
CA ASP F 90 -42.74 -2.17 -24.92
C ASP F 90 -43.96 -1.56 -25.61
N GLU F 91 -43.83 -0.37 -26.17
CA GLU F 91 -44.90 0.21 -26.98
C GLU F 91 -44.70 -0.06 -28.47
N SER F 92 -43.70 -0.89 -28.83
CA SER F 92 -43.50 -1.31 -30.21
C SER F 92 -44.71 -2.11 -30.69
N PRO F 93 -44.96 -2.12 -32.01
CA PRO F 93 -46.11 -2.92 -32.50
C PRO F 93 -45.98 -4.39 -32.13
N GLU F 94 -44.75 -4.91 -32.15
CA GLU F 94 -44.53 -6.32 -31.88
C GLU F 94 -44.84 -6.66 -30.43
N PHE F 95 -44.38 -5.84 -29.48
CA PHE F 95 -44.58 -6.19 -28.08
C PHE F 95 -46.02 -5.95 -27.66
N ARG F 96 -46.68 -4.93 -28.21
CA ARG F 96 -48.11 -4.70 -27.90
C ARG F 96 -48.98 -5.87 -28.36
N ASP F 97 -48.60 -6.50 -29.47
CA ASP F 97 -49.28 -7.71 -29.92
C ASP F 97 -49.10 -8.84 -28.92
N PHE F 98 -47.92 -8.94 -28.30
CA PHE F 98 -47.72 -9.94 -27.27
C PHE F 98 -48.56 -9.63 -26.03
N ILE F 99 -48.71 -8.36 -25.69
CA ILE F 99 -49.61 -8.00 -24.60
C ILE F 99 -51.05 -8.31 -24.98
N ALA F 100 -51.41 -8.05 -26.24
CA ALA F 100 -52.81 -8.18 -26.65
C ALA F 100 -53.25 -9.62 -26.82
N ASN F 101 -52.37 -10.48 -27.33
CA ASN F 101 -52.73 -11.84 -27.72
C ASN F 101 -52.00 -12.90 -26.92
N GLY F 102 -51.15 -12.50 -25.96
CA GLY F 102 -50.42 -13.46 -25.15
C GLY F 102 -49.48 -14.30 -25.99
N PHE F 103 -49.32 -15.56 -25.61
CA PHE F 103 -48.42 -16.47 -26.30
C PHE F 103 -49.00 -16.99 -27.61
N ASP F 104 -50.24 -16.60 -27.94
CA ASP F 104 -50.79 -16.84 -29.26
C ASP F 104 -50.34 -15.78 -30.26
N SER F 105 -49.65 -14.74 -29.80
CA SER F 105 -49.12 -13.72 -30.69
C SER F 105 -48.08 -14.33 -31.62
N GLU F 106 -48.11 -13.91 -32.90
CA GLU F 106 -47.12 -14.36 -33.87
C GLU F 106 -45.72 -13.81 -33.57
N TYR F 107 -45.59 -12.92 -32.59
CA TYR F 107 -44.31 -12.37 -32.15
C TYR F 107 -43.90 -12.91 -30.79
N ALA F 108 -44.52 -14.00 -30.33
CA ALA F 108 -44.22 -14.49 -28.99
C ALA F 108 -42.76 -14.88 -28.84
N ASP F 109 -42.20 -15.56 -29.84
CA ASP F 109 -40.82 -16.02 -29.84
C ASP F 109 -39.81 -14.87 -30.03
N LEU F 110 -40.29 -13.63 -30.22
CA LEU F 110 -39.40 -12.48 -30.33
C LEU F 110 -38.84 -12.04 -28.99
N PHE F 111 -39.43 -12.47 -27.88
CA PHE F 111 -39.02 -11.99 -26.58
C PHE F 111 -38.57 -13.15 -25.71
N VAL F 112 -37.83 -12.83 -24.66
CA VAL F 112 -37.24 -13.82 -23.78
C VAL F 112 -38.16 -13.99 -22.58
N HIS F 113 -38.69 -15.20 -22.41
CA HIS F 113 -39.66 -15.47 -21.37
C HIS F 113 -38.96 -16.17 -20.21
N VAL F 114 -38.87 -15.44 -19.08
CA VAL F 114 -37.99 -15.79 -17.97
C VAL F 114 -38.34 -17.16 -17.43
N ASP F 115 -39.60 -17.55 -17.57
CA ASP F 115 -40.06 -18.81 -17.01
C ASP F 115 -39.50 -20.00 -17.78
N ARG F 116 -38.95 -19.78 -18.98
CA ARG F 116 -38.37 -20.83 -19.79
C ARG F 116 -37.00 -21.28 -19.33
N PHE F 117 -36.48 -20.73 -18.24
CA PHE F 117 -35.22 -21.18 -17.69
C PHE F 117 -35.42 -22.03 -16.45
N GLY F 118 -36.64 -22.12 -15.94
CA GLY F 118 -36.80 -22.80 -14.69
C GLY F 118 -36.22 -21.96 -13.55
N ASP F 119 -35.86 -22.66 -12.49
CA ASP F 119 -35.21 -22.00 -11.36
C ASP F 119 -33.78 -21.67 -11.72
N ILE F 120 -33.39 -20.41 -11.47
CA ILE F 120 -32.03 -19.95 -11.66
C ILE F 120 -31.40 -19.87 -10.27
N SER F 121 -30.27 -20.54 -10.07
CA SER F 121 -29.67 -20.56 -8.74
C SER F 121 -29.18 -19.16 -8.36
N PRO F 122 -29.01 -18.90 -7.05
CA PRO F 122 -28.34 -17.65 -6.64
C PRO F 122 -26.99 -17.46 -7.32
N ASP F 123 -26.20 -18.52 -7.44
CA ASP F 123 -24.94 -18.38 -8.15
C ASP F 123 -25.13 -17.90 -9.58
N ASP F 124 -26.11 -18.47 -10.28
CA ASP F 124 -26.25 -18.06 -11.68
C ASP F 124 -26.90 -16.69 -11.81
N MET F 125 -27.71 -16.28 -10.81
CA MET F 125 -28.16 -14.89 -10.77
C MET F 125 -26.99 -13.95 -10.54
N ALA F 126 -26.05 -14.34 -9.68
CA ALA F 126 -24.92 -13.46 -9.36
C ALA F 126 -23.98 -13.29 -10.55
N LYS F 127 -23.85 -14.31 -11.41
CA LYS F 127 -22.95 -14.19 -12.56
C LYS F 127 -23.40 -13.11 -13.53
N ILE F 128 -24.70 -12.83 -13.59
CA ILE F 128 -25.24 -12.08 -14.71
C ILE F 128 -24.69 -10.65 -14.69
N HIS F 129 -24.21 -10.21 -15.83
CA HIS F 129 -23.62 -8.89 -15.99
C HIS F 129 -24.73 -7.90 -16.27
N ILE F 130 -25.20 -7.24 -15.23
CA ILE F 130 -26.18 -6.13 -15.42
C ILE F 130 -25.74 -5.02 -14.46
N ARG F 131 -25.74 -3.79 -14.93
CA ARG F 131 -25.24 -2.72 -14.09
C ARG F 131 -26.31 -2.15 -13.17
N LYS F 132 -27.53 -2.65 -13.21
CA LYS F 132 -28.57 -2.13 -12.36
C LYS F 132 -28.81 -3.11 -11.22
N GLU F 133 -29.29 -2.60 -10.09
CA GLU F 133 -29.34 -3.44 -8.90
C GLU F 133 -30.68 -4.14 -8.75
N LYS F 134 -31.36 -4.37 -9.87
CA LYS F 134 -32.61 -5.11 -9.92
C LYS F 134 -32.37 -6.36 -10.75
N GLU F 135 -33.12 -7.41 -10.44
CA GLU F 135 -33.10 -8.56 -11.34
C GLU F 135 -33.57 -8.15 -12.73
N PRO F 136 -33.00 -8.77 -13.81
CA PRO F 136 -33.32 -8.36 -15.17
C PRO F 136 -34.61 -8.97 -15.72
N PHE F 137 -35.67 -8.91 -14.91
CA PHE F 137 -36.93 -9.53 -15.28
C PHE F 137 -38.03 -8.49 -15.08
N ARG F 138 -38.91 -8.34 -16.06
CA ARG F 138 -40.08 -7.47 -15.90
C ARG F 138 -41.36 -8.29 -15.99
N GLU F 139 -42.20 -8.18 -14.96
CA GLU F 139 -43.49 -8.86 -14.95
C GLU F 139 -44.51 -7.96 -15.63
N VAL F 140 -45.17 -8.49 -16.65
CA VAL F 140 -46.18 -7.74 -17.40
C VAL F 140 -47.53 -8.46 -17.31
N THR F 141 -48.60 -7.68 -17.43
CA THR F 141 -49.94 -8.24 -17.40
C THR F 141 -50.46 -8.36 -18.83
N LEU F 142 -50.81 -9.59 -19.23
CA LEU F 142 -51.36 -9.79 -20.56
C LEU F 142 -52.77 -9.22 -20.63
N ALA F 143 -53.32 -9.19 -21.86
CA ALA F 143 -54.66 -8.65 -22.05
C ALA F 143 -55.69 -9.49 -21.29
N ASP F 144 -55.50 -10.80 -21.23
CA ASP F 144 -56.45 -11.71 -20.58
C ASP F 144 -56.27 -11.78 -19.06
N GLY F 145 -55.47 -10.89 -18.47
CA GLY F 145 -55.24 -10.88 -17.04
C GLY F 145 -54.09 -11.75 -16.57
N THR F 146 -53.54 -12.59 -17.43
CA THR F 146 -52.38 -13.39 -17.07
C THR F 146 -51.18 -12.47 -16.81
N LYS F 147 -50.35 -12.86 -15.84
CA LYS F 147 -49.09 -12.17 -15.59
C LYS F 147 -47.94 -13.08 -15.99
N THR F 148 -46.96 -12.50 -16.68
CA THR F 148 -45.82 -13.23 -17.19
C THR F 148 -44.61 -12.30 -17.21
N ARG F 149 -43.41 -12.89 -17.14
CA ARG F 149 -42.17 -12.12 -17.00
C ARG F 149 -41.29 -12.26 -18.25
N VAL F 150 -40.73 -11.12 -18.69
CA VAL F 150 -39.84 -11.09 -19.85
C VAL F 150 -38.50 -10.53 -19.41
N TRP F 151 -37.45 -10.88 -20.17
CA TRP F 151 -36.12 -10.39 -19.87
C TRP F 151 -36.05 -8.90 -20.15
N CYS F 152 -35.34 -8.17 -19.28
CA CYS F 152 -35.31 -6.71 -19.32
C CYS F 152 -33.97 -6.25 -18.73
N THR F 153 -33.00 -5.95 -19.60
CA THR F 153 -31.66 -5.56 -19.16
C THR F 153 -31.64 -4.13 -18.64
N PHE F 154 -32.21 -3.21 -19.41
CA PHE F 154 -32.18 -1.78 -19.14
C PHE F 154 -33.48 -1.31 -18.47
N THR F 155 -33.90 -0.07 -18.72
CA THR F 155 -35.17 0.44 -18.19
C THR F 155 -36.32 -0.51 -18.55
N GLU F 156 -37.43 -0.40 -17.83
CA GLU F 156 -38.55 -1.32 -18.03
C GLU F 156 -39.26 -1.19 -19.38
N GLN F 157 -39.11 -0.07 -20.07
CA GLN F 157 -39.74 0.07 -21.38
C GLN F 157 -38.91 -0.56 -22.50
N GLN F 158 -37.76 -1.11 -22.14
CA GLN F 158 -36.83 -1.76 -23.06
C GLN F 158 -36.92 -3.26 -22.85
N ILE F 159 -37.47 -3.96 -23.83
CA ILE F 159 -37.69 -5.40 -23.74
C ILE F 159 -36.68 -6.08 -24.65
N ASP F 160 -35.88 -6.98 -24.08
CA ASP F 160 -34.79 -7.58 -24.83
C ASP F 160 -35.32 -8.52 -25.91
N LEU F 161 -34.56 -8.63 -27.01
CA LEU F 161 -34.90 -9.52 -28.10
C LEU F 161 -34.28 -10.89 -27.88
N ASN F 162 -34.91 -11.89 -28.47
CA ASN F 162 -34.62 -13.30 -28.21
C ASN F 162 -33.77 -13.87 -29.34
N TYR F 163 -32.46 -13.98 -29.14
CA TYR F 163 -31.70 -14.52 -30.26
C TYR F 163 -31.54 -16.04 -30.19
N ASP F 164 -32.19 -16.73 -29.27
CA ASP F 164 -32.39 -18.16 -29.46
C ASP F 164 -33.51 -18.45 -30.44
N GLY F 165 -34.38 -17.47 -30.70
CA GLY F 165 -35.43 -17.63 -31.67
C GLY F 165 -35.04 -17.13 -33.05
N ASP F 166 -35.96 -17.28 -33.99
CA ASP F 166 -35.75 -16.83 -35.35
C ASP F 166 -36.24 -15.42 -35.60
N LEU F 167 -37.23 -14.98 -34.84
CA LEU F 167 -37.87 -13.69 -35.12
C LEU F 167 -36.90 -12.54 -34.96
N ALA F 168 -35.99 -12.61 -33.99
CA ALA F 168 -35.06 -11.50 -33.77
C ALA F 168 -34.22 -11.21 -35.01
N TYR F 169 -33.69 -12.25 -35.65
CA TYR F 169 -32.87 -12.01 -36.84
C TYR F 169 -33.74 -11.45 -37.97
N ARG F 170 -34.97 -11.92 -38.11
CA ARG F 170 -35.81 -11.35 -39.16
C ARG F 170 -36.12 -9.89 -38.85
N LEU F 171 -36.36 -9.57 -37.57
CA LEU F 171 -36.63 -8.18 -37.20
C LEU F 171 -35.44 -7.29 -37.51
N MET F 172 -34.24 -7.72 -37.13
CA MET F 172 -33.06 -6.91 -37.39
C MET F 172 -32.81 -6.77 -38.90
N GLU F 173 -32.93 -7.86 -39.65
CA GLU F 173 -32.71 -7.74 -41.09
C GLU F 173 -33.72 -6.80 -41.74
N SER F 174 -34.96 -6.82 -41.27
CA SER F 174 -35.94 -5.88 -41.80
C SER F 174 -35.56 -4.44 -41.47
N TYR F 175 -35.11 -4.19 -40.24
CA TYR F 175 -34.62 -2.85 -39.87
C TYR F 175 -33.43 -2.43 -40.74
N ILE F 176 -32.44 -3.32 -40.88
CA ILE F 176 -31.22 -2.99 -41.64
C ILE F 176 -31.56 -2.65 -43.09
N GLY F 177 -32.40 -3.48 -43.73
CA GLY F 177 -32.81 -3.19 -45.09
C GLY F 177 -33.46 -1.82 -45.21
N PHE F 178 -34.29 -1.45 -44.22
CA PHE F 178 -34.96 -0.16 -44.27
C PHE F 178 -33.97 0.98 -44.05
N LEU F 179 -33.13 0.87 -43.03
CA LEU F 179 -32.19 1.95 -42.73
C LEU F 179 -31.26 2.22 -43.91
N THR F 180 -30.66 1.16 -44.47
CA THR F 180 -29.72 1.34 -45.57
C THR F 180 -30.40 1.92 -46.81
N SER F 181 -31.68 1.62 -47.01
CA SER F 181 -32.40 2.19 -48.14
C SER F 181 -32.65 3.69 -47.97
N LYS F 182 -32.47 4.21 -46.76
CA LYS F 182 -32.50 5.65 -46.53
C LYS F 182 -31.10 6.24 -46.54
N GLY F 183 -30.09 5.43 -46.83
CA GLY F 183 -28.73 5.91 -46.98
C GLY F 183 -27.84 5.68 -45.78
N VAL F 184 -28.29 4.94 -44.78
CA VAL F 184 -27.39 4.59 -43.68
C VAL F 184 -26.39 3.57 -44.20
N ASN F 185 -25.09 3.90 -44.10
CA ASN F 185 -24.02 2.98 -44.47
C ASN F 185 -23.11 2.58 -43.32
N LEU F 186 -23.38 3.03 -42.09
CA LEU F 186 -22.66 2.53 -40.93
C LEU F 186 -23.66 2.35 -39.81
N LEU F 187 -23.79 1.11 -39.33
CA LEU F 187 -24.78 0.72 -38.34
C LEU F 187 -24.07 0.52 -37.00
N ARG F 188 -24.38 1.40 -36.03
CA ARG F 188 -23.86 1.27 -34.68
C ARG F 188 -24.71 0.25 -33.94
N LEU F 189 -24.09 -0.84 -33.49
CA LEU F 189 -24.83 -1.95 -32.89
C LEU F 189 -24.82 -1.76 -31.38
N ASP F 190 -25.91 -1.25 -30.84
CA ASP F 190 -25.97 -0.83 -29.44
C ASP F 190 -26.07 -2.04 -28.52
N ALA F 191 -25.23 -2.07 -27.49
CA ALA F 191 -25.40 -3.00 -26.38
C ALA F 191 -25.48 -4.45 -26.87
N PHE F 192 -24.71 -4.77 -27.91
CA PHE F 192 -24.77 -6.10 -28.56
C PHE F 192 -24.33 -7.22 -27.65
N GLY F 193 -23.58 -6.89 -26.63
CA GLY F 193 -23.06 -7.92 -25.76
C GLY F 193 -24.13 -8.64 -24.96
N TYR F 194 -25.30 -8.03 -24.80
CA TYR F 194 -26.36 -8.62 -24.01
C TYR F 194 -27.23 -9.57 -24.82
N THR F 195 -26.98 -9.72 -26.12
CA THR F 195 -27.85 -10.54 -26.97
C THR F 195 -27.75 -12.02 -26.66
N THR F 196 -26.71 -12.42 -25.97
CA THR F 196 -26.46 -13.81 -25.64
C THR F 196 -26.89 -14.05 -24.20
N LYS F 197 -28.04 -14.69 -24.03
CA LYS F 197 -28.54 -15.12 -22.71
C LYS F 197 -28.26 -16.61 -22.54
N ARG F 198 -27.48 -16.97 -21.52
CA ARG F 198 -27.28 -18.38 -21.18
C ARG F 198 -27.11 -18.51 -19.68
N ILE F 199 -28.04 -19.20 -19.02
CA ILE F 199 -27.97 -19.39 -17.58
C ILE F 199 -26.74 -20.23 -17.25
N GLY F 200 -26.03 -19.84 -16.20
CA GLY F 200 -24.71 -20.36 -15.96
C GLY F 200 -23.60 -19.49 -16.50
N THR F 201 -23.91 -18.49 -17.33
CA THR F 201 -22.91 -17.54 -17.82
C THR F 201 -23.30 -16.14 -17.38
N SER F 202 -22.40 -15.19 -17.64
CA SER F 202 -22.66 -13.79 -17.37
C SER F 202 -23.74 -13.20 -18.28
N CYS F 203 -24.18 -13.93 -19.31
CA CYS F 203 -25.16 -13.41 -20.26
C CYS F 203 -24.65 -12.13 -20.90
N PHE F 204 -23.34 -12.05 -21.12
CA PHE F 204 -22.75 -10.85 -21.69
C PHE F 204 -21.48 -11.26 -22.41
N LEU F 205 -21.41 -11.00 -23.72
CA LEU F 205 -20.23 -11.32 -24.53
C LEU F 205 -19.85 -12.79 -24.43
N VAL F 206 -20.84 -13.68 -24.50
CA VAL F 206 -20.62 -15.11 -24.38
C VAL F 206 -20.06 -15.63 -25.70
N GLU F 207 -18.74 -16.17 -25.65
CA GLU F 207 -18.12 -16.53 -26.90
C GLU F 207 -18.19 -18.04 -27.10
N PRO F 208 -18.27 -18.54 -28.34
CA PRO F 208 -18.21 -17.83 -29.63
C PRO F 208 -19.57 -17.31 -30.11
N GLU F 209 -20.63 -17.56 -29.32
CA GLU F 209 -21.98 -17.19 -29.74
C GLU F 209 -22.07 -15.71 -30.09
N VAL F 210 -21.38 -14.84 -29.33
CA VAL F 210 -21.49 -13.42 -29.61
C VAL F 210 -20.96 -13.10 -31.00
N TYR F 211 -19.92 -13.80 -31.44
CA TYR F 211 -19.38 -13.47 -32.76
C TYR F 211 -20.19 -14.09 -33.89
N ARG F 212 -20.95 -15.15 -33.65
CA ARG F 212 -21.82 -15.62 -34.72
C ARG F 212 -22.96 -14.65 -34.96
N ILE F 213 -23.60 -14.14 -33.89
CA ILE F 213 -24.61 -13.11 -34.06
C ILE F 213 -24.05 -11.94 -34.83
N LEU F 214 -22.81 -11.59 -34.51
CA LEU F 214 -22.22 -10.39 -35.06
C LEU F 214 -21.82 -10.62 -36.53
N ASP F 215 -21.27 -11.79 -36.86
CA ASP F 215 -20.97 -12.08 -38.25
C ASP F 215 -22.25 -12.06 -39.09
N TRP F 216 -23.35 -12.53 -38.50
CA TRP F 216 -24.62 -12.55 -39.22
C TRP F 216 -25.10 -11.14 -39.52
N ILE F 217 -25.13 -10.27 -38.51
CA ILE F 217 -25.48 -8.88 -38.76
C ILE F 217 -24.50 -8.27 -39.74
N ASN F 218 -23.21 -8.58 -39.62
CA ASN F 218 -22.25 -7.98 -40.54
C ASN F 218 -22.55 -8.38 -41.97
N GLU F 219 -22.88 -9.64 -42.19
CA GLU F 219 -23.14 -10.11 -43.55
C GLU F 219 -24.41 -9.45 -44.12
N VAL F 220 -25.46 -9.34 -43.32
CA VAL F 220 -26.66 -8.66 -43.77
C VAL F 220 -26.35 -7.22 -44.15
N ALA F 221 -25.57 -6.53 -43.31
CA ALA F 221 -25.22 -5.14 -43.61
C ALA F 221 -24.37 -5.06 -44.88
N PHE F 222 -23.41 -5.97 -45.03
CA PHE F 222 -22.55 -5.93 -46.21
C PHE F 222 -23.38 -6.05 -47.49
N LYS F 223 -24.36 -6.94 -47.50
CA LYS F 223 -25.21 -7.09 -48.67
C LYS F 223 -26.16 -5.92 -48.88
N HIS F 224 -26.26 -5.00 -47.91
CA HIS F 224 -27.06 -3.79 -48.09
C HIS F 224 -26.21 -2.52 -48.17
N GLY F 225 -24.91 -2.64 -48.42
CA GLY F 225 -24.07 -1.47 -48.60
C GLY F 225 -23.70 -0.75 -47.33
N ALA F 226 -23.54 -1.47 -46.22
CA ALA F 226 -23.21 -0.84 -44.95
C ALA F 226 -22.17 -1.66 -44.22
N GLU F 227 -21.42 -0.99 -43.36
CA GLU F 227 -20.49 -1.60 -42.42
C GLU F 227 -21.03 -1.40 -41.00
N CYS F 228 -20.36 -2.03 -40.03
CA CYS F 228 -20.87 -2.07 -38.66
C CYS F 228 -19.88 -1.45 -37.67
N LEU F 229 -20.45 -0.80 -36.65
CA LEU F 229 -19.70 -0.22 -35.54
C LEU F 229 -20.27 -0.86 -34.28
N PRO F 230 -19.81 -2.07 -33.93
CA PRO F 230 -20.31 -2.74 -32.75
C PRO F 230 -19.81 -2.03 -31.50
N GLU F 231 -20.71 -1.78 -30.55
CA GLU F 231 -20.41 -1.00 -29.35
C GLU F 231 -20.38 -1.88 -28.11
N VAL F 232 -19.20 -1.90 -27.46
CA VAL F 232 -19.00 -2.66 -26.19
C VAL F 232 -18.14 -1.84 -25.23
N HIS F 233 -18.61 -1.62 -24.02
CA HIS F 233 -17.80 -1.03 -22.96
C HIS F 233 -17.40 -2.19 -22.04
N ASP F 234 -16.21 -2.72 -22.28
CA ASP F 234 -15.64 -3.81 -21.50
C ASP F 234 -14.15 -3.83 -21.83
N HIS F 235 -13.48 -4.93 -21.55
CA HIS F 235 -12.04 -5.02 -21.75
C HIS F 235 -11.66 -4.78 -23.21
N THR F 236 -10.48 -4.17 -23.41
CA THR F 236 -10.03 -3.83 -24.76
C THR F 236 -9.98 -5.04 -25.67
N SER F 237 -9.70 -6.21 -25.11
CA SER F 237 -9.55 -7.39 -25.96
C SER F 237 -10.75 -7.56 -26.88
N TYR F 238 -11.94 -7.18 -26.41
CA TYR F 238 -13.12 -7.33 -27.26
C TYR F 238 -13.03 -6.45 -28.49
N GLN F 239 -12.40 -5.28 -28.37
CA GLN F 239 -12.21 -4.43 -29.53
C GLN F 239 -11.32 -5.12 -30.57
N TYR F 240 -10.34 -5.91 -30.15
CA TYR F 240 -9.54 -6.60 -31.15
C TYR F 240 -10.34 -7.74 -31.76
N ALA F 241 -11.14 -8.42 -30.94
CA ALA F 241 -11.97 -9.49 -31.47
C ALA F 241 -12.89 -8.97 -32.56
N ILE F 242 -13.50 -7.79 -32.32
CA ILE F 242 -14.33 -7.16 -33.34
C ILE F 242 -13.53 -6.85 -34.60
N SER F 243 -12.35 -6.26 -34.41
CA SER F 243 -11.55 -5.80 -35.54
C SER F 243 -11.14 -6.95 -36.45
N ARG F 244 -10.78 -8.09 -35.88
CA ARG F 244 -10.34 -9.24 -36.67
C ARG F 244 -11.49 -9.90 -37.40
N ARG F 245 -12.72 -9.48 -37.15
CA ARG F 245 -13.91 -10.01 -37.80
C ARG F 245 -14.53 -8.99 -38.75
N ASN F 246 -13.69 -8.09 -39.29
CA ASN F 246 -14.05 -7.18 -40.39
C ASN F 246 -15.13 -6.19 -39.96
N MET F 247 -15.04 -5.72 -38.73
CA MET F 247 -15.94 -4.68 -38.26
C MET F 247 -15.10 -3.59 -37.62
N HIS F 248 -15.71 -2.43 -37.44
CA HIS F 248 -15.01 -1.31 -36.85
C HIS F 248 -15.22 -1.37 -35.34
N PRO F 249 -14.19 -1.56 -34.54
CA PRO F 249 -14.34 -1.41 -33.10
C PRO F 249 -14.27 0.06 -32.71
N TYR F 250 -14.60 0.33 -31.44
CA TYR F 250 -14.43 1.66 -30.87
C TYR F 250 -13.09 1.82 -30.14
N GLY F 251 -12.47 2.98 -30.33
CA GLY F 251 -11.31 3.36 -29.54
C GLY F 251 -11.67 3.96 -28.19
N PHE F 252 -12.57 3.32 -27.44
CA PHE F 252 -12.96 3.78 -26.11
C PHE F 252 -11.76 3.88 -25.16
N ALA F 253 -10.67 3.16 -25.43
CA ALA F 253 -9.49 3.26 -24.58
C ALA F 253 -8.88 4.66 -24.61
N LEU F 254 -9.04 5.38 -25.74
CA LEU F 254 -8.32 6.63 -25.94
C LEU F 254 -8.71 7.74 -24.95
N PRO F 255 -9.98 8.04 -24.70
CA PRO F 255 -10.31 9.21 -23.86
C PRO F 255 -9.63 9.19 -22.49
N PRO F 256 -9.78 8.12 -21.69
CA PRO F 256 -9.16 8.18 -20.37
C PRO F 256 -7.63 8.09 -20.43
N LEU F 257 -7.10 7.31 -21.37
CA LEU F 257 -5.66 7.25 -21.57
C LEU F 257 -5.10 8.63 -21.87
N LEU F 258 -5.75 9.33 -22.80
CA LEU F 258 -5.29 10.66 -23.18
C LEU F 258 -5.46 11.64 -22.04
N LEU F 259 -6.60 11.58 -21.33
CA LEU F 259 -6.81 12.45 -20.17
C LEU F 259 -5.69 12.29 -19.16
N TYR F 260 -5.38 11.05 -18.77
CA TYR F 260 -4.27 10.81 -17.86
C TYR F 260 -2.97 11.33 -18.46
N SER F 261 -2.76 11.09 -19.76
CA SER F 261 -1.49 11.47 -20.37
C SER F 261 -1.27 12.98 -20.31
N LEU F 262 -2.31 13.75 -20.63
CA LEU F 262 -2.20 15.21 -20.58
C LEU F 262 -2.11 15.73 -19.15
N LEU F 263 -2.96 15.24 -18.24
CA LEU F 263 -3.00 15.76 -16.87
C LEU F 263 -1.71 15.51 -16.12
N ASP F 264 -1.01 14.43 -16.46
CA ASP F 264 0.15 13.98 -15.71
C ASP F 264 1.43 14.04 -16.56
N ALA F 265 1.34 14.61 -17.78
CA ALA F 265 2.49 14.81 -18.69
C ALA F 265 3.30 13.54 -18.90
N ASN F 266 2.61 12.47 -19.27
CA ASN F 266 3.18 11.14 -19.39
C ASN F 266 2.72 10.57 -20.72
N SER F 267 3.68 10.15 -21.55
CA SER F 267 3.36 9.61 -22.85
C SER F 267 3.60 8.11 -22.96
N VAL F 268 4.05 7.47 -21.87
CA VAL F 268 4.47 6.07 -21.91
C VAL F 268 3.32 5.16 -22.34
N TYR F 269 2.17 5.28 -21.67
CA TYR F 269 1.09 4.35 -21.97
C TYR F 269 0.43 4.72 -23.29
N LEU F 270 0.37 6.02 -23.61
CA LEU F 270 -0.17 6.46 -24.88
C LEU F 270 0.60 5.83 -26.04
N LYS F 271 1.92 5.92 -26.00
CA LYS F 271 2.72 5.36 -27.10
C LYS F 271 2.57 3.84 -27.16
N ASN F 272 2.54 3.15 -26.01
CA ASN F 272 2.36 1.70 -26.05
C ASN F 272 1.01 1.34 -26.66
N TRP F 273 -0.04 2.08 -26.34
CA TRP F 273 -1.33 1.79 -26.94
C TRP F 273 -1.32 2.09 -28.43
N LEU F 274 -0.79 3.26 -28.82
CA LEU F 274 -0.78 3.64 -30.24
C LEU F 274 -0.06 2.60 -31.08
N ARG F 275 1.03 2.03 -30.57
CA ARG F 275 1.79 1.04 -31.33
C ARG F 275 1.00 -0.25 -31.55
N MET F 276 0.08 -0.58 -30.67
CA MET F 276 -0.64 -1.85 -30.76
C MET F 276 -2.13 -1.71 -31.00
N CYS F 277 -2.65 -0.48 -31.08
CA CYS F 277 -4.09 -0.25 -31.03
C CYS F 277 -4.79 -0.96 -32.18
N PRO F 278 -6.03 -1.41 -31.97
CA PRO F 278 -6.72 -2.20 -33.00
C PRO F 278 -6.92 -1.46 -34.30
N ARG F 279 -7.04 -2.25 -35.35
CA ARG F 279 -7.05 -1.76 -36.71
C ARG F 279 -8.48 -1.39 -37.09
N ASN F 280 -8.62 -0.33 -37.90
CA ASN F 280 -9.89 0.13 -38.50
C ASN F 280 -10.96 0.44 -37.44
N MET F 281 -10.56 1.13 -36.37
CA MET F 281 -11.53 1.51 -35.36
C MET F 281 -12.15 2.87 -35.68
N VAL F 282 -13.23 3.17 -34.99
CA VAL F 282 -13.76 4.53 -34.91
C VAL F 282 -13.31 5.12 -33.59
N THR F 283 -12.54 6.20 -33.63
CA THR F 283 -11.99 6.82 -32.43
C THR F 283 -12.88 7.95 -31.94
N VAL F 284 -12.87 8.18 -30.62
CA VAL F 284 -13.67 9.22 -29.99
C VAL F 284 -12.85 9.88 -28.89
N LEU F 285 -13.19 11.12 -28.55
CA LEU F 285 -12.79 11.56 -27.20
C LEU F 285 -14.01 11.53 -26.31
N ASP F 286 -14.96 12.40 -26.55
CA ASP F 286 -16.22 12.31 -25.84
C ASP F 286 -17.26 11.62 -26.70
N THR F 287 -18.24 11.05 -26.03
CA THR F 287 -19.43 10.47 -26.63
C THR F 287 -20.65 11.17 -26.04
N HIS F 288 -21.81 10.63 -26.34
CA HIS F 288 -23.01 11.06 -25.64
C HIS F 288 -23.14 10.38 -24.26
N ASP F 289 -22.15 9.59 -23.81
CA ASP F 289 -22.29 8.80 -22.59
C ASP F 289 -21.35 9.13 -21.44
N GLY F 290 -20.32 9.90 -21.63
CA GLY F 290 -19.55 9.89 -20.40
C GLY F 290 -18.38 8.91 -20.44
N ILE F 291 -17.31 9.26 -19.74
CA ILE F 291 -15.96 8.72 -19.98
C ILE F 291 -15.84 7.37 -19.31
N CYS F 292 -15.70 6.31 -20.11
CA CYS F 292 -15.91 4.96 -19.62
C CYS F 292 -14.60 4.29 -19.20
N ILE F 293 -14.56 3.78 -17.97
CA ILE F 293 -13.35 3.26 -17.34
C ILE F 293 -12.99 1.82 -17.69
N PRO F 294 -13.93 0.86 -17.75
CA PRO F 294 -13.52 -0.54 -18.06
C PRO F 294 -12.70 -0.69 -19.36
N ASP F 295 -12.90 0.22 -20.31
CA ASP F 295 -12.25 0.23 -21.63
C ASP F 295 -10.75 0.55 -21.58
N VAL F 296 -10.23 1.04 -20.46
CA VAL F 296 -8.82 1.42 -20.39
C VAL F 296 -8.05 0.56 -19.41
N GLU F 297 -8.69 -0.46 -18.82
CA GLU F 297 -7.95 -1.38 -17.98
C GLU F 297 -6.88 -2.09 -18.79
N GLY F 298 -5.69 -2.21 -18.23
CA GLY F 298 -4.61 -2.84 -18.99
C GLY F 298 -3.91 -1.90 -19.95
N VAL F 299 -4.68 -1.04 -20.62
CA VAL F 299 -4.08 0.04 -21.41
C VAL F 299 -3.39 0.98 -20.46
N LEU F 300 -3.93 1.13 -19.25
CA LEU F 300 -3.38 2.02 -18.26
C LEU F 300 -3.28 1.23 -16.96
N PRO F 301 -2.16 1.35 -16.22
CA PRO F 301 -2.07 0.65 -14.93
C PRO F 301 -3.18 1.09 -13.98
N ASP F 302 -3.56 0.19 -13.08
CA ASP F 302 -4.64 0.51 -12.13
C ASP F 302 -4.35 1.76 -11.34
N ASP F 303 -3.12 1.94 -10.85
CA ASP F 303 -2.87 3.11 -10.02
C ASP F 303 -3.05 4.41 -10.81
N LYS F 304 -2.76 4.39 -12.12
CA LYS F 304 -2.96 5.58 -12.94
C LYS F 304 -4.42 5.78 -13.30
N ILE F 305 -5.19 4.69 -13.42
CA ILE F 305 -6.62 4.84 -13.58
C ILE F 305 -7.24 5.46 -12.32
N LYS F 306 -6.78 5.00 -11.17
CA LYS F 306 -7.25 5.55 -9.90
C LYS F 306 -6.95 7.03 -9.81
N VAL F 307 -5.72 7.43 -10.19
CA VAL F 307 -5.36 8.84 -10.24
C VAL F 307 -6.35 9.61 -11.09
N LEU F 308 -6.63 9.09 -12.29
CA LEU F 308 -7.59 9.77 -13.17
C LEU F 308 -8.95 9.88 -12.50
N ILE F 309 -9.42 8.77 -11.92
CA ILE F 309 -10.74 8.73 -11.28
C ILE F 309 -10.83 9.76 -10.17
N ASP F 310 -9.82 9.78 -9.28
CA ASP F 310 -9.86 10.70 -8.14
C ASP F 310 -9.73 12.15 -8.61
N ASN F 311 -8.95 12.38 -9.66
CA ASN F 311 -8.76 13.75 -10.15
C ASN F 311 -10.06 14.35 -10.70
N ILE F 312 -10.77 13.62 -11.53
CA ILE F 312 -11.99 14.18 -12.12
C ILE F 312 -13.15 14.18 -11.13
N ASP F 313 -13.33 13.09 -10.37
CA ASP F 313 -14.47 13.02 -9.47
C ASP F 313 -14.39 14.08 -8.38
N ALA F 314 -13.19 14.53 -8.03
CA ALA F 314 -13.07 15.59 -7.06
C ALA F 314 -13.59 16.92 -7.59
N ARG F 315 -13.81 17.04 -8.91
CA ARG F 315 -14.15 18.33 -9.49
C ARG F 315 -15.32 18.30 -10.48
N SER F 316 -16.04 17.19 -10.65
CA SER F 316 -17.20 17.20 -11.52
C SER F 316 -18.31 16.35 -10.88
N ALA F 317 -19.36 16.06 -11.65
CA ALA F 317 -20.56 15.42 -11.13
C ALA F 317 -20.29 13.96 -10.74
N ASP F 318 -21.28 13.34 -10.10
CA ASP F 318 -21.10 11.99 -9.60
C ASP F 318 -20.84 11.02 -10.77
N PRO F 319 -19.97 10.03 -10.59
CA PRO F 319 -19.77 9.02 -11.63
C PRO F 319 -20.93 8.03 -11.67
N ILE F 320 -20.97 7.25 -12.74
CA ILE F 320 -21.86 6.09 -12.82
C ILE F 320 -21.09 4.86 -12.32
N MET F 321 -21.63 4.19 -11.33
CA MET F 321 -20.99 3.08 -10.64
C MET F 321 -21.25 1.74 -11.33
N ARG F 322 -20.36 0.79 -11.12
CA ARG F 322 -20.72 -0.59 -11.43
C ARG F 322 -21.60 -1.17 -10.31
N ARG F 323 -22.26 -2.29 -10.59
CA ARG F 323 -23.28 -2.80 -9.68
C ARG F 323 -22.67 -3.15 -8.32
N SER F 324 -23.37 -2.76 -7.26
CA SER F 324 -23.03 -3.08 -5.86
C SER F 324 -21.53 -3.03 -5.60
N ALA F 325 -20.96 -1.85 -5.83
CA ALA F 325 -19.52 -1.62 -5.74
C ALA F 325 -19.30 -0.52 -4.71
N ALA F 326 -18.86 -0.91 -3.52
CA ALA F 326 -18.81 0.04 -2.42
C ALA F 326 -17.56 0.93 -2.42
N ASN F 327 -16.50 0.57 -3.13
CA ASN F 327 -15.20 1.26 -3.02
C ASN F 327 -15.07 2.32 -4.12
N ILE F 328 -15.45 3.55 -3.77
CA ILE F 328 -15.49 4.63 -4.75
C ILE F 328 -14.12 5.05 -5.24
N HIS F 329 -13.06 4.53 -4.63
CA HIS F 329 -11.70 4.77 -5.08
C HIS F 329 -11.12 3.57 -5.82
N SER F 330 -11.98 2.63 -6.21
CA SER F 330 -11.57 1.40 -6.88
C SER F 330 -11.82 1.50 -8.38
N VAL F 331 -10.87 0.95 -9.16
CA VAL F 331 -11.08 0.87 -10.60
C VAL F 331 -12.31 0.03 -10.92
N GLY F 332 -12.44 -1.13 -10.27
CA GLY F 332 -13.55 -2.02 -10.55
C GLY F 332 -14.92 -1.50 -10.15
N ALA F 333 -15.00 -0.35 -9.46
CA ALA F 333 -16.28 0.19 -9.00
C ALA F 333 -16.83 1.31 -9.88
N ILE F 334 -15.99 1.92 -10.73
CA ILE F 334 -16.39 3.03 -11.58
C ILE F 334 -16.73 2.48 -12.97
N TYR F 335 -17.89 2.86 -13.48
CA TYR F 335 -18.21 2.58 -14.88
C TYR F 335 -17.93 3.77 -15.79
N GLN F 336 -18.47 4.95 -15.48
CA GLN F 336 -18.28 6.12 -16.31
C GLN F 336 -18.17 7.37 -15.43
N LEU F 337 -17.19 8.21 -15.75
CA LEU F 337 -17.07 9.54 -15.21
C LEU F 337 -18.00 10.47 -15.96
N THR F 338 -18.64 11.40 -15.26
CA THR F 338 -19.52 12.35 -15.92
C THR F 338 -18.84 13.71 -15.92
N CYS F 339 -18.38 14.12 -17.11
CA CYS F 339 -17.63 15.36 -17.28
C CYS F 339 -17.49 15.63 -18.77
N THR F 340 -17.74 16.85 -19.24
CA THR F 340 -17.41 17.10 -20.64
C THR F 340 -15.91 17.02 -20.82
N PHE F 341 -15.48 16.72 -22.05
CA PHE F 341 -14.05 16.50 -22.24
C PHE F 341 -13.27 17.78 -22.01
N TYR F 342 -13.87 18.92 -22.36
CA TYR F 342 -13.22 20.20 -22.14
C TYR F 342 -13.01 20.46 -20.65
N ASP F 343 -14.03 20.21 -19.81
CA ASP F 343 -13.85 20.35 -18.36
C ASP F 343 -12.89 19.31 -17.80
N ALA F 344 -12.90 18.09 -18.34
CA ALA F 344 -11.95 17.11 -17.86
C ALA F 344 -10.52 17.60 -18.06
N LEU F 345 -10.26 18.37 -19.14
CA LEU F 345 -8.98 19.01 -19.37
C LEU F 345 -8.92 20.42 -18.78
N MET F 346 -9.85 20.75 -17.87
CA MET F 346 -9.85 21.99 -17.09
C MET F 346 -9.96 23.24 -17.94
N GLN F 347 -10.72 23.17 -19.03
CA GLN F 347 -10.95 24.31 -19.91
C GLN F 347 -9.65 24.87 -20.47
N ASN F 348 -8.67 24.01 -20.63
CA ASN F 348 -7.37 24.40 -21.14
C ASN F 348 -7.36 24.22 -22.66
N ASP F 349 -7.42 25.33 -23.39
CA ASP F 349 -7.57 25.29 -24.83
C ASP F 349 -6.42 24.56 -25.49
N ASP F 350 -5.18 24.87 -25.10
CA ASP F 350 -4.04 24.20 -25.70
C ASP F 350 -4.08 22.69 -25.46
N ALA F 351 -4.37 22.27 -24.23
CA ALA F 351 -4.46 20.84 -23.98
C ALA F 351 -5.57 20.23 -24.83
N TYR F 352 -6.71 20.89 -24.94
CA TYR F 352 -7.83 20.29 -25.67
C TYR F 352 -7.48 20.14 -27.15
N ILE F 353 -6.82 21.15 -27.73
CA ILE F 353 -6.40 21.06 -29.12
C ILE F 353 -5.37 19.95 -29.30
N ALA F 354 -4.43 19.83 -28.36
CA ALA F 354 -3.47 18.75 -28.42
C ALA F 354 -4.16 17.39 -28.33
N ALA F 355 -5.20 17.28 -27.48
CA ALA F 355 -5.95 16.02 -27.38
C ALA F 355 -6.61 15.66 -28.70
N ARG F 356 -7.26 16.64 -29.36
CA ARG F 356 -7.88 16.38 -30.65
C ARG F 356 -6.85 16.03 -31.74
N ALA F 357 -5.70 16.69 -31.75
CA ALA F 357 -4.69 16.36 -32.75
C ALA F 357 -4.22 14.92 -32.58
N ILE F 358 -4.00 14.49 -31.34
CA ILE F 358 -3.61 13.10 -31.10
C ILE F 358 -4.73 12.14 -31.50
N GLN F 359 -5.99 12.48 -31.18
CA GLN F 359 -7.08 11.66 -31.67
C GLN F 359 -7.00 11.53 -33.18
N PHE F 360 -6.84 12.66 -33.88
CA PHE F 360 -6.91 12.64 -35.33
C PHE F 360 -5.73 11.91 -35.96
N PHE F 361 -4.54 11.94 -35.32
CA PHE F 361 -3.47 11.16 -35.93
C PHE F 361 -3.50 9.70 -35.53
N THR F 362 -4.40 9.29 -34.64
CA THR F 362 -4.53 7.88 -34.28
C THR F 362 -5.18 7.14 -35.44
N PRO F 363 -4.69 5.94 -35.81
CA PRO F 363 -5.32 5.19 -36.90
C PRO F 363 -6.82 5.00 -36.66
N GLY F 364 -7.59 5.22 -37.70
CA GLY F 364 -9.03 5.07 -37.66
C GLY F 364 -9.76 6.36 -38.01
N ILE F 365 -11.08 6.21 -38.17
CA ILE F 365 -12.00 7.32 -38.43
C ILE F 365 -12.33 8.04 -37.12
N PRO F 366 -12.02 9.34 -36.99
CA PRO F 366 -12.29 10.05 -35.73
C PRO F 366 -13.67 10.71 -35.66
N GLN F 367 -14.40 10.47 -34.58
CA GLN F 367 -15.67 11.15 -34.32
C GLN F 367 -15.48 12.28 -33.33
N VAL F 368 -16.10 13.43 -33.62
CA VAL F 368 -16.12 14.58 -32.72
C VAL F 368 -17.55 14.79 -32.25
N TYR F 369 -17.74 14.73 -30.93
CA TYR F 369 -19.05 14.92 -30.32
C TYR F 369 -19.41 16.41 -30.27
N TYR F 370 -20.67 16.71 -30.57
CA TYR F 370 -21.05 18.11 -30.82
C TYR F 370 -20.78 19.01 -29.61
N VAL F 371 -20.95 18.49 -28.38
CA VAL F 371 -20.59 19.27 -27.20
C VAL F 371 -19.08 19.53 -27.16
N GLY F 372 -18.28 18.50 -27.44
CA GLY F 372 -16.85 18.72 -27.57
C GLY F 372 -16.48 19.60 -28.74
N LEU F 373 -17.24 19.52 -29.84
CA LEU F 373 -17.02 20.41 -30.98
C LEU F 373 -17.03 21.87 -30.57
N LEU F 374 -17.96 22.24 -29.68
CA LEU F 374 -18.22 23.62 -29.33
C LEU F 374 -17.58 24.02 -28.00
N ALA F 375 -16.64 23.21 -27.49
CA ALA F 375 -15.95 23.45 -26.21
C ALA F 375 -16.93 23.64 -25.06
N GLY F 376 -17.90 22.75 -24.97
CA GLY F 376 -18.94 22.90 -23.97
C GLY F 376 -18.49 22.48 -22.58
N CYS F 377 -19.07 23.16 -21.59
CA CYS F 377 -18.76 22.90 -20.20
C CYS F 377 -19.89 22.11 -19.55
N ASN F 378 -19.62 21.60 -18.34
CA ASN F 378 -20.57 20.77 -17.63
C ASN F 378 -21.90 21.50 -17.49
N ASP F 379 -22.97 20.86 -17.96
CA ASP F 379 -24.28 21.52 -18.00
C ASP F 379 -24.98 21.22 -16.69
N GLN F 380 -24.57 21.97 -15.67
CA GLN F 380 -25.12 21.78 -14.33
C GLN F 380 -26.63 21.99 -14.32
N GLU F 381 -27.11 23.05 -14.99
CA GLU F 381 -28.53 23.38 -14.95
C GLU F 381 -29.40 22.33 -15.62
N LEU F 382 -28.98 21.83 -16.79
CA LEU F 382 -29.78 20.82 -17.48
C LEU F 382 -29.86 19.55 -16.64
N MET F 383 -28.73 19.13 -16.06
CA MET F 383 -28.73 17.96 -15.20
C MET F 383 -29.71 18.15 -14.04
N GLU F 384 -29.73 19.36 -13.49
CA GLU F 384 -30.67 19.71 -12.43
C GLU F 384 -32.10 19.79 -12.94
N LYS F 385 -32.30 20.19 -14.20
CA LYS F 385 -33.65 20.27 -14.77
C LYS F 385 -34.25 18.90 -15.02
N THR F 386 -33.48 17.98 -15.61
CA THR F 386 -33.98 16.69 -16.08
C THR F 386 -33.74 15.53 -15.12
N GLY F 387 -32.78 15.65 -14.20
CA GLY F 387 -32.45 14.58 -13.31
C GLY F 387 -31.56 13.51 -13.89
N GLU F 388 -31.17 13.61 -15.15
CA GLU F 388 -30.29 12.64 -15.77
C GLU F 388 -28.84 13.13 -15.64
N LEU F 389 -28.01 12.35 -14.94
CA LEU F 389 -26.59 12.71 -14.81
C LEU F 389 -25.94 12.94 -16.17
N ARG F 390 -26.23 12.06 -17.14
CA ARG F 390 -25.54 12.16 -18.42
C ARG F 390 -25.90 13.42 -19.18
N ASP F 391 -26.98 14.13 -18.80
CA ASP F 391 -27.26 15.41 -19.41
C ASP F 391 -26.22 16.47 -19.08
N ILE F 392 -25.33 16.22 -18.11
CA ILE F 392 -24.26 17.17 -17.87
C ILE F 392 -23.36 17.26 -19.10
N ASN F 393 -23.45 16.27 -20.00
CA ASN F 393 -22.69 16.19 -21.24
C ASN F 393 -23.62 16.22 -22.47
N ARG F 394 -24.84 16.75 -22.35
CA ARG F 394 -25.83 16.74 -23.43
C ARG F 394 -26.48 18.10 -23.57
N ASN F 395 -25.63 19.12 -23.56
CA ASN F 395 -26.01 20.52 -23.74
C ASN F 395 -26.97 20.69 -24.92
N TYR F 396 -27.96 21.58 -24.78
CA TYR F 396 -28.66 22.05 -25.97
C TYR F 396 -28.03 23.37 -26.42
N TYR F 397 -27.95 23.55 -27.72
CA TYR F 397 -27.64 24.86 -28.26
C TYR F 397 -28.74 25.23 -29.23
N THR F 398 -29.17 26.49 -29.15
CA THR F 398 -29.90 27.08 -30.24
C THR F 398 -28.94 27.29 -31.41
N LEU F 399 -29.50 27.57 -32.59
CA LEU F 399 -28.65 27.88 -33.73
C LEU F 399 -27.82 29.12 -33.46
N ASN F 400 -28.38 30.12 -32.75
CA ASN F 400 -27.59 31.29 -32.39
C ASN F 400 -26.49 30.92 -31.40
N GLU F 401 -26.82 30.09 -30.40
CA GLU F 401 -25.81 29.67 -29.43
C GLU F 401 -24.69 28.88 -30.09
N MET F 402 -25.00 28.12 -31.14
CA MET F 402 -23.91 27.48 -31.88
C MET F 402 -23.07 28.49 -32.64
N ASP F 403 -23.70 29.50 -33.25
CA ASP F 403 -22.96 30.52 -33.99
C ASP F 403 -21.92 31.18 -33.11
N GLU F 404 -22.31 31.57 -31.88
CA GLU F 404 -21.37 32.23 -30.98
C GLU F 404 -20.22 31.31 -30.60
N ALA F 405 -20.54 30.07 -30.21
CA ALA F 405 -19.51 29.12 -29.83
C ALA F 405 -18.56 28.87 -30.99
N MET F 406 -19.09 28.81 -32.22
CA MET F 406 -18.21 28.60 -33.37
C MET F 406 -17.16 29.68 -33.49
N GLU F 407 -17.38 30.84 -32.87
CA GLU F 407 -16.45 31.94 -32.93
C GLU F 407 -15.39 31.87 -31.83
N LYS F 408 -15.54 30.99 -30.84
CA LYS F 408 -14.53 30.86 -29.81
C LYS F 408 -13.18 30.52 -30.46
N PRO F 409 -12.10 31.18 -30.06
CA PRO F 409 -10.79 30.84 -30.65
C PRO F 409 -10.42 29.36 -30.60
N VAL F 410 -10.70 28.66 -29.49
CA VAL F 410 -10.34 27.25 -29.42
C VAL F 410 -11.16 26.43 -30.43
N VAL F 411 -12.40 26.85 -30.71
CA VAL F 411 -13.22 26.13 -31.67
C VAL F 411 -12.72 26.39 -33.09
N GLN F 412 -12.25 27.60 -33.36
CA GLN F 412 -11.68 27.90 -34.67
C GLN F 412 -10.43 27.07 -34.95
N ARG F 413 -9.59 26.86 -33.93
CA ARG F 413 -8.44 25.98 -34.10
C ARG F 413 -8.87 24.54 -34.39
N LEU F 414 -9.90 24.07 -33.71
CA LEU F 414 -10.39 22.72 -33.97
C LEU F 414 -10.95 22.60 -35.38
N LEU F 415 -11.59 23.64 -35.92
CA LEU F 415 -12.01 23.60 -37.32
C LEU F 415 -10.83 23.38 -38.26
N THR F 416 -9.72 24.08 -38.01
CA THR F 416 -8.52 23.86 -38.82
C THR F 416 -8.04 22.40 -38.73
N LEU F 417 -7.98 21.83 -37.51
CA LEU F 417 -7.68 20.40 -37.37
C LEU F 417 -8.65 19.54 -38.17
N MET F 418 -9.95 19.77 -37.99
CA MET F 418 -10.94 18.92 -38.64
C MET F 418 -10.81 18.99 -40.16
N LYS F 419 -10.69 20.21 -40.72
CA LYS F 419 -10.52 20.35 -42.16
C LYS F 419 -9.24 19.65 -42.62
N PHE F 420 -8.15 19.85 -41.89
CA PHE F 420 -6.89 19.22 -42.30
C PHE F 420 -7.01 17.70 -42.26
N ARG F 421 -7.53 17.15 -41.15
CA ARG F 421 -7.70 15.70 -41.01
C ARG F 421 -8.68 15.13 -42.05
N THR F 422 -9.74 15.86 -42.37
CA THR F 422 -10.73 15.38 -43.35
C THR F 422 -10.17 15.41 -44.77
N ASN F 423 -9.26 16.33 -45.07
CA ASN F 423 -8.85 16.60 -46.44
C ASN F 423 -7.41 16.19 -46.77
N TYR F 424 -6.46 16.31 -45.84
CA TYR F 424 -5.07 16.10 -46.21
C TYR F 424 -4.83 14.63 -46.52
N PRO F 425 -4.25 14.30 -47.68
CA PRO F 425 -4.25 12.91 -48.15
C PRO F 425 -3.27 11.98 -47.45
N ALA F 426 -2.32 12.48 -46.64
CA ALA F 426 -1.38 11.56 -46.00
C ALA F 426 -2.10 10.59 -45.06
N PHE F 427 -3.21 11.01 -44.47
CA PHE F 427 -3.94 10.15 -43.54
C PHE F 427 -4.46 8.89 -44.23
N ASP F 428 -4.50 8.89 -45.57
CA ASP F 428 -4.93 7.72 -46.33
C ASP F 428 -3.82 6.71 -46.55
N GLY F 429 -2.60 6.97 -46.09
CA GLY F 429 -1.51 6.03 -46.25
C GLY F 429 -1.29 5.21 -45.01
N HIS F 430 -0.06 5.22 -44.46
CA HIS F 430 0.28 4.41 -43.31
C HIS F 430 0.79 5.25 -42.14
N PHE F 431 0.38 4.85 -40.93
CA PHE F 431 0.75 5.52 -39.69
C PHE F 431 2.14 5.11 -39.25
N GLU F 432 2.92 6.05 -38.74
CA GLU F 432 4.24 5.72 -38.23
C GLU F 432 4.50 6.57 -36.99
N LEU F 433 4.65 5.89 -35.86
CA LEU F 433 4.97 6.53 -34.58
C LEU F 433 6.45 6.90 -34.56
N ASN F 434 6.78 8.04 -33.93
CA ASN F 434 8.18 8.44 -33.83
C ASN F 434 8.68 8.35 -32.38
N TYR F 435 9.99 8.21 -32.25
CA TYR F 435 10.62 8.22 -30.95
C TYR F 435 10.34 9.54 -30.25
N SER F 436 10.04 9.47 -28.96
CA SER F 436 9.96 10.68 -28.15
C SER F 436 10.35 10.32 -26.72
N ASN F 437 10.57 11.35 -25.90
CA ASN F 437 10.78 11.14 -24.48
C ASN F 437 9.44 10.78 -23.83
N ASP F 438 9.43 10.57 -22.53
CA ASP F 438 8.23 10.09 -21.86
C ASP F 438 7.26 11.22 -21.47
N SER F 439 7.47 12.46 -21.93
CA SER F 439 6.50 13.50 -21.67
C SER F 439 6.04 14.17 -22.95
N SER F 440 6.24 13.51 -24.09
CA SER F 440 5.82 14.05 -25.38
C SER F 440 5.50 12.89 -26.33
N VAL F 441 4.79 13.22 -27.41
CA VAL F 441 4.32 12.23 -28.36
C VAL F 441 4.65 12.72 -29.76
N ALA F 442 5.05 11.79 -30.64
CA ALA F 442 5.39 12.13 -32.02
C ALA F 442 4.70 11.14 -32.97
N MET F 443 3.85 11.67 -33.86
CA MET F 443 3.01 10.82 -34.71
C MET F 443 3.05 11.35 -36.14
N ALA F 444 3.09 10.45 -37.11
CA ALA F 444 3.24 10.83 -38.51
C ALA F 444 2.36 9.98 -39.43
N TRP F 445 1.98 10.55 -40.57
CA TRP F 445 1.25 9.86 -41.63
C TRP F 445 1.96 10.08 -42.97
N ARG F 446 2.04 9.01 -43.77
CA ARG F 446 2.70 9.09 -45.06
C ARG F 446 1.85 8.42 -46.13
N HIS F 447 1.71 9.08 -47.27
CA HIS F 447 1.06 8.49 -48.43
C HIS F 447 1.75 9.05 -49.67
N GLY F 448 2.72 8.31 -50.19
CA GLY F 448 3.47 8.80 -51.35
C GLY F 448 4.29 10.02 -50.95
N GLU F 449 4.14 11.12 -51.71
CA GLU F 449 4.84 12.35 -51.39
C GLU F 449 4.16 13.13 -50.25
N HIS F 450 2.90 12.78 -49.93
CA HIS F 450 2.17 13.35 -48.81
C HIS F 450 2.72 12.84 -47.49
N TYR F 451 2.93 13.74 -46.53
CA TYR F 451 3.53 13.40 -45.24
C TYR F 451 3.13 14.47 -44.25
N CYS F 452 2.68 14.07 -43.07
CA CYS F 452 2.39 15.04 -42.03
C CYS F 452 2.79 14.48 -40.67
N HIS F 453 3.16 15.39 -39.78
CA HIS F 453 3.82 15.06 -38.53
C HIS F 453 3.22 15.89 -37.41
N LEU F 454 2.83 15.23 -36.33
CA LEU F 454 2.33 15.86 -35.12
C LEU F 454 3.33 15.69 -33.98
N PHE F 455 3.67 16.78 -33.31
CA PHE F 455 4.43 16.72 -32.07
C PHE F 455 3.63 17.41 -30.98
N VAL F 456 3.40 16.71 -29.87
CA VAL F 456 2.72 17.25 -28.71
C VAL F 456 3.66 17.18 -27.53
N ASP F 457 3.87 18.31 -26.86
CA ASP F 457 4.54 18.33 -25.56
C ASP F 457 3.47 18.39 -24.47
N LEU F 458 3.38 17.30 -23.70
CA LEU F 458 2.37 17.15 -22.66
C LEU F 458 2.68 17.98 -21.41
N ASN F 459 3.92 18.45 -21.26
CA ASN F 459 4.27 19.34 -20.16
C ASN F 459 3.64 20.72 -20.35
N PHE F 460 3.73 21.24 -21.56
CA PHE F 460 3.34 22.60 -21.87
C PHE F 460 2.17 22.67 -22.82
N ASN F 461 1.59 21.53 -23.19
CA ASN F 461 0.35 21.47 -23.97
C ASN F 461 0.48 22.12 -25.36
N THR F 462 1.66 22.02 -25.97
CA THR F 462 1.92 22.56 -27.30
C THR F 462 1.65 21.55 -28.41
N SER F 463 1.18 22.06 -29.55
CA SER F 463 0.83 21.28 -30.73
C SER F 463 1.50 21.89 -31.94
N LYS F 464 2.20 21.07 -32.71
CA LYS F 464 2.84 21.48 -33.95
C LYS F 464 2.58 20.39 -34.98
N ILE F 465 2.01 20.76 -36.13
CA ILE F 465 1.86 19.85 -37.24
C ILE F 465 2.65 20.40 -38.42
N GLN F 466 3.53 19.60 -38.97
CA GLN F 466 4.21 19.92 -40.21
C GLN F 466 3.71 18.99 -41.30
N TYR F 467 3.55 19.50 -42.50
CA TYR F 467 3.01 18.68 -43.58
C TYR F 467 3.60 19.16 -44.89
N VAL F 468 3.50 18.30 -45.90
CA VAL F 468 4.06 18.58 -47.22
C VAL F 468 2.93 19.21 -48.03
N ASP F 469 3.15 20.42 -48.53
CA ASP F 469 2.11 21.12 -49.28
C ASP F 469 1.94 20.47 -50.64
N VAL F 470 0.78 19.85 -50.85
CA VAL F 470 0.56 19.04 -52.05
C VAL F 470 0.60 19.91 -53.31
N LYS F 471 0.00 21.11 -53.24
CA LYS F 471 -0.14 21.98 -54.41
C LYS F 471 1.21 22.48 -54.90
N SER F 472 2.13 22.73 -53.98
CA SER F 472 3.49 23.21 -54.21
C SER F 472 4.49 22.15 -53.76
N GLY F 473 5.71 22.58 -53.47
CA GLY F 473 6.82 21.73 -53.07
C GLY F 473 6.98 21.58 -51.55
N GLU F 474 7.65 22.59 -50.98
CA GLU F 474 8.15 22.65 -49.61
C GLU F 474 7.12 22.36 -48.52
N THR F 475 7.64 21.88 -47.38
CA THR F 475 6.88 21.61 -46.17
C THR F 475 6.43 22.90 -45.46
N ARG F 476 5.21 22.88 -44.92
CA ARG F 476 4.58 24.00 -44.26
C ARG F 476 4.13 23.63 -42.84
N ASP F 477 3.93 24.67 -42.01
CA ASP F 477 3.36 24.53 -40.68
C ASP F 477 1.86 24.80 -40.74
N LEU F 478 1.10 23.92 -40.09
CA LEU F 478 -0.35 23.99 -40.00
C LEU F 478 -0.72 24.96 -38.87
N GLU F 479 -1.21 26.13 -39.22
CA GLU F 479 -1.56 27.13 -38.22
C GLU F 479 -2.87 26.87 -37.46
N PHE F 480 -2.74 26.11 -36.38
CA PHE F 480 -3.86 25.77 -35.52
C PHE F 480 -3.50 25.92 -34.05
#